data_3OF3
#
_entry.id   3OF3
#
_cell.length_a   101.375
_cell.length_b   160.974
_cell.length_c   188.685
_cell.angle_alpha   90.00
_cell.angle_beta   90.00
_cell.angle_gamma   90.00
#
_symmetry.space_group_name_H-M   'P 21 21 21'
#
loop_
_entity.id
_entity.type
_entity.pdbx_description
1 polymer 'Purine nucleoside phosphorylase deoD-type 1'
2 non-polymer 7-[[(3R,4R)-3-(hydroxymethyl)-4-oxidanyl-pyrrolidin-1-ium-1-yl]methyl]-3,5-dihydropyrrolo[3,2-d]pyrimidin-4-one
3 non-polymer 'PHOSPHATE ION'
4 water water
#
_entity_poly.entity_id   1
_entity_poly.type   'polypeptide(L)'
_entity_poly.pdbx_seq_one_letter_code
;MATPHINAQMGDFADVVLMPGDPLRAKYIAENFLDNAVQVCDVRNMFGYTGTYKGRKISVMGHGMGIPSCSIYVTELIKD
YGVKKIIRVGSCGAVNEGIKVRDVVIGMGACTDSKVNRIRFKDHDFAAIADYKMVKAAEEAAKARGIDVKVGNLFSAELF
YTPDPSMFDVMDKYGIVGVEMEAAGIYGVAAEYGAKALAICTVSDHIKTGEQTTSEERQNTFNEMIEIALDSVLIGDQAG
Y
;
_entity_poly.pdbx_strand_id   A,B,C,D,E,F,G,H,I,J,K,L
#
# COMPACT_ATOMS: atom_id res chain seq x y z
N ALA A 2 -64.53 -35.95 -8.33
CA ALA A 2 -63.48 -36.76 -7.63
C ALA A 2 -62.25 -35.90 -7.32
N THR A 3 -61.44 -36.32 -6.37
CA THR A 3 -60.21 -35.61 -6.05
C THR A 3 -59.02 -36.40 -6.58
N PRO A 4 -57.80 -35.82 -6.52
CA PRO A 4 -56.69 -36.63 -6.97
C PRO A 4 -56.45 -37.86 -6.09
N HIS A 5 -57.04 -37.93 -4.90
CA HIS A 5 -56.74 -39.03 -3.94
C HIS A 5 -57.90 -39.95 -3.64
N ILE A 6 -59.10 -39.55 -4.04
CA ILE A 6 -60.33 -40.29 -3.74
C ILE A 6 -61.19 -40.36 -5.00
N ASN A 7 -61.39 -41.55 -5.55
CA ASN A 7 -62.23 -41.66 -6.76
C ASN A 7 -63.69 -41.98 -6.41
N ALA A 8 -64.31 -41.10 -5.63
CA ALA A 8 -65.70 -41.27 -5.20
C ALA A 8 -66.43 -39.97 -5.41
N GLN A 9 -67.74 -39.99 -5.24
CA GLN A 9 -68.60 -38.81 -5.40
C GLN A 9 -69.27 -38.46 -4.09
N MET A 10 -69.68 -37.21 -3.95
CA MET A 10 -70.40 -36.77 -2.75
C MET A 10 -71.55 -37.71 -2.52
N GLY A 11 -71.69 -38.19 -1.30
CA GLY A 11 -72.77 -39.11 -0.97
C GLY A 11 -72.25 -40.53 -0.81
N ASP A 12 -71.07 -40.80 -1.35
CA ASP A 12 -70.53 -42.15 -1.27
C ASP A 12 -70.07 -42.52 0.16
N PHE A 13 -69.73 -41.51 0.96
CA PHE A 13 -69.30 -41.72 2.35
C PHE A 13 -70.42 -41.39 3.33
N ALA A 14 -70.50 -42.13 4.42
CA ALA A 14 -71.35 -41.75 5.55
C ALA A 14 -70.80 -40.46 6.16
N ASP A 15 -71.55 -39.88 7.10
CA ASP A 15 -71.08 -38.67 7.78
C ASP A 15 -70.16 -38.99 8.96
N VAL A 16 -69.96 -40.27 9.25
CA VAL A 16 -68.86 -40.68 10.12
C VAL A 16 -68.02 -41.76 9.45
N VAL A 17 -66.70 -41.59 9.55
CA VAL A 17 -65.77 -42.47 8.87
C VAL A 17 -64.74 -42.99 9.89
N LEU A 18 -64.63 -44.31 10.01
CA LEU A 18 -63.53 -44.90 10.77
C LEU A 18 -62.28 -44.96 9.92
N MET A 19 -61.11 -44.65 10.48
CA MET A 19 -59.90 -44.61 9.66
C MET A 19 -58.71 -45.25 10.32
N PRO A 20 -58.33 -46.46 9.87
CA PRO A 20 -57.02 -47.01 10.23
C PRO A 20 -55.95 -46.45 9.29
N GLY A 21 -54.67 -46.50 9.66
CA GLY A 21 -53.62 -46.10 8.69
C GLY A 21 -53.55 -47.07 7.51
N ASP A 22 -53.90 -48.33 7.79
CA ASP A 22 -53.71 -49.45 6.86
C ASP A 22 -54.97 -49.71 6.04
N PRO A 23 -54.91 -49.51 4.73
CA PRO A 23 -56.13 -49.76 3.94
C PRO A 23 -56.60 -51.23 4.01
N LEU A 24 -55.70 -52.15 4.29
CA LEU A 24 -56.11 -53.56 4.47
C LEU A 24 -56.82 -53.81 5.80
N ARG A 25 -56.53 -52.97 6.80
CA ARG A 25 -57.34 -53.03 8.03
C ARG A 25 -58.71 -52.47 7.72
N ALA A 26 -58.80 -51.45 6.86
CA ALA A 26 -60.12 -50.88 6.50
C ALA A 26 -60.96 -51.94 5.80
N LYS A 27 -60.31 -52.73 4.94
CA LYS A 27 -61.00 -53.82 4.21
C LYS A 27 -61.54 -54.83 5.22
N TYR A 28 -60.67 -55.21 6.16
CA TYR A 28 -61.02 -56.11 7.23
C TYR A 28 -62.26 -55.63 8.03
N ILE A 29 -62.23 -54.36 8.43
CA ILE A 29 -63.34 -53.79 9.16
C ILE A 29 -64.62 -53.86 8.33
N ALA A 30 -64.54 -53.39 7.08
CA ALA A 30 -65.72 -53.42 6.20
C ALA A 30 -66.30 -54.82 6.02
N GLU A 31 -65.43 -55.81 5.84
CA GLU A 31 -65.89 -57.17 5.52
C GLU A 31 -66.44 -57.91 6.74
N ASN A 32 -65.91 -57.58 7.92
CA ASN A 32 -66.25 -58.34 9.13
C ASN A 32 -67.09 -57.63 10.18
N PHE A 33 -67.28 -56.32 10.05
CA PHE A 33 -68.03 -55.58 11.07
C PHE A 33 -69.20 -54.81 10.53
N LEU A 34 -69.24 -54.60 9.22
CA LEU A 34 -70.31 -53.83 8.60
C LEU A 34 -71.19 -54.76 7.79
N ASP A 35 -72.46 -54.39 7.63
CA ASP A 35 -73.34 -55.10 6.72
C ASP A 35 -73.35 -54.43 5.35
N ASN A 36 -73.36 -55.26 4.30
CA ASN A 36 -73.52 -54.77 2.93
C ASN A 36 -72.50 -53.73 2.55
N ALA A 37 -71.25 -53.92 3.00
CA ALA A 37 -70.20 -52.96 2.68
C ALA A 37 -69.93 -52.97 1.18
N VAL A 38 -69.73 -51.78 0.62
CA VAL A 38 -69.28 -51.67 -0.75
C VAL A 38 -68.02 -50.78 -0.79
N GLN A 39 -67.08 -51.11 -1.67
CA GLN A 39 -65.85 -50.32 -1.83
C GLN A 39 -66.17 -49.06 -2.62
N VAL A 40 -65.77 -47.90 -2.09
CA VAL A 40 -66.14 -46.64 -2.73
C VAL A 40 -64.93 -45.90 -3.32
N CYS A 41 -63.73 -46.32 -2.95
CA CYS A 41 -62.54 -45.67 -3.49
C CYS A 41 -61.31 -46.58 -3.38
N ASP A 42 -60.30 -46.35 -4.24
CA ASP A 42 -59.11 -47.21 -4.28
C ASP A 42 -57.89 -46.59 -4.93
N VAL A 43 -57.90 -45.27 -5.06
CA VAL A 43 -56.73 -44.55 -5.61
C VAL A 43 -55.51 -44.80 -4.70
N ARG A 44 -54.35 -45.04 -5.31
CA ARG A 44 -53.12 -45.32 -4.57
C ARG A 44 -53.27 -46.48 -3.59
N ASN A 45 -54.20 -47.38 -3.92
CA ASN A 45 -54.55 -48.50 -3.05
C ASN A 45 -55.13 -48.09 -1.72
N MET A 46 -55.63 -46.86 -1.61
CA MET A 46 -56.16 -46.42 -0.32
C MET A 46 -57.64 -46.71 -0.29
N PHE A 47 -57.94 -47.96 0.07
CA PHE A 47 -59.29 -48.52 0.05
C PHE A 47 -60.21 -47.79 1.02
N GLY A 48 -61.43 -47.49 0.57
CA GLY A 48 -62.50 -46.94 1.42
C GLY A 48 -63.81 -47.67 1.13
N TYR A 49 -64.67 -47.80 2.14
CA TYR A 49 -65.90 -48.58 2.05
C TYR A 49 -67.02 -47.89 2.79
N THR A 50 -68.24 -48.22 2.40
CA THR A 50 -69.43 -47.73 3.08
C THR A 50 -70.43 -48.89 3.26
N GLY A 51 -70.89 -49.07 4.49
CA GLY A 51 -71.93 -50.06 4.80
C GLY A 51 -72.75 -49.59 5.97
N THR A 52 -73.35 -50.53 6.71
CA THR A 52 -74.13 -50.17 7.88
C THR A 52 -73.70 -50.97 9.11
N TYR A 53 -73.85 -50.36 10.27
CA TYR A 53 -73.68 -51.03 11.53
C TYR A 53 -74.98 -50.85 12.28
N LYS A 54 -75.64 -51.96 12.62
CA LYS A 54 -76.95 -51.91 13.25
C LYS A 54 -77.86 -50.89 12.55
N GLY A 55 -77.79 -50.88 11.21
CA GLY A 55 -78.67 -50.03 10.41
C GLY A 55 -78.15 -48.62 10.19
N ARG A 56 -77.08 -48.25 10.88
CA ARG A 56 -76.51 -46.92 10.76
C ARG A 56 -75.42 -46.88 9.68
N LYS A 57 -75.53 -45.93 8.75
CA LYS A 57 -74.58 -45.77 7.64
C LYS A 57 -73.24 -45.35 8.24
N ILE A 58 -72.22 -46.13 7.91
CA ILE A 58 -70.85 -45.91 8.42
C ILE A 58 -69.81 -46.21 7.33
N SER A 59 -68.78 -45.37 7.24
CA SER A 59 -67.70 -45.62 6.29
C SER A 59 -66.42 -45.99 7.03
N VAL A 60 -65.52 -46.68 6.34
CA VAL A 60 -64.21 -46.98 6.89
C VAL A 60 -63.21 -46.83 5.76
N MET A 61 -62.13 -46.11 5.98
CA MET A 61 -61.14 -45.90 4.93
C MET A 61 -59.76 -45.67 5.49
N GLY A 62 -58.76 -46.22 4.81
CA GLY A 62 -57.37 -46.06 5.24
C GLY A 62 -56.91 -44.61 5.13
N HIS A 63 -55.98 -44.20 5.99
CA HIS A 63 -55.40 -42.85 5.86
C HIS A 63 -53.90 -42.79 5.57
N GLY A 64 -53.24 -43.94 5.46
CA GLY A 64 -51.81 -44.01 5.22
C GLY A 64 -51.05 -43.66 6.50
N MET A 65 -49.73 -43.57 6.41
CA MET A 65 -48.94 -43.37 7.60
C MET A 65 -48.44 -41.93 7.68
N GLY A 66 -48.61 -41.34 8.86
CA GLY A 66 -47.98 -40.05 9.11
C GLY A 66 -48.91 -38.88 8.90
N ILE A 67 -48.58 -37.77 9.53
CA ILE A 67 -49.46 -36.62 9.53
C ILE A 67 -49.79 -36.06 8.13
N PRO A 68 -48.77 -35.93 7.25
CA PRO A 68 -49.08 -35.33 5.95
C PRO A 68 -50.02 -36.21 5.12
N SER A 69 -49.84 -37.53 5.23
CA SER A 69 -50.71 -38.49 4.52
C SER A 69 -52.14 -38.39 5.05
N CYS A 70 -52.33 -38.58 6.36
CA CYS A 70 -53.69 -38.59 6.88
C CYS A 70 -54.36 -37.23 6.73
N SER A 71 -53.58 -36.16 6.71
CA SER A 71 -54.15 -34.82 6.55
C SER A 71 -54.82 -34.64 5.19
N ILE A 72 -54.20 -35.21 4.15
CA ILE A 72 -54.82 -35.16 2.82
C ILE A 72 -56.22 -35.80 2.85
N TYR A 73 -56.31 -37.05 3.30
CA TYR A 73 -57.56 -37.79 3.25
C TYR A 73 -58.61 -37.18 4.17
N VAL A 74 -58.22 -36.80 5.39
CA VAL A 74 -59.21 -36.31 6.34
C VAL A 74 -59.73 -34.96 5.85
N THR A 75 -58.85 -34.11 5.32
CA THR A 75 -59.30 -32.82 4.78
C THR A 75 -60.27 -33.03 3.63
N GLU A 76 -59.98 -33.96 2.73
CA GLU A 76 -60.91 -34.19 1.60
C GLU A 76 -62.27 -34.72 2.08
N LEU A 77 -62.23 -35.65 3.02
CA LEU A 77 -63.48 -36.23 3.56
C LEU A 77 -64.37 -35.13 4.11
N ILE A 78 -63.78 -34.24 4.89
CA ILE A 78 -64.55 -33.12 5.46
C ILE A 78 -65.00 -32.10 4.44
N LYS A 79 -64.09 -31.59 3.62
CA LYS A 79 -64.47 -30.46 2.81
C LYS A 79 -65.15 -30.87 1.52
N ASP A 80 -64.85 -32.08 1.04
CA ASP A 80 -65.39 -32.52 -0.25
C ASP A 80 -66.51 -33.55 -0.13
N TYR A 81 -66.50 -34.36 0.93
CA TYR A 81 -67.48 -35.45 1.03
C TYR A 81 -68.44 -35.30 2.22
N GLY A 82 -68.49 -34.11 2.80
CA GLY A 82 -69.43 -33.80 3.87
C GLY A 82 -69.26 -34.51 5.20
N VAL A 83 -68.08 -35.08 5.46
CA VAL A 83 -67.93 -35.91 6.66
C VAL A 83 -67.93 -35.04 7.92
N LYS A 84 -68.62 -35.48 8.97
CA LYS A 84 -68.74 -34.71 10.21
C LYS A 84 -67.83 -35.26 11.32
N LYS A 85 -67.62 -36.56 11.34
CA LYS A 85 -66.86 -37.16 12.44
C LYS A 85 -65.91 -38.20 11.89
N ILE A 86 -64.69 -38.19 12.41
CA ILE A 86 -63.65 -39.10 11.97
C ILE A 86 -63.20 -39.80 13.22
N ILE A 87 -63.13 -41.13 13.17
CA ILE A 87 -62.59 -41.90 14.29
C ILE A 87 -61.40 -42.70 13.79
N ARG A 88 -60.20 -42.27 14.15
CA ARG A 88 -59.01 -42.99 13.75
C ARG A 88 -59.01 -44.26 14.59
N VAL A 89 -58.82 -45.40 13.96
CA VAL A 89 -58.75 -46.69 14.66
C VAL A 89 -57.38 -47.27 14.40
N GLY A 90 -56.42 -46.86 15.21
CA GLY A 90 -55.02 -47.08 14.86
C GLY A 90 -54.31 -48.08 15.73
N SER A 91 -53.01 -48.22 15.50
CA SER A 91 -52.12 -48.96 16.40
C SER A 91 -51.27 -47.90 17.08
N CYS A 92 -50.52 -48.28 18.12
CA CYS A 92 -49.58 -47.36 18.76
C CYS A 92 -48.52 -48.12 19.52
N GLY A 93 -47.42 -47.44 19.87
CA GLY A 93 -46.40 -48.07 20.69
C GLY A 93 -46.44 -47.55 22.11
N ALA A 94 -46.28 -48.43 23.09
CA ALA A 94 -46.38 -47.99 24.48
C ALA A 94 -45.02 -47.55 25.01
N VAL A 95 -45.00 -46.51 25.85
CA VAL A 95 -43.76 -46.10 26.50
C VAL A 95 -43.83 -46.32 28.01
N ASN A 96 -45.02 -46.57 28.52
CA ASN A 96 -45.20 -46.75 29.96
C ASN A 96 -45.16 -48.24 30.32
N GLU A 97 -44.51 -48.58 31.43
CA GLU A 97 -44.33 -49.99 31.72
C GLU A 97 -45.64 -50.71 32.09
N GLY A 98 -46.63 -49.95 32.56
CA GLY A 98 -47.95 -50.48 32.90
C GLY A 98 -48.97 -50.56 31.76
N ILE A 99 -48.58 -50.13 30.57
CA ILE A 99 -49.43 -50.28 29.40
C ILE A 99 -48.87 -51.41 28.54
N LYS A 100 -49.72 -52.33 28.10
CA LYS A 100 -49.29 -53.58 27.49
C LYS A 100 -49.73 -53.68 26.05
N VAL A 101 -49.06 -54.53 25.29
CA VAL A 101 -49.55 -54.88 23.95
C VAL A 101 -51.03 -55.33 23.99
N ARG A 102 -51.81 -54.79 23.06
CA ARG A 102 -53.27 -55.05 22.96
C ARG A 102 -54.15 -54.21 23.88
N ASP A 103 -53.55 -53.41 24.76
CA ASP A 103 -54.36 -52.48 25.55
C ASP A 103 -54.97 -51.47 24.58
N VAL A 104 -56.14 -50.94 24.91
CA VAL A 104 -56.80 -49.93 24.08
C VAL A 104 -56.71 -48.55 24.78
N VAL A 105 -56.23 -47.53 24.07
CA VAL A 105 -56.07 -46.19 24.60
C VAL A 105 -56.85 -45.18 23.75
N ILE A 106 -57.16 -44.04 24.33
CA ILE A 106 -58.01 -43.08 23.67
C ILE A 106 -57.33 -41.75 23.80
N GLY A 107 -57.08 -41.10 22.67
CA GLY A 107 -56.30 -39.86 22.71
C GLY A 107 -57.19 -38.65 22.89
N MET A 108 -57.44 -38.24 24.13
N MET A 108 -57.43 -38.25 24.13
CA MET A 108 -58.20 -37.01 24.34
CA MET A 108 -58.18 -37.02 24.35
C MET A 108 -57.37 -35.84 23.82
C MET A 108 -57.37 -35.86 23.78
N GLY A 109 -56.04 -36.00 23.86
CA GLY A 109 -55.13 -35.02 23.28
C GLY A 109 -54.04 -35.78 22.52
N ALA A 110 -53.33 -35.04 21.66
CA ALA A 110 -52.18 -35.62 20.97
C ALA A 110 -51.04 -34.64 20.88
N CYS A 111 -49.96 -34.97 21.56
CA CYS A 111 -48.70 -34.20 21.44
C CYS A 111 -48.06 -34.49 20.09
N THR A 112 -47.06 -33.70 19.69
CA THR A 112 -46.42 -33.98 18.39
C THR A 112 -45.07 -33.28 18.26
N ASP A 113 -44.17 -33.86 17.48
CA ASP A 113 -42.96 -33.11 17.08
C ASP A 113 -43.09 -32.56 15.64
N SER A 114 -44.28 -32.68 15.07
CA SER A 114 -44.57 -32.06 13.78
C SER A 114 -44.67 -30.54 13.88
N LYS A 115 -44.41 -29.87 12.74
CA LYS A 115 -44.59 -28.43 12.67
C LYS A 115 -45.98 -28.01 12.19
N VAL A 116 -46.86 -28.97 11.84
CA VAL A 116 -48.12 -28.59 11.18
C VAL A 116 -49.02 -27.65 11.98
N ASN A 117 -49.11 -27.85 13.30
CA ASN A 117 -50.03 -27.01 14.07
C ASN A 117 -49.40 -25.65 14.36
N ARG A 118 -48.07 -25.62 14.41
CA ARG A 118 -47.37 -24.33 14.49
C ARG A 118 -47.59 -23.51 13.22
N ILE A 119 -47.61 -24.21 12.07
CA ILE A 119 -47.90 -23.58 10.80
C ILE A 119 -49.29 -22.98 10.81
N ARG A 120 -50.25 -23.72 11.37
CA ARG A 120 -51.61 -23.21 11.48
C ARG A 120 -51.81 -22.10 12.50
N PHE A 121 -51.01 -22.13 13.56
CA PHE A 121 -51.43 -21.42 14.81
C PHE A 121 -50.41 -20.35 15.20
N LYS A 122 -49.90 -19.63 14.19
CA LYS A 122 -48.94 -18.54 14.37
C LYS A 122 -47.73 -18.93 15.24
N ASP A 123 -47.27 -20.15 15.08
CA ASP A 123 -46.06 -20.64 15.80
C ASP A 123 -46.26 -20.73 17.31
N HIS A 124 -47.51 -20.74 17.77
CA HIS A 124 -47.81 -20.97 19.20
C HIS A 124 -48.16 -22.44 19.45
N ASP A 125 -48.56 -22.80 20.68
CA ASP A 125 -48.89 -24.18 20.99
C ASP A 125 -50.39 -24.36 20.84
N PHE A 126 -50.80 -25.07 19.78
CA PHE A 126 -52.19 -25.50 19.64
C PHE A 126 -52.30 -26.82 20.38
N ALA A 127 -53.23 -26.94 21.32
CA ALA A 127 -53.42 -28.20 22.04
C ALA A 127 -54.28 -29.08 21.14
N ALA A 128 -53.67 -30.05 20.48
CA ALA A 128 -54.40 -30.86 19.50
C ALA A 128 -55.32 -31.82 20.28
N ILE A 129 -56.61 -31.50 20.31
CA ILE A 129 -57.55 -32.32 21.08
C ILE A 129 -58.65 -32.99 20.26
N ALA A 130 -59.15 -34.11 20.78
CA ALA A 130 -60.33 -34.76 20.27
C ALA A 130 -61.60 -33.97 20.62
N ASP A 131 -62.70 -34.31 19.97
CA ASP A 131 -64.03 -33.81 20.37
C ASP A 131 -64.49 -34.50 21.66
N TYR A 132 -64.91 -33.71 22.66
CA TYR A 132 -65.23 -34.27 23.99
C TYR A 132 -66.33 -35.34 23.96
N LYS A 133 -67.47 -35.04 23.33
CA LYS A 133 -68.54 -36.05 23.30
C LYS A 133 -68.10 -37.35 22.61
N MET A 134 -67.25 -37.25 21.61
CA MET A 134 -66.70 -38.46 20.98
C MET A 134 -65.83 -39.25 21.95
N VAL A 135 -64.97 -38.59 22.70
CA VAL A 135 -64.16 -39.27 23.73
C VAL A 135 -65.08 -39.98 24.75
N LYS A 136 -66.08 -39.25 25.24
CA LYS A 136 -66.98 -39.79 26.28
C LYS A 136 -67.74 -41.02 25.75
N ALA A 137 -68.21 -40.92 24.53
CA ALA A 137 -68.98 -41.99 23.91
C ALA A 137 -68.10 -43.22 23.72
N ALA A 138 -66.83 -43.01 23.38
CA ALA A 138 -65.93 -44.13 23.17
C ALA A 138 -65.56 -44.80 24.52
N GLU A 139 -65.27 -43.99 25.53
CA GLU A 139 -64.97 -44.48 26.87
C GLU A 139 -66.17 -45.27 27.44
N GLU A 140 -67.38 -44.73 27.22
CA GLU A 140 -68.57 -45.37 27.74
C GLU A 140 -68.92 -46.63 26.96
N ALA A 141 -68.66 -46.62 25.64
CA ALA A 141 -68.83 -47.84 24.84
C ALA A 141 -67.89 -48.94 25.35
N ALA A 142 -66.66 -48.55 25.68
CA ALA A 142 -65.68 -49.50 26.19
C ALA A 142 -66.16 -50.12 27.51
N LYS A 143 -66.59 -49.28 28.44
CA LYS A 143 -67.03 -49.73 29.74
C LYS A 143 -68.20 -50.72 29.60
N ALA A 144 -69.15 -50.40 28.72
CA ALA A 144 -70.30 -51.28 28.45
C ALA A 144 -69.88 -52.66 27.92
N ARG A 145 -68.74 -52.74 27.24
CA ARG A 145 -68.23 -54.04 26.77
C ARG A 145 -67.28 -54.68 27.77
N GLY A 146 -67.08 -54.00 28.90
CA GLY A 146 -66.13 -54.44 29.90
C GLY A 146 -64.68 -54.34 29.46
N ILE A 147 -64.40 -53.42 28.52
CA ILE A 147 -63.04 -53.23 28.00
C ILE A 147 -62.38 -52.06 28.68
N ASP A 148 -61.27 -52.30 29.37
CA ASP A 148 -60.55 -51.28 30.09
C ASP A 148 -59.81 -50.39 29.08
N VAL A 149 -59.89 -49.08 29.28
CA VAL A 149 -59.20 -48.14 28.39
C VAL A 149 -58.59 -47.02 29.19
N LYS A 150 -57.48 -46.51 28.68
CA LYS A 150 -56.84 -45.33 29.26
C LYS A 150 -57.12 -44.17 28.34
N VAL A 151 -57.56 -43.06 28.93
CA VAL A 151 -57.85 -41.84 28.22
C VAL A 151 -56.79 -40.79 28.57
N GLY A 152 -56.03 -40.35 27.57
CA GLY A 152 -54.95 -39.40 27.84
C GLY A 152 -54.31 -38.85 26.57
N ASN A 153 -53.03 -38.49 26.67
CA ASN A 153 -52.34 -37.89 25.53
C ASN A 153 -51.68 -38.96 24.66
N LEU A 154 -51.93 -38.91 23.35
CA LEU A 154 -51.05 -39.64 22.42
C LEU A 154 -49.85 -38.76 22.13
N PHE A 155 -48.82 -39.34 21.52
CA PHE A 155 -47.76 -38.56 20.88
C PHE A 155 -47.70 -38.93 19.42
N SER A 156 -47.98 -37.95 18.55
CA SER A 156 -47.92 -38.20 17.10
C SER A 156 -46.52 -37.88 16.56
N ALA A 157 -45.74 -38.94 16.27
CA ALA A 157 -44.34 -38.78 15.90
C ALA A 157 -44.14 -38.56 14.40
N GLU A 158 -43.13 -37.76 14.07
CA GLU A 158 -42.68 -37.58 12.71
C GLU A 158 -41.79 -38.71 12.20
N LEU A 159 -40.96 -39.28 13.08
CA LEU A 159 -39.93 -40.19 12.62
C LEU A 159 -40.07 -41.47 13.42
N PHE A 160 -40.62 -42.49 12.77
CA PHE A 160 -40.76 -43.81 13.36
C PHE A 160 -39.36 -44.28 13.79
N TYR A 161 -38.39 -44.14 12.89
CA TYR A 161 -36.98 -44.45 13.23
C TYR A 161 -36.32 -43.21 13.81
N THR A 162 -36.66 -42.90 15.04
CA THR A 162 -36.30 -41.57 15.55
C THR A 162 -34.82 -41.48 15.83
N PRO A 163 -34.23 -40.33 15.51
CA PRO A 163 -32.84 -40.12 15.89
C PRO A 163 -32.73 -39.64 17.35
N ASP A 164 -33.86 -39.46 18.02
CA ASP A 164 -33.85 -39.04 19.45
C ASP A 164 -34.69 -39.97 20.32
N PRO A 165 -34.20 -41.18 20.62
CA PRO A 165 -35.01 -42.08 21.42
C PRO A 165 -35.10 -41.64 22.90
N SER A 166 -34.24 -40.72 23.33
CA SER A 166 -34.42 -40.19 24.69
C SER A 166 -35.78 -39.49 24.85
N MET A 167 -36.40 -39.08 23.75
CA MET A 167 -37.70 -38.43 23.81
C MET A 167 -38.77 -39.39 24.40
N PHE A 168 -38.59 -40.70 24.23
CA PHE A 168 -39.57 -41.67 24.73
C PHE A 168 -39.73 -41.59 26.28
N ASP A 169 -38.61 -41.39 26.98
CA ASP A 169 -38.62 -41.19 28.46
C ASP A 169 -39.35 -39.91 28.86
N VAL A 170 -39.13 -38.83 28.10
CA VAL A 170 -39.87 -37.59 28.33
C VAL A 170 -41.37 -37.88 28.12
N MET A 171 -41.72 -38.60 27.05
CA MET A 171 -43.13 -38.93 26.81
C MET A 171 -43.68 -39.70 28.01
N ASP A 172 -42.95 -40.69 28.47
CA ASP A 172 -43.45 -41.51 29.56
C ASP A 172 -43.65 -40.63 30.81
N LYS A 173 -42.67 -39.79 31.11
CA LYS A 173 -42.73 -38.93 32.31
C LYS A 173 -43.96 -38.03 32.26
N TYR A 174 -44.32 -37.57 31.06
CA TYR A 174 -45.48 -36.71 30.89
C TYR A 174 -46.81 -37.46 30.70
N GLY A 175 -46.80 -38.78 30.88
CA GLY A 175 -48.04 -39.57 30.90
C GLY A 175 -48.61 -39.95 29.56
N ILE A 176 -47.79 -39.86 28.50
CA ILE A 176 -48.26 -40.24 27.15
C ILE A 176 -48.67 -41.71 27.13
N VAL A 177 -49.87 -42.00 26.63
CA VAL A 177 -50.42 -43.35 26.70
C VAL A 177 -50.05 -44.19 25.49
N GLY A 178 -49.73 -43.52 24.37
CA GLY A 178 -49.31 -44.24 23.16
C GLY A 178 -48.63 -43.34 22.16
N VAL A 179 -47.72 -43.91 21.39
CA VAL A 179 -47.05 -43.19 20.32
C VAL A 179 -47.58 -43.65 18.99
N GLU A 180 -48.13 -42.74 18.20
CA GLU A 180 -48.48 -43.11 16.83
C GLU A 180 -47.98 -41.99 15.92
N MET A 181 -48.61 -41.75 14.79
CA MET A 181 -47.99 -40.78 13.89
C MET A 181 -49.04 -39.92 13.23
N GLU A 182 -50.25 -39.82 13.78
CA GLU A 182 -51.33 -39.21 13.00
C GLU A 182 -52.28 -38.28 13.75
N ALA A 183 -52.64 -38.70 14.96
CA ALA A 183 -53.68 -38.01 15.76
C ALA A 183 -53.56 -36.49 15.83
N ALA A 184 -52.37 -35.98 16.14
CA ALA A 184 -52.21 -34.52 16.24
C ALA A 184 -52.54 -33.82 14.94
N GLY A 185 -52.23 -34.48 13.81
CA GLY A 185 -52.57 -33.94 12.50
C GLY A 185 -54.06 -33.97 12.21
N ILE A 186 -54.67 -35.10 12.48
CA ILE A 186 -56.11 -35.25 12.36
C ILE A 186 -56.87 -34.22 13.20
N TYR A 187 -56.45 -34.05 14.46
CA TYR A 187 -57.08 -33.06 15.35
C TYR A 187 -56.92 -31.61 14.82
N GLY A 188 -55.75 -31.29 14.30
CA GLY A 188 -55.54 -29.98 13.71
C GLY A 188 -56.40 -29.76 12.47
N VAL A 189 -56.49 -30.77 11.60
CA VAL A 189 -57.40 -30.64 10.45
C VAL A 189 -58.84 -30.45 10.94
N ALA A 190 -59.27 -31.28 11.90
CA ALA A 190 -60.64 -31.22 12.39
C ALA A 190 -60.92 -29.81 12.91
N ALA A 191 -59.96 -29.24 13.63
CA ALA A 191 -60.18 -27.92 14.17
C ALA A 191 -60.19 -26.86 13.08
N GLU A 192 -59.27 -26.98 12.12
CA GLU A 192 -59.16 -26.02 11.02
C GLU A 192 -60.45 -25.96 10.20
N TYR A 193 -61.07 -27.13 9.96
CA TYR A 193 -62.22 -27.23 9.07
C TYR A 193 -63.55 -27.33 9.83
N GLY A 194 -63.47 -27.21 11.15
CA GLY A 194 -64.65 -27.16 12.01
C GLY A 194 -65.43 -28.46 12.06
N ALA A 195 -64.72 -29.58 12.07
CA ALA A 195 -65.35 -30.90 12.22
C ALA A 195 -64.88 -31.53 13.53
N LYS A 196 -65.12 -32.83 13.69
CA LYS A 196 -64.90 -33.48 14.99
C LYS A 196 -64.11 -34.74 14.78
N ALA A 197 -63.15 -35.05 15.65
CA ALA A 197 -62.38 -36.27 15.46
C ALA A 197 -61.99 -36.91 16.78
N LEU A 198 -61.55 -38.16 16.68
CA LEU A 198 -61.10 -38.92 17.82
C LEU A 198 -60.14 -39.98 17.30
N ALA A 199 -59.14 -40.31 18.09
CA ALA A 199 -58.24 -41.42 17.77
C ALA A 199 -58.26 -42.46 18.91
N ILE A 200 -58.61 -43.68 18.56
CA ILE A 200 -58.57 -44.80 19.47
C ILE A 200 -57.48 -45.71 18.91
N CYS A 201 -56.61 -46.22 19.77
CA CYS A 201 -55.53 -47.05 19.28
C CYS A 201 -55.32 -48.29 20.13
N THR A 202 -54.90 -49.35 19.47
CA THR A 202 -54.49 -50.58 20.09
C THR A 202 -52.98 -50.59 20.15
N VAL A 203 -52.45 -50.84 21.35
CA VAL A 203 -51.01 -51.00 21.50
C VAL A 203 -50.53 -52.21 20.69
N SER A 204 -49.62 -51.97 19.74
CA SER A 204 -49.15 -53.01 18.85
C SER A 204 -47.71 -53.37 19.14
N ASP A 205 -47.03 -52.50 19.87
CA ASP A 205 -45.72 -52.84 20.38
C ASP A 205 -45.35 -52.02 21.59
N HIS A 206 -44.35 -52.51 22.31
CA HIS A 206 -43.88 -51.82 23.48
C HIS A 206 -42.49 -51.25 23.22
N ILE A 207 -42.40 -49.94 23.26
CA ILE A 207 -41.17 -49.26 22.87
C ILE A 207 -40.11 -49.50 23.91
N LYS A 208 -40.50 -49.65 25.17
CA LYS A 208 -39.51 -49.95 26.19
C LYS A 208 -39.08 -51.42 26.21
N THR A 209 -40.03 -52.37 26.22
CA THR A 209 -39.70 -53.80 26.34
C THR A 209 -39.33 -54.51 25.05
N GLY A 210 -39.64 -53.90 23.91
CA GLY A 210 -39.27 -54.49 22.62
C GLY A 210 -40.29 -55.45 22.05
N GLU A 211 -41.28 -55.81 22.86
CA GLU A 211 -42.34 -56.69 22.41
C GLU A 211 -43.06 -56.13 21.17
N GLN A 212 -43.32 -57.02 20.20
CA GLN A 212 -43.97 -56.67 18.92
C GLN A 212 -45.26 -57.46 18.63
N THR A 213 -45.96 -57.07 17.57
CA THR A 213 -47.05 -57.88 17.01
C THR A 213 -46.67 -58.10 15.55
N THR A 214 -47.30 -59.06 14.87
CA THR A 214 -47.00 -59.30 13.45
C THR A 214 -47.82 -58.36 12.57
N SER A 215 -47.39 -58.19 11.32
CA SER A 215 -48.17 -57.42 10.36
C SER A 215 -49.60 -57.96 10.26
N GLU A 216 -49.74 -59.29 10.33
CA GLU A 216 -51.04 -59.93 10.17
C GLU A 216 -51.94 -59.66 11.37
N GLU A 217 -51.36 -59.65 12.57
CA GLU A 217 -52.13 -59.33 13.77
C GLU A 217 -52.66 -57.89 13.74
N ARG A 218 -51.81 -56.96 13.35
CA ARG A 218 -52.19 -55.55 13.25
C ARG A 218 -53.35 -55.38 12.28
N GLN A 219 -53.30 -56.14 11.18
CA GLN A 219 -54.29 -56.04 10.12
C GLN A 219 -55.66 -56.62 10.49
N ASN A 220 -55.63 -57.77 11.18
CA ASN A 220 -56.78 -58.64 11.25
C ASN A 220 -57.32 -58.98 12.63
N THR A 221 -56.68 -58.49 13.70
CA THR A 221 -57.02 -59.02 15.04
C THR A 221 -57.27 -57.98 16.15
N PHE A 222 -57.17 -56.69 15.81
CA PHE A 222 -57.47 -55.63 16.79
C PHE A 222 -58.98 -55.34 16.86
N ASN A 223 -59.75 -56.32 17.33
CA ASN A 223 -61.20 -56.22 17.24
C ASN A 223 -61.83 -55.33 18.27
N GLU A 224 -61.30 -55.32 19.49
CA GLU A 224 -61.88 -54.52 20.56
C GLU A 224 -61.98 -53.04 20.18
N MET A 225 -60.94 -52.47 19.59
CA MET A 225 -61.02 -51.05 19.31
C MET A 225 -62.09 -50.81 18.27
N ILE A 226 -62.26 -51.75 17.33
CA ILE A 226 -63.27 -51.59 16.28
C ILE A 226 -64.67 -51.63 16.90
N GLU A 227 -64.85 -52.55 17.82
CA GLU A 227 -66.15 -52.70 18.48
C GLU A 227 -66.48 -51.44 19.28
N ILE A 228 -65.48 -50.91 19.99
CA ILE A 228 -65.69 -49.71 20.77
C ILE A 228 -66.02 -48.53 19.86
N ALA A 229 -65.24 -48.37 18.79
CA ALA A 229 -65.44 -47.27 17.86
C ALA A 229 -66.86 -47.28 17.27
N LEU A 230 -67.28 -48.42 16.73
CA LEU A 230 -68.61 -48.54 16.14
C LEU A 230 -69.73 -48.29 17.18
N ASP A 231 -69.58 -48.89 18.35
CA ASP A 231 -70.56 -48.67 19.43
C ASP A 231 -70.65 -47.21 19.82
N SER A 232 -69.50 -46.53 19.83
CA SER A 232 -69.44 -45.12 20.24
C SER A 232 -70.18 -44.25 19.23
N VAL A 233 -70.25 -44.72 17.98
CA VAL A 233 -71.00 -43.97 16.97
C VAL A 233 -72.49 -43.92 17.35
N LEU A 234 -73.04 -45.07 17.73
CA LEU A 234 -74.48 -45.16 18.03
C LEU A 234 -74.82 -44.35 19.26
N ILE A 235 -73.94 -44.43 20.28
CA ILE A 235 -74.09 -43.65 21.51
C ILE A 235 -74.04 -42.16 21.21
N GLY A 236 -73.07 -41.74 20.39
CA GLY A 236 -72.96 -40.34 20.01
C GLY A 236 -74.12 -39.80 19.17
N ASP A 237 -74.86 -40.69 18.49
CA ASP A 237 -76.01 -40.27 17.68
C ASP A 237 -77.22 -39.92 18.54
N GLN A 238 -77.28 -40.47 19.75
CA GLN A 238 -78.44 -40.25 20.62
C GLN A 238 -78.72 -38.76 20.80
N ALA A 239 -79.99 -38.38 20.66
CA ALA A 239 -80.41 -37.01 20.94
C ALA A 239 -80.08 -36.63 22.37
N GLY A 240 -79.44 -35.47 22.54
CA GLY A 240 -79.16 -34.98 23.90
C GLY A 240 -77.95 -35.59 24.56
N TYR A 241 -77.25 -36.50 23.86
CA TYR A 241 -76.04 -37.11 24.44
C TYR A 241 -75.00 -36.05 24.84
N ALA B 2 -61.90 3.03 36.02
CA ALA B 2 -61.21 1.85 36.62
C ALA B 2 -60.88 0.79 35.56
N THR B 3 -59.81 0.04 35.77
CA THR B 3 -59.47 -1.07 34.90
C THR B 3 -59.86 -2.35 35.61
N PRO B 4 -59.72 -3.49 34.94
CA PRO B 4 -60.10 -4.74 35.60
C PRO B 4 -59.19 -5.06 36.78
N HIS B 5 -58.02 -4.44 36.84
CA HIS B 5 -57.03 -4.85 37.86
C HIS B 5 -56.67 -3.77 38.87
N ILE B 6 -57.16 -2.55 38.65
CA ILE B 6 -56.81 -1.42 39.49
C ILE B 6 -58.05 -0.56 39.70
N ASN B 7 -58.56 -0.53 40.92
CA ASN B 7 -59.73 0.30 41.21
C ASN B 7 -59.33 1.70 41.68
N ALA B 8 -58.62 2.40 40.82
CA ALA B 8 -58.15 3.74 41.13
C ALA B 8 -58.59 4.69 40.02
N GLN B 9 -58.39 5.98 40.27
CA GLN B 9 -58.77 7.02 39.34
C GLN B 9 -57.52 7.59 38.73
N MET B 10 -57.62 8.09 37.50
N MET B 10 -57.62 8.09 37.50
CA MET B 10 -56.53 8.86 36.92
CA MET B 10 -56.52 8.84 36.90
C MET B 10 -56.15 9.89 37.97
C MET B 10 -56.15 9.98 37.83
N GLY B 11 -54.85 10.13 38.09
CA GLY B 11 -54.37 11.07 39.07
C GLY B 11 -54.01 10.44 40.39
N ASP B 12 -54.46 9.21 40.63
CA ASP B 12 -54.25 8.58 41.94
C ASP B 12 -52.82 8.12 42.18
N PHE B 13 -52.07 7.91 41.09
CA PHE B 13 -50.64 7.50 41.17
C PHE B 13 -49.72 8.65 40.82
N ALA B 14 -48.56 8.70 41.48
CA ALA B 14 -47.49 9.59 41.02
C ALA B 14 -46.95 9.14 39.64
N ASP B 15 -46.09 9.95 39.05
CA ASP B 15 -45.53 9.65 37.71
C ASP B 15 -44.35 8.66 37.83
N VAL B 16 -43.97 8.38 39.07
CA VAL B 16 -43.03 7.32 39.38
C VAL B 16 -43.64 6.31 40.36
N VAL B 17 -43.52 5.01 40.05
CA VAL B 17 -44.05 3.97 40.92
C VAL B 17 -43.00 2.91 41.20
N LEU B 18 -42.75 2.68 42.48
CA LEU B 18 -41.98 1.52 42.94
C LEU B 18 -42.86 0.31 42.98
N MET B 19 -42.38 -0.80 42.44
CA MET B 19 -43.21 -2.00 42.42
C MET B 19 -42.42 -3.21 42.89
N PRO B 20 -42.74 -3.71 44.09
CA PRO B 20 -42.33 -5.07 44.47
C PRO B 20 -43.35 -6.06 43.90
N GLY B 21 -42.98 -7.33 43.82
CA GLY B 21 -43.97 -8.36 43.47
C GLY B 21 -45.03 -8.52 44.55
N ASP B 22 -44.62 -8.35 45.79
CA ASP B 22 -45.47 -8.65 46.95
C ASP B 22 -46.23 -7.41 47.39
N PRO B 23 -47.58 -7.48 47.36
CA PRO B 23 -48.37 -6.30 47.73
C PRO B 23 -48.18 -5.92 49.20
N LEU B 24 -47.79 -6.89 50.02
CA LEU B 24 -47.49 -6.60 51.43
C LEU B 24 -46.13 -5.87 51.58
N ARG B 25 -45.21 -6.07 50.63
CA ARG B 25 -43.97 -5.30 50.65
C ARG B 25 -44.31 -3.87 50.24
N ALA B 26 -45.27 -3.73 49.32
CA ALA B 26 -45.68 -2.37 48.98
C ALA B 26 -46.29 -1.70 50.23
N LYS B 27 -47.16 -2.41 50.95
CA LYS B 27 -47.73 -1.88 52.20
C LYS B 27 -46.62 -1.45 53.16
N TYR B 28 -45.61 -2.31 53.33
CA TYR B 28 -44.47 -2.03 54.20
C TYR B 28 -43.76 -0.72 53.82
N ILE B 29 -43.48 -0.57 52.52
CA ILE B 29 -42.85 0.63 51.98
C ILE B 29 -43.71 1.90 52.23
N ALA B 30 -44.99 1.81 51.94
CA ALA B 30 -45.87 2.97 52.13
C ALA B 30 -45.89 3.38 53.60
N GLU B 31 -46.04 2.41 54.49
CA GLU B 31 -46.19 2.71 55.93
C GLU B 31 -44.91 3.15 56.61
N ASN B 32 -43.76 2.79 56.04
CA ASN B 32 -42.50 3.03 56.71
C ASN B 32 -41.55 4.01 56.04
N PHE B 33 -41.76 4.28 54.75
CA PHE B 33 -40.83 5.11 53.98
C PHE B 33 -41.51 6.32 53.38
N LEU B 34 -42.83 6.28 53.23
CA LEU B 34 -43.54 7.43 52.66
C LEU B 34 -44.27 8.20 53.75
N ASP B 35 -44.46 9.50 53.51
CA ASP B 35 -45.30 10.32 54.38
C ASP B 35 -46.69 10.46 53.79
N ASN B 36 -47.70 10.52 54.66
CA ASN B 36 -49.09 10.74 54.25
C ASN B 36 -49.57 9.78 53.18
N ALA B 37 -49.13 8.52 53.26
CA ALA B 37 -49.51 7.54 52.22
C ALA B 37 -51.01 7.29 52.31
N VAL B 38 -51.65 7.13 51.15
CA VAL B 38 -53.05 6.75 51.05
C VAL B 38 -53.16 5.54 50.14
N GLN B 39 -53.93 4.53 50.55
CA GLN B 39 -54.15 3.37 49.69
C GLN B 39 -55.06 3.73 48.52
N VAL B 40 -54.57 3.49 47.31
CA VAL B 40 -55.33 3.84 46.12
C VAL B 40 -55.94 2.64 45.37
N CYS B 41 -55.50 1.42 45.69
CA CYS B 41 -56.10 0.26 45.04
C CYS B 41 -55.91 -1.01 45.84
N ASP B 42 -56.80 -1.97 45.59
CA ASP B 42 -56.82 -3.22 46.35
C ASP B 42 -57.50 -4.40 45.65
N VAL B 43 -57.80 -4.26 44.35
CA VAL B 43 -58.35 -5.37 43.54
C VAL B 43 -57.40 -6.55 43.54
N ARG B 44 -57.95 -7.73 43.79
CA ARG B 44 -57.18 -8.98 43.88
C ARG B 44 -56.12 -8.94 44.97
N ASN B 45 -56.36 -8.12 46.00
CA ASN B 45 -55.37 -7.89 47.06
C ASN B 45 -54.07 -7.27 46.56
N MET B 46 -54.09 -6.66 45.37
CA MET B 46 -52.88 -6.01 44.84
C MET B 46 -52.84 -4.55 45.27
N PHE B 47 -52.37 -4.34 46.49
CA PHE B 47 -52.35 -3.04 47.14
C PHE B 47 -51.41 -2.06 46.47
N GLY B 48 -51.87 -0.83 46.28
CA GLY B 48 -51.01 0.26 45.82
C GLY B 48 -51.29 1.51 46.66
N TYR B 49 -50.27 2.37 46.81
CA TYR B 49 -50.34 3.55 47.68
C TYR B 49 -49.65 4.73 47.01
N THR B 50 -49.99 5.94 47.46
CA THR B 50 -49.35 7.14 47.00
C THR B 50 -49.12 8.04 48.22
N GLY B 51 -47.91 8.56 48.34
CA GLY B 51 -47.59 9.49 49.44
C GLY B 51 -46.42 10.33 48.96
N THR B 52 -45.62 10.83 49.90
CA THR B 52 -44.43 11.55 49.48
C THR B 52 -43.18 11.04 50.18
N TYR B 53 -42.04 11.25 49.53
CA TYR B 53 -40.73 10.91 50.06
C TYR B 53 -39.92 12.17 49.98
N LYS B 54 -39.51 12.66 51.15
CA LYS B 54 -38.74 13.91 51.25
C LYS B 54 -39.37 14.99 50.37
N GLY B 55 -40.70 15.05 50.38
CA GLY B 55 -41.47 16.07 49.66
C GLY B 55 -41.89 15.70 48.25
N ARG B 56 -41.30 14.62 47.71
CA ARG B 56 -41.53 14.23 46.33
C ARG B 56 -42.64 13.19 46.23
N LYS B 57 -43.63 13.43 45.37
CA LYS B 57 -44.76 12.52 45.27
C LYS B 57 -44.32 11.18 44.63
N ILE B 58 -44.64 10.07 45.29
CA ILE B 58 -44.21 8.72 44.86
C ILE B 58 -45.31 7.71 45.14
N SER B 59 -45.45 6.71 44.26
CA SER B 59 -46.39 5.63 44.50
C SER B 59 -45.64 4.32 44.70
N VAL B 60 -46.30 3.35 45.30
CA VAL B 60 -45.74 2.01 45.44
C VAL B 60 -46.89 1.04 45.28
N MET B 61 -46.71 0.03 44.43
CA MET B 61 -47.75 -0.93 44.19
C MET B 61 -47.19 -2.29 43.81
N GLY B 62 -47.82 -3.34 44.30
CA GLY B 62 -47.41 -4.71 43.98
C GLY B 62 -47.70 -5.02 42.51
N HIS B 63 -46.87 -5.90 41.94
CA HIS B 63 -47.08 -6.35 40.56
C HIS B 63 -47.31 -7.86 40.43
N GLY B 64 -47.44 -8.59 41.54
CA GLY B 64 -47.59 -10.06 41.49
C GLY B 64 -46.34 -10.77 40.97
N MET B 65 -46.42 -12.08 40.78
CA MET B 65 -45.25 -12.84 40.40
C MET B 65 -45.32 -13.24 38.93
N GLY B 66 -44.21 -13.03 38.21
CA GLY B 66 -44.04 -13.55 36.85
C GLY B 66 -44.39 -12.50 35.82
N ILE B 67 -43.85 -12.69 34.62
CA ILE B 67 -43.94 -11.68 33.58
C ILE B 67 -45.39 -11.34 33.20
N PRO B 68 -46.28 -12.35 33.09
CA PRO B 68 -47.65 -12.00 32.64
C PRO B 68 -48.40 -11.15 33.67
N SER B 69 -48.15 -11.41 34.94
CA SER B 69 -48.77 -10.63 36.01
C SER B 69 -48.26 -9.18 36.01
N CYS B 70 -46.94 -8.99 36.08
CA CYS B 70 -46.41 -7.64 36.14
C CYS B 70 -46.68 -6.87 34.87
N SER B 71 -46.72 -7.57 33.74
CA SER B 71 -47.01 -6.90 32.48
C SER B 71 -48.38 -6.20 32.53
N ILE B 72 -49.38 -6.85 33.14
CA ILE B 72 -50.72 -6.27 33.23
C ILE B 72 -50.65 -4.96 34.01
N TYR B 73 -50.05 -5.02 35.19
CA TYR B 73 -50.06 -3.88 36.09
C TYR B 73 -49.22 -2.72 35.53
N VAL B 74 -48.05 -3.04 34.99
CA VAL B 74 -47.17 -2.01 34.44
C VAL B 74 -47.78 -1.35 33.21
N THR B 75 -48.40 -2.17 32.35
CA THR B 75 -49.05 -1.62 31.19
C THR B 75 -50.16 -0.67 31.61
N GLU B 76 -50.96 -1.05 32.60
CA GLU B 76 -52.08 -0.20 32.98
C GLU B 76 -51.59 1.10 33.59
N LEU B 77 -50.56 1.02 34.40
CA LEU B 77 -50.00 2.21 35.03
C LEU B 77 -49.53 3.23 33.99
N ILE B 78 -48.86 2.73 32.96
CA ILE B 78 -48.31 3.59 31.92
C ILE B 78 -49.44 4.13 31.04
N LYS B 79 -50.25 3.25 30.50
CA LYS B 79 -51.21 3.72 29.49
C LYS B 79 -52.44 4.37 30.10
N ASP B 80 -52.83 3.95 31.30
CA ASP B 80 -54.07 4.42 31.92
C ASP B 80 -53.88 5.44 33.02
N TYR B 81 -52.69 5.46 33.64
CA TYR B 81 -52.47 6.29 34.83
C TYR B 81 -51.34 7.30 34.66
N GLY B 82 -50.84 7.41 33.44
CA GLY B 82 -49.85 8.42 33.09
C GLY B 82 -48.46 8.20 33.66
N VAL B 83 -48.24 7.04 34.28
CA VAL B 83 -46.95 6.79 34.89
C VAL B 83 -45.81 6.85 33.87
N LYS B 84 -44.71 7.50 34.24
CA LYS B 84 -43.56 7.67 33.34
C LYS B 84 -42.38 6.76 33.64
N LYS B 85 -42.20 6.42 34.92
CA LYS B 85 -41.05 5.63 35.39
C LYS B 85 -41.50 4.58 36.38
N ILE B 86 -41.09 3.32 36.15
CA ILE B 86 -41.32 2.21 37.05
C ILE B 86 -39.99 1.72 37.63
N ILE B 87 -39.91 1.55 38.94
CA ILE B 87 -38.74 0.95 39.56
C ILE B 87 -39.19 -0.32 40.31
N ARG B 88 -38.93 -1.48 39.72
CA ARG B 88 -39.20 -2.71 40.41
C ARG B 88 -38.21 -2.80 41.58
N VAL B 89 -38.74 -3.13 42.76
CA VAL B 89 -37.90 -3.36 43.93
C VAL B 89 -38.17 -4.77 44.44
N GLY B 90 -37.40 -5.72 43.90
CA GLY B 90 -37.74 -7.14 44.04
C GLY B 90 -36.76 -7.94 44.86
N SER B 91 -36.98 -9.24 44.88
CA SER B 91 -35.99 -10.16 45.41
C SER B 91 -35.42 -10.88 44.18
N CYS B 92 -34.41 -11.70 44.40
CA CYS B 92 -33.83 -12.53 43.33
C CYS B 92 -33.00 -13.63 43.94
N GLY B 93 -32.71 -14.66 43.15
CA GLY B 93 -31.81 -15.72 43.55
C GLY B 93 -30.44 -15.52 42.92
N ALA B 94 -29.40 -15.79 43.70
CA ALA B 94 -28.02 -15.65 43.20
C ALA B 94 -27.55 -16.95 42.60
N VAL B 95 -26.85 -16.90 41.47
CA VAL B 95 -26.26 -18.11 40.89
C VAL B 95 -24.74 -18.07 40.99
N ASN B 96 -24.18 -16.91 41.32
CA ASN B 96 -22.74 -16.79 41.41
C ASN B 96 -22.30 -16.92 42.86
N GLU B 97 -21.27 -17.71 43.13
CA GLU B 97 -20.92 -17.90 44.54
C GLU B 97 -20.35 -16.63 45.22
N GLY B 98 -19.86 -15.69 44.43
CA GLY B 98 -19.40 -14.40 44.92
C GLY B 98 -20.56 -13.47 45.36
N ILE B 99 -21.79 -13.82 45.00
CA ILE B 99 -22.93 -12.98 45.32
C ILE B 99 -23.72 -13.60 46.47
N LYS B 100 -23.95 -12.79 47.50
CA LYS B 100 -24.50 -13.27 48.78
C LYS B 100 -25.92 -12.83 49.04
N VAL B 101 -26.62 -13.60 49.84
CA VAL B 101 -27.92 -13.20 50.34
C VAL B 101 -27.87 -11.79 50.96
N ARG B 102 -28.86 -10.97 50.63
CA ARG B 102 -28.93 -9.55 50.99
C ARG B 102 -28.09 -8.58 50.17
N ASP B 103 -27.26 -9.07 49.25
CA ASP B 103 -26.59 -8.19 48.30
C ASP B 103 -27.67 -7.52 47.44
N VAL B 104 -27.43 -6.27 47.05
CA VAL B 104 -28.35 -5.56 46.17
C VAL B 104 -27.75 -5.54 44.74
N VAL B 105 -28.59 -5.89 43.76
CA VAL B 105 -28.16 -5.91 42.37
C VAL B 105 -29.10 -5.05 41.53
N ILE B 106 -28.59 -4.51 40.43
CA ILE B 106 -29.35 -3.60 39.59
C ILE B 106 -29.32 -4.17 38.17
N GLY B 107 -30.49 -4.39 37.58
CA GLY B 107 -30.53 -5.00 36.25
C GLY B 107 -30.47 -4.01 35.12
N MET B 108 -29.26 -3.75 34.62
N MET B 108 -29.26 -3.73 34.63
CA MET B 108 -29.12 -2.91 33.44
CA MET B 108 -29.17 -2.90 33.43
C MET B 108 -29.72 -3.61 32.21
C MET B 108 -29.90 -3.61 32.29
N GLY B 109 -29.76 -4.93 32.25
CA GLY B 109 -30.47 -5.74 31.26
C GLY B 109 -31.14 -6.90 31.99
N ALA B 110 -31.96 -7.64 31.26
CA ALA B 110 -32.66 -8.81 31.84
C ALA B 110 -32.80 -9.85 30.73
N CYS B 111 -32.09 -10.97 30.89
CA CYS B 111 -32.26 -12.12 30.00
C CYS B 111 -33.60 -12.75 30.35
N THR B 112 -34.11 -13.66 29.52
CA THR B 112 -35.33 -14.39 29.90
C THR B 112 -35.54 -15.66 29.08
N ASP B 113 -36.33 -16.59 29.60
CA ASP B 113 -36.74 -17.73 28.76
C ASP B 113 -38.21 -17.61 28.40
N SER B 114 -38.80 -16.45 28.66
CA SER B 114 -40.15 -16.12 28.21
C SER B 114 -40.19 -15.83 26.68
N LYS B 115 -41.37 -16.00 26.09
CA LYS B 115 -41.55 -15.70 24.69
C LYS B 115 -42.10 -14.29 24.49
N VAL B 116 -42.30 -13.53 25.55
CA VAL B 116 -43.05 -12.26 25.37
C VAL B 116 -42.35 -11.24 24.49
N ASN B 117 -41.03 -11.19 24.59
CA ASN B 117 -40.34 -10.20 23.75
C ASN B 117 -40.21 -10.64 22.28
N ARG B 118 -40.08 -11.94 22.08
CA ARG B 118 -40.17 -12.47 20.73
C ARG B 118 -41.52 -12.21 20.07
N ILE B 119 -42.60 -12.31 20.87
CA ILE B 119 -43.93 -11.97 20.39
C ILE B 119 -43.98 -10.50 19.90
N ARG B 120 -43.36 -9.60 20.66
CA ARG B 120 -43.30 -8.17 20.35
C ARG B 120 -42.37 -7.81 19.20
N PHE B 121 -41.29 -8.57 19.06
CA PHE B 121 -40.13 -8.10 18.27
C PHE B 121 -39.86 -9.01 17.07
N LYS B 122 -40.93 -9.47 16.42
CA LYS B 122 -40.82 -10.30 15.19
C LYS B 122 -39.91 -11.53 15.35
N ASP B 123 -39.89 -12.08 16.57
CA ASP B 123 -39.18 -13.31 16.88
C ASP B 123 -37.66 -13.12 16.84
N HIS B 124 -37.20 -11.88 16.94
CA HIS B 124 -35.75 -11.64 17.01
C HIS B 124 -35.36 -11.46 18.47
N ASP B 125 -34.11 -11.11 18.74
CA ASP B 125 -33.66 -10.90 20.10
C ASP B 125 -33.82 -9.44 20.46
N PHE B 126 -34.76 -9.15 21.32
CA PHE B 126 -34.85 -7.83 21.96
C PHE B 126 -33.99 -7.83 23.23
N ALA B 127 -33.02 -6.91 23.29
CA ALA B 127 -32.18 -6.79 24.50
C ALA B 127 -33.01 -5.99 25.51
N ALA B 128 -33.59 -6.69 26.49
CA ALA B 128 -34.46 -6.06 27.44
C ALA B 128 -33.62 -5.25 28.42
N ILE B 129 -33.66 -3.91 28.30
CA ILE B 129 -32.75 -3.08 29.11
C ILE B 129 -33.50 -2.02 29.92
N ALA B 130 -32.89 -1.63 31.03
CA ALA B 130 -33.38 -0.55 31.85
C ALA B 130 -33.11 0.77 31.12
N ASP B 131 -33.72 1.85 31.64
CA ASP B 131 -33.37 3.22 31.20
C ASP B 131 -32.00 3.57 31.81
N TYR B 132 -31.07 4.06 30.99
CA TYR B 132 -29.70 4.29 31.45
C TYR B 132 -29.67 5.31 32.63
N LYS B 133 -30.35 6.45 32.47
CA LYS B 133 -30.30 7.47 33.54
C LYS B 133 -30.89 6.94 34.87
N MET B 134 -31.89 6.06 34.79
CA MET B 134 -32.42 5.43 36.01
C MET B 134 -31.38 4.50 36.65
N VAL B 135 -30.68 3.71 35.83
CA VAL B 135 -29.57 2.86 36.34
C VAL B 135 -28.51 3.72 37.03
N LYS B 136 -28.08 4.78 36.35
CA LYS B 136 -27.03 5.64 36.88
C LYS B 136 -27.47 6.28 38.22
N ALA B 137 -28.72 6.78 38.27
CA ALA B 137 -29.27 7.41 39.49
C ALA B 137 -29.31 6.42 40.65
N ALA B 138 -29.69 5.17 40.37
CA ALA B 138 -29.72 4.12 41.40
C ALA B 138 -28.32 3.77 41.92
N GLU B 139 -27.36 3.66 41.00
CA GLU B 139 -26.01 3.31 41.35
C GLU B 139 -25.39 4.45 42.18
N GLU B 140 -25.67 5.67 41.78
CA GLU B 140 -25.22 6.83 42.56
C GLU B 140 -25.90 6.98 43.91
N ALA B 141 -27.18 6.64 44.01
CA ALA B 141 -27.89 6.68 45.29
C ALA B 141 -27.29 5.65 46.23
N ALA B 142 -26.95 4.48 45.68
CA ALA B 142 -26.34 3.44 46.48
C ALA B 142 -25.01 3.93 47.02
N LYS B 143 -24.23 4.60 46.18
CA LYS B 143 -22.92 5.02 46.60
C LYS B 143 -23.04 6.06 47.70
N ALA B 144 -24.03 6.94 47.57
CA ALA B 144 -24.24 7.99 48.55
C ALA B 144 -24.66 7.44 49.92
N ARG B 145 -25.26 6.25 49.92
CA ARG B 145 -25.67 5.58 51.17
C ARG B 145 -24.57 4.67 51.69
N GLY B 146 -23.56 4.44 50.86
CA GLY B 146 -22.50 3.50 51.20
C GLY B 146 -22.93 2.06 51.03
N ILE B 147 -23.85 1.81 50.11
CA ILE B 147 -24.32 0.46 49.87
C ILE B 147 -23.67 -0.04 48.58
N ASP B 148 -22.99 -1.18 48.68
N ASP B 148 -23.02 -1.20 48.66
CA ASP B 148 -22.40 -1.84 47.52
CA ASP B 148 -22.39 -1.82 47.50
C ASP B 148 -23.52 -2.36 46.60
C ASP B 148 -23.41 -2.49 46.60
N VAL B 149 -23.31 -2.24 45.29
CA VAL B 149 -24.23 -2.82 44.33
C VAL B 149 -23.46 -3.40 43.19
N LYS B 150 -24.08 -4.35 42.49
CA LYS B 150 -23.56 -4.84 41.21
C LYS B 150 -24.58 -4.46 40.15
N VAL B 151 -24.10 -3.96 39.01
CA VAL B 151 -24.97 -3.62 37.89
C VAL B 151 -24.66 -4.61 36.78
N GLY B 152 -25.68 -5.31 36.30
CA GLY B 152 -25.45 -6.34 35.29
C GLY B 152 -26.76 -6.90 34.76
N ASN B 153 -26.69 -8.12 34.22
CA ASN B 153 -27.84 -8.81 33.70
C ASN B 153 -28.61 -9.61 34.76
N LEU B 154 -29.89 -9.33 34.87
CA LEU B 154 -30.79 -10.26 35.56
C LEU B 154 -31.19 -11.39 34.60
N PHE B 155 -31.77 -12.46 35.15
CA PHE B 155 -32.45 -13.44 34.31
C PHE B 155 -33.87 -13.58 34.83
N SER B 156 -34.84 -13.28 33.96
CA SER B 156 -36.27 -13.34 34.31
C SER B 156 -36.79 -14.71 33.91
N ALA B 157 -36.96 -15.58 34.91
CA ALA B 157 -37.37 -16.96 34.68
C ALA B 157 -38.87 -17.13 34.53
N GLU B 158 -39.28 -18.04 33.66
CA GLU B 158 -40.70 -18.46 33.60
C GLU B 158 -41.07 -19.45 34.71
N LEU B 159 -40.14 -20.35 35.04
CA LEU B 159 -40.50 -21.45 35.95
C LEU B 159 -39.59 -21.40 37.18
N PHE B 160 -40.16 -20.95 38.30
CA PHE B 160 -39.43 -20.90 39.56
C PHE B 160 -38.92 -22.31 39.84
N TYR B 161 -39.83 -23.29 39.76
CA TYR B 161 -39.47 -24.71 39.88
C TYR B 161 -39.03 -25.25 38.53
N THR B 162 -37.81 -24.89 38.10
CA THR B 162 -37.43 -25.13 36.71
C THR B 162 -37.15 -26.60 36.47
N PRO B 163 -37.62 -27.13 35.32
CA PRO B 163 -37.25 -28.47 34.88
C PRO B 163 -35.83 -28.54 34.32
N ASP B 164 -35.18 -27.39 34.18
CA ASP B 164 -33.82 -27.37 33.67
C ASP B 164 -32.85 -26.61 34.57
N PRO B 165 -32.53 -27.19 35.72
CA PRO B 165 -31.59 -26.51 36.61
C PRO B 165 -30.19 -26.34 36.02
N SER B 166 -29.83 -27.09 34.97
CA SER B 166 -28.50 -26.89 34.35
C SER B 166 -28.35 -25.47 33.77
N MET B 167 -29.47 -24.84 33.46
CA MET B 167 -29.43 -23.45 32.96
C MET B 167 -28.82 -22.45 33.98
N PHE B 168 -28.91 -22.74 35.28
CA PHE B 168 -28.31 -21.83 36.26
C PHE B 168 -26.79 -21.69 36.03
N ASP B 169 -26.12 -22.78 35.68
CA ASP B 169 -24.67 -22.71 35.38
C ASP B 169 -24.37 -21.87 34.12
N VAL B 170 -25.26 -21.97 33.12
CA VAL B 170 -25.11 -21.14 31.93
C VAL B 170 -25.26 -19.67 32.36
N MET B 171 -26.24 -19.40 33.21
CA MET B 171 -26.48 -18.03 33.70
C MET B 171 -25.25 -17.51 34.41
N ASP B 172 -24.70 -18.32 35.30
CA ASP B 172 -23.50 -17.90 36.00
C ASP B 172 -22.32 -17.65 35.05
N LYS B 173 -22.10 -18.54 34.10
CA LYS B 173 -21.01 -18.38 33.15
C LYS B 173 -21.15 -17.06 32.38
N TYR B 174 -22.38 -16.71 32.05
CA TYR B 174 -22.65 -15.47 31.34
C TYR B 174 -22.79 -14.22 32.23
N GLY B 175 -22.50 -14.35 33.51
CA GLY B 175 -22.44 -13.19 34.43
C GLY B 175 -23.75 -12.63 34.97
N ILE B 176 -24.82 -13.44 34.93
CA ILE B 176 -26.11 -13.06 35.52
C ILE B 176 -25.95 -12.77 37.00
N VAL B 177 -26.43 -11.61 37.43
CA VAL B 177 -26.20 -11.18 38.82
C VAL B 177 -27.37 -11.62 39.70
N GLY B 178 -28.51 -11.93 39.08
CA GLY B 178 -29.61 -12.49 39.86
C GLY B 178 -30.73 -13.03 39.00
N VAL B 179 -31.46 -14.02 39.57
CA VAL B 179 -32.59 -14.65 38.90
C VAL B 179 -33.86 -14.16 39.54
N GLU B 180 -34.71 -13.55 38.73
CA GLU B 180 -36.03 -13.23 39.23
C GLU B 180 -37.03 -13.65 38.16
N MET B 181 -38.18 -12.99 38.07
CA MET B 181 -39.19 -13.49 37.15
C MET B 181 -39.96 -12.38 36.45
N GLU B 182 -39.39 -11.19 36.39
CA GLU B 182 -40.21 -10.06 36.01
C GLU B 182 -39.53 -9.03 35.09
N ALA B 183 -38.30 -8.67 35.41
CA ALA B 183 -37.63 -7.52 34.76
C ALA B 183 -37.70 -7.53 33.24
N ALA B 184 -37.42 -8.68 32.62
CA ALA B 184 -37.44 -8.73 31.14
C ALA B 184 -38.81 -8.35 30.60
N GLY B 185 -39.87 -8.78 31.30
CA GLY B 185 -41.24 -8.37 30.93
C GLY B 185 -41.52 -6.88 31.15
N ILE B 186 -41.03 -6.36 32.27
CA ILE B 186 -41.24 -4.95 32.60
C ILE B 186 -40.52 -4.07 31.58
N TYR B 187 -39.29 -4.45 31.25
CA TYR B 187 -38.48 -3.72 30.30
C TYR B 187 -39.11 -3.79 28.89
N GLY B 188 -39.75 -4.92 28.57
CA GLY B 188 -40.43 -5.04 27.25
C GLY B 188 -41.62 -4.11 27.16
N VAL B 189 -42.43 -4.06 28.23
CA VAL B 189 -43.58 -3.14 28.28
C VAL B 189 -43.12 -1.68 28.20
N ALA B 190 -42.08 -1.33 28.97
CA ALA B 190 -41.60 0.06 28.99
C ALA B 190 -41.21 0.48 27.56
N ALA B 191 -40.50 -0.40 26.87
CA ALA B 191 -40.09 -0.07 25.50
C ALA B 191 -41.29 -0.04 24.56
N GLU B 192 -42.22 -0.98 24.69
CA GLU B 192 -43.36 -1.04 23.79
C GLU B 192 -44.19 0.23 23.98
N TYR B 193 -44.35 0.65 25.23
CA TYR B 193 -45.21 1.82 25.52
C TYR B 193 -44.47 3.14 25.69
N GLY B 194 -43.19 3.18 25.35
CA GLY B 194 -42.41 4.43 25.43
C GLY B 194 -42.26 5.00 26.83
N ALA B 195 -42.04 4.14 27.82
CA ALA B 195 -41.80 4.59 29.16
C ALA B 195 -40.41 4.12 29.61
N LYS B 196 -40.14 4.28 30.90
CA LYS B 196 -38.81 4.01 31.41
C LYS B 196 -38.91 3.11 32.61
N ALA B 197 -38.00 2.15 32.72
CA ALA B 197 -38.04 1.23 33.86
C ALA B 197 -36.65 0.83 34.35
N LEU B 198 -36.63 0.34 35.58
CA LEU B 198 -35.42 -0.18 36.21
C LEU B 198 -35.84 -1.25 37.21
N ALA B 199 -35.06 -2.30 37.35
CA ALA B 199 -35.28 -3.30 38.39
C ALA B 199 -34.06 -3.32 39.29
N ILE B 200 -34.28 -3.11 40.59
CA ILE B 200 -33.27 -3.28 41.62
C ILE B 200 -33.76 -4.45 42.46
N CYS B 201 -32.90 -5.41 42.77
CA CYS B 201 -33.37 -6.55 43.57
C CYS B 201 -32.44 -6.82 44.74
N THR B 202 -32.99 -7.43 45.78
CA THR B 202 -32.19 -7.89 46.89
C THR B 202 -32.09 -9.41 46.82
N VAL B 203 -30.88 -9.94 46.92
CA VAL B 203 -30.73 -11.38 46.88
C VAL B 203 -31.42 -11.99 48.10
N SER B 204 -32.39 -12.87 47.85
CA SER B 204 -33.17 -13.49 48.90
C SER B 204 -32.94 -15.00 49.05
N ASP B 205 -32.25 -15.61 48.08
CA ASP B 205 -32.01 -17.05 48.00
C ASP B 205 -30.63 -17.22 47.33
N HIS B 206 -29.85 -18.20 47.75
CA HIS B 206 -28.72 -18.62 46.93
C HIS B 206 -29.03 -19.94 46.26
N ILE B 207 -29.12 -19.90 44.94
CA ILE B 207 -29.50 -21.10 44.18
C ILE B 207 -28.44 -22.18 44.21
N LYS B 208 -27.17 -21.83 44.36
CA LYS B 208 -26.11 -22.85 44.44
C LYS B 208 -25.97 -23.46 45.85
N THR B 209 -25.99 -22.63 46.88
CA THR B 209 -25.81 -23.11 48.26
C THR B 209 -27.09 -23.55 48.94
N GLY B 210 -28.22 -22.94 48.59
CA GLY B 210 -29.50 -23.36 49.16
C GLY B 210 -30.02 -22.43 50.23
N GLU B 211 -29.19 -21.50 50.70
CA GLU B 211 -29.66 -20.49 51.65
C GLU B 211 -30.94 -19.79 51.17
N GLN B 212 -31.92 -19.65 52.06
CA GLN B 212 -33.23 -19.09 51.72
C GLN B 212 -33.70 -18.25 52.88
N THR B 213 -33.98 -16.96 52.64
CA THR B 213 -34.54 -16.06 53.67
C THR B 213 -36.01 -16.44 53.94
N THR B 214 -36.60 -15.90 55.00
CA THR B 214 -37.98 -16.27 55.31
C THR B 214 -38.93 -15.35 54.57
N SER B 215 -40.21 -15.72 54.53
CA SER B 215 -41.23 -14.87 53.93
C SER B 215 -41.30 -13.51 54.62
N GLU B 216 -41.20 -13.52 55.95
CA GLU B 216 -41.24 -12.29 56.74
C GLU B 216 -40.06 -11.37 56.39
N GLU B 217 -38.87 -11.96 56.25
CA GLU B 217 -37.68 -11.19 55.85
C GLU B 217 -37.85 -10.51 54.49
N ARG B 218 -38.40 -11.25 53.54
CA ARG B 218 -38.61 -10.72 52.18
C ARG B 218 -39.59 -9.56 52.22
N GLN B 219 -40.59 -9.68 53.09
CA GLN B 219 -41.66 -8.70 53.17
C GLN B 219 -41.24 -7.41 53.85
N ASN B 220 -40.49 -7.52 54.94
CA ASN B 220 -40.27 -6.40 55.85
C ASN B 220 -38.84 -5.98 56.12
N THR B 221 -37.85 -6.59 55.45
CA THR B 221 -36.48 -6.28 55.90
C THR B 221 -35.46 -5.94 54.83
N PHE B 222 -35.89 -5.87 53.58
CA PHE B 222 -35.00 -5.51 52.50
C PHE B 222 -34.98 -3.99 52.36
N ASN B 223 -34.47 -3.30 53.37
CA ASN B 223 -34.57 -1.83 53.37
C ASN B 223 -33.60 -1.11 52.43
N GLU B 224 -32.41 -1.66 52.24
CA GLU B 224 -31.43 -0.95 51.45
C GLU B 224 -31.90 -0.70 50.02
N MET B 225 -32.57 -1.70 49.43
CA MET B 225 -32.99 -1.53 48.04
C MET B 225 -34.07 -0.45 47.98
N ILE B 226 -34.90 -0.39 49.01
CA ILE B 226 -35.97 0.60 49.06
C ILE B 226 -35.35 1.99 49.18
N GLU B 227 -34.34 2.10 50.03
CA GLU B 227 -33.67 3.38 50.21
C GLU B 227 -33.04 3.82 48.91
N ILE B 228 -32.40 2.89 48.19
CA ILE B 228 -31.76 3.23 46.93
C ILE B 228 -32.78 3.68 45.91
N ALA B 229 -33.86 2.92 45.77
CA ALA B 229 -34.91 3.28 44.80
C ALA B 229 -35.42 4.71 45.03
N LEU B 230 -35.84 5.00 46.26
CA LEU B 230 -36.44 6.29 46.62
C LEU B 230 -35.46 7.44 46.41
N ASP B 231 -34.23 7.27 46.91
CA ASP B 231 -33.19 8.28 46.71
C ASP B 231 -32.93 8.49 45.22
N SER B 232 -32.99 7.39 44.45
CA SER B 232 -32.65 7.51 43.02
C SER B 232 -33.69 8.35 42.28
N VAL B 233 -34.91 8.35 42.78
CA VAL B 233 -35.95 9.20 42.20
C VAL B 233 -35.56 10.69 42.31
N LEU B 234 -35.10 11.09 43.51
CA LEU B 234 -34.70 12.48 43.75
C LEU B 234 -33.52 12.88 42.87
N ILE B 235 -32.55 11.99 42.78
CA ILE B 235 -31.41 12.22 41.90
C ILE B 235 -31.88 12.37 40.45
N GLY B 236 -32.74 11.46 40.01
CA GLY B 236 -33.24 11.44 38.64
C GLY B 236 -34.06 12.68 38.29
N ASP B 237 -34.62 13.33 39.32
CA ASP B 237 -35.41 14.53 39.13
C ASP B 237 -34.57 15.76 38.78
N GLN B 238 -33.32 15.82 39.22
CA GLN B 238 -32.46 16.98 38.98
C GLN B 238 -32.48 17.44 37.53
N ALA B 239 -32.70 18.73 37.30
CA ALA B 239 -32.67 19.25 35.91
C ALA B 239 -31.29 19.00 35.29
N GLY B 240 -31.29 18.54 34.04
CA GLY B 240 -30.04 18.25 33.33
C GLY B 240 -29.33 16.96 33.72
N TYR B 241 -29.92 16.18 34.63
CA TYR B 241 -29.26 14.94 35.07
C TYR B 241 -29.03 13.97 33.92
N ALA C 2 -40.32 -59.38 7.22
CA ALA C 2 -39.40 -59.29 8.38
C ALA C 2 -39.51 -57.94 9.09
N THR C 3 -39.71 -56.83 8.37
CA THR C 3 -39.94 -55.54 9.07
C THR C 3 -41.43 -55.25 9.22
N PRO C 4 -41.78 -54.28 10.06
CA PRO C 4 -43.21 -54.05 10.28
C PRO C 4 -43.94 -53.53 9.04
N HIS C 5 -43.19 -53.06 8.03
CA HIS C 5 -43.78 -52.40 6.85
C HIS C 5 -43.45 -53.10 5.52
N ILE C 6 -42.56 -54.09 5.56
CA ILE C 6 -42.11 -54.75 4.32
C ILE C 6 -41.96 -56.23 4.62
N ASN C 7 -42.76 -57.06 3.93
CA ASN C 7 -42.71 -58.52 4.14
C ASN C 7 -41.82 -59.18 3.08
N ALA C 8 -40.55 -58.76 3.05
CA ALA C 8 -39.54 -59.29 2.14
C ALA C 8 -38.31 -59.74 2.95
N GLN C 9 -37.41 -60.44 2.30
CA GLN C 9 -36.16 -60.90 2.93
C GLN C 9 -34.97 -60.15 2.34
N MET C 10 -33.88 -60.04 3.09
CA MET C 10 -32.64 -59.47 2.54
C MET C 10 -32.33 -60.20 1.23
N GLY C 11 -32.01 -59.44 0.19
CA GLY C 11 -31.76 -60.03 -1.12
C GLY C 11 -32.90 -59.83 -2.11
N ASP C 12 -34.10 -59.52 -1.61
CA ASP C 12 -35.27 -59.41 -2.48
C ASP C 12 -35.26 -58.12 -3.30
N PHE C 13 -34.59 -57.09 -2.78
CA PHE C 13 -34.44 -55.80 -3.45
C PHE C 13 -33.09 -55.66 -4.11
N ALA C 14 -33.06 -55.06 -5.28
CA ALA C 14 -31.80 -54.64 -5.90
C ALA C 14 -31.14 -53.58 -5.02
N ASP C 15 -29.90 -53.18 -5.35
CA ASP C 15 -29.22 -52.14 -4.59
C ASP C 15 -29.63 -50.75 -5.02
N VAL C 16 -30.48 -50.67 -6.04
CA VAL C 16 -31.05 -49.40 -6.48
C VAL C 16 -32.56 -49.58 -6.52
N VAL C 17 -33.31 -48.67 -5.89
CA VAL C 17 -34.77 -48.75 -5.89
C VAL C 17 -35.39 -47.45 -6.40
N LEU C 18 -36.24 -47.56 -7.43
CA LEU C 18 -37.12 -46.45 -7.85
C LEU C 18 -38.33 -46.40 -6.94
N MET C 19 -38.73 -45.18 -6.52
CA MET C 19 -39.82 -45.10 -5.58
C MET C 19 -40.76 -43.94 -5.92
N PRO C 20 -41.94 -44.27 -6.44
CA PRO C 20 -43.08 -43.34 -6.53
C PRO C 20 -43.81 -43.37 -5.18
N GLY C 21 -44.62 -42.35 -4.88
CA GLY C 21 -45.47 -42.40 -3.66
C GLY C 21 -46.58 -43.42 -3.79
N ASP C 22 -47.04 -43.61 -5.03
CA ASP C 22 -48.19 -44.45 -5.36
C ASP C 22 -47.77 -45.89 -5.66
N PRO C 23 -48.20 -46.84 -4.80
CA PRO C 23 -47.85 -48.25 -5.02
C PRO C 23 -48.40 -48.79 -6.37
N LEU C 24 -49.47 -48.20 -6.86
CA LEU C 24 -49.99 -48.57 -8.21
C LEU C 24 -49.14 -48.02 -9.37
N ARG C 25 -48.48 -46.88 -9.15
CA ARG C 25 -47.47 -46.46 -10.12
C ARG C 25 -46.24 -47.39 -10.05
N ALA C 26 -45.90 -47.91 -8.87
CA ALA C 26 -44.81 -48.89 -8.76
C ALA C 26 -45.15 -50.14 -9.58
N LYS C 27 -46.40 -50.61 -9.46
CA LYS C 27 -46.88 -51.76 -10.24
C LYS C 27 -46.83 -51.45 -11.75
N TYR C 28 -47.32 -50.29 -12.13
CA TYR C 28 -47.23 -49.85 -13.53
C TYR C 28 -45.80 -49.92 -14.05
N ILE C 29 -44.87 -49.38 -13.28
CA ILE C 29 -43.47 -49.36 -13.67
C ILE C 29 -42.91 -50.78 -13.81
N ALA C 30 -43.12 -51.61 -12.79
CA ALA C 30 -42.65 -53.00 -12.86
C ALA C 30 -43.21 -53.75 -14.06
N GLU C 31 -44.49 -53.57 -14.34
CA GLU C 31 -45.13 -54.33 -15.41
C GLU C 31 -44.79 -53.83 -16.81
N ASN C 32 -44.42 -52.56 -16.94
CA ASN C 32 -44.21 -51.98 -18.24
C ASN C 32 -42.80 -51.58 -18.59
N PHE C 33 -41.92 -51.43 -17.60
CA PHE C 33 -40.55 -50.98 -17.86
C PHE C 33 -39.45 -51.98 -17.45
N LEU C 34 -39.80 -52.98 -16.63
CA LEU C 34 -38.81 -53.97 -16.23
C LEU C 34 -39.14 -55.30 -16.88
N ASP C 35 -38.14 -56.14 -17.03
CA ASP C 35 -38.35 -57.52 -17.46
C ASP C 35 -38.45 -58.48 -16.26
N ASN C 36 -39.36 -59.45 -16.34
CA ASN C 36 -39.47 -60.52 -15.35
C ASN C 36 -39.59 -59.98 -13.92
N ALA C 37 -40.37 -58.93 -13.76
CA ALA C 37 -40.53 -58.34 -12.42
C ALA C 37 -41.38 -59.26 -11.58
N VAL C 38 -41.00 -59.39 -10.32
CA VAL C 38 -41.70 -60.21 -9.35
C VAL C 38 -42.07 -59.34 -8.15
N GLN C 39 -43.30 -59.46 -7.66
CA GLN C 39 -43.70 -58.71 -6.46
C GLN C 39 -42.99 -59.25 -5.21
N VAL C 40 -42.41 -58.36 -4.41
CA VAL C 40 -41.65 -58.80 -3.23
C VAL C 40 -42.23 -58.35 -1.90
N CYS C 41 -43.14 -57.38 -1.94
CA CYS C 41 -43.84 -56.95 -0.71
C CYS C 41 -45.22 -56.34 -0.99
N ASP C 42 -46.08 -56.37 0.02
CA ASP C 42 -47.45 -55.87 -0.15
C ASP C 42 -48.12 -55.45 1.18
N VAL C 43 -47.33 -55.32 2.25
CA VAL C 43 -47.90 -54.89 3.53
C VAL C 43 -48.51 -53.51 3.37
N ARG C 44 -49.70 -53.34 3.95
CA ARG C 44 -50.43 -52.07 3.89
C ARG C 44 -50.71 -51.63 2.46
N ASN C 45 -50.74 -52.60 1.52
CA ASN C 45 -50.93 -52.32 0.08
C ASN C 45 -49.77 -51.56 -0.54
N MET C 46 -48.63 -51.53 0.13
CA MET C 46 -47.47 -50.80 -0.41
C MET C 46 -46.62 -51.80 -1.20
N PHE C 47 -46.95 -51.95 -2.47
CA PHE C 47 -46.36 -52.95 -3.37
C PHE C 47 -44.93 -52.56 -3.71
N GLY C 48 -44.03 -53.54 -3.69
CA GLY C 48 -42.67 -53.39 -4.19
C GLY C 48 -42.39 -54.55 -5.14
N TYR C 49 -41.49 -54.34 -6.10
CA TYR C 49 -41.18 -55.35 -7.13
C TYR C 49 -39.70 -55.34 -7.43
N THR C 50 -39.18 -56.47 -7.90
CA THR C 50 -37.81 -56.53 -8.41
C THR C 50 -37.80 -57.20 -9.79
N GLY C 51 -37.12 -56.59 -10.76
CA GLY C 51 -36.97 -57.18 -12.09
C GLY C 51 -35.63 -56.72 -12.67
N THR C 52 -35.51 -56.71 -13.99
CA THR C 52 -34.28 -56.25 -14.61
C THR C 52 -34.60 -55.24 -15.70
N TYR C 53 -33.65 -54.33 -15.92
CA TYR C 53 -33.67 -53.36 -16.99
C TYR C 53 -32.37 -53.54 -17.76
N LYS C 54 -32.49 -54.00 -19.01
CA LYS C 54 -31.32 -54.33 -19.81
C LYS C 54 -30.40 -55.31 -19.07
N GLY C 55 -31.02 -56.19 -18.29
CA GLY C 55 -30.29 -57.23 -17.57
C GLY C 55 -29.83 -56.82 -16.19
N ARG C 56 -29.95 -55.53 -15.87
CA ARG C 56 -29.49 -54.99 -14.60
C ARG C 56 -30.62 -55.03 -13.55
N LYS C 57 -30.34 -55.65 -12.42
CA LYS C 57 -31.32 -55.81 -11.34
C LYS C 57 -31.74 -54.43 -10.83
N ILE C 58 -33.06 -54.18 -10.79
CA ILE C 58 -33.63 -52.90 -10.31
C ILE C 58 -34.93 -53.21 -9.59
N SER C 59 -35.19 -52.52 -8.48
CA SER C 59 -36.47 -52.67 -7.76
C SER C 59 -37.28 -51.38 -7.89
N VAL C 60 -38.58 -51.47 -7.63
CA VAL C 60 -39.44 -50.29 -7.60
C VAL C 60 -40.47 -50.56 -6.53
N MET C 61 -40.72 -49.55 -5.69
CA MET C 61 -41.63 -49.73 -4.56
C MET C 61 -42.18 -48.40 -4.12
N GLY C 62 -43.46 -48.38 -3.78
CA GLY C 62 -44.15 -47.13 -3.40
C GLY C 62 -43.65 -46.67 -2.03
N HIS C 63 -43.74 -45.37 -1.76
CA HIS C 63 -43.28 -44.88 -0.44
C HIS C 63 -44.38 -44.17 0.35
N GLY C 64 -45.60 -44.14 -0.23
CA GLY C 64 -46.71 -43.44 0.37
C GLY C 64 -46.56 -41.94 0.23
N MET C 65 -47.49 -41.20 0.84
CA MET C 65 -47.46 -39.74 0.73
C MET C 65 -46.87 -39.08 2.00
N GLY C 66 -45.98 -38.11 1.81
CA GLY C 66 -45.55 -37.31 2.97
C GLY C 66 -44.23 -37.78 3.55
N ILE C 67 -43.53 -36.88 4.21
CA ILE C 67 -42.20 -37.18 4.77
C ILE C 67 -42.22 -38.34 5.76
N PRO C 68 -43.19 -38.34 6.70
CA PRO C 68 -43.09 -39.44 7.68
C PRO C 68 -43.29 -40.83 7.07
N SER C 69 -44.16 -40.93 6.07
CA SER C 69 -44.39 -42.21 5.38
C SER C 69 -43.15 -42.66 4.62
N CYS C 70 -42.65 -41.79 3.73
CA CYS C 70 -41.52 -42.18 2.90
C CYS C 70 -40.27 -42.43 3.73
N SER C 71 -40.12 -41.71 4.85
CA SER C 71 -38.97 -41.95 5.71
C SER C 71 -38.95 -43.37 6.24
N ILE C 72 -40.11 -43.90 6.62
CA ILE C 72 -40.18 -45.28 7.09
C ILE C 72 -39.63 -46.23 6.03
N TYR C 73 -40.18 -46.11 4.84
CA TYR C 73 -39.81 -47.08 3.80
C TYR C 73 -38.34 -46.91 3.38
N VAL C 74 -37.93 -45.66 3.16
CA VAL C 74 -36.55 -45.43 2.71
C VAL C 74 -35.57 -45.92 3.78
N THR C 75 -35.85 -45.63 5.05
CA THR C 75 -34.98 -46.10 6.10
C THR C 75 -34.82 -47.61 6.13
N GLU C 76 -35.93 -48.33 6.03
CA GLU C 76 -35.90 -49.79 6.06
C GLU C 76 -35.14 -50.37 4.88
N LEU C 77 -35.36 -49.82 3.69
CA LEU C 77 -34.66 -50.29 2.50
C LEU C 77 -33.14 -50.18 2.67
N ILE C 78 -32.70 -49.03 3.20
CA ILE C 78 -31.28 -48.80 3.42
C ILE C 78 -30.75 -49.65 4.57
N LYS C 79 -31.40 -49.60 5.73
CA LYS C 79 -30.77 -50.25 6.89
C LYS C 79 -31.01 -51.77 6.97
N ASP C 80 -32.11 -52.24 6.38
CA ASP C 80 -32.48 -53.66 6.50
C ASP C 80 -32.30 -54.42 5.18
N TYR C 81 -32.31 -53.73 4.04
CA TYR C 81 -32.28 -54.46 2.76
C TYR C 81 -31.07 -54.12 1.92
N GLY C 82 -30.14 -53.39 2.52
CA GLY C 82 -28.85 -53.07 1.91
C GLY C 82 -28.91 -52.15 0.69
N VAL C 83 -30.02 -51.42 0.53
CA VAL C 83 -30.17 -50.52 -0.61
C VAL C 83 -29.15 -49.36 -0.55
N LYS C 84 -28.56 -49.04 -1.71
CA LYS C 84 -27.50 -48.05 -1.83
C LYS C 84 -27.99 -46.75 -2.46
N LYS C 85 -28.92 -46.87 -3.41
CA LYS C 85 -29.40 -45.68 -4.16
C LYS C 85 -30.92 -45.70 -4.26
N ILE C 86 -31.54 -44.56 -3.98
CA ILE C 86 -33.00 -44.39 -4.06
C ILE C 86 -33.30 -43.32 -5.07
N ILE C 87 -34.15 -43.62 -6.04
CA ILE C 87 -34.56 -42.59 -6.98
C ILE C 87 -36.08 -42.42 -6.86
N ARG C 88 -36.49 -41.35 -6.20
CA ARG C 88 -37.89 -41.04 -6.15
C ARG C 88 -38.36 -40.64 -7.54
N VAL C 89 -39.47 -41.22 -7.99
CA VAL C 89 -40.07 -40.89 -9.28
C VAL C 89 -41.50 -40.42 -8.99
N GLY C 90 -41.61 -39.12 -8.74
CA GLY C 90 -42.83 -38.58 -8.12
C GLY C 90 -43.60 -37.66 -9.04
N SER C 91 -44.66 -37.07 -8.50
CA SER C 91 -45.35 -35.98 -9.18
C SER C 91 -45.03 -34.72 -8.40
N CYS C 92 -45.45 -33.56 -8.90
CA CYS C 92 -45.24 -32.31 -8.15
C CYS C 92 -46.14 -31.22 -8.68
N GLY C 93 -46.30 -30.15 -7.91
CA GLY C 93 -47.12 -29.02 -8.37
C GLY C 93 -46.19 -27.89 -8.75
N ALA C 94 -46.47 -27.21 -9.86
CA ALA C 94 -45.66 -26.09 -10.29
C ALA C 94 -46.12 -24.76 -9.66
N VAL C 95 -45.18 -23.93 -9.24
CA VAL C 95 -45.48 -22.60 -8.78
C VAL C 95 -45.04 -21.52 -9.77
N ASN C 96 -44.20 -21.88 -10.75
CA ASN C 96 -43.72 -20.91 -11.72
C ASN C 96 -44.52 -21.00 -13.01
N GLU C 97 -44.94 -19.85 -13.55
CA GLU C 97 -45.79 -19.89 -14.74
C GLU C 97 -45.12 -20.49 -15.98
N GLY C 98 -43.80 -20.40 -16.06
CA GLY C 98 -43.06 -20.98 -17.16
C GLY C 98 -42.82 -22.47 -17.03
N ILE C 99 -43.28 -23.08 -15.93
CA ILE C 99 -43.14 -24.52 -15.72
C ILE C 99 -44.52 -25.14 -15.95
N LYS C 100 -44.59 -26.14 -16.83
CA LYS C 100 -45.89 -26.65 -17.30
C LYS C 100 -46.18 -28.07 -16.79
N VAL C 101 -47.47 -28.41 -16.73
CA VAL C 101 -47.88 -29.79 -16.50
C VAL C 101 -47.14 -30.76 -17.46
N ARG C 102 -46.68 -31.86 -16.92
CA ARG C 102 -45.88 -32.86 -17.61
C ARG C 102 -44.39 -32.53 -17.82
N ASP C 103 -43.95 -31.33 -17.43
CA ASP C 103 -42.51 -31.02 -17.42
C ASP C 103 -41.88 -31.93 -16.37
N VAL C 104 -40.63 -32.32 -16.62
CA VAL C 104 -39.88 -33.16 -15.69
C VAL C 104 -38.87 -32.25 -15.01
N VAL C 105 -38.80 -32.38 -13.69
CA VAL C 105 -37.89 -31.59 -12.89
C VAL C 105 -37.06 -32.50 -12.00
N ILE C 106 -35.86 -32.04 -11.67
CA ILE C 106 -34.92 -32.85 -10.87
C ILE C 106 -34.56 -32.04 -9.64
N GLY C 107 -34.72 -32.64 -8.45
CA GLY C 107 -34.47 -31.91 -7.21
C GLY C 107 -33.03 -32.05 -6.74
N MET C 108 -32.15 -31.13 -7.15
N MET C 108 -32.16 -31.13 -7.16
CA MET C 108 -30.80 -31.11 -6.60
CA MET C 108 -30.80 -31.13 -6.61
C MET C 108 -30.82 -30.78 -5.11
C MET C 108 -30.87 -30.86 -5.10
N GLY C 109 -31.81 -30.00 -4.70
CA GLY C 109 -32.06 -29.72 -3.29
C GLY C 109 -33.56 -29.85 -3.05
N ALA C 110 -33.93 -29.86 -1.77
CA ALA C 110 -35.35 -29.84 -1.38
C ALA C 110 -35.55 -28.99 -0.14
N CYS C 111 -36.25 -27.87 -0.29
CA CYS C 111 -36.66 -27.01 0.83
C CYS C 111 -37.79 -27.75 1.53
N THR C 112 -38.17 -27.33 2.74
CA THR C 112 -39.30 -27.97 3.43
C THR C 112 -39.81 -27.12 4.55
N ASP C 113 -41.08 -27.31 4.92
CA ASP C 113 -41.60 -26.75 6.17
C ASP C 113 -41.77 -27.80 7.27
N SER C 114 -41.25 -28.99 7.03
CA SER C 114 -41.21 -30.04 8.05
C SER C 114 -40.13 -29.74 9.08
N LYS C 115 -40.30 -30.31 10.26
CA LYS C 115 -39.33 -30.17 11.31
C LYS C 115 -38.35 -31.33 11.29
N VAL C 116 -38.50 -32.30 10.38
CA VAL C 116 -37.66 -33.51 10.54
C VAL C 116 -36.15 -33.27 10.47
N ASN C 117 -35.71 -32.37 9.62
CA ASN C 117 -34.25 -32.17 9.55
C ASN C 117 -33.69 -31.32 10.70
N ARG C 118 -34.52 -30.40 11.20
CA ARG C 118 -34.19 -29.68 12.42
C ARG C 118 -34.06 -30.62 13.60
N ILE C 119 -34.92 -31.63 13.65
CA ILE C 119 -34.81 -32.67 14.65
C ILE C 119 -33.49 -33.42 14.59
N ARG C 120 -33.05 -33.76 13.37
CA ARG C 120 -31.78 -34.45 13.15
C ARG C 120 -30.55 -33.53 13.38
N PHE C 121 -30.69 -32.24 13.11
CA PHE C 121 -29.50 -31.40 12.89
C PHE C 121 -29.41 -30.25 13.91
N LYS C 122 -29.72 -30.56 15.19
CA LYS C 122 -29.62 -29.59 16.29
C LYS C 122 -30.33 -28.28 16.02
N ASP C 123 -31.43 -28.36 15.30
CA ASP C 123 -32.30 -27.20 15.06
C ASP C 123 -31.62 -26.17 14.15
N HIS C 124 -30.58 -26.59 13.44
CA HIS C 124 -29.95 -25.72 12.42
C HIS C 124 -30.54 -26.00 11.03
N ASP C 125 -30.06 -25.32 9.97
CA ASP C 125 -30.55 -25.57 8.63
C ASP C 125 -29.70 -26.64 7.98
N PHE C 126 -30.26 -27.82 7.80
CA PHE C 126 -29.64 -28.86 6.98
C PHE C 126 -30.08 -28.65 5.54
N ALA C 127 -29.13 -28.47 4.63
CA ALA C 127 -29.47 -28.31 3.21
C ALA C 127 -29.77 -29.70 2.65
N ALA C 128 -31.04 -30.04 2.47
CA ALA C 128 -31.37 -31.40 2.05
C ALA C 128 -31.06 -31.54 0.57
N ILE C 129 -29.99 -32.24 0.25
CA ILE C 129 -29.55 -32.35 -1.15
C ILE C 129 -29.50 -33.78 -1.67
N ALA C 130 -29.67 -33.91 -2.98
CA ALA C 130 -29.45 -35.17 -3.67
C ALA C 130 -27.97 -35.50 -3.74
N ASP C 131 -27.67 -36.74 -4.10
CA ASP C 131 -26.33 -37.12 -4.45
C ASP C 131 -25.97 -36.48 -5.81
N TYR C 132 -24.84 -35.76 -5.89
CA TYR C 132 -24.44 -35.07 -7.12
C TYR C 132 -24.32 -35.98 -8.37
N LYS C 133 -23.60 -37.10 -8.25
CA LYS C 133 -23.44 -38.02 -9.39
C LYS C 133 -24.78 -38.55 -9.87
N MET C 134 -25.70 -38.77 -8.93
CA MET C 134 -27.06 -39.16 -9.33
C MET C 134 -27.80 -38.06 -10.11
N VAL C 135 -27.69 -36.81 -9.66
CA VAL C 135 -28.27 -35.67 -10.40
C VAL C 135 -27.69 -35.62 -11.82
N LYS C 136 -26.37 -35.69 -11.91
CA LYS C 136 -25.69 -35.55 -13.18
C LYS C 136 -26.12 -36.68 -14.12
N ALA C 137 -26.20 -37.89 -13.59
CA ALA C 137 -26.61 -39.06 -14.41
C ALA C 137 -28.04 -38.89 -14.90
N ALA C 138 -28.92 -38.30 -14.08
CA ALA C 138 -30.32 -38.16 -14.52
C ALA C 138 -30.44 -37.07 -15.58
N GLU C 139 -29.79 -35.94 -15.30
CA GLU C 139 -29.71 -34.83 -16.23
C GLU C 139 -29.17 -35.29 -17.63
N GLU C 140 -28.08 -36.05 -17.62
CA GLU C 140 -27.47 -36.52 -18.85
C GLU C 140 -28.37 -37.56 -19.54
N ALA C 141 -29.03 -38.41 -18.76
CA ALA C 141 -29.98 -39.37 -19.37
C ALA C 141 -31.11 -38.63 -20.11
N ALA C 142 -31.61 -37.55 -19.48
CA ALA C 142 -32.66 -36.75 -20.10
C ALA C 142 -32.20 -36.13 -21.40
N LYS C 143 -31.00 -35.55 -21.39
CA LYS C 143 -30.48 -34.92 -22.60
C LYS C 143 -30.32 -35.94 -23.73
N ALA C 144 -29.78 -37.11 -23.40
CA ALA C 144 -29.65 -38.18 -24.41
C ALA C 144 -30.98 -38.59 -25.05
N ARG C 145 -32.09 -38.46 -24.32
CA ARG C 145 -33.44 -38.74 -24.85
C ARG C 145 -34.13 -37.49 -25.42
N GLY C 146 -33.44 -36.36 -25.40
CA GLY C 146 -34.00 -35.08 -25.84
C GLY C 146 -35.16 -34.55 -24.98
N ILE C 147 -35.12 -34.84 -23.67
CA ILE C 147 -36.19 -34.42 -22.77
C ILE C 147 -35.63 -33.26 -21.92
N ASP C 148 -36.24 -32.09 -22.03
CA ASP C 148 -35.88 -30.93 -21.24
C ASP C 148 -36.12 -31.25 -19.76
N VAL C 149 -35.18 -30.87 -18.89
CA VAL C 149 -35.41 -30.98 -17.46
C VAL C 149 -34.85 -29.73 -16.79
N LYS C 150 -35.50 -29.28 -15.74
CA LYS C 150 -34.96 -28.22 -14.93
C LYS C 150 -34.33 -28.87 -13.70
N VAL C 151 -33.11 -28.46 -13.33
CA VAL C 151 -32.45 -28.97 -12.15
C VAL C 151 -32.41 -27.84 -11.09
N GLY C 152 -33.03 -28.08 -9.94
CA GLY C 152 -33.12 -27.03 -8.90
C GLY C 152 -33.73 -27.51 -7.60
N ASN C 153 -34.31 -26.57 -6.85
CA ASN C 153 -34.90 -26.87 -5.55
C ASN C 153 -36.34 -27.36 -5.69
N LEU C 154 -36.63 -28.51 -5.11
CA LEU C 154 -38.01 -28.84 -4.77
C LEU C 154 -38.42 -28.13 -3.48
N PHE C 155 -39.74 -28.13 -3.21
CA PHE C 155 -40.20 -27.77 -1.87
C PHE C 155 -41.05 -28.92 -1.37
N SER C 156 -40.59 -29.56 -0.29
CA SER C 156 -41.34 -30.69 0.30
C SER C 156 -42.29 -30.17 1.38
N ALA C 157 -43.57 -30.15 1.06
CA ALA C 157 -44.62 -29.57 1.91
C ALA C 157 -45.20 -30.58 2.89
N GLU C 158 -45.56 -30.09 4.08
CA GLU C 158 -46.29 -30.88 5.08
C GLU C 158 -47.77 -30.94 4.79
N LEU C 159 -48.33 -29.85 4.27
CA LEU C 159 -49.79 -29.76 4.13
C LEU C 159 -50.10 -29.48 2.69
N PHE C 160 -50.57 -30.52 2.01
CA PHE C 160 -51.06 -30.40 0.67
C PHE C 160 -52.13 -29.30 0.64
N TYR C 161 -53.10 -29.37 1.53
CA TYR C 161 -54.09 -28.30 1.63
C TYR C 161 -53.56 -27.23 2.55
N THR C 162 -52.59 -26.46 2.07
CA THR C 162 -51.92 -25.52 2.96
C THR C 162 -52.79 -24.39 3.53
N PRO C 163 -52.63 -24.09 4.82
CA PRO C 163 -53.30 -22.87 5.32
C PRO C 163 -52.58 -21.61 4.95
N ASP C 164 -51.41 -21.74 4.34
CA ASP C 164 -50.61 -20.57 3.96
C ASP C 164 -50.27 -20.57 2.47
N PRO C 165 -51.28 -20.38 1.61
CA PRO C 165 -50.94 -20.39 0.20
C PRO C 165 -50.04 -19.23 -0.22
N SER C 166 -49.94 -18.15 0.57
CA SER C 166 -48.98 -17.08 0.23
C SER C 166 -47.52 -17.60 0.13
N MET C 167 -47.24 -18.74 0.77
CA MET C 167 -45.91 -19.33 0.68
C MET C 167 -45.56 -19.74 -0.76
N PHE C 168 -46.58 -20.04 -1.58
CA PHE C 168 -46.28 -20.45 -2.96
C PHE C 168 -45.58 -19.31 -3.72
N ASP C 169 -45.98 -18.07 -3.46
N ASP C 169 -45.95 -18.06 -3.48
CA ASP C 169 -45.35 -16.90 -4.10
CA ASP C 169 -45.27 -16.99 -4.20
C ASP C 169 -43.87 -16.80 -3.68
C ASP C 169 -43.82 -16.82 -3.70
N VAL C 170 -43.59 -17.12 -2.42
CA VAL C 170 -42.23 -17.11 -1.87
C VAL C 170 -41.40 -18.21 -2.55
N MET C 171 -41.95 -19.42 -2.64
CA MET C 171 -41.26 -20.53 -3.36
C MET C 171 -40.91 -20.09 -4.78
N ASP C 172 -41.85 -19.44 -5.45
CA ASP C 172 -41.61 -19.07 -6.83
C ASP C 172 -40.49 -18.03 -6.93
N LYS C 173 -40.53 -17.03 -6.05
CA LYS C 173 -39.51 -15.99 -6.05
C LYS C 173 -38.12 -16.62 -5.84
N TYR C 174 -38.07 -17.66 -5.00
CA TYR C 174 -36.79 -18.32 -4.70
C TYR C 174 -36.41 -19.44 -5.66
N GLY C 175 -37.17 -19.59 -6.76
CA GLY C 175 -36.75 -20.50 -7.84
C GLY C 175 -37.13 -21.96 -7.67
N ILE C 176 -38.07 -22.23 -6.79
CA ILE C 176 -38.50 -23.62 -6.56
C ILE C 176 -39.11 -24.19 -7.82
N VAL C 177 -38.66 -25.39 -8.23
CA VAL C 177 -39.07 -25.95 -9.56
C VAL C 177 -40.33 -26.84 -9.43
N GLY C 178 -40.57 -27.36 -8.24
CA GLY C 178 -41.82 -28.09 -8.01
C GLY C 178 -42.09 -28.28 -6.51
N VAL C 179 -43.37 -28.40 -6.17
CA VAL C 179 -43.83 -28.70 -4.83
C VAL C 179 -44.25 -30.16 -4.74
N GLU C 180 -43.60 -30.91 -3.86
CA GLU C 180 -44.05 -32.25 -3.57
C GLU C 180 -44.08 -32.41 -2.04
N MET C 181 -43.93 -33.62 -1.50
CA MET C 181 -44.11 -33.77 -0.06
C MET C 181 -43.12 -34.76 0.56
N GLU C 182 -41.99 -34.98 -0.10
CA GLU C 182 -41.15 -36.14 0.27
C GLU C 182 -39.63 -35.94 0.19
N ALA C 183 -39.17 -35.27 -0.85
CA ALA C 183 -37.73 -35.27 -1.12
C ALA C 183 -36.87 -34.83 0.05
N ALA C 184 -37.27 -33.77 0.76
CA ALA C 184 -36.40 -33.29 1.86
C ALA C 184 -36.24 -34.33 2.93
N GLY C 185 -37.30 -35.10 3.15
CA GLY C 185 -37.24 -36.20 4.08
C GLY C 185 -36.40 -37.35 3.58
N ILE C 186 -36.56 -37.72 2.31
CA ILE C 186 -35.73 -38.79 1.72
C ILE C 186 -34.24 -38.41 1.77
N TYR C 187 -33.96 -37.17 1.41
CA TYR C 187 -32.57 -36.68 1.42
C TYR C 187 -32.01 -36.66 2.85
N GLY C 188 -32.86 -36.28 3.82
CA GLY C 188 -32.46 -36.33 5.23
C GLY C 188 -32.15 -37.76 5.68
N VAL C 189 -32.98 -38.72 5.29
CA VAL C 189 -32.69 -40.13 5.63
C VAL C 189 -31.39 -40.61 4.98
N ALA C 190 -31.22 -40.29 3.68
CA ALA C 190 -30.04 -40.77 2.98
C ALA C 190 -28.77 -40.22 3.63
N ALA C 191 -28.79 -38.96 4.06
CA ALA C 191 -27.62 -38.44 4.75
C ALA C 191 -27.45 -39.11 6.13
N GLU C 192 -28.54 -39.29 6.87
CA GLU C 192 -28.44 -39.88 8.20
C GLU C 192 -27.85 -41.28 8.14
N TYR C 193 -28.30 -42.04 7.14
CA TYR C 193 -27.95 -43.46 7.04
C TYR C 193 -26.81 -43.72 6.06
N GLY C 194 -26.24 -42.67 5.48
CA GLY C 194 -25.08 -42.79 4.60
C GLY C 194 -25.35 -43.46 3.26
N ALA C 195 -26.51 -43.21 2.67
CA ALA C 195 -26.82 -43.74 1.33
C ALA C 195 -26.99 -42.58 0.35
N LYS C 196 -27.50 -42.86 -0.84
CA LYS C 196 -27.60 -41.82 -1.83
C LYS C 196 -29.01 -41.76 -2.39
N ALA C 197 -29.48 -40.56 -2.69
CA ALA C 197 -30.86 -40.44 -3.18
C ALA C 197 -31.00 -39.31 -4.16
N LEU C 198 -32.09 -39.39 -4.93
CA LEU C 198 -32.41 -38.38 -5.92
C LEU C 198 -33.92 -38.40 -6.08
N ALA C 199 -34.52 -37.23 -6.28
CA ALA C 199 -35.95 -37.13 -6.61
C ALA C 199 -36.11 -36.51 -8.00
N ILE C 200 -36.81 -37.23 -8.88
CA ILE C 200 -37.20 -36.74 -10.18
C ILE C 200 -38.71 -36.70 -10.18
N CYS C 201 -39.31 -35.58 -10.58
CA CYS C 201 -40.75 -35.47 -10.54
C CYS C 201 -41.35 -34.98 -11.85
N THR C 202 -42.57 -35.43 -12.12
CA THR C 202 -43.36 -34.91 -13.21
C THR C 202 -44.43 -33.97 -12.69
N VAL C 203 -44.54 -32.79 -13.31
CA VAL C 203 -45.52 -31.81 -12.89
C VAL C 203 -46.91 -32.36 -13.23
N SER C 204 -47.73 -32.53 -12.18
CA SER C 204 -49.07 -33.09 -12.32
C SER C 204 -50.17 -32.05 -12.07
N ASP C 205 -49.77 -30.89 -11.53
CA ASP C 205 -50.69 -29.84 -11.05
C ASP C 205 -50.00 -28.52 -11.30
N HIS C 206 -50.76 -27.51 -11.72
CA HIS C 206 -50.22 -26.16 -11.70
C HIS C 206 -50.88 -25.37 -10.59
N ILE C 207 -50.09 -25.02 -9.57
CA ILE C 207 -50.64 -24.41 -8.37
C ILE C 207 -51.17 -23.01 -8.64
N LYS C 208 -50.56 -22.27 -9.57
CA LYS C 208 -51.05 -20.93 -9.89
C LYS C 208 -52.33 -20.98 -10.71
N THR C 209 -52.36 -21.80 -11.76
CA THR C 209 -53.51 -21.79 -12.68
C THR C 209 -54.62 -22.72 -12.22
N GLY C 210 -54.29 -23.71 -11.41
CA GLY C 210 -55.31 -24.64 -10.91
C GLY C 210 -55.48 -25.89 -11.77
N GLU C 211 -54.72 -25.99 -12.84
CA GLU C 211 -54.77 -27.16 -13.69
C GLU C 211 -54.34 -28.42 -12.91
N GLN C 212 -55.09 -29.51 -13.08
CA GLN C 212 -54.86 -30.76 -12.34
C GLN C 212 -55.02 -31.98 -13.24
N THR C 213 -54.03 -32.85 -13.33
CA THR C 213 -54.19 -34.10 -14.09
C THR C 213 -55.05 -35.10 -13.30
N THR C 214 -55.58 -36.13 -13.95
CA THR C 214 -56.46 -37.07 -13.25
C THR C 214 -55.63 -38.10 -12.48
N SER C 215 -56.24 -38.82 -11.54
CA SER C 215 -55.51 -39.89 -10.85
C SER C 215 -55.00 -41.00 -11.80
N GLU C 216 -55.79 -41.27 -12.83
N GLU C 216 -55.75 -41.32 -12.87
CA GLU C 216 -55.42 -42.19 -13.87
CA GLU C 216 -55.22 -42.30 -13.84
C GLU C 216 -54.10 -41.76 -14.55
C GLU C 216 -53.97 -41.76 -14.52
N GLU C 217 -54.00 -40.49 -14.89
CA GLU C 217 -52.84 -39.94 -15.58
C GLU C 217 -51.60 -40.06 -14.69
N ARG C 218 -51.76 -39.76 -13.41
CA ARG C 218 -50.61 -39.77 -12.49
C ARG C 218 -50.11 -41.19 -12.34
N GLN C 219 -51.04 -42.14 -12.38
CA GLN C 219 -50.70 -43.53 -12.12
C GLN C 219 -50.02 -44.23 -13.29
N ASN C 220 -50.50 -43.97 -14.51
CA ASN C 220 -50.15 -44.81 -15.64
C ASN C 220 -49.47 -44.09 -16.82
N THR C 221 -49.21 -42.79 -16.71
CA THR C 221 -48.79 -42.05 -17.92
C THR C 221 -47.55 -41.15 -17.80
N PHE C 222 -46.87 -41.14 -16.64
CA PHE C 222 -45.70 -40.29 -16.49
C PHE C 222 -44.46 -41.07 -16.88
N ASN C 223 -44.30 -41.30 -18.18
CA ASN C 223 -43.35 -42.25 -18.68
C ASN C 223 -41.95 -41.68 -18.80
N GLU C 224 -41.85 -40.42 -19.20
CA GLU C 224 -40.53 -39.81 -19.37
C GLU C 224 -39.68 -39.89 -18.11
N MET C 225 -40.26 -39.57 -16.94
CA MET C 225 -39.42 -39.61 -15.74
C MET C 225 -38.92 -41.02 -15.46
N ILE C 226 -39.73 -42.03 -15.80
CA ILE C 226 -39.32 -43.42 -15.58
C ILE C 226 -38.14 -43.79 -16.50
N GLU C 227 -38.24 -43.39 -17.76
CA GLU C 227 -37.18 -43.68 -18.73
C GLU C 227 -35.87 -42.99 -18.28
N ILE C 228 -36.00 -41.75 -17.82
CA ILE C 228 -34.83 -40.99 -17.36
C ILE C 228 -34.21 -41.69 -16.13
N ALA C 229 -35.05 -42.05 -15.17
CA ALA C 229 -34.56 -42.67 -13.93
C ALA C 229 -33.82 -43.96 -14.28
N LEU C 230 -34.45 -44.80 -15.10
CA LEU C 230 -33.86 -46.09 -15.45
C LEU C 230 -32.57 -45.93 -16.21
N ASP C 231 -32.55 -45.06 -17.21
CA ASP C 231 -31.31 -44.83 -17.93
C ASP C 231 -30.24 -44.28 -16.98
N SER C 232 -30.65 -43.47 -16.01
CA SER C 232 -29.65 -42.85 -15.14
C SER C 232 -29.02 -43.87 -14.23
N VAL C 233 -29.74 -44.93 -13.90
CA VAL C 233 -29.13 -46.04 -13.13
C VAL C 233 -27.96 -46.66 -13.91
N LEU C 234 -28.16 -46.94 -15.19
CA LEU C 234 -27.07 -47.55 -15.99
C LEU C 234 -25.91 -46.59 -16.18
N ILE C 235 -26.22 -45.31 -16.38
CA ILE C 235 -25.15 -44.32 -16.50
C ILE C 235 -24.33 -44.29 -15.19
N GLY C 236 -25.01 -44.24 -14.04
CA GLY C 236 -24.35 -44.19 -12.73
C GLY C 236 -23.58 -45.44 -12.36
N ASP C 237 -23.92 -46.56 -12.97
CA ASP C 237 -23.20 -47.83 -12.76
C ASP C 237 -21.79 -47.80 -13.30
N GLN C 238 -21.51 -46.93 -14.27
CA GLN C 238 -20.19 -46.92 -14.92
C GLN C 238 -19.06 -46.62 -13.94
N ALA C 239 -18.05 -47.49 -13.98
CA ALA C 239 -16.91 -47.45 -13.06
C ALA C 239 -16.45 -46.02 -12.76
N GLY C 240 -15.86 -45.37 -13.76
CA GLY C 240 -15.32 -44.02 -13.53
C GLY C 240 -16.29 -42.88 -13.78
N TYR C 241 -17.58 -43.09 -13.54
CA TYR C 241 -18.54 -42.00 -13.75
C TYR C 241 -18.44 -40.90 -12.67
N ALA D 2 1.09 -16.87 16.61
CA ALA D 2 0.10 -16.26 15.66
C ALA D 2 -1.19 -17.07 15.46
N THR D 3 -2.26 -16.39 15.06
CA THR D 3 -3.51 -17.09 14.71
C THR D 3 -3.70 -16.98 13.22
N PRO D 4 -4.74 -17.65 12.68
CA PRO D 4 -4.98 -17.58 11.26
C PRO D 4 -5.35 -16.18 10.85
N HIS D 5 -5.75 -15.35 11.81
CA HIS D 5 -6.34 -14.04 11.48
C HIS D 5 -5.52 -12.85 11.95
N ILE D 6 -4.50 -13.11 12.80
CA ILE D 6 -3.72 -12.01 13.42
C ILE D 6 -2.27 -12.44 13.48
N ASN D 7 -1.40 -11.73 12.76
CA ASN D 7 0.03 -12.07 12.69
C ASN D 7 0.78 -11.26 13.73
N ALA D 8 0.41 -11.49 14.99
CA ALA D 8 1.04 -10.79 16.10
C ALA D 8 1.37 -11.79 17.21
N GLN D 9 2.11 -11.32 18.21
CA GLN D 9 2.48 -12.13 19.37
C GLN D 9 1.87 -11.52 20.63
N MET D 10 1.65 -12.38 21.64
CA MET D 10 1.17 -11.94 22.96
C MET D 10 2.01 -10.77 23.42
N GLY D 11 1.39 -9.72 23.92
CA GLY D 11 2.12 -8.53 24.30
C GLY D 11 2.06 -7.43 23.26
N ASP D 12 1.80 -7.77 22.00
CA ASP D 12 1.70 -6.74 20.95
C ASP D 12 0.50 -5.79 21.12
N PHE D 13 -0.57 -6.27 21.76
CA PHE D 13 -1.73 -5.45 22.02
C PHE D 13 -1.78 -4.95 23.44
N ALA D 14 -2.34 -3.78 23.62
CA ALA D 14 -2.66 -3.23 24.94
C ALA D 14 -3.80 -4.05 25.51
N ASP D 15 -4.14 -3.81 26.78
CA ASP D 15 -5.27 -4.56 27.37
C ASP D 15 -6.63 -3.98 27.01
N VAL D 16 -6.62 -2.83 26.35
CA VAL D 16 -7.84 -2.20 25.83
C VAL D 16 -7.68 -1.99 24.33
N VAL D 17 -8.71 -2.32 23.52
CA VAL D 17 -8.62 -2.17 22.05
C VAL D 17 -9.84 -1.44 21.52
N LEU D 18 -9.61 -0.34 20.81
CA LEU D 18 -10.69 0.32 20.06
C LEU D 18 -10.86 -0.42 18.74
N MET D 19 -12.09 -0.69 18.33
CA MET D 19 -12.30 -1.48 17.10
C MET D 19 -13.37 -0.89 16.23
N PRO D 20 -12.98 -0.27 15.09
CA PRO D 20 -13.98 0.06 14.06
C PRO D 20 -14.09 -1.16 13.14
N GLY D 21 -15.12 -1.25 12.31
CA GLY D 21 -15.18 -2.40 11.37
C GLY D 21 -14.19 -2.18 10.22
N ASP D 22 -13.92 -0.91 9.92
CA ASP D 22 -13.07 -0.52 8.78
C ASP D 22 -11.59 -0.45 9.20
N PRO D 23 -10.75 -1.33 8.61
CA PRO D 23 -9.32 -1.27 9.03
C PRO D 23 -8.68 0.06 8.65
N LEU D 24 -9.21 0.75 7.64
CA LEU D 24 -8.62 2.04 7.29
C LEU D 24 -9.03 3.10 8.31
N ARG D 25 -10.14 2.88 9.01
CA ARG D 25 -10.47 3.80 10.13
C ARG D 25 -9.54 3.50 11.32
N ALA D 26 -9.16 2.24 11.51
CA ALA D 26 -8.20 1.95 12.58
C ALA D 26 -6.86 2.66 12.27
N LYS D 27 -6.47 2.64 11.01
CA LYS D 27 -5.22 3.30 10.58
C LYS D 27 -5.31 4.80 10.84
N TYR D 28 -6.44 5.39 10.48
CA TYR D 28 -6.68 6.79 10.73
C TYR D 28 -6.57 7.14 12.22
N ILE D 29 -7.20 6.33 13.07
CA ILE D 29 -7.16 6.53 14.52
C ILE D 29 -5.72 6.42 15.05
N ALA D 30 -5.02 5.36 14.66
CA ALA D 30 -3.65 5.18 15.15
C ALA D 30 -2.73 6.35 14.74
N GLU D 31 -2.80 6.75 13.48
CA GLU D 31 -1.91 7.79 12.95
C GLU D 31 -2.23 9.18 13.45
N ASN D 32 -3.47 9.41 13.85
CA ASN D 32 -3.87 10.76 14.24
C ASN D 32 -4.18 11.01 15.70
N PHE D 33 -4.30 9.94 16.49
CA PHE D 33 -4.66 10.10 17.91
C PHE D 33 -3.63 9.46 18.85
N LEU D 34 -2.80 8.56 18.35
CA LEU D 34 -1.84 7.91 19.26
C LEU D 34 -0.42 8.41 19.00
N ASP D 35 0.38 8.41 20.06
CA ASP D 35 1.82 8.57 19.88
C ASP D 35 2.50 7.22 19.70
N ASN D 36 3.63 7.22 19.00
CA ASN D 36 4.48 6.06 18.91
C ASN D 36 3.70 4.88 18.31
N ALA D 37 2.82 5.13 17.34
CA ALA D 37 1.96 4.05 16.83
C ALA D 37 2.80 3.04 16.04
N VAL D 38 2.53 1.77 16.23
CA VAL D 38 3.20 0.74 15.46
C VAL D 38 2.14 -0.22 14.92
N GLN D 39 2.21 -0.58 13.63
CA GLN D 39 1.29 -1.59 13.08
C GLN D 39 1.69 -2.96 13.64
N VAL D 40 0.74 -3.70 14.22
CA VAL D 40 1.07 -5.00 14.78
C VAL D 40 0.44 -6.19 14.03
N CYS D 41 -0.50 -5.93 13.12
CA CYS D 41 -1.04 -7.00 12.28
C CYS D 41 -1.66 -6.49 10.98
N ASP D 42 -1.75 -7.37 9.98
CA ASP D 42 -2.25 -6.98 8.69
C ASP D 42 -2.76 -8.17 7.83
N VAL D 43 -3.08 -9.29 8.47
CA VAL D 43 -3.66 -10.43 7.76
C VAL D 43 -5.03 -10.04 7.18
N ARG D 44 -5.30 -10.50 5.95
CA ARG D 44 -6.54 -10.15 5.26
C ARG D 44 -6.77 -8.64 5.20
N ASN D 45 -5.67 -7.89 5.25
CA ASN D 45 -5.74 -6.43 5.28
C ASN D 45 -6.42 -5.91 6.52
N MET D 46 -6.55 -6.75 7.55
CA MET D 46 -7.23 -6.27 8.77
C MET D 46 -6.22 -5.66 9.72
N PHE D 47 -5.97 -4.37 9.51
CA PHE D 47 -4.89 -3.64 10.17
C PHE D 47 -5.16 -3.44 11.67
N GLY D 48 -4.13 -3.63 12.48
CA GLY D 48 -4.17 -3.35 13.92
C GLY D 48 -2.89 -2.63 14.34
N TYR D 49 -2.98 -1.80 15.37
CA TYR D 49 -1.88 -0.92 15.79
C TYR D 49 -1.86 -0.81 17.28
N THR D 50 -0.69 -0.48 17.82
CA THR D 50 -0.62 -0.15 19.23
C THR D 50 0.20 1.13 19.40
N GLY D 51 -0.29 2.05 20.25
CA GLY D 51 0.47 3.27 20.57
C GLY D 51 0.10 3.73 21.97
N THR D 52 0.32 5.01 22.26
CA THR D 52 0.03 5.50 23.59
C THR D 52 -0.86 6.73 23.46
N TYR D 53 -1.75 6.88 24.44
CA TYR D 53 -2.55 8.09 24.55
C TYR D 53 -2.41 8.62 26.00
N LYS D 54 -1.82 9.81 26.16
CA LYS D 54 -1.58 10.39 27.48
C LYS D 54 -0.95 9.38 28.45
N GLY D 55 0.13 8.75 28.00
CA GLY D 55 0.88 7.79 28.84
C GLY D 55 0.35 6.37 28.83
N ARG D 56 -0.81 6.17 28.22
CA ARG D 56 -1.56 4.93 28.36
C ARG D 56 -1.41 4.11 27.09
N LYS D 57 -0.99 2.85 27.23
CA LYS D 57 -0.90 1.95 26.09
C LYS D 57 -2.33 1.62 25.58
N ILE D 58 -2.57 1.82 24.29
CA ILE D 58 -3.90 1.58 23.69
C ILE D 58 -3.74 0.99 22.29
N SER D 59 -4.55 -0.01 21.95
CA SER D 59 -4.49 -0.58 20.59
C SER D 59 -5.73 -0.20 19.82
N VAL D 60 -5.65 -0.30 18.48
CA VAL D 60 -6.82 -0.04 17.64
C VAL D 60 -6.76 -1.00 16.47
N MET D 61 -7.87 -1.70 16.19
CA MET D 61 -7.82 -2.76 15.16
C MET D 61 -9.16 -2.93 14.53
N GLY D 62 -9.17 -3.17 13.22
CA GLY D 62 -10.45 -3.35 12.50
C GLY D 62 -11.05 -4.69 12.88
N HIS D 63 -12.39 -4.80 12.81
CA HIS D 63 -13.07 -6.08 13.06
C HIS D 63 -13.89 -6.63 11.89
N GLY D 64 -13.87 -5.94 10.74
CA GLY D 64 -14.63 -6.40 9.59
C GLY D 64 -16.11 -6.11 9.75
N MET D 65 -16.92 -6.49 8.77
CA MET D 65 -18.36 -6.23 8.89
C MET D 65 -19.12 -7.47 9.33
N GLY D 66 -20.02 -7.28 10.28
CA GLY D 66 -20.97 -8.30 10.67
C GLY D 66 -20.54 -9.14 11.87
N ILE D 67 -21.51 -9.77 12.51
CA ILE D 67 -21.23 -10.55 13.74
C ILE D 67 -20.19 -11.67 13.59
N PRO D 68 -20.25 -12.47 12.52
CA PRO D 68 -19.28 -13.57 12.51
C PRO D 68 -17.85 -13.07 12.31
N SER D 69 -17.70 -12.00 11.54
CA SER D 69 -16.35 -11.39 11.38
C SER D 69 -15.80 -10.82 12.69
N CYS D 70 -16.51 -9.87 13.28
CA CYS D 70 -15.99 -9.26 14.52
C CYS D 70 -15.84 -10.31 15.61
N SER D 71 -16.72 -11.33 15.65
CA SER D 71 -16.54 -12.39 16.67
C SER D 71 -15.19 -13.10 16.60
N ILE D 72 -14.67 -13.34 15.40
CA ILE D 72 -13.36 -14.01 15.29
C ILE D 72 -12.29 -13.12 15.94
N TYR D 73 -12.30 -11.85 15.57
CA TYR D 73 -11.23 -10.94 16.01
C TYR D 73 -11.31 -10.67 17.51
N VAL D 74 -12.53 -10.44 18.00
CA VAL D 74 -12.71 -10.14 19.42
C VAL D 74 -12.34 -11.36 20.27
N THR D 75 -12.75 -12.54 19.81
CA THR D 75 -12.45 -13.78 20.56
C THR D 75 -10.94 -14.00 20.65
N GLU D 76 -10.26 -13.84 19.53
CA GLU D 76 -8.79 -13.99 19.53
C GLU D 76 -8.10 -12.96 20.42
N LEU D 77 -8.54 -11.72 20.34
CA LEU D 77 -7.90 -10.70 21.17
C LEU D 77 -8.03 -11.05 22.65
N ILE D 78 -9.23 -11.46 23.05
CA ILE D 78 -9.44 -11.84 24.45
C ILE D 78 -8.69 -13.10 24.79
N LYS D 79 -8.93 -14.18 24.06
CA LYS D 79 -8.35 -15.44 24.56
C LYS D 79 -6.87 -15.64 24.22
N ASP D 80 -6.37 -15.00 23.16
CA ASP D 80 -4.95 -15.21 22.76
C ASP D 80 -4.02 -14.05 23.10
N TYR D 81 -4.57 -12.85 23.22
CA TYR D 81 -3.72 -11.66 23.39
C TYR D 81 -3.92 -10.94 24.71
N GLY D 82 -4.72 -11.52 25.61
CA GLY D 82 -4.90 -10.95 26.96
C GLY D 82 -5.73 -9.69 27.04
N VAL D 83 -6.48 -9.42 26.00
CA VAL D 83 -7.28 -8.19 25.99
C VAL D 83 -8.46 -8.22 26.99
N LYS D 84 -8.64 -7.15 27.74
CA LYS D 84 -9.64 -7.06 28.81
C LYS D 84 -10.88 -6.26 28.44
N LYS D 85 -10.70 -5.23 27.61
CA LYS D 85 -11.84 -4.35 27.26
C LYS D 85 -11.76 -4.11 25.79
N ILE D 86 -12.93 -4.11 25.15
CA ILE D 86 -13.05 -3.80 23.74
C ILE D 86 -14.01 -2.62 23.64
N ILE D 87 -13.63 -1.55 22.92
CA ILE D 87 -14.57 -0.50 22.59
C ILE D 87 -14.72 -0.44 21.06
N ARG D 88 -15.88 -0.86 20.58
CA ARG D 88 -16.18 -0.74 19.18
C ARG D 88 -16.44 0.73 18.95
N VAL D 89 -15.79 1.28 17.91
CA VAL D 89 -16.00 2.66 17.47
C VAL D 89 -16.51 2.63 16.03
N GLY D 90 -17.84 2.57 15.90
CA GLY D 90 -18.42 2.15 14.64
C GLY D 90 -19.26 3.25 14.02
N SER D 91 -19.89 2.92 12.91
CA SER D 91 -20.95 3.79 12.33
C SER D 91 -22.28 3.07 12.58
N CYS D 92 -23.40 3.74 12.26
CA CYS D 92 -24.73 3.11 12.40
C CYS D 92 -25.73 3.92 11.60
N GLY D 93 -26.87 3.33 11.26
CA GLY D 93 -27.94 4.06 10.57
C GLY D 93 -29.02 4.36 11.60
N ALA D 94 -29.58 5.56 11.55
CA ALA D 94 -30.60 5.94 12.50
C ALA D 94 -31.97 5.59 11.95
N VAL D 95 -32.89 5.19 12.83
CA VAL D 95 -34.28 4.98 12.44
C VAL D 95 -35.24 5.98 13.08
N ASN D 96 -34.81 6.65 14.15
CA ASN D 96 -35.67 7.64 14.79
C ASN D 96 -35.55 9.03 14.15
N GLU D 97 -36.67 9.72 14.02
CA GLU D 97 -36.62 11.02 13.36
C GLU D 97 -35.78 12.04 14.14
N GLY D 98 -35.66 11.87 15.45
CA GLY D 98 -34.93 12.82 16.31
C GLY D 98 -33.42 12.58 16.39
N ILE D 99 -32.95 11.54 15.71
CA ILE D 99 -31.53 11.20 15.74
C ILE D 99 -30.97 11.51 14.36
N LYS D 100 -29.92 12.33 14.32
CA LYS D 100 -29.38 12.91 13.08
C LYS D 100 -28.04 12.29 12.66
N VAL D 101 -27.71 12.38 11.38
CA VAL D 101 -26.36 12.02 10.94
C VAL D 101 -25.30 12.79 11.76
N ARG D 102 -24.24 12.08 12.13
CA ARG D 102 -23.18 12.60 13.00
C ARG D 102 -23.46 12.62 14.50
N ASP D 103 -24.69 12.28 14.94
CA ASP D 103 -24.93 12.12 16.36
C ASP D 103 -24.11 10.92 16.86
N VAL D 104 -23.71 10.97 18.12
CA VAL D 104 -23.01 9.83 18.74
C VAL D 104 -23.98 9.06 19.66
N VAL D 105 -24.04 7.73 19.49
CA VAL D 105 -24.93 6.90 20.32
C VAL D 105 -24.08 5.84 21.02
N ILE D 106 -24.55 5.40 22.18
CA ILE D 106 -23.79 4.42 22.96
C ILE D 106 -24.73 3.25 23.20
N GLY D 107 -24.32 2.03 22.85
CA GLY D 107 -25.24 0.90 22.98
C GLY D 107 -25.08 0.26 24.34
N MET D 108 -25.89 0.66 25.32
N MET D 108 -25.90 0.65 25.32
CA MET D 108 -25.90 -0.07 26.59
CA MET D 108 -25.92 -0.05 26.60
C MET D 108 -26.34 -1.51 26.34
C MET D 108 -26.42 -1.49 26.41
N GLY D 109 -27.27 -1.68 25.39
CA GLY D 109 -27.67 -3.02 24.93
C GLY D 109 -27.63 -3.12 23.40
N ALA D 110 -27.74 -4.34 22.87
CA ALA D 110 -27.85 -4.51 21.42
C ALA D 110 -28.81 -5.63 21.09
N CYS D 111 -29.92 -5.27 20.41
CA CYS D 111 -30.87 -6.26 19.89
C CYS D 111 -30.22 -6.88 18.66
N THR D 112 -30.78 -7.99 18.19
CA THR D 112 -30.23 -8.59 16.96
C THR D 112 -31.16 -9.58 16.39
N ASP D 113 -31.03 -9.81 15.07
CA ASP D 113 -31.75 -10.94 14.47
C ASP D 113 -30.80 -12.10 14.16
N SER D 114 -29.56 -12.02 14.69
CA SER D 114 -28.63 -13.13 14.62
C SER D 114 -29.05 -14.27 15.55
N LYS D 115 -28.63 -15.50 15.21
CA LYS D 115 -28.87 -16.64 16.07
C LYS D 115 -27.72 -16.86 17.07
N VAL D 116 -26.66 -16.04 17.02
CA VAL D 116 -25.44 -16.45 17.79
C VAL D 116 -25.66 -16.54 19.31
N ASN D 117 -26.47 -15.64 19.87
CA ASN D 117 -26.63 -15.66 21.33
C ASN D 117 -27.61 -16.77 21.75
N ARG D 118 -28.54 -17.14 20.86
CA ARG D 118 -29.39 -18.28 21.12
C ARG D 118 -28.57 -19.56 21.09
N ILE D 119 -27.59 -19.61 20.19
CA ILE D 119 -26.67 -20.75 20.17
C ILE D 119 -25.91 -20.85 21.48
N ARG D 120 -25.52 -19.70 22.05
CA ARG D 120 -24.78 -19.69 23.33
C ARG D 120 -25.69 -19.99 24.51
N PHE D 121 -26.95 -19.57 24.42
CA PHE D 121 -27.75 -19.38 25.66
C PHE D 121 -28.96 -20.30 25.72
N LYS D 122 -28.75 -21.56 25.29
CA LYS D 122 -29.85 -22.54 25.27
C LYS D 122 -31.13 -22.09 24.59
N ASP D 123 -31.00 -21.33 23.50
CA ASP D 123 -32.12 -20.87 22.70
C ASP D 123 -33.08 -19.97 23.50
N HIS D 124 -32.60 -19.43 24.61
CA HIS D 124 -33.35 -18.37 25.33
C HIS D 124 -32.86 -16.98 24.94
N ASP D 125 -33.40 -15.95 25.60
CA ASP D 125 -33.09 -14.59 25.23
C ASP D 125 -31.94 -14.10 26.11
N PHE D 126 -30.74 -13.93 25.52
CA PHE D 126 -29.64 -13.29 26.20
C PHE D 126 -29.73 -11.80 25.93
N ALA D 127 -29.83 -10.97 26.98
CA ALA D 127 -29.80 -9.51 26.78
C ALA D 127 -28.34 -9.12 26.56
N ALA D 128 -28.01 -8.82 25.30
CA ALA D 128 -26.62 -8.48 24.94
C ALA D 128 -26.34 -7.07 25.43
N ILE D 129 -25.58 -6.97 26.51
CA ILE D 129 -25.33 -5.66 27.12
C ILE D 129 -23.87 -5.32 27.19
N ALA D 130 -23.60 -4.01 27.19
CA ALA D 130 -22.26 -3.49 27.47
C ALA D 130 -21.92 -3.64 28.96
N ASP D 131 -20.66 -3.39 29.30
CA ASP D 131 -20.22 -3.27 30.69
C ASP D 131 -20.64 -1.90 31.19
N TYR D 132 -21.35 -1.86 32.31
CA TYR D 132 -21.91 -0.62 32.84
C TYR D 132 -20.86 0.47 33.08
N LYS D 133 -19.76 0.13 33.75
CA LYS D 133 -18.78 1.17 34.06
C LYS D 133 -18.20 1.76 32.78
N MET D 134 -18.07 0.93 31.74
CA MET D 134 -17.55 1.45 30.46
C MET D 134 -18.59 2.37 29.83
N VAL D 135 -19.86 2.01 29.95
CA VAL D 135 -20.94 2.90 29.44
C VAL D 135 -20.86 4.24 30.19
N LYS D 136 -20.77 4.16 31.51
CA LYS D 136 -20.76 5.39 32.33
C LYS D 136 -19.54 6.25 32.02
N ALA D 137 -18.38 5.61 31.85
CA ALA D 137 -17.15 6.35 31.52
C ALA D 137 -17.26 7.07 30.20
N ALA D 138 -17.84 6.41 29.20
CA ALA D 138 -18.04 7.02 27.89
C ALA D 138 -19.02 8.20 27.92
N GLU D 139 -20.14 8.02 28.62
CA GLU D 139 -21.12 9.08 28.76
C GLU D 139 -20.49 10.30 29.44
N GLU D 140 -19.66 10.01 30.44
CA GLU D 140 -18.99 11.07 31.19
C GLU D 140 -17.93 11.78 30.37
N ALA D 141 -17.15 11.02 29.60
CA ALA D 141 -16.17 11.59 28.69
C ALA D 141 -16.86 12.53 27.70
N ALA D 142 -18.01 12.12 27.16
CA ALA D 142 -18.79 12.95 26.24
C ALA D 142 -19.21 14.25 26.92
N LYS D 143 -19.78 14.13 28.12
CA LYS D 143 -20.29 15.32 28.79
C LYS D 143 -19.19 16.33 29.04
N ALA D 144 -18.01 15.86 29.45
CA ALA D 144 -16.86 16.72 29.71
C ALA D 144 -16.36 17.46 28.47
N ARG D 145 -16.64 16.93 27.28
CA ARG D 145 -16.26 17.60 26.03
C ARG D 145 -17.43 18.37 25.47
N GLY D 146 -18.54 18.36 26.19
CA GLY D 146 -19.78 18.97 25.72
C GLY D 146 -20.36 18.29 24.49
N ILE D 147 -20.11 16.99 24.33
CA ILE D 147 -20.69 16.22 23.23
C ILE D 147 -21.96 15.48 23.70
N ASP D 148 -23.07 15.75 23.02
CA ASP D 148 -24.34 15.07 23.25
C ASP D 148 -24.26 13.60 22.84
N VAL D 149 -24.74 12.69 23.70
CA VAL D 149 -24.80 11.26 23.37
C VAL D 149 -26.11 10.67 23.79
N LYS D 150 -26.63 9.73 23.02
CA LYS D 150 -27.82 8.97 23.44
C LYS D 150 -27.37 7.60 23.90
N VAL D 151 -27.83 7.16 25.06
CA VAL D 151 -27.48 5.81 25.55
C VAL D 151 -28.73 4.93 25.45
N GLY D 152 -28.66 3.86 24.68
CA GLY D 152 -29.82 2.97 24.56
C GLY D 152 -29.47 1.69 23.83
N ASN D 153 -30.46 1.14 23.12
CA ASN D 153 -30.33 -0.13 22.41
C ASN D 153 -29.90 0.10 20.99
N LEU D 154 -28.85 -0.61 20.60
CA LEU D 154 -28.51 -0.75 19.18
C LEU D 154 -29.32 -1.90 18.63
N PHE D 155 -29.36 -2.04 17.31
CA PHE D 155 -29.83 -3.29 16.67
C PHE D 155 -28.72 -3.77 15.73
N SER D 156 -28.18 -4.95 16.01
CA SER D 156 -27.12 -5.56 15.21
C SER D 156 -27.77 -6.43 14.11
N ALA D 157 -27.83 -5.90 12.88
CA ALA D 157 -28.54 -6.55 11.77
C ALA D 157 -27.65 -7.64 11.13
N GLU D 158 -28.30 -8.70 10.65
CA GLU D 158 -27.62 -9.72 9.86
C GLU D 158 -27.55 -9.33 8.39
N LEU D 159 -28.60 -8.68 7.90
CA LEU D 159 -28.68 -8.36 6.49
C LEU D 159 -28.79 -6.85 6.30
N PHE D 160 -27.70 -6.25 5.82
CA PHE D 160 -27.66 -4.82 5.54
C PHE D 160 -28.75 -4.58 4.51
N TYR D 161 -28.80 -5.43 3.48
CA TYR D 161 -29.83 -5.33 2.46
C TYR D 161 -31.00 -6.20 2.88
N THR D 162 -31.75 -5.72 3.86
CA THR D 162 -32.76 -6.56 4.51
C THR D 162 -33.96 -6.85 3.61
N PRO D 163 -34.41 -8.12 3.58
CA PRO D 163 -35.68 -8.41 2.89
C PRO D 163 -36.89 -8.00 3.73
N ASP D 164 -36.66 -7.55 4.96
CA ASP D 164 -37.76 -7.12 5.84
C ASP D 164 -37.60 -5.68 6.33
N PRO D 165 -37.77 -4.69 5.43
CA PRO D 165 -37.60 -3.30 5.88
C PRO D 165 -38.62 -2.84 6.89
N SER D 166 -39.78 -3.50 6.97
CA SER D 166 -40.78 -3.11 7.97
C SER D 166 -40.20 -3.22 9.39
N MET D 167 -39.14 -4.01 9.55
CA MET D 167 -38.56 -4.18 10.86
C MET D 167 -37.94 -2.87 11.38
N PHE D 168 -37.54 -1.96 10.48
CA PHE D 168 -37.00 -0.67 10.93
C PHE D 168 -38.03 0.10 11.76
N ASP D 169 -39.31 0.01 11.37
CA ASP D 169 -40.38 0.68 12.12
C ASP D 169 -40.56 0.08 13.50
N VAL D 170 -40.42 -1.24 13.58
CA VAL D 170 -40.43 -1.93 14.86
C VAL D 170 -39.23 -1.46 15.73
N MET D 171 -38.03 -1.41 15.16
CA MET D 171 -36.88 -0.84 15.88
C MET D 171 -37.20 0.55 16.38
N ASP D 172 -37.76 1.41 15.52
CA ASP D 172 -37.99 2.77 15.96
C ASP D 172 -38.98 2.82 17.13
N LYS D 173 -40.08 2.09 16.99
CA LYS D 173 -41.10 2.01 18.05
C LYS D 173 -40.48 1.59 19.39
N TYR D 174 -39.55 0.62 19.33
CA TYR D 174 -38.91 0.06 20.53
C TYR D 174 -37.72 0.87 21.03
N GLY D 175 -37.48 2.04 20.44
CA GLY D 175 -36.46 2.97 20.92
C GLY D 175 -35.01 2.69 20.53
N ILE D 176 -34.81 1.88 19.47
CA ILE D 176 -33.46 1.59 19.00
C ILE D 176 -32.73 2.86 18.58
N VAL D 177 -31.52 3.05 19.08
CA VAL D 177 -30.84 4.32 18.76
C VAL D 177 -30.01 4.30 17.47
N GLY D 178 -29.57 3.12 17.07
CA GLY D 178 -28.82 2.99 15.84
C GLY D 178 -28.78 1.55 15.39
N VAL D 179 -28.71 1.37 14.07
CA VAL D 179 -28.58 0.05 13.42
C VAL D 179 -27.16 -0.13 12.95
N GLU D 180 -26.53 -1.18 13.43
CA GLU D 180 -25.20 -1.58 12.94
C GLU D 180 -25.24 -3.09 12.75
N MET D 181 -24.11 -3.79 12.82
CA MET D 181 -24.12 -5.22 12.51
C MET D 181 -23.15 -6.02 13.38
N GLU D 182 -22.82 -5.52 14.57
CA GLU D 182 -21.72 -6.12 15.33
C GLU D 182 -21.91 -6.19 16.84
N ALA D 183 -22.40 -5.10 17.43
CA ALA D 183 -22.43 -5.00 18.92
C ALA D 183 -23.00 -6.23 19.65
N ALA D 184 -24.16 -6.76 19.21
CA ALA D 184 -24.77 -7.89 19.92
C ALA D 184 -23.82 -9.08 19.91
N GLY D 185 -23.07 -9.21 18.82
CA GLY D 185 -22.06 -10.25 18.70
C GLY D 185 -20.88 -9.97 19.62
N ILE D 186 -20.41 -8.74 19.63
CA ILE D 186 -19.28 -8.38 20.50
C ILE D 186 -19.66 -8.60 21.99
N TYR D 187 -20.85 -8.16 22.37
CA TYR D 187 -21.31 -8.31 23.74
C TYR D 187 -21.49 -9.79 24.09
N GLY D 188 -21.88 -10.62 23.12
CA GLY D 188 -22.03 -12.06 23.37
C GLY D 188 -20.69 -12.72 23.65
N VAL D 189 -19.69 -12.40 22.83
CA VAL D 189 -18.33 -12.91 23.03
C VAL D 189 -17.79 -12.46 24.39
N ALA D 190 -17.95 -11.17 24.71
CA ALA D 190 -17.44 -10.63 25.98
C ALA D 190 -18.01 -11.40 27.17
N ALA D 191 -19.32 -11.61 27.16
CA ALA D 191 -19.92 -12.38 28.23
C ALA D 191 -19.40 -13.81 28.25
N GLU D 192 -19.30 -14.43 27.08
CA GLU D 192 -18.86 -15.81 26.99
C GLU D 192 -17.48 -16.00 27.59
N TYR D 193 -16.60 -15.05 27.29
CA TYR D 193 -15.19 -15.13 27.68
C TYR D 193 -14.87 -14.30 28.92
N GLY D 194 -15.88 -13.66 29.49
CA GLY D 194 -15.74 -12.93 30.76
C GLY D 194 -14.88 -11.69 30.61
N ALA D 195 -14.99 -11.01 29.46
CA ALA D 195 -14.33 -9.75 29.26
C ALA D 195 -15.37 -8.63 29.29
N LYS D 196 -14.95 -7.41 28.96
CA LYS D 196 -15.84 -6.27 29.06
C LYS D 196 -15.86 -5.56 27.74
N ALA D 197 -17.03 -5.14 27.29
CA ALA D 197 -17.12 -4.46 25.98
C ALA D 197 -18.14 -3.30 25.95
N LEU D 198 -17.94 -2.40 25.00
CA LEU D 198 -18.81 -1.25 24.78
C LEU D 198 -18.82 -0.92 23.30
N ALA D 199 -19.99 -0.58 22.75
CA ALA D 199 -20.05 -0.05 21.41
C ALA D 199 -20.54 1.39 21.40
N ILE D 200 -19.72 2.25 20.80
CA ILE D 200 -20.03 3.64 20.54
C ILE D 200 -20.09 3.81 19.03
N CYS D 201 -21.15 4.40 18.50
CA CYS D 201 -21.22 4.60 17.06
C CYS D 201 -21.58 6.03 16.67
N THR D 202 -21.09 6.44 15.52
CA THR D 202 -21.52 7.70 14.92
C THR D 202 -22.54 7.40 13.84
N VAL D 203 -23.67 8.09 13.86
CA VAL D 203 -24.70 7.90 12.86
C VAL D 203 -24.14 8.33 11.49
N SER D 204 -24.04 7.39 10.56
CA SER D 204 -23.43 7.70 9.27
C SER D 204 -24.48 7.79 8.18
N ASP D 205 -25.70 7.40 8.51
CA ASP D 205 -26.79 7.53 7.57
C ASP D 205 -28.15 7.49 8.25
N HIS D 206 -29.14 8.02 7.57
CA HIS D 206 -30.48 7.97 8.14
C HIS D 206 -31.34 7.02 7.33
N ILE D 207 -31.76 5.95 7.98
CA ILE D 207 -32.51 4.92 7.28
C ILE D 207 -33.86 5.40 6.76
N LYS D 208 -34.46 6.33 7.48
CA LYS D 208 -35.73 6.91 7.03
C LYS D 208 -35.58 8.03 5.98
N THR D 209 -34.71 9.00 6.22
CA THR D 209 -34.60 10.12 5.29
C THR D 209 -33.71 9.79 4.10
N GLY D 210 -32.81 8.82 4.26
CA GLY D 210 -31.93 8.43 3.17
C GLY D 210 -30.66 9.25 3.15
N GLU D 211 -30.53 10.20 4.06
CA GLU D 211 -29.30 10.97 4.12
C GLU D 211 -28.10 10.03 4.31
N GLN D 212 -27.00 10.34 3.62
CA GLN D 212 -25.76 9.51 3.63
C GLN D 212 -24.52 10.33 3.97
N THR D 213 -23.45 9.63 4.34
CA THR D 213 -22.11 10.23 4.38
C THR D 213 -21.28 9.55 3.29
N THR D 214 -20.14 10.14 2.92
CA THR D 214 -19.28 9.49 1.93
C THR D 214 -18.43 8.40 2.62
N SER D 215 -17.97 7.42 1.85
CA SER D 215 -17.01 6.44 2.39
C SER D 215 -15.85 7.15 3.08
N GLU D 216 -15.42 8.26 2.47
CA GLU D 216 -14.28 9.02 2.98
C GLU D 216 -14.57 9.68 4.32
N GLU D 217 -15.79 10.19 4.50
CA GLU D 217 -16.19 10.78 5.78
C GLU D 217 -16.22 9.71 6.89
N ARG D 218 -16.72 8.52 6.57
CA ARG D 218 -16.80 7.43 7.55
C ARG D 218 -15.39 7.05 8.03
N GLN D 219 -14.46 7.06 7.09
CA GLN D 219 -13.08 6.66 7.32
C GLN D 219 -12.29 7.67 8.18
N ASN D 220 -12.46 8.97 7.88
CA ASN D 220 -11.55 10.03 8.36
C ASN D 220 -12.12 11.14 9.22
N THR D 221 -13.44 11.20 9.39
CA THR D 221 -14.03 12.40 10.00
C THR D 221 -14.91 12.20 11.24
N PHE D 222 -15.01 10.96 11.77
CA PHE D 222 -15.83 10.72 12.98
C PHE D 222 -14.99 10.87 14.26
N ASN D 223 -14.53 12.09 14.52
CA ASN D 223 -13.54 12.32 15.53
C ASN D 223 -14.10 12.34 16.94
N GLU D 224 -15.31 12.85 17.10
CA GLU D 224 -15.95 12.92 18.42
C GLU D 224 -16.03 11.53 19.10
N MET D 225 -16.45 10.49 18.37
CA MET D 225 -16.59 9.17 19.01
C MET D 225 -15.21 8.70 19.46
N ILE D 226 -14.18 9.07 18.71
CA ILE D 226 -12.83 8.58 19.02
C ILE D 226 -12.32 9.26 20.28
N GLU D 227 -12.55 10.57 20.38
CA GLU D 227 -12.14 11.32 21.57
C GLU D 227 -12.86 10.78 22.81
N ILE D 228 -14.16 10.58 22.67
CA ILE D 228 -14.97 9.99 23.73
C ILE D 228 -14.38 8.63 24.13
N ALA D 229 -14.17 7.75 23.16
CA ALA D 229 -13.68 6.42 23.46
C ALA D 229 -12.35 6.50 24.23
N LEU D 230 -11.40 7.26 23.69
CA LEU D 230 -10.06 7.34 24.31
C LEU D 230 -10.14 7.92 25.72
N ASP D 231 -10.86 9.02 25.89
CA ASP D 231 -11.00 9.60 27.21
C ASP D 231 -11.63 8.61 28.21
N SER D 232 -12.57 7.79 27.71
CA SER D 232 -13.29 6.86 28.59
C SER D 232 -12.34 5.77 29.10
N VAL D 233 -11.31 5.46 28.30
CA VAL D 233 -10.30 4.51 28.74
C VAL D 233 -9.59 5.08 29.99
N LEU D 234 -9.17 6.34 29.90
CA LEU D 234 -8.49 7.00 31.02
C LEU D 234 -9.41 7.09 32.24
N ILE D 235 -10.65 7.51 32.03
CA ILE D 235 -11.61 7.55 33.13
C ILE D 235 -11.73 6.17 33.78
N GLY D 236 -11.78 5.12 32.97
CA GLY D 236 -11.88 3.75 33.47
C GLY D 236 -10.71 3.38 34.35
N ASP D 237 -9.50 3.79 33.98
CA ASP D 237 -8.32 3.49 34.76
C ASP D 237 -8.36 4.19 36.13
N GLN D 238 -9.03 5.33 36.21
CA GLN D 238 -8.99 6.14 37.44
C GLN D 238 -9.89 5.59 38.55
N ALA D 239 -10.89 4.79 38.20
CA ALA D 239 -11.87 4.32 39.18
C ALA D 239 -11.56 2.91 39.69
N ALA E 2 -42.92 -24.78 55.91
CA ALA E 2 -43.42 -23.68 55.03
C ALA E 2 -42.56 -23.51 53.77
N THR E 3 -43.16 -23.02 52.69
CA THR E 3 -42.45 -22.68 51.47
C THR E 3 -42.35 -21.16 51.41
N PRO E 4 -41.61 -20.63 50.42
CA PRO E 4 -41.54 -19.18 50.38
C PRO E 4 -42.87 -18.53 50.00
N HIS E 5 -43.84 -19.32 49.50
CA HIS E 5 -45.09 -18.75 48.96
C HIS E 5 -46.34 -19.12 49.76
N ILE E 6 -46.20 -20.10 50.65
CA ILE E 6 -47.32 -20.66 51.37
C ILE E 6 -46.91 -20.89 52.84
N ASN E 7 -47.49 -20.14 53.78
CA ASN E 7 -47.14 -20.33 55.19
C ASN E 7 -48.10 -21.31 55.86
N ALA E 8 -48.10 -22.56 55.39
CA ALA E 8 -48.96 -23.58 55.94
C ALA E 8 -48.12 -24.83 56.11
N GLN E 9 -48.63 -25.84 56.81
CA GLN E 9 -47.91 -27.12 56.86
C GLN E 9 -48.71 -28.26 56.22
N MET E 10 -48.01 -29.36 55.95
CA MET E 10 -48.63 -30.54 55.36
C MET E 10 -49.86 -30.89 56.21
N GLY E 11 -50.95 -31.26 55.56
CA GLY E 11 -52.20 -31.56 56.23
C GLY E 11 -53.16 -30.40 56.24
N ASP E 12 -52.66 -29.18 56.04
CA ASP E 12 -53.49 -27.97 56.10
C ASP E 12 -54.43 -27.86 54.90
N PHE E 13 -54.02 -28.44 53.77
CA PHE E 13 -54.85 -28.46 52.55
C PHE E 13 -55.54 -29.81 52.36
N ALA E 14 -56.74 -29.78 51.83
CA ALA E 14 -57.42 -30.99 51.36
C ALA E 14 -56.65 -31.55 50.17
N ASP E 15 -57.05 -32.73 49.69
CA ASP E 15 -56.37 -33.32 48.54
C ASP E 15 -56.96 -32.81 47.21
N VAL E 16 -58.01 -32.01 47.32
CA VAL E 16 -58.57 -31.32 46.16
C VAL E 16 -58.62 -29.84 46.50
N VAL E 17 -58.12 -29.02 45.58
CA VAL E 17 -58.07 -27.58 45.75
C VAL E 17 -58.70 -26.84 44.56
N LEU E 18 -59.73 -26.02 44.84
CA LEU E 18 -60.27 -25.09 43.85
C LEU E 18 -59.39 -23.85 43.83
N MET E 19 -59.09 -23.34 42.64
CA MET E 19 -58.19 -22.16 42.54
C MET E 19 -58.65 -21.14 41.54
N PRO E 20 -59.18 -20.00 42.04
CA PRO E 20 -59.32 -18.80 41.21
C PRO E 20 -57.98 -18.05 41.16
N GLY E 21 -57.78 -17.17 40.18
CA GLY E 21 -56.56 -16.33 40.22
C GLY E 21 -56.62 -15.32 41.37
N ASP E 22 -57.84 -14.95 41.74
CA ASP E 22 -58.07 -13.87 42.71
C ASP E 22 -58.20 -14.42 44.13
N PRO E 23 -57.27 -14.04 45.03
CA PRO E 23 -57.40 -14.55 46.39
C PRO E 23 -58.67 -14.09 47.10
N LEU E 24 -59.26 -12.98 46.66
CA LEU E 24 -60.52 -12.51 47.26
C LEU E 24 -61.72 -13.30 46.72
N ARG E 25 -61.58 -13.88 45.53
CA ARG E 25 -62.60 -14.82 45.07
C ARG E 25 -62.46 -16.12 45.88
N ALA E 26 -61.24 -16.48 46.26
CA ALA E 26 -61.07 -17.66 47.11
C ALA E 26 -61.76 -17.41 48.46
N LYS E 27 -61.62 -16.19 48.97
CA LYS E 27 -62.26 -15.82 50.25
C LYS E 27 -63.78 -15.88 50.09
N TYR E 28 -64.27 -15.35 48.98
CA TYR E 28 -65.69 -15.42 48.69
C TYR E 28 -66.23 -16.87 48.68
N ILE E 29 -65.51 -17.74 47.95
CA ILE E 29 -65.85 -19.15 47.89
C ILE E 29 -65.85 -19.82 49.27
N ALA E 30 -64.76 -19.62 50.01
CA ALA E 30 -64.62 -20.22 51.33
C ALA E 30 -65.74 -19.77 52.25
N GLU E 31 -66.07 -18.48 52.22
CA GLU E 31 -67.06 -17.94 53.16
C GLU E 31 -68.49 -18.35 52.83
N ASN E 32 -68.79 -18.51 51.54
CA ASN E 32 -70.16 -18.69 51.10
C ASN E 32 -70.52 -20.08 50.60
N PHE E 33 -69.53 -20.90 50.27
CA PHE E 33 -69.80 -22.24 49.72
C PHE E 33 -69.25 -23.39 50.56
N LEU E 34 -68.38 -23.09 51.52
CA LEU E 34 -67.83 -24.15 52.35
C LEU E 34 -68.31 -23.94 53.76
N ASP E 35 -68.33 -25.01 54.54
CA ASP E 35 -68.61 -24.89 55.96
C ASP E 35 -67.33 -24.88 56.77
N ASN E 36 -67.30 -24.04 57.81
CA ASN E 36 -66.19 -24.01 58.74
C ASN E 36 -64.83 -23.76 58.06
N ALA E 37 -64.83 -22.94 57.03
CA ALA E 37 -63.59 -22.62 56.33
C ALA E 37 -62.61 -21.89 57.26
N VAL E 38 -61.37 -22.36 57.34
CA VAL E 38 -60.35 -21.65 58.06
C VAL E 38 -59.28 -21.21 57.07
N GLN E 39 -58.72 -20.03 57.31
CA GLN E 39 -57.63 -19.53 56.49
C GLN E 39 -56.34 -20.24 56.86
N VAL E 40 -55.68 -20.85 55.86
CA VAL E 40 -54.45 -21.62 56.09
C VAL E 40 -53.18 -20.93 55.58
N CYS E 41 -53.31 -19.93 54.71
CA CYS E 41 -52.13 -19.19 54.27
C CYS E 41 -52.50 -17.79 53.79
N ASP E 42 -51.51 -16.90 53.75
CA ASP E 42 -51.74 -15.49 53.38
C ASP E 42 -50.48 -14.74 52.94
N VAL E 43 -49.41 -15.47 52.61
CA VAL E 43 -48.17 -14.86 52.10
C VAL E 43 -48.47 -14.10 50.79
N ARG E 44 -47.87 -12.91 50.66
CA ARG E 44 -48.11 -12.09 49.46
C ARG E 44 -49.61 -11.83 49.22
N ASN E 45 -50.40 -11.90 50.30
CA ASN E 45 -51.86 -11.74 50.22
C ASN E 45 -52.54 -12.84 49.42
N MET E 46 -51.84 -13.95 49.17
CA MET E 46 -52.44 -15.04 48.41
C MET E 46 -53.16 -15.99 49.36
N PHE E 47 -54.43 -15.66 49.63
CA PHE E 47 -55.24 -16.35 50.60
C PHE E 47 -55.59 -17.77 50.17
N GLY E 48 -55.54 -18.70 51.13
CA GLY E 48 -56.04 -20.05 50.92
C GLY E 48 -56.81 -20.49 52.17
N TYR E 49 -57.79 -21.37 51.97
CA TYR E 49 -58.75 -21.79 53.02
C TYR E 49 -59.01 -23.26 52.89
N THR E 50 -59.38 -23.89 54.00
CA THR E 50 -59.83 -25.28 53.99
C THR E 50 -61.12 -25.35 54.82
N GLY E 51 -62.18 -25.90 54.22
CA GLY E 51 -63.41 -26.19 54.96
C GLY E 51 -64.00 -27.51 54.48
N THR E 52 -65.31 -27.68 54.66
CA THR E 52 -65.99 -28.81 54.08
C THR E 52 -67.14 -28.43 53.15
N TYR E 53 -67.44 -29.32 52.21
CA TYR E 53 -68.64 -29.22 51.38
C TYR E 53 -69.40 -30.54 51.55
N LYS E 54 -70.62 -30.46 52.07
CA LYS E 54 -71.36 -31.67 52.40
C LYS E 54 -70.47 -32.70 53.09
N GLY E 55 -69.67 -32.23 54.06
CA GLY E 55 -68.83 -33.11 54.88
C GLY E 55 -67.47 -33.48 54.29
N ARG E 56 -67.29 -33.20 53.01
CA ARG E 56 -66.02 -33.56 52.32
C ARG E 56 -64.99 -32.42 52.44
N LYS E 57 -63.78 -32.77 52.85
CA LYS E 57 -62.71 -31.78 53.03
C LYS E 57 -62.31 -31.17 51.67
N ILE E 58 -62.38 -29.85 51.57
CA ILE E 58 -62.04 -29.14 50.34
C ILE E 58 -61.29 -27.86 50.67
N SER E 59 -60.24 -27.58 49.90
CA SER E 59 -59.53 -26.30 50.01
C SER E 59 -59.83 -25.36 48.84
N VAL E 60 -59.64 -24.07 49.07
CA VAL E 60 -59.75 -23.07 47.99
C VAL E 60 -58.62 -22.04 48.16
N MET E 61 -57.92 -21.77 47.07
CA MET E 61 -56.77 -20.87 47.15
C MET E 61 -56.48 -20.12 45.86
N GLY E 62 -56.12 -18.85 45.98
CA GLY E 62 -55.77 -18.03 44.81
C GLY E 62 -54.47 -18.48 44.19
N HIS E 63 -54.32 -18.33 42.87
CA HIS E 63 -53.07 -18.69 42.20
C HIS E 63 -52.38 -17.49 41.50
N GLY E 64 -52.95 -16.30 41.65
CA GLY E 64 -52.46 -15.11 40.98
C GLY E 64 -52.72 -15.13 39.48
N MET E 65 -52.16 -14.17 38.76
CA MET E 65 -52.44 -14.11 37.33
C MET E 65 -51.25 -14.59 36.52
N GLY E 66 -51.54 -15.44 35.54
CA GLY E 66 -50.54 -15.80 34.53
C GLY E 66 -49.82 -17.09 34.87
N ILE E 67 -49.29 -17.72 33.84
CA ILE E 67 -48.66 -19.02 33.98
C ILE E 67 -47.52 -19.09 35.01
N PRO E 68 -46.60 -18.12 35.02
CA PRO E 68 -45.51 -18.29 35.99
C PRO E 68 -45.99 -18.22 37.46
N SER E 69 -46.99 -17.38 37.73
CA SER E 69 -47.52 -17.26 39.08
C SER E 69 -48.26 -18.53 39.48
N CYS E 70 -49.20 -18.98 38.66
CA CYS E 70 -50.00 -20.16 39.07
C CYS E 70 -49.12 -21.40 39.14
N SER E 71 -48.09 -21.47 38.30
CA SER E 71 -47.18 -22.61 38.34
C SER E 71 -46.51 -22.78 39.70
N ILE E 72 -46.10 -21.67 40.29
CA ILE E 72 -45.50 -21.71 41.63
C ILE E 72 -46.47 -22.37 42.63
N TYR E 73 -47.67 -21.84 42.73
CA TYR E 73 -48.62 -22.31 43.75
C TYR E 73 -49.05 -23.74 43.48
N VAL E 74 -49.36 -24.04 42.22
CA VAL E 74 -49.84 -25.39 41.93
C VAL E 74 -48.72 -26.40 42.18
N THR E 75 -47.49 -26.04 41.81
CA THR E 75 -46.36 -26.97 42.00
C THR E 75 -46.16 -27.23 43.49
N GLU E 76 -46.19 -26.18 44.30
CA GLU E 76 -46.02 -26.36 45.75
C GLU E 76 -47.15 -27.20 46.35
N LEU E 77 -48.40 -26.92 45.97
CA LEU E 77 -49.51 -27.70 46.51
C LEU E 77 -49.30 -29.19 46.23
N ILE E 78 -48.94 -29.51 44.99
CA ILE E 78 -48.73 -30.91 44.62
C ILE E 78 -47.52 -31.53 45.31
N LYS E 79 -46.37 -30.92 45.19
CA LYS E 79 -45.16 -31.58 45.69
C LYS E 79 -44.95 -31.42 47.19
N ASP E 80 -45.49 -30.36 47.79
CA ASP E 80 -45.24 -30.11 49.22
C ASP E 80 -46.47 -30.34 50.10
N TYR E 81 -47.66 -30.26 49.54
CA TYR E 81 -48.88 -30.39 50.37
C TYR E 81 -49.76 -31.60 50.06
N GLY E 82 -49.22 -32.51 49.24
CA GLY E 82 -49.90 -33.77 48.91
C GLY E 82 -51.17 -33.63 48.09
N VAL E 83 -51.37 -32.49 47.45
CA VAL E 83 -52.59 -32.25 46.68
C VAL E 83 -52.65 -33.14 45.43
N LYS E 84 -53.81 -33.74 45.17
CA LYS E 84 -54.00 -34.71 44.09
C LYS E 84 -54.75 -34.12 42.90
N LYS E 85 -55.67 -33.18 43.16
CA LYS E 85 -56.53 -32.62 42.10
C LYS E 85 -56.67 -31.11 42.27
N ILE E 86 -56.44 -30.37 41.18
CA ILE E 86 -56.58 -28.93 41.17
C ILE E 86 -57.72 -28.62 40.25
N ILE E 87 -58.64 -27.76 40.70
CA ILE E 87 -59.69 -27.29 39.81
C ILE E 87 -59.63 -25.78 39.77
N ARG E 88 -59.17 -25.27 38.64
CA ARG E 88 -59.11 -23.83 38.46
C ARG E 88 -60.53 -23.37 38.24
N VAL E 89 -60.94 -22.34 38.99
CA VAL E 89 -62.25 -21.74 38.81
C VAL E 89 -62.05 -20.28 38.43
N GLY E 90 -61.95 -20.03 37.13
CA GLY E 90 -61.38 -18.79 36.62
C GLY E 90 -62.39 -17.93 35.92
N SER E 91 -61.93 -16.80 35.39
CA SER E 91 -62.72 -16.05 34.42
C SER E 91 -62.06 -16.26 33.04
N CYS E 92 -62.65 -15.74 31.99
CA CYS E 92 -62.05 -15.84 30.66
C CYS E 92 -62.74 -14.87 29.72
N GLY E 93 -62.08 -14.55 28.61
CA GLY E 93 -62.67 -13.72 27.57
C GLY E 93 -63.11 -14.58 26.41
N ALA E 94 -64.27 -14.29 25.86
CA ALA E 94 -64.79 -15.01 24.72
C ALA E 94 -64.31 -14.42 23.39
N VAL E 95 -63.99 -15.29 22.43
CA VAL E 95 -63.65 -14.80 21.08
C VAL E 95 -64.69 -15.23 20.06
N ASN E 96 -65.59 -16.13 20.45
CA ASN E 96 -66.66 -16.57 19.54
C ASN E 96 -67.93 -15.77 19.75
N GLU E 97 -68.57 -15.41 18.62
CA GLU E 97 -69.81 -14.63 18.66
C GLU E 97 -70.90 -15.32 19.49
N GLY E 98 -70.95 -16.65 19.41
CA GLY E 98 -72.00 -17.40 20.09
C GLY E 98 -71.73 -17.69 21.57
N ILE E 99 -70.61 -17.20 22.09
CA ILE E 99 -70.29 -17.44 23.49
C ILE E 99 -70.45 -16.13 24.26
N LYS E 100 -71.27 -16.13 25.32
CA LYS E 100 -71.66 -14.90 25.98
C LYS E 100 -71.07 -14.78 27.38
N VAL E 101 -70.93 -13.54 27.83
CA VAL E 101 -70.55 -13.27 29.22
C VAL E 101 -71.45 -14.06 30.18
N ARG E 102 -70.83 -14.62 31.23
CA ARG E 102 -71.48 -15.54 32.18
C ARG E 102 -71.68 -16.99 31.71
N ASP E 103 -71.45 -17.28 30.42
CA ASP E 103 -71.38 -18.70 29.99
C ASP E 103 -70.25 -19.42 30.75
N VAL E 104 -70.44 -20.71 31.01
CA VAL E 104 -69.44 -21.51 31.72
C VAL E 104 -68.77 -22.46 30.70
N VAL E 105 -67.43 -22.42 30.65
CA VAL E 105 -66.67 -23.28 29.73
C VAL E 105 -65.67 -24.13 30.48
N ILE E 106 -65.32 -25.27 29.89
CA ILE E 106 -64.48 -26.24 30.53
C ILE E 106 -63.34 -26.51 29.56
N GLY E 107 -62.10 -26.36 30.02
CA GLY E 107 -60.96 -26.53 29.14
C GLY E 107 -60.45 -27.96 29.16
N MET E 108 -60.92 -28.80 28.24
N MET E 108 -60.92 -28.81 28.25
CA MET E 108 -60.37 -30.15 28.10
CA MET E 108 -60.34 -30.15 28.17
C MET E 108 -58.89 -30.04 27.72
C MET E 108 -58.88 -30.04 27.71
N GLY E 109 -58.58 -29.00 26.95
CA GLY E 109 -57.19 -28.68 26.58
C GLY E 109 -56.99 -27.20 26.70
N ALA E 110 -55.73 -26.75 26.66
CA ALA E 110 -55.44 -25.33 26.70
C ALA E 110 -54.26 -25.05 25.77
N CYS E 111 -54.53 -24.23 24.74
CA CYS E 111 -53.49 -23.73 23.86
C CYS E 111 -52.71 -22.66 24.62
N THR E 112 -51.57 -22.23 24.10
CA THR E 112 -50.84 -21.14 24.75
C THR E 112 -49.82 -20.54 23.83
N ASP E 113 -49.44 -19.29 24.13
CA ASP E 113 -48.27 -18.71 23.52
C ASP E 113 -47.09 -18.62 24.48
N SER E 114 -47.20 -19.26 25.64
CA SER E 114 -46.09 -19.40 26.56
C SER E 114 -45.08 -20.41 26.04
N LYS E 115 -43.83 -20.25 26.49
CA LYS E 115 -42.74 -21.16 26.20
C LYS E 115 -42.60 -22.29 27.22
N VAL E 116 -43.37 -22.25 28.31
CA VAL E 116 -43.16 -23.22 29.40
C VAL E 116 -43.22 -24.69 29.00
N ASN E 117 -44.17 -25.08 28.14
CA ASN E 117 -44.27 -26.50 27.83
C ASN E 117 -43.21 -26.93 26.82
N ARG E 118 -42.81 -26.00 25.95
CA ARG E 118 -41.63 -26.29 25.11
C ARG E 118 -40.37 -26.52 25.94
N ILE E 119 -40.26 -25.74 27.03
CA ILE E 119 -39.12 -25.84 27.92
C ILE E 119 -39.13 -27.22 28.56
N ARG E 120 -40.32 -27.71 28.91
CA ARG E 120 -40.49 -29.05 29.51
C ARG E 120 -40.36 -30.18 28.50
N PHE E 121 -40.74 -29.91 27.26
CA PHE E 121 -41.03 -31.04 26.35
C PHE E 121 -40.11 -31.04 25.11
N LYS E 122 -38.82 -30.77 25.34
CA LYS E 122 -37.81 -30.75 24.27
C LYS E 122 -38.18 -29.92 23.06
N ASP E 123 -38.85 -28.79 23.28
CA ASP E 123 -39.21 -27.84 22.19
C ASP E 123 -40.23 -28.44 21.19
N HIS E 124 -40.88 -29.52 21.59
CA HIS E 124 -41.98 -30.07 20.78
C HIS E 124 -43.33 -29.56 21.26
N ASP E 125 -44.42 -30.05 20.68
CA ASP E 125 -45.75 -29.61 21.07
C ASP E 125 -46.34 -30.54 22.14
N PHE E 126 -46.39 -30.09 23.38
CA PHE E 126 -47.11 -30.80 24.42
C PHE E 126 -48.57 -30.36 24.38
N ALA E 127 -49.48 -31.31 24.18
CA ALA E 127 -50.90 -30.98 24.25
C ALA E 127 -51.30 -30.84 25.72
N ALA E 128 -51.50 -29.60 26.16
CA ALA E 128 -51.82 -29.37 27.57
C ALA E 128 -53.29 -29.69 27.80
N ILE E 129 -53.52 -30.79 28.52
CA ILE E 129 -54.85 -31.33 28.70
C ILE E 129 -55.18 -31.53 30.16
N ALA E 130 -56.48 -31.46 30.43
CA ALA E 130 -57.04 -31.74 31.73
C ALA E 130 -57.09 -33.25 31.93
N ASP E 131 -57.38 -33.63 33.17
CA ASP E 131 -57.67 -35.03 33.49
C ASP E 131 -59.08 -35.36 32.99
N TYR E 132 -59.20 -36.48 32.27
CA TYR E 132 -60.47 -36.81 31.62
C TYR E 132 -61.65 -36.97 32.58
N LYS E 133 -61.48 -37.76 33.64
CA LYS E 133 -62.58 -38.00 34.58
C LYS E 133 -62.98 -36.69 35.27
N MET E 134 -62.02 -35.79 35.47
CA MET E 134 -62.37 -34.50 36.07
C MET E 134 -63.25 -33.71 35.09
N VAL E 135 -62.91 -33.77 33.80
CA VAL E 135 -63.72 -33.10 32.76
C VAL E 135 -65.14 -33.70 32.79
N LYS E 136 -65.20 -35.02 32.80
CA LYS E 136 -66.47 -35.71 32.76
C LYS E 136 -67.34 -35.39 33.98
N ALA E 137 -66.72 -35.40 35.17
CA ALA E 137 -67.45 -35.06 36.39
C ALA E 137 -67.99 -33.64 36.33
N ALA E 138 -67.21 -32.71 35.80
CA ALA E 138 -67.63 -31.31 35.77
C ALA E 138 -68.78 -31.09 34.78
N GLU E 139 -68.68 -31.77 33.64
CA GLU E 139 -69.66 -31.67 32.59
C GLU E 139 -70.97 -32.26 33.09
N GLU E 140 -70.86 -33.42 33.75
CA GLU E 140 -72.03 -34.08 34.35
C GLU E 140 -72.65 -33.33 35.50
N ALA E 141 -71.83 -32.77 36.38
CA ALA E 141 -72.33 -31.89 37.42
C ALA E 141 -73.16 -30.74 36.86
N ALA E 142 -72.66 -30.10 35.81
CA ALA E 142 -73.36 -28.98 35.18
C ALA E 142 -74.72 -29.44 34.62
N LYS E 143 -74.71 -30.55 33.89
CA LYS E 143 -75.96 -31.03 33.32
C LYS E 143 -77.01 -31.32 34.40
N ALA E 144 -76.58 -31.95 35.50
CA ALA E 144 -77.46 -32.27 36.63
C ALA E 144 -78.04 -30.99 37.25
N ARG E 145 -77.34 -29.87 37.09
CA ARG E 145 -77.83 -28.60 37.60
C ARG E 145 -78.61 -27.80 36.58
N GLY E 146 -78.74 -28.33 35.39
CA GLY E 146 -79.38 -27.63 34.29
C GLY E 146 -78.53 -26.49 33.75
N ILE E 147 -77.21 -26.56 33.93
CA ILE E 147 -76.30 -25.51 33.47
C ILE E 147 -75.57 -25.97 32.20
N ASP E 148 -75.77 -25.22 31.14
CA ASP E 148 -75.15 -25.55 29.86
C ASP E 148 -73.66 -25.23 29.98
N VAL E 149 -72.80 -26.05 29.36
CA VAL E 149 -71.36 -25.77 29.34
C VAL E 149 -70.79 -26.18 27.99
N LYS E 150 -69.71 -25.51 27.59
CA LYS E 150 -69.02 -25.87 26.37
C LYS E 150 -67.71 -26.49 26.80
N VAL E 151 -67.35 -27.64 26.22
CA VAL E 151 -66.10 -28.29 26.58
C VAL E 151 -65.19 -28.24 25.37
N GLY E 152 -64.01 -27.64 25.53
CA GLY E 152 -63.11 -27.49 24.38
C GLY E 152 -61.76 -26.93 24.80
N ASN E 153 -61.12 -26.22 23.88
CA ASN E 153 -59.82 -25.61 24.12
C ASN E 153 -59.90 -24.20 24.70
N LEU E 154 -59.20 -23.98 25.79
CA LEU E 154 -58.92 -22.62 26.24
C LEU E 154 -57.67 -22.16 25.51
N PHE E 155 -57.41 -20.84 25.56
CA PHE E 155 -56.12 -20.28 25.16
C PHE E 155 -55.50 -19.57 26.37
N SER E 156 -54.34 -20.03 26.82
CA SER E 156 -53.67 -19.38 27.95
C SER E 156 -52.66 -18.37 27.41
N ALA E 157 -53.06 -17.10 27.49
CA ALA E 157 -52.29 -15.97 26.91
C ALA E 157 -51.19 -15.50 27.87
N GLU E 158 -50.06 -15.11 27.29
CA GLU E 158 -48.97 -14.48 28.05
C GLU E 158 -49.20 -12.98 28.27
N LEU E 159 -49.80 -12.33 27.28
CA LEU E 159 -49.97 -10.88 27.31
C LEU E 159 -51.44 -10.47 27.20
N PHE E 160 -52.01 -10.08 28.34
CA PHE E 160 -53.38 -9.63 28.40
C PHE E 160 -53.53 -8.48 27.42
N TYR E 161 -52.59 -7.52 27.47
CA TYR E 161 -52.54 -6.41 26.54
C TYR E 161 -51.72 -6.80 25.32
N THR E 162 -52.27 -7.70 24.52
CA THR E 162 -51.50 -8.31 23.43
C THR E 162 -51.11 -7.35 22.32
N PRO E 163 -49.86 -7.42 21.84
CA PRO E 163 -49.47 -6.65 20.68
C PRO E 163 -49.93 -7.34 19.39
N ASP E 164 -50.58 -8.50 19.51
CA ASP E 164 -51.07 -9.24 18.34
C ASP E 164 -52.54 -9.64 18.45
N PRO E 165 -53.43 -8.65 18.38
CA PRO E 165 -54.86 -8.95 18.51
C PRO E 165 -55.39 -9.78 17.33
N SER E 166 -54.68 -9.78 16.20
CA SER E 166 -55.11 -10.63 15.09
C SER E 166 -55.18 -12.11 15.51
N MET E 167 -54.41 -12.50 16.53
CA MET E 167 -54.44 -13.87 17.05
C MET E 167 -55.83 -14.26 17.56
N PHE E 168 -56.63 -13.31 18.04
CA PHE E 168 -57.97 -13.65 18.50
C PHE E 168 -58.79 -14.30 17.41
N ASP E 169 -58.67 -13.81 16.19
CA ASP E 169 -59.40 -14.42 15.07
C ASP E 169 -58.91 -15.83 14.74
N VAL E 170 -57.60 -16.05 14.86
CA VAL E 170 -57.06 -17.39 14.73
C VAL E 170 -57.62 -18.30 15.84
N MET E 171 -57.61 -17.83 17.09
CA MET E 171 -58.28 -18.60 18.16
C MET E 171 -59.74 -18.93 17.82
N ASP E 172 -60.49 -17.96 17.31
CA ASP E 172 -61.89 -18.23 17.06
C ASP E 172 -62.08 -19.27 15.94
N LYS E 173 -61.37 -19.09 14.84
CA LYS E 173 -61.35 -20.05 13.72
C LYS E 173 -61.06 -21.50 14.21
N TYR E 174 -60.15 -21.61 15.18
CA TYR E 174 -59.76 -22.90 15.75
C TYR E 174 -60.65 -23.42 16.89
N GLY E 175 -61.73 -22.69 17.18
CA GLY E 175 -62.73 -23.15 18.15
C GLY E 175 -62.43 -22.93 19.62
N ILE E 176 -61.45 -22.07 19.92
CA ILE E 176 -61.12 -21.75 21.33
C ILE E 176 -62.38 -21.25 22.04
N VAL E 177 -62.69 -21.83 23.18
CA VAL E 177 -63.92 -21.47 23.89
C VAL E 177 -63.72 -20.29 24.84
N GLY E 178 -62.48 -20.08 25.27
CA GLY E 178 -62.20 -18.95 26.15
C GLY E 178 -60.72 -18.61 26.21
N VAL E 179 -60.43 -17.34 26.39
CA VAL E 179 -59.04 -16.95 26.66
C VAL E 179 -58.80 -16.55 28.09
N GLU E 180 -57.87 -17.24 28.73
CA GLU E 180 -57.44 -16.86 30.07
C GLU E 180 -55.92 -16.84 30.07
N MET E 181 -55.26 -17.11 31.19
CA MET E 181 -53.82 -16.95 31.23
C MET E 181 -53.13 -18.01 32.07
N GLU E 182 -53.81 -19.13 32.32
CA GLU E 182 -53.27 -20.06 33.32
C GLU E 182 -53.32 -21.54 32.99
N ALA E 183 -54.43 -21.98 32.42
CA ALA E 183 -54.69 -23.43 32.24
C ALA E 183 -53.55 -24.24 31.62
N ALA E 184 -52.94 -23.74 30.55
CA ALA E 184 -51.92 -24.52 29.86
C ALA E 184 -50.75 -24.77 30.81
N GLY E 185 -50.49 -23.81 31.69
CA GLY E 185 -49.41 -23.92 32.66
C GLY E 185 -49.76 -24.88 33.80
N ILE E 186 -50.98 -24.77 34.33
CA ILE E 186 -51.47 -25.71 35.36
C ILE E 186 -51.42 -27.17 34.83
N TYR E 187 -51.92 -27.37 33.61
CA TYR E 187 -51.92 -28.69 32.96
C TYR E 187 -50.50 -29.20 32.75
N GLY E 188 -49.56 -28.32 32.38
CA GLY E 188 -48.17 -28.76 32.27
C GLY E 188 -47.59 -29.17 33.61
N VAL E 189 -47.85 -28.38 34.66
CA VAL E 189 -47.39 -28.77 36.01
C VAL E 189 -48.01 -30.10 36.41
N ALA E 190 -49.31 -30.25 36.20
CA ALA E 190 -49.99 -31.49 36.59
C ALA E 190 -49.36 -32.69 35.91
N ALA E 191 -49.05 -32.55 34.63
CA ALA E 191 -48.42 -33.65 33.91
C ALA E 191 -47.00 -33.87 34.43
N GLU E 192 -46.23 -32.79 34.61
CA GLU E 192 -44.85 -32.92 35.04
C GLU E 192 -44.75 -33.62 36.41
N TYR E 193 -45.67 -33.31 37.31
CA TYR E 193 -45.61 -33.80 38.69
C TYR E 193 -46.54 -34.98 38.96
N GLY E 194 -47.27 -35.40 37.94
CA GLY E 194 -48.13 -36.60 38.04
C GLY E 194 -49.39 -36.39 38.85
N ALA E 195 -49.98 -35.21 38.74
CA ALA E 195 -51.25 -34.95 39.39
C ALA E 195 -52.35 -34.70 38.35
N LYS E 196 -53.51 -34.25 38.79
CA LYS E 196 -54.64 -34.10 37.88
C LYS E 196 -55.20 -32.71 38.00
N ALA E 197 -55.63 -32.10 36.89
CA ALA E 197 -56.13 -30.76 36.97
C ALA E 197 -57.23 -30.53 35.96
N LEU E 198 -57.96 -29.46 36.16
CA LEU E 198 -59.07 -29.08 35.31
C LEU E 198 -59.24 -27.60 35.52
N ALA E 199 -59.57 -26.90 34.44
CA ALA E 199 -59.91 -25.48 34.50
C ALA E 199 -61.37 -25.28 34.02
N ILE E 200 -62.18 -24.66 34.87
CA ILE E 200 -63.53 -24.29 34.50
C ILE E 200 -63.56 -22.77 34.60
N CYS E 201 -64.06 -22.11 33.57
CA CYS E 201 -64.05 -20.65 33.55
C CYS E 201 -65.40 -20.03 33.21
N THR E 202 -65.67 -18.89 33.83
CA THR E 202 -66.86 -18.12 33.53
C THR E 202 -66.46 -16.97 32.62
N VAL E 203 -67.18 -16.76 31.53
CA VAL E 203 -66.83 -15.70 30.60
C VAL E 203 -67.08 -14.35 31.27
N SER E 204 -66.04 -13.53 31.39
CA SER E 204 -66.14 -12.24 32.09
C SER E 204 -66.02 -11.02 31.16
N ASP E 205 -65.63 -11.28 29.90
CA ASP E 205 -65.30 -10.23 28.92
C ASP E 205 -65.65 -10.83 27.57
N HIS E 206 -66.24 -10.05 26.66
CA HIS E 206 -66.25 -10.53 25.29
C HIS E 206 -65.22 -9.72 24.49
N ILE E 207 -64.22 -10.44 23.98
CA ILE E 207 -63.09 -9.77 23.34
C ILE E 207 -63.50 -9.15 21.99
N LYS E 208 -64.43 -9.78 21.28
CA LYS E 208 -64.93 -9.21 20.05
C LYS E 208 -65.89 -8.02 20.27
N THR E 209 -66.89 -8.19 21.15
CA THR E 209 -67.92 -7.14 21.35
C THR E 209 -67.51 -6.08 22.37
N GLY E 210 -66.51 -6.37 23.20
CA GLY E 210 -65.95 -5.36 24.10
C GLY E 210 -66.65 -5.32 25.44
N GLU E 211 -67.79 -6.00 25.54
CA GLU E 211 -68.55 -6.08 26.78
C GLU E 211 -67.73 -6.59 27.98
N GLN E 212 -67.97 -5.99 29.15
CA GLN E 212 -67.18 -6.35 30.31
C GLN E 212 -68.04 -6.54 31.56
N THR E 213 -67.44 -7.14 32.59
CA THR E 213 -68.04 -7.23 33.93
C THR E 213 -67.17 -6.38 34.85
N THR E 214 -67.69 -6.04 36.03
CA THR E 214 -66.88 -5.28 37.00
C THR E 214 -66.00 -6.23 37.83
N SER E 215 -64.95 -5.67 38.45
N SER E 215 -64.96 -5.68 38.46
CA SER E 215 -64.10 -6.47 39.32
CA SER E 215 -64.09 -6.47 39.30
C SER E 215 -64.90 -7.10 40.46
C SER E 215 -64.87 -7.08 40.48
N GLU E 216 -65.90 -6.38 40.95
CA GLU E 216 -66.75 -6.87 42.02
C GLU E 216 -67.52 -8.10 41.55
N GLU E 217 -68.08 -8.03 40.34
CA GLU E 217 -68.77 -9.18 39.74
C GLU E 217 -67.88 -10.42 39.60
N ARG E 218 -66.64 -10.22 39.14
CA ARG E 218 -65.70 -11.35 38.96
C ARG E 218 -65.42 -11.99 40.32
N GLN E 219 -65.40 -11.14 41.35
CA GLN E 219 -65.02 -11.55 42.67
C GLN E 219 -66.13 -12.31 43.38
N ASN E 220 -67.36 -11.80 43.31
CA ASN E 220 -68.44 -12.24 44.19
C ASN E 220 -69.67 -12.86 43.50
N THR E 221 -69.70 -12.98 42.18
CA THR E 221 -70.97 -13.39 41.55
C THR E 221 -70.95 -14.57 40.57
N PHE E 222 -69.76 -15.11 40.29
CA PHE E 222 -69.65 -16.26 39.37
C PHE E 222 -69.96 -17.58 40.11
N ASN E 223 -71.22 -17.76 40.50
CA ASN E 223 -71.62 -18.84 41.39
C ASN E 223 -71.81 -20.20 40.71
N GLU E 224 -72.25 -20.18 39.46
CA GLU E 224 -72.51 -21.42 38.76
C GLU E 224 -71.25 -22.27 38.61
N MET E 225 -70.12 -21.64 38.23
CA MET E 225 -68.91 -22.43 38.11
C MET E 225 -68.50 -23.04 39.46
N ILE E 226 -68.71 -22.31 40.57
CA ILE E 226 -68.35 -22.84 41.89
C ILE E 226 -69.20 -24.04 42.26
N GLU E 227 -70.50 -23.92 42.04
CA GLU E 227 -71.42 -25.04 42.30
C GLU E 227 -71.06 -26.26 41.45
N ILE E 228 -70.74 -26.02 40.18
CA ILE E 228 -70.38 -27.11 39.30
C ILE E 228 -69.08 -27.72 39.79
N ALA E 229 -68.12 -26.89 40.13
CA ALA E 229 -66.82 -27.40 40.57
C ALA E 229 -66.96 -28.28 41.82
N LEU E 230 -67.64 -27.75 42.84
CA LEU E 230 -67.85 -28.50 44.08
C LEU E 230 -68.64 -29.81 43.87
N ASP E 231 -69.71 -29.75 43.06
CA ASP E 231 -70.46 -30.96 42.78
C ASP E 231 -69.56 -31.97 42.08
N SER E 232 -68.64 -31.50 41.23
CA SER E 232 -67.85 -32.41 40.42
C SER E 232 -66.86 -33.15 41.31
N VAL E 233 -66.46 -32.55 42.43
CA VAL E 233 -65.53 -33.19 43.34
C VAL E 233 -66.22 -34.42 43.96
N LEU E 234 -67.47 -34.23 44.36
CA LEU E 234 -68.21 -35.35 44.97
C LEU E 234 -68.46 -36.48 43.95
N ILE E 235 -68.88 -36.12 42.75
CA ILE E 235 -69.05 -37.10 41.68
C ILE E 235 -67.76 -37.86 41.44
N GLY E 236 -66.65 -37.11 41.33
CA GLY E 236 -65.36 -37.71 41.05
C GLY E 236 -64.84 -38.59 42.16
N ASP E 237 -65.34 -38.39 43.38
CA ASP E 237 -64.94 -39.21 44.53
C ASP E 237 -65.52 -40.62 44.46
N GLN E 238 -66.62 -40.80 43.72
CA GLN E 238 -67.34 -42.08 43.73
C GLN E 238 -66.41 -43.23 43.29
N ALA E 239 -66.53 -44.37 43.98
CA ALA E 239 -65.85 -45.57 43.56
C ALA E 239 -66.31 -45.94 42.16
N GLY E 240 -65.37 -46.23 41.27
CA GLY E 240 -65.74 -46.71 39.96
C GLY E 240 -66.08 -45.63 38.96
N TYR E 241 -66.12 -44.36 39.39
CA TYR E 241 -66.48 -43.31 38.46
C TYR E 241 -65.55 -43.30 37.22
N ALA F 2 56.22 46.51 -40.86
CA ALA F 2 55.05 47.36 -40.48
C ALA F 2 54.11 46.64 -39.51
N THR F 3 54.53 45.49 -38.96
CA THR F 3 53.78 44.89 -37.84
C THR F 3 54.47 45.21 -36.52
N PRO F 4 53.78 44.99 -35.38
CA PRO F 4 54.46 45.35 -34.14
C PRO F 4 55.71 44.50 -33.85
N HIS F 5 55.89 43.37 -34.53
CA HIS F 5 56.98 42.43 -34.19
C HIS F 5 57.94 42.14 -35.33
N ILE F 6 57.61 42.64 -36.53
CA ILE F 6 58.39 42.39 -37.72
C ILE F 6 58.51 43.71 -38.53
N ASN F 7 59.74 44.21 -38.70
CA ASN F 7 59.97 45.45 -39.46
C ASN F 7 60.31 45.13 -40.91
N ALA F 8 59.36 44.50 -41.61
CA ALA F 8 59.55 44.12 -43.01
C ALA F 8 58.32 44.55 -43.78
N GLN F 9 58.39 44.42 -45.11
CA GLN F 9 57.24 44.76 -45.96
C GLN F 9 56.79 43.49 -46.68
N MET F 10 55.51 43.43 -47.07
CA MET F 10 55.01 42.33 -47.90
C MET F 10 55.97 42.07 -49.07
N GLY F 11 56.26 40.80 -49.36
CA GLY F 11 57.23 40.47 -50.42
C GLY F 11 58.64 40.20 -49.92
N ASP F 12 58.97 40.70 -48.72
CA ASP F 12 60.29 40.47 -48.11
C ASP F 12 60.55 39.01 -47.74
N PHE F 13 59.48 38.28 -47.42
CA PHE F 13 59.59 36.85 -47.12
C PHE F 13 59.20 35.98 -48.30
N ALA F 14 59.84 34.82 -48.41
CA ALA F 14 59.43 33.79 -49.36
C ALA F 14 58.11 33.21 -48.84
N ASP F 15 57.43 32.38 -49.65
CA ASP F 15 56.19 31.78 -49.19
C ASP F 15 56.41 30.55 -48.30
N VAL F 16 57.66 30.14 -48.12
CA VAL F 16 58.00 29.13 -47.12
C VAL F 16 59.08 29.67 -46.18
N VAL F 17 58.89 29.46 -44.88
CA VAL F 17 59.83 30.04 -43.89
C VAL F 17 60.23 28.91 -42.94
N LEU F 18 61.53 28.66 -42.81
CA LEU F 18 62.06 27.80 -41.79
C LEU F 18 62.15 28.63 -40.49
N MET F 19 61.78 28.04 -39.36
CA MET F 19 61.82 28.82 -38.11
C MET F 19 62.38 28.03 -36.98
N PRO F 20 63.62 28.35 -36.57
CA PRO F 20 64.14 27.91 -35.30
C PRO F 20 63.65 28.88 -34.19
N GLY F 21 63.64 28.42 -32.94
CA GLY F 21 63.32 29.34 -31.81
C GLY F 21 64.39 30.41 -31.66
N ASP F 22 65.64 30.03 -31.91
CA ASP F 22 66.80 30.89 -31.67
C ASP F 22 67.12 31.73 -32.92
N PRO F 23 67.00 33.07 -32.81
CA PRO F 23 67.34 33.96 -33.93
C PRO F 23 68.80 33.82 -34.41
N LEU F 24 69.69 33.38 -33.52
CA LEU F 24 71.07 33.15 -33.95
C LEU F 24 71.19 31.83 -34.72
N ARG F 25 70.29 30.87 -34.47
CA ARG F 25 70.28 29.69 -35.35
C ARG F 25 69.71 30.10 -36.71
N ALA F 26 68.79 31.06 -36.74
CA ALA F 26 68.30 31.54 -38.04
C ALA F 26 69.44 32.20 -38.83
N LYS F 27 70.30 32.94 -38.10
CA LYS F 27 71.45 33.60 -38.73
C LYS F 27 72.40 32.54 -39.27
N TYR F 28 72.66 31.52 -38.47
CA TYR F 28 73.55 30.44 -38.88
C TYR F 28 73.03 29.75 -40.16
N ILE F 29 71.74 29.48 -40.17
CA ILE F 29 71.12 28.83 -41.35
C ILE F 29 71.25 29.72 -42.58
N ALA F 30 70.94 31.00 -42.39
CA ALA F 30 70.96 31.95 -43.51
C ALA F 30 72.36 32.11 -44.10
N GLU F 31 73.37 32.16 -43.24
CA GLU F 31 74.75 32.42 -43.65
C GLU F 31 75.44 31.15 -44.18
N ASN F 32 75.00 29.97 -43.76
CA ASN F 32 75.70 28.77 -44.16
C ASN F 32 74.96 27.83 -45.11
N PHE F 33 73.64 27.96 -45.21
CA PHE F 33 72.87 27.04 -46.05
C PHE F 33 72.12 27.74 -47.18
N LEU F 34 71.90 29.04 -47.06
CA LEU F 34 71.23 29.78 -48.11
C LEU F 34 72.26 30.53 -48.95
N ASP F 35 71.90 30.83 -50.20
CA ASP F 35 72.72 31.68 -51.04
C ASP F 35 72.17 33.08 -50.99
N ASN F 36 73.08 34.04 -50.85
CA ASN F 36 72.72 35.44 -50.98
C ASN F 36 71.66 35.89 -50.00
N ALA F 37 71.70 35.35 -48.80
CA ALA F 37 70.71 35.73 -47.78
C ALA F 37 70.87 37.20 -47.36
N VAL F 38 69.76 37.91 -47.25
CA VAL F 38 69.79 39.26 -46.70
C VAL F 38 68.88 39.32 -45.46
N GLN F 39 69.31 40.02 -44.41
CA GLN F 39 68.46 40.16 -43.23
C GLN F 39 67.22 41.02 -43.57
N VAL F 40 66.03 40.60 -43.17
CA VAL F 40 64.83 41.39 -43.49
C VAL F 40 64.06 41.91 -42.25
N CYS F 41 64.37 41.39 -41.07
CA CYS F 41 63.80 41.96 -39.85
C CYS F 41 64.73 41.71 -38.64
N ASP F 42 64.54 42.51 -37.59
CA ASP F 42 65.38 42.43 -36.41
C ASP F 42 64.77 43.06 -35.16
N VAL F 43 63.47 43.31 -35.18
CA VAL F 43 62.78 43.85 -34.01
C VAL F 43 62.91 42.86 -32.86
N ARG F 44 63.16 43.37 -31.65
CA ARG F 44 63.36 42.54 -30.46
C ARG F 44 64.47 41.52 -30.68
N ASN F 45 65.38 41.81 -31.61
CA ASN F 45 66.51 40.93 -31.92
C ASN F 45 66.03 39.66 -32.57
N MET F 46 64.80 39.65 -33.07
CA MET F 46 64.29 38.42 -33.71
C MET F 46 64.59 38.46 -35.23
N PHE F 47 65.79 37.99 -35.56
CA PHE F 47 66.34 38.03 -36.90
C PHE F 47 65.59 37.15 -37.87
N GLY F 48 65.33 37.69 -39.06
CA GLY F 48 64.80 36.92 -40.17
C GLY F 48 65.56 37.28 -41.44
N TYR F 49 65.67 36.31 -42.37
CA TYR F 49 66.50 36.46 -43.57
C TYR F 49 65.79 35.83 -44.75
N THR F 50 66.09 36.29 -45.96
CA THR F 50 65.56 35.67 -47.17
C THR F 50 66.70 35.48 -48.16
N GLY F 51 66.79 34.29 -48.75
CA GLY F 51 67.83 34.03 -49.73
C GLY F 51 67.31 32.96 -50.66
N THR F 52 68.20 32.20 -51.29
CA THR F 52 67.75 31.10 -52.13
C THR F 52 68.43 29.78 -51.73
N TYR F 53 67.78 28.67 -52.05
CA TYR F 53 68.38 27.36 -51.89
C TYR F 53 68.19 26.62 -53.21
N LYS F 54 69.31 26.28 -53.87
CA LYS F 54 69.26 25.67 -55.19
C LYS F 54 68.32 26.44 -56.11
N GLY F 55 68.32 27.74 -55.95
CA GLY F 55 67.57 28.64 -56.81
C GLY F 55 66.21 28.99 -56.30
N ARG F 56 65.73 28.27 -55.27
CA ARG F 56 64.39 28.47 -54.77
C ARG F 56 64.40 29.49 -53.62
N LYS F 57 63.54 30.50 -53.71
CA LYS F 57 63.45 31.54 -52.68
C LYS F 57 62.93 30.94 -51.35
N ILE F 58 63.64 31.18 -50.25
CA ILE F 58 63.32 30.60 -48.94
C ILE F 58 63.74 31.57 -47.84
N SER F 59 62.93 31.66 -46.78
CA SER F 59 63.25 32.56 -45.69
C SER F 59 63.57 31.73 -44.44
N VAL F 60 64.27 32.33 -43.49
CA VAL F 60 64.45 31.68 -42.21
C VAL F 60 64.34 32.77 -41.16
N MET F 61 63.58 32.51 -40.11
CA MET F 61 63.39 33.50 -39.06
C MET F 61 63.18 32.88 -37.71
N GLY F 62 63.73 33.51 -36.67
CA GLY F 62 63.47 33.01 -35.31
C GLY F 62 62.02 33.19 -34.88
N HIS F 63 61.54 32.30 -34.01
CA HIS F 63 60.16 32.46 -33.44
C HIS F 63 60.12 32.64 -31.92
N GLY F 64 61.28 32.68 -31.27
CA GLY F 64 61.34 32.77 -29.78
C GLY F 64 60.96 31.47 -29.09
N MET F 65 60.89 31.49 -27.77
CA MET F 65 60.60 30.26 -27.03
C MET F 65 59.15 30.23 -26.56
N GLY F 66 58.51 29.08 -26.73
CA GLY F 66 57.17 28.88 -26.15
C GLY F 66 56.04 29.24 -27.10
N ILE F 67 54.88 28.64 -26.83
CA ILE F 67 53.70 28.81 -27.71
C ILE F 67 53.27 30.25 -27.93
N PRO F 68 53.15 31.06 -26.87
CA PRO F 68 52.65 32.41 -27.12
C PRO F 68 53.60 33.23 -27.99
N SER F 69 54.90 33.01 -27.82
CA SER F 69 55.87 33.70 -28.66
C SER F 69 55.80 33.25 -30.12
N CYS F 70 55.97 31.95 -30.38
CA CYS F 70 55.94 31.52 -31.78
C CYS F 70 54.61 31.83 -32.46
N SER F 71 53.50 31.82 -31.70
CA SER F 71 52.17 32.13 -32.28
C SER F 71 52.12 33.54 -32.86
N ILE F 72 52.74 34.50 -32.19
CA ILE F 72 52.76 35.85 -32.72
C ILE F 72 53.45 35.87 -34.08
N TYR F 73 54.65 35.32 -34.14
CA TYR F 73 55.45 35.40 -35.37
C TYR F 73 54.82 34.65 -36.52
N VAL F 74 54.30 33.45 -36.26
CA VAL F 74 53.71 32.60 -37.31
C VAL F 74 52.42 33.27 -37.81
N THR F 75 51.64 33.84 -36.90
CA THR F 75 50.36 34.43 -37.29
C THR F 75 50.64 35.62 -38.21
N GLU F 76 51.58 36.46 -37.83
CA GLU F 76 52.02 37.57 -38.67
C GLU F 76 52.55 37.14 -40.03
N LEU F 77 53.40 36.13 -40.05
CA LEU F 77 53.92 35.66 -41.33
C LEU F 77 52.79 35.26 -42.28
N ILE F 78 51.86 34.46 -41.76
CA ILE F 78 50.74 33.99 -42.58
C ILE F 78 49.82 35.12 -42.96
N LYS F 79 49.42 35.95 -42.00
CA LYS F 79 48.32 36.84 -42.31
C LYS F 79 48.81 38.14 -42.92
N ASP F 80 50.05 38.52 -42.61
CA ASP F 80 50.55 39.80 -43.13
C ASP F 80 51.61 39.68 -44.23
N TYR F 81 52.28 38.54 -44.34
CA TYR F 81 53.40 38.43 -45.30
C TYR F 81 53.19 37.32 -46.33
N GLY F 82 51.99 36.74 -46.37
CA GLY F 82 51.63 35.80 -47.44
C GLY F 82 52.29 34.44 -47.35
N VAL F 83 52.86 34.12 -46.18
CA VAL F 83 53.51 32.83 -46.01
C VAL F 83 52.52 31.67 -46.05
N LYS F 84 52.84 30.64 -46.83
CA LYS F 84 51.98 29.49 -47.00
C LYS F 84 52.42 28.28 -46.19
N LYS F 85 53.73 28.13 -46.00
CA LYS F 85 54.22 26.92 -45.30
C LYS F 85 55.25 27.33 -44.27
N ILE F 86 55.19 26.73 -43.07
CA ILE F 86 56.14 27.05 -42.02
C ILE F 86 56.82 25.77 -41.64
N ILE F 87 58.15 25.75 -41.67
CA ILE F 87 58.85 24.56 -41.14
C ILE F 87 59.64 24.93 -39.89
N ARG F 88 59.13 24.56 -38.72
CA ARG F 88 59.90 24.76 -37.49
C ARG F 88 61.13 23.83 -37.54
N VAL F 89 62.33 24.38 -37.30
CA VAL F 89 63.57 23.58 -37.25
C VAL F 89 64.17 23.76 -35.86
N GLY F 90 63.79 22.87 -34.96
CA GLY F 90 63.94 23.17 -33.54
C GLY F 90 64.84 22.17 -32.86
N SER F 91 64.95 22.34 -31.54
CA SER F 91 65.59 21.33 -30.70
C SER F 91 64.48 20.62 -29.91
N CYS F 92 64.81 19.54 -29.20
CA CYS F 92 63.82 18.93 -28.34
C CYS F 92 64.54 18.07 -27.33
N GLY F 93 63.81 17.67 -26.29
CA GLY F 93 64.36 16.80 -25.26
C GLY F 93 63.72 15.45 -25.45
N ALA F 94 64.51 14.39 -25.34
CA ALA F 94 64.00 13.02 -25.50
C ALA F 94 63.55 12.46 -24.16
N VAL F 95 62.43 11.73 -24.15
CA VAL F 95 61.98 11.02 -22.94
C VAL F 95 62.10 9.51 -23.07
N ASN F 96 62.31 9.03 -24.30
CA ASN F 96 62.43 7.58 -24.51
C ASN F 96 63.89 7.16 -24.47
N GLU F 97 64.20 6.05 -23.80
CA GLU F 97 65.60 5.60 -23.70
C GLU F 97 66.20 5.28 -25.07
N GLY F 98 65.38 4.87 -26.03
CA GLY F 98 65.87 4.57 -27.38
C GLY F 98 66.15 5.78 -28.28
N ILE F 99 65.80 6.98 -27.83
CA ILE F 99 65.99 8.16 -28.64
C ILE F 99 67.16 8.94 -28.05
N LYS F 100 68.14 9.30 -28.90
CA LYS F 100 69.43 9.79 -28.44
C LYS F 100 69.66 11.24 -28.87
N VAL F 101 70.48 11.95 -28.10
CA VAL F 101 70.90 13.29 -28.51
C VAL F 101 71.39 13.29 -29.96
N ARG F 102 70.98 14.31 -30.71
CA ARG F 102 71.29 14.48 -32.15
C ARG F 102 70.41 13.66 -33.08
N ASP F 103 69.52 12.82 -32.54
CA ASP F 103 68.55 12.15 -33.41
C ASP F 103 67.61 13.23 -33.95
N VAL F 104 67.11 13.01 -35.17
CA VAL F 104 66.15 13.94 -35.77
C VAL F 104 64.76 13.31 -35.72
N VAL F 105 63.79 14.10 -35.23
CA VAL F 105 62.42 13.63 -35.16
C VAL F 105 61.48 14.61 -35.86
N ILE F 106 60.33 14.12 -36.29
CA ILE F 106 59.39 14.92 -37.07
C ILE F 106 58.05 14.79 -36.39
N GLY F 107 57.44 15.92 -36.03
CA GLY F 107 56.14 15.88 -35.34
C GLY F 107 54.95 15.85 -36.30
N MET F 108 54.47 14.66 -36.62
N MET F 108 54.45 14.65 -36.60
CA MET F 108 53.21 14.59 -37.35
CA MET F 108 53.19 14.58 -37.36
C MET F 108 52.12 15.21 -36.50
C MET F 108 52.03 15.08 -36.50
N GLY F 109 52.19 14.98 -35.18
CA GLY F 109 51.26 15.59 -34.22
C GLY F 109 52.07 16.24 -33.11
N ALA F 110 51.41 17.10 -32.32
CA ALA F 110 52.05 17.68 -31.13
C ALA F 110 51.01 17.73 -29.99
N CYS F 111 51.24 16.96 -28.93
CA CYS F 111 50.46 17.04 -27.68
C CYS F 111 50.85 18.33 -26.96
N THR F 112 50.09 18.73 -25.96
CA THR F 112 50.51 19.92 -25.20
C THR F 112 49.78 20.04 -23.91
N ASP F 113 50.36 20.77 -22.95
CA ASP F 113 49.63 21.14 -21.75
C ASP F 113 49.20 22.59 -21.75
N SER F 114 49.30 23.21 -22.92
CA SER F 114 48.83 24.57 -23.09
C SER F 114 47.29 24.59 -23.26
N LYS F 115 46.66 25.73 -22.94
CA LYS F 115 45.22 25.90 -23.15
C LYS F 115 44.86 26.50 -24.54
N VAL F 116 45.86 26.81 -25.38
CA VAL F 116 45.57 27.63 -26.59
C VAL F 116 44.59 26.95 -27.57
N ASN F 117 44.72 25.66 -27.78
CA ASN F 117 43.79 24.98 -28.70
C ASN F 117 42.42 24.74 -28.09
N ARG F 118 42.36 24.56 -26.76
CA ARG F 118 41.08 24.56 -26.08
C ARG F 118 40.36 25.90 -26.22
N ILE F 119 41.11 26.99 -26.15
CA ILE F 119 40.53 28.33 -26.39
C ILE F 119 39.99 28.42 -27.82
N ARG F 120 40.70 27.82 -28.77
CA ARG F 120 40.23 27.91 -30.17
C ARG F 120 39.05 26.99 -30.45
N PHE F 121 38.98 25.86 -29.74
CA PHE F 121 38.16 24.73 -30.21
C PHE F 121 37.06 24.34 -29.24
N LYS F 122 36.37 25.35 -28.68
CA LYS F 122 35.26 25.16 -27.72
C LYS F 122 35.59 24.20 -26.57
N ASP F 123 36.84 24.24 -26.11
CA ASP F 123 37.29 23.47 -24.96
C ASP F 123 37.28 21.95 -25.21
N HIS F 124 37.27 21.56 -26.49
CA HIS F 124 37.42 20.14 -26.84
C HIS F 124 38.88 19.78 -27.18
N ASP F 125 39.13 18.54 -27.59
CA ASP F 125 40.48 18.14 -27.94
C ASP F 125 40.71 18.39 -29.43
N PHE F 126 41.51 19.40 -29.75
CA PHE F 126 41.99 19.61 -31.12
C PHE F 126 43.27 18.81 -31.31
N ALA F 127 43.32 17.91 -32.29
CA ALA F 127 44.54 17.16 -32.57
C ALA F 127 45.43 18.06 -33.40
N ALA F 128 46.45 18.62 -32.75
CA ALA F 128 47.37 19.58 -33.39
C ALA F 128 48.27 18.78 -34.33
N ILE F 129 48.01 18.88 -35.61
CA ILE F 129 48.75 18.09 -36.62
C ILE F 129 49.47 18.95 -37.66
N ALA F 130 50.55 18.38 -38.18
CA ALA F 130 51.30 18.94 -39.28
C ALA F 130 50.49 18.71 -40.58
N ASP F 131 50.86 19.43 -41.62
CA ASP F 131 50.37 19.13 -42.98
C ASP F 131 50.96 17.82 -43.48
N TYR F 132 50.12 16.90 -43.95
CA TYR F 132 50.60 15.58 -44.39
C TYR F 132 51.71 15.60 -45.45
N LYS F 133 51.52 16.36 -46.53
CA LYS F 133 52.52 16.32 -47.58
C LYS F 133 53.85 16.94 -47.11
N MET F 134 53.79 17.86 -46.15
CA MET F 134 55.03 18.42 -45.65
C MET F 134 55.74 17.36 -44.84
N VAL F 135 54.99 16.56 -44.09
CA VAL F 135 55.60 15.47 -43.33
C VAL F 135 56.24 14.49 -44.33
N LYS F 136 55.49 14.12 -45.36
CA LYS F 136 55.99 13.15 -46.36
C LYS F 136 57.27 13.62 -47.03
N ALA F 137 57.27 14.88 -47.45
CA ALA F 137 58.44 15.50 -48.10
C ALA F 137 59.66 15.49 -47.19
N ALA F 138 59.47 15.77 -45.90
CA ALA F 138 60.57 15.78 -44.94
C ALA F 138 61.16 14.40 -44.76
N GLU F 139 60.30 13.39 -44.59
CA GLU F 139 60.72 12.01 -44.40
C GLU F 139 61.48 11.48 -45.63
N GLU F 140 60.98 11.83 -46.82
CA GLU F 140 61.61 11.42 -48.06
C GLU F 140 62.95 12.12 -48.25
N ALA F 141 63.01 13.40 -47.86
CA ALA F 141 64.26 14.15 -47.95
C ALA F 141 65.32 13.49 -47.07
N ALA F 142 64.90 13.08 -45.87
CA ALA F 142 65.79 12.38 -44.94
C ALA F 142 66.28 11.06 -45.56
N LYS F 143 65.36 10.27 -46.07
CA LYS F 143 65.72 8.99 -46.71
C LYS F 143 66.74 9.21 -47.82
N ALA F 144 66.52 10.23 -48.65
CA ALA F 144 67.43 10.48 -49.76
C ALA F 144 68.85 10.78 -49.27
N ARG F 145 68.96 11.38 -48.08
CA ARG F 145 70.28 11.69 -47.50
C ARG F 145 70.82 10.57 -46.60
N GLY F 146 70.04 9.52 -46.43
CA GLY F 146 70.45 8.43 -45.55
C GLY F 146 70.45 8.84 -44.08
N ILE F 147 69.61 9.80 -43.73
CA ILE F 147 69.46 10.23 -42.35
C ILE F 147 68.20 9.57 -41.76
N ASP F 148 68.36 8.90 -40.63
CA ASP F 148 67.25 8.24 -39.95
C ASP F 148 66.33 9.29 -39.31
N VAL F 149 65.01 9.10 -39.39
CA VAL F 149 64.12 10.03 -38.67
C VAL F 149 63.03 9.22 -38.02
N LYS F 150 62.48 9.72 -36.92
CA LYS F 150 61.27 9.12 -36.33
C LYS F 150 60.14 10.11 -36.59
N VAL F 151 58.99 9.62 -37.05
CA VAL F 151 57.81 10.48 -37.23
C VAL F 151 56.76 10.08 -36.20
N GLY F 152 56.32 11.05 -35.40
CA GLY F 152 55.43 10.72 -34.31
C GLY F 152 54.89 11.98 -33.62
N ASN F 153 54.55 11.84 -32.34
CA ASN F 153 53.99 12.94 -31.57
C ASN F 153 55.10 13.66 -30.82
N LEU F 154 55.14 14.97 -30.98
CA LEU F 154 55.92 15.81 -30.05
C LEU F 154 55.04 16.12 -28.84
N PHE F 155 55.66 16.59 -27.74
CA PHE F 155 54.87 17.24 -26.65
C PHE F 155 55.34 18.70 -26.52
N SER F 156 54.42 19.66 -26.71
CA SER F 156 54.78 21.09 -26.58
C SER F 156 54.48 21.54 -25.16
N ALA F 157 55.54 21.72 -24.37
CA ALA F 157 55.40 22.01 -22.95
C ALA F 157 55.24 23.50 -22.71
N GLU F 158 54.47 23.84 -21.69
CA GLU F 158 54.37 25.20 -21.21
C GLU F 158 55.53 25.55 -20.27
N LEU F 159 55.98 24.60 -19.46
CA LEU F 159 56.98 24.91 -18.43
C LEU F 159 58.21 24.05 -18.63
N PHE F 160 59.27 24.67 -19.14
CA PHE F 160 60.55 23.99 -19.28
C PHE F 160 60.97 23.43 -17.93
N TYR F 161 60.88 24.27 -16.90
CA TYR F 161 61.17 23.81 -15.52
C TYR F 161 59.87 23.31 -14.89
N THR F 162 59.46 22.13 -15.32
CA THR F 162 58.12 21.68 -14.98
C THR F 162 58.00 21.30 -13.51
N PRO F 163 56.89 21.72 -12.86
CA PRO F 163 56.60 21.24 -11.51
C PRO F 163 56.08 19.81 -11.50
N ASP F 164 55.84 19.24 -12.68
CA ASP F 164 55.35 17.87 -12.75
C ASP F 164 56.23 16.96 -13.62
N PRO F 165 57.41 16.60 -13.12
CA PRO F 165 58.27 15.74 -13.95
C PRO F 165 57.72 14.34 -14.17
N SER F 166 56.78 13.90 -13.32
CA SER F 166 56.15 12.60 -13.55
C SER F 166 55.47 12.54 -14.93
N MET F 167 55.05 13.69 -15.45
CA MET F 167 54.47 13.71 -16.80
C MET F 167 55.41 13.13 -17.88
N PHE F 168 56.72 13.29 -17.71
CA PHE F 168 57.64 12.75 -18.73
C PHE F 168 57.46 11.27 -18.94
N ASP F 169 57.19 10.52 -17.87
CA ASP F 169 56.95 9.08 -18.02
C ASP F 169 55.65 8.77 -18.78
N VAL F 170 54.62 9.60 -18.56
CA VAL F 170 53.37 9.45 -19.31
C VAL F 170 53.63 9.74 -20.76
N MET F 171 54.41 10.78 -21.06
CA MET F 171 54.72 11.05 -22.45
C MET F 171 55.43 9.86 -23.09
N ASP F 172 56.39 9.29 -22.36
CA ASP F 172 57.14 8.19 -22.94
C ASP F 172 56.22 6.97 -23.18
N LYS F 173 55.39 6.64 -22.20
CA LYS F 173 54.42 5.57 -22.35
C LYS F 173 53.57 5.77 -23.62
N TYR F 174 53.22 7.02 -23.92
CA TYR F 174 52.33 7.35 -25.07
C TYR F 174 53.08 7.59 -26.36
N GLY F 175 54.38 7.31 -26.34
CA GLY F 175 55.16 7.29 -27.58
C GLY F 175 55.70 8.62 -28.05
N ILE F 176 55.66 9.64 -27.18
CA ILE F 176 56.17 10.97 -27.52
C ILE F 176 57.62 10.88 -27.99
N VAL F 177 57.91 11.46 -29.14
CA VAL F 177 59.27 11.35 -29.68
C VAL F 177 60.20 12.46 -29.23
N GLY F 178 59.65 13.60 -28.86
CA GLY F 178 60.51 14.65 -28.32
C GLY F 178 59.67 15.68 -27.61
N VAL F 179 60.27 16.36 -26.65
CA VAL F 179 59.59 17.46 -25.93
C VAL F 179 60.14 18.78 -26.41
N GLU F 180 59.28 19.69 -26.86
CA GLU F 180 59.70 21.06 -27.17
C GLU F 180 58.65 22.01 -26.60
N MET F 181 58.46 23.20 -27.16
CA MET F 181 57.53 24.15 -26.54
C MET F 181 56.74 24.94 -27.53
N GLU F 182 56.58 24.42 -28.75
CA GLU F 182 56.07 25.28 -29.80
C GLU F 182 55.12 24.61 -30.80
N ALA F 183 55.44 23.39 -31.21
CA ALA F 183 54.72 22.78 -32.36
C ALA F 183 53.19 22.79 -32.22
N ALA F 184 52.66 22.45 -31.05
CA ALA F 184 51.17 22.44 -30.92
C ALA F 184 50.56 23.82 -31.17
N GLY F 185 51.29 24.86 -30.78
CA GLY F 185 50.88 26.24 -31.02
C GLY F 185 50.96 26.62 -32.48
N ILE F 186 52.04 26.21 -33.12
CA ILE F 186 52.20 26.49 -34.54
C ILE F 186 51.14 25.74 -35.34
N TYR F 187 50.86 24.49 -34.99
CA TYR F 187 49.89 23.70 -35.74
C TYR F 187 48.48 24.28 -35.54
N GLY F 188 48.22 24.79 -34.34
CA GLY F 188 46.96 25.49 -34.09
C GLY F 188 46.78 26.76 -34.90
N VAL F 189 47.83 27.58 -35.02
CA VAL F 189 47.75 28.77 -35.86
C VAL F 189 47.52 28.37 -37.32
N ALA F 190 48.30 27.39 -37.78
CA ALA F 190 48.18 26.99 -39.20
C ALA F 190 46.73 26.57 -39.50
N ALA F 191 46.14 25.79 -38.62
CA ALA F 191 44.76 25.34 -38.87
C ALA F 191 43.81 26.54 -38.77
N GLU F 192 44.03 27.39 -37.78
CA GLU F 192 43.18 28.58 -37.60
C GLU F 192 43.22 29.50 -38.81
N TYR F 193 44.41 29.72 -39.38
CA TYR F 193 44.60 30.66 -40.49
C TYR F 193 44.65 29.98 -41.85
N GLY F 194 44.38 28.67 -41.90
CA GLY F 194 44.31 27.94 -43.19
C GLY F 194 45.63 27.87 -43.94
N ALA F 195 46.74 27.75 -43.20
CA ALA F 195 48.03 27.54 -43.82
C ALA F 195 48.56 26.16 -43.41
N LYS F 196 49.85 25.91 -43.65
CA LYS F 196 50.43 24.57 -43.46
C LYS F 196 51.71 24.64 -42.68
N ALA F 197 51.91 23.70 -41.76
CA ALA F 197 53.14 23.76 -40.95
C ALA F 197 53.68 22.39 -40.65
N LEU F 198 54.97 22.35 -40.33
CA LEU F 198 55.63 21.13 -39.94
C LEU F 198 56.69 21.49 -38.90
N ALA F 199 56.91 20.63 -37.90
CA ALA F 199 58.05 20.80 -36.99
C ALA F 199 58.98 19.59 -37.10
N ILE F 200 60.26 19.88 -37.39
CA ILE F 200 61.34 18.93 -37.36
C ILE F 200 62.29 19.37 -36.25
N CYS F 201 62.73 18.44 -35.41
CA CYS F 201 63.58 18.86 -34.28
C CYS F 201 64.75 17.93 -34.12
N THR F 202 65.86 18.48 -33.65
CA THR F 202 67.02 17.68 -33.30
C THR F 202 67.05 17.49 -31.78
N VAL F 203 67.20 16.26 -31.31
CA VAL F 203 67.30 16.02 -29.88
C VAL F 203 68.54 16.73 -29.29
N SER F 204 68.32 17.72 -28.42
CA SER F 204 69.42 18.47 -27.81
C SER F 204 69.73 18.09 -26.35
N ASP F 205 68.78 17.41 -25.71
CA ASP F 205 68.85 17.07 -24.29
C ASP F 205 68.26 15.66 -24.14
N HIS F 206 68.78 14.84 -23.22
CA HIS F 206 67.97 13.68 -22.78
C HIS F 206 67.35 13.96 -21.41
N ILE F 207 66.03 14.10 -21.41
CA ILE F 207 65.31 14.47 -20.20
C ILE F 207 65.44 13.40 -19.12
N LYS F 208 65.49 12.13 -19.52
CA LYS F 208 65.60 11.04 -18.56
C LYS F 208 67.01 11.00 -17.94
N THR F 209 68.05 10.98 -18.78
CA THR F 209 69.43 10.85 -18.28
C THR F 209 70.13 12.14 -17.80
N GLY F 210 69.65 13.30 -18.23
CA GLY F 210 70.24 14.58 -17.82
C GLY F 210 71.29 15.10 -18.80
N GLU F 211 71.58 14.30 -19.82
CA GLU F 211 72.56 14.66 -20.82
C GLU F 211 72.16 15.89 -21.64
N GLN F 212 73.01 16.92 -21.66
CA GLN F 212 72.69 18.19 -22.33
C GLN F 212 73.77 18.59 -23.33
N THR F 213 73.39 19.13 -24.50
CA THR F 213 74.33 19.79 -25.41
C THR F 213 74.60 21.24 -24.97
N THR F 214 75.66 21.86 -25.49
CA THR F 214 75.96 23.27 -25.16
C THR F 214 75.09 24.22 -25.99
N SER F 215 74.92 25.46 -25.54
CA SER F 215 74.11 26.40 -26.31
C SER F 215 74.76 26.68 -27.68
N GLU F 216 76.09 26.58 -27.72
CA GLU F 216 76.83 26.68 -28.97
C GLU F 216 76.47 25.57 -29.96
N GLU F 217 76.43 24.31 -29.51
CA GLU F 217 76.06 23.18 -30.39
C GLU F 217 74.65 23.38 -30.93
N ARG F 218 73.75 23.88 -30.07
CA ARG F 218 72.33 24.06 -30.44
C ARG F 218 72.23 25.13 -31.54
N GLN F 219 73.07 26.16 -31.41
CA GLN F 219 73.05 27.29 -32.34
C GLN F 219 73.65 26.94 -33.71
N ASN F 220 74.71 26.12 -33.72
CA ASN F 220 75.63 26.05 -34.86
C ASN F 220 75.87 24.68 -35.46
N THR F 221 75.37 23.60 -34.88
CA THR F 221 75.79 22.25 -35.30
C THR F 221 74.66 21.25 -35.64
N PHE F 222 73.41 21.69 -35.59
CA PHE F 222 72.30 20.79 -35.93
C PHE F 222 72.03 20.86 -37.44
N ASN F 223 72.95 20.35 -38.24
CA ASN F 223 72.94 20.50 -39.70
C ASN F 223 71.99 19.55 -40.45
N GLU F 224 71.89 18.31 -39.97
CA GLU F 224 70.99 17.34 -40.59
C GLU F 224 69.55 17.85 -40.70
N MET F 225 69.00 18.38 -39.59
CA MET F 225 67.62 18.83 -39.68
C MET F 225 67.50 19.97 -40.70
N ILE F 226 68.54 20.77 -40.84
CA ILE F 226 68.46 21.90 -41.77
C ILE F 226 68.45 21.37 -43.20
N GLU F 227 69.36 20.45 -43.49
CA GLU F 227 69.45 19.83 -44.83
C GLU F 227 68.13 19.18 -45.21
N ILE F 228 67.56 18.44 -44.27
CA ILE F 228 66.27 17.80 -44.47
C ILE F 228 65.19 18.85 -44.76
N ALA F 229 65.08 19.88 -43.92
CA ALA F 229 64.04 20.87 -44.11
C ALA F 229 64.13 21.55 -45.49
N LEU F 230 65.33 21.97 -45.87
CA LEU F 230 65.49 22.66 -47.14
C LEU F 230 65.18 21.74 -48.32
N ASP F 231 65.72 20.52 -48.30
CA ASP F 231 65.46 19.55 -49.38
C ASP F 231 63.94 19.28 -49.45
N SER F 232 63.26 19.32 -48.29
CA SER F 232 61.83 18.98 -48.25
C SER F 232 61.02 20.05 -48.95
N VAL F 233 61.53 21.28 -48.97
CA VAL F 233 60.83 22.37 -49.66
C VAL F 233 60.82 22.06 -51.15
N LEU F 234 61.97 21.67 -51.70
CA LEU F 234 62.07 21.40 -53.15
C LEU F 234 61.21 20.20 -53.54
N ILE F 235 61.21 19.17 -52.69
CA ILE F 235 60.40 18.00 -52.92
C ILE F 235 58.91 18.38 -52.93
N GLY F 236 58.52 19.19 -51.95
CA GLY F 236 57.11 19.55 -51.76
C GLY F 236 56.61 20.51 -52.83
N ASP F 237 57.54 21.14 -53.55
CA ASP F 237 57.23 22.07 -54.64
C ASP F 237 56.82 21.37 -55.94
N GLN F 238 57.19 20.10 -56.08
CA GLN F 238 56.93 19.37 -57.34
C GLN F 238 55.45 19.33 -57.68
N ALA F 239 55.14 19.60 -58.95
CA ALA F 239 53.79 19.41 -59.48
C ALA F 239 53.22 18.03 -59.11
N GLY F 240 52.04 18.01 -58.53
CA GLY F 240 51.36 16.76 -58.23
C GLY F 240 51.92 15.98 -57.06
N TYR F 241 52.91 16.52 -56.34
CA TYR F 241 53.43 15.82 -55.18
C TYR F 241 52.30 15.50 -54.19
N ALA G 2 12.34 5.39 -42.06
CA ALA G 2 13.48 4.70 -41.37
C ALA G 2 14.53 5.72 -40.94
N THR G 3 15.34 5.38 -39.93
CA THR G 3 16.52 6.18 -39.61
C THR G 3 17.78 5.49 -40.12
N PRO G 4 18.94 6.14 -39.93
CA PRO G 4 20.14 5.42 -40.34
C PRO G 4 20.42 4.17 -39.46
N HIS G 5 19.74 4.05 -38.32
CA HIS G 5 20.08 2.98 -37.35
C HIS G 5 18.98 2.00 -37.03
N ILE G 6 17.75 2.34 -37.43
CA ILE G 6 16.60 1.51 -37.10
C ILE G 6 15.73 1.40 -38.37
N ASN G 7 15.50 0.18 -38.86
CA ASN G 7 14.71 0.05 -40.08
C ASN G 7 13.28 -0.35 -39.76
N ALA G 8 12.64 0.44 -38.91
CA ALA G 8 11.26 0.15 -38.53
C ALA G 8 10.44 1.36 -38.90
N GLN G 9 9.11 1.25 -38.79
CA GLN G 9 8.23 2.39 -39.03
C GLN G 9 7.54 2.80 -37.73
N MET G 10 7.15 4.07 -37.64
CA MET G 10 6.36 4.55 -36.50
C MET G 10 5.21 3.57 -36.20
N GLY G 11 5.05 3.23 -34.93
CA GLY G 11 4.04 2.27 -34.52
C GLY G 11 4.60 0.89 -34.27
N ASP G 12 5.77 0.59 -34.85
CA ASP G 12 6.39 -0.72 -34.69
C ASP G 12 6.84 -1.01 -33.25
N PHE G 13 7.14 0.07 -32.49
CA PHE G 13 7.55 -0.07 -31.08
C PHE G 13 6.41 0.25 -30.13
N ALA G 14 6.35 -0.46 -29.01
CA ALA G 14 5.47 -0.05 -27.92
C ALA G 14 6.02 1.25 -27.31
N ASP G 15 5.26 1.88 -26.42
CA ASP G 15 5.71 3.10 -25.78
C ASP G 15 6.65 2.86 -24.60
N VAL G 16 6.88 1.58 -24.29
CA VAL G 16 7.88 1.22 -23.28
C VAL G 16 8.83 0.22 -23.91
N VAL G 17 10.13 0.48 -23.82
CA VAL G 17 11.10 -0.42 -24.44
C VAL G 17 12.13 -0.87 -23.43
N LEU G 18 12.27 -2.18 -23.27
CA LEU G 18 13.39 -2.72 -22.51
C LEU G 18 14.63 -2.74 -23.40
N MET G 19 15.75 -2.32 -22.85
CA MET G 19 16.97 -2.30 -23.66
C MET G 19 18.17 -2.88 -22.94
N PRO G 20 18.60 -4.07 -23.37
CA PRO G 20 19.91 -4.56 -22.96
C PRO G 20 20.97 -4.01 -23.95
N GLY G 21 22.24 -4.02 -23.58
CA GLY G 21 23.30 -3.64 -24.52
C GLY G 21 23.41 -4.63 -25.68
N ASP G 22 23.12 -5.90 -25.38
CA ASP G 22 23.39 -7.02 -26.31
C ASP G 22 22.14 -7.37 -27.11
N PRO G 23 22.20 -7.22 -28.44
CA PRO G 23 21.01 -7.54 -29.19
C PRO G 23 20.56 -9.00 -29.03
N LEU G 24 21.49 -9.90 -28.67
CA LEU G 24 21.15 -11.30 -28.50
C LEU G 24 20.44 -11.54 -27.17
N ARG G 25 20.70 -10.67 -26.17
CA ARG G 25 19.88 -10.71 -24.96
C ARG G 25 18.50 -10.19 -25.27
N ALA G 26 18.40 -9.19 -26.15
CA ALA G 26 17.08 -8.71 -26.54
C ALA G 26 16.27 -9.83 -27.20
N LYS G 27 16.94 -10.57 -28.08
CA LYS G 27 16.31 -11.74 -28.72
C LYS G 27 15.87 -12.77 -27.67
N TYR G 28 16.75 -13.06 -26.71
CA TYR G 28 16.41 -14.01 -25.65
C TYR G 28 15.17 -13.58 -24.86
N ILE G 29 15.14 -12.30 -24.50
CA ILE G 29 14.01 -11.72 -23.80
C ILE G 29 12.76 -11.83 -24.65
N ALA G 30 12.83 -11.44 -25.91
CA ALA G 30 11.65 -11.46 -26.77
C ALA G 30 11.08 -12.88 -26.89
N GLU G 31 11.98 -13.86 -27.04
CA GLU G 31 11.58 -15.25 -27.26
C GLU G 31 11.04 -15.94 -26.04
N ASN G 32 11.52 -15.54 -24.86
CA ASN G 32 11.24 -16.30 -23.67
C ASN G 32 10.33 -15.60 -22.67
N PHE G 33 10.20 -14.27 -22.78
CA PHE G 33 9.39 -13.54 -21.79
C PHE G 33 8.20 -12.82 -22.39
N LEU G 34 8.21 -12.61 -23.70
CA LEU G 34 7.10 -11.97 -24.37
C LEU G 34 6.27 -12.95 -25.18
N ASP G 35 4.98 -12.65 -25.31
CA ASP G 35 4.11 -13.41 -26.18
C ASP G 35 4.07 -12.82 -27.59
N ASN G 36 4.09 -13.69 -28.58
CA ASN G 36 3.90 -13.28 -29.97
C ASN G 36 4.86 -12.22 -30.46
N ALA G 37 6.09 -12.28 -29.96
CA ALA G 37 7.07 -11.27 -30.34
C ALA G 37 7.42 -11.35 -31.82
N VAL G 38 7.49 -10.20 -32.48
CA VAL G 38 7.96 -10.12 -33.83
C VAL G 38 9.20 -9.21 -33.88
N GLN G 39 10.15 -9.56 -34.74
CA GLN G 39 11.31 -8.70 -34.98
C GLN G 39 10.95 -7.46 -35.79
N VAL G 40 11.34 -6.28 -35.30
CA VAL G 40 11.01 -5.02 -35.99
C VAL G 40 12.22 -4.27 -36.59
N CYS G 41 13.44 -4.65 -36.22
CA CYS G 41 14.66 -3.99 -36.76
C CYS G 41 15.90 -4.87 -36.64
N ASP G 42 16.89 -4.59 -37.49
CA ASP G 42 18.12 -5.37 -37.45
C ASP G 42 19.29 -4.69 -38.13
N VAL G 43 19.23 -3.36 -38.31
CA VAL G 43 20.36 -2.61 -38.92
C VAL G 43 21.58 -2.79 -38.00
N ARG G 44 22.75 -3.05 -38.59
CA ARG G 44 24.01 -3.26 -37.85
C ARG G 44 23.89 -4.41 -36.87
N ASN G 45 22.95 -5.32 -37.15
CA ASN G 45 22.67 -6.43 -36.23
C ASN G 45 22.09 -6.00 -34.88
N MET G 46 21.58 -4.77 -34.78
CA MET G 46 21.00 -4.32 -33.50
C MET G 46 19.52 -4.70 -33.50
N PHE G 47 19.23 -5.94 -33.09
CA PHE G 47 17.87 -6.50 -33.10
C PHE G 47 16.93 -5.80 -32.13
N GLY G 48 15.70 -5.54 -32.60
CA GLY G 48 14.61 -5.09 -31.73
C GLY G 48 13.33 -5.88 -32.03
N TYR G 49 12.48 -6.02 -31.01
CA TYR G 49 11.24 -6.85 -31.09
C TYR G 49 10.09 -6.17 -30.40
N THR G 50 8.88 -6.58 -30.76
CA THR G 50 7.69 -6.11 -30.06
C THR G 50 6.74 -7.28 -29.83
N GLY G 51 6.23 -7.42 -28.61
CA GLY G 51 5.26 -8.48 -28.28
C GLY G 51 4.40 -8.03 -27.13
N THR G 52 3.78 -8.96 -26.39
CA THR G 52 3.00 -8.54 -25.23
C THR G 52 3.45 -9.25 -23.96
N TYR G 53 3.22 -8.59 -22.83
CA TYR G 53 3.44 -9.22 -21.54
C TYR G 53 2.13 -9.15 -20.75
N LYS G 54 1.58 -10.31 -20.41
CA LYS G 54 0.28 -10.35 -19.74
C LYS G 54 -0.70 -9.38 -20.43
N GLY G 55 -0.69 -9.39 -21.76
CA GLY G 55 -1.57 -8.55 -22.56
C GLY G 55 -1.08 -7.16 -22.91
N ARG G 56 -0.03 -6.69 -22.25
CA ARG G 56 0.45 -5.32 -22.44
C ARG G 56 1.57 -5.29 -23.48
N LYS G 57 1.43 -4.43 -24.49
CA LYS G 57 2.45 -4.33 -25.55
C LYS G 57 3.75 -3.78 -24.98
N ILE G 58 4.85 -4.46 -25.26
CA ILE G 58 6.18 -4.12 -24.73
C ILE G 58 7.20 -4.44 -25.81
N SER G 59 8.18 -3.57 -26.00
CA SER G 59 9.27 -3.84 -26.95
C SER G 59 10.58 -4.08 -26.22
N VAL G 60 11.52 -4.72 -26.91
CA VAL G 60 12.83 -4.94 -26.35
C VAL G 60 13.84 -4.79 -27.47
N MET G 61 14.89 -4.01 -27.24
CA MET G 61 15.88 -3.80 -28.28
C MET G 61 17.27 -3.50 -27.75
N GLY G 62 18.29 -4.02 -28.41
CA GLY G 62 19.68 -3.72 -28.03
C GLY G 62 20.06 -2.27 -28.20
N HIS G 63 20.97 -1.76 -27.35
CA HIS G 63 21.50 -0.42 -27.52
C HIS G 63 23.01 -0.35 -27.74
N GLY G 64 23.67 -1.51 -27.79
CA GLY G 64 25.12 -1.58 -28.02
C GLY G 64 25.85 -1.21 -26.75
N MET G 65 27.18 -1.12 -26.81
CA MET G 65 27.95 -0.80 -25.62
C MET G 65 28.38 0.65 -25.57
N GLY G 66 28.20 1.25 -24.40
CA GLY G 66 28.76 2.56 -24.16
C GLY G 66 27.83 3.72 -24.48
N ILE G 67 28.12 4.85 -23.86
CA ILE G 67 27.26 6.02 -23.94
C ILE G 67 26.93 6.51 -25.36
N PRO G 68 27.92 6.71 -26.23
CA PRO G 68 27.64 7.21 -27.56
C PRO G 68 26.70 6.27 -28.38
N SER G 69 26.89 4.96 -28.23
CA SER G 69 26.05 4.01 -28.94
C SER G 69 24.61 4.01 -28.41
N CYS G 70 24.45 3.89 -27.10
CA CYS G 70 23.10 3.78 -26.57
C CYS G 70 22.39 5.14 -26.76
N SER G 71 23.12 6.27 -26.74
CA SER G 71 22.46 7.58 -26.95
C SER G 71 21.79 7.66 -28.33
N ILE G 72 22.48 7.14 -29.36
CA ILE G 72 21.85 7.06 -30.68
C ILE G 72 20.50 6.33 -30.66
N TYR G 73 20.49 5.09 -30.17
CA TYR G 73 19.25 4.27 -30.19
C TYR G 73 18.15 4.85 -29.32
N VAL G 74 18.50 5.33 -28.12
CA VAL G 74 17.49 5.85 -27.24
C VAL G 74 16.91 7.14 -27.81
N THR G 75 17.76 7.98 -28.40
CA THR G 75 17.30 9.25 -28.95
C THR G 75 16.33 9.03 -30.11
N GLU G 76 16.65 8.08 -30.98
CA GLU G 76 15.77 7.74 -32.10
C GLU G 76 14.44 7.14 -31.60
N LEU G 77 14.51 6.21 -30.65
CA LEU G 77 13.28 5.65 -30.11
C LEU G 77 12.35 6.75 -29.58
N ILE G 78 12.92 7.73 -28.88
CA ILE G 78 12.08 8.76 -28.28
C ILE G 78 11.59 9.73 -29.34
N LYS G 79 12.52 10.22 -30.12
CA LYS G 79 12.29 11.27 -31.12
C LYS G 79 11.56 10.77 -32.36
N ASP G 80 11.85 9.57 -32.82
CA ASP G 80 11.26 9.08 -34.08
C ASP G 80 10.17 8.02 -33.89
N TYR G 81 10.18 7.31 -32.76
CA TYR G 81 9.23 6.20 -32.59
C TYR G 81 8.24 6.38 -31.44
N GLY G 82 8.18 7.60 -30.90
CA GLY G 82 7.21 7.95 -29.87
C GLY G 82 7.35 7.25 -28.53
N VAL G 83 8.53 6.68 -28.25
CA VAL G 83 8.69 5.90 -27.04
C VAL G 83 8.67 6.82 -25.80
N LYS G 84 8.03 6.39 -24.71
CA LYS G 84 7.87 7.23 -23.51
C LYS G 84 8.78 6.81 -22.36
N LYS G 85 9.06 5.51 -22.27
CA LYS G 85 9.80 4.97 -21.11
C LYS G 85 10.81 3.95 -21.60
N ILE G 86 12.05 4.12 -21.17
CA ILE G 86 13.10 3.18 -21.52
C ILE G 86 13.53 2.47 -20.25
N ILE G 87 13.60 1.14 -20.27
CA ILE G 87 14.16 0.41 -19.14
C ILE G 87 15.40 -0.35 -19.60
N ARG G 88 16.56 0.18 -19.28
CA ARG G 88 17.80 -0.50 -19.59
C ARG G 88 17.82 -1.73 -18.71
N VAL G 89 18.08 -2.90 -19.31
CA VAL G 89 18.21 -4.12 -18.55
C VAL G 89 19.59 -4.70 -18.79
N GLY G 90 20.53 -4.29 -17.94
CA GLY G 90 21.94 -4.42 -18.29
C GLY G 90 22.69 -5.36 -17.36
N SER G 91 23.98 -5.50 -17.64
CA SER G 91 24.89 -6.14 -16.68
C SER G 91 25.65 -5.01 -15.99
N CYS G 92 26.39 -5.34 -14.94
CA CYS G 92 27.29 -4.37 -14.35
C CYS G 92 28.38 -5.06 -13.55
N GLY G 93 29.42 -4.32 -13.14
CA GLY G 93 30.47 -4.87 -12.30
C GLY G 93 30.33 -4.28 -10.92
N ALA G 94 30.55 -5.08 -9.90
CA ALA G 94 30.41 -4.62 -8.53
C ALA G 94 31.76 -4.15 -7.99
N VAL G 95 31.75 -3.06 -7.22
CA VAL G 95 32.96 -2.55 -6.58
C VAL G 95 32.90 -2.70 -5.05
N ASN G 96 31.74 -3.12 -4.55
CA ASN G 96 31.56 -3.28 -3.11
C ASN G 96 31.68 -4.75 -2.74
N GLU G 97 32.43 -5.04 -1.68
CA GLU G 97 32.64 -6.41 -1.24
C GLU G 97 31.31 -7.12 -0.93
N GLY G 98 30.31 -6.36 -0.50
CA GLY G 98 29.00 -6.93 -0.16
C GLY G 98 27.99 -7.10 -1.29
N ILE G 99 28.36 -6.68 -2.50
CA ILE G 99 27.47 -6.83 -3.65
C ILE G 99 28.00 -7.98 -4.51
N LYS G 100 27.13 -8.92 -4.85
CA LYS G 100 27.56 -10.22 -5.39
C LYS G 100 27.15 -10.39 -6.84
N VAL G 101 27.92 -11.19 -7.58
CA VAL G 101 27.54 -11.58 -8.93
C VAL G 101 26.09 -12.12 -8.91
N ARG G 102 25.31 -11.71 -9.91
CA ARG G 102 23.88 -12.03 -9.98
C ARG G 102 22.95 -11.20 -9.07
N ASP G 103 23.48 -10.38 -8.16
CA ASP G 103 22.62 -9.42 -7.47
C ASP G 103 22.05 -8.45 -8.49
N VAL G 104 20.87 -7.91 -8.21
CA VAL G 104 20.19 -6.96 -9.09
C VAL G 104 20.24 -5.60 -8.40
N VAL G 105 20.62 -4.57 -9.15
CA VAL G 105 20.70 -3.22 -8.63
C VAL G 105 19.92 -2.29 -9.55
N ILE G 106 19.47 -1.16 -9.03
CA ILE G 106 18.64 -0.23 -9.78
C ILE G 106 19.31 1.16 -9.66
N GLY G 107 19.58 1.78 -10.80
CA GLY G 107 20.29 3.06 -10.75
C GLY G 107 19.32 4.25 -10.63
N MET G 108 19.10 4.72 -9.41
N MET G 108 19.09 4.71 -9.41
CA MET G 108 18.27 5.93 -9.27
CA MET G 108 18.28 5.94 -9.27
C MET G 108 19.06 7.14 -9.78
C MET G 108 19.06 7.06 -9.91
N GLY G 109 20.38 7.02 -9.75
CA GLY G 109 21.25 8.01 -10.39
C GLY G 109 22.36 7.26 -11.12
N ALA G 110 23.09 7.97 -11.95
CA ALA G 110 24.27 7.40 -12.56
C ALA G 110 25.40 8.42 -12.66
N CYS G 111 26.51 8.15 -11.96
CA CYS G 111 27.74 8.96 -12.08
C CYS G 111 28.39 8.63 -13.41
N THR G 112 29.37 9.44 -13.83
CA THR G 112 30.04 9.10 -15.08
C THR G 112 31.35 9.85 -15.20
N ASP G 113 32.27 9.27 -16.00
CA ASP G 113 33.45 10.00 -16.41
C ASP G 113 33.41 10.48 -17.86
N SER G 114 32.23 10.37 -18.46
CA SER G 114 31.94 10.91 -19.79
C SER G 114 31.76 12.42 -19.75
N LYS G 115 32.11 13.05 -20.88
CA LYS G 115 31.86 14.45 -21.03
C LYS G 115 30.45 14.79 -21.52
N VAL G 116 29.61 13.79 -21.82
CA VAL G 116 28.35 14.12 -22.53
C VAL G 116 27.40 15.06 -21.82
N ASN G 117 27.28 14.91 -20.50
CA ASN G 117 26.33 15.77 -19.80
C ASN G 117 26.90 17.16 -19.57
N ARG G 118 28.22 17.26 -19.42
CA ARG G 118 28.88 18.56 -19.42
C ARG G 118 28.66 19.32 -20.73
N ILE G 119 28.68 18.58 -21.85
CA ILE G 119 28.39 19.17 -23.16
C ILE G 119 26.95 19.74 -23.18
N ARG G 120 25.99 18.99 -22.63
CA ARG G 120 24.61 19.44 -22.56
C ARG G 120 24.38 20.58 -21.55
N PHE G 121 25.16 20.61 -20.48
CA PHE G 121 24.77 21.37 -19.29
C PHE G 121 25.76 22.47 -18.94
N LYS G 122 26.27 23.15 -19.97
CA LYS G 122 27.19 24.28 -19.84
C LYS G 122 28.36 24.00 -18.93
N ASP G 123 28.85 22.77 -19.00
CA ASP G 123 30.03 22.36 -18.25
C ASP G 123 29.80 22.30 -16.74
N HIS G 124 28.53 22.27 -16.29
CA HIS G 124 28.27 22.11 -14.85
C HIS G 124 27.96 20.65 -14.57
N ASP G 125 27.55 20.34 -13.33
CA ASP G 125 27.21 18.99 -12.96
C ASP G 125 25.72 18.73 -13.12
N PHE G 126 25.37 17.95 -14.15
CA PHE G 126 23.99 17.47 -14.29
C PHE G 126 23.89 16.18 -13.49
N ALA G 127 22.99 16.10 -12.50
CA ALA G 127 22.78 14.80 -11.81
C ALA G 127 21.96 13.88 -12.71
N ALA G 128 22.58 12.83 -13.27
CA ALA G 128 21.88 11.99 -14.24
C ALA G 128 20.99 11.03 -13.47
N ILE G 129 19.69 11.28 -13.51
CA ILE G 129 18.75 10.52 -12.71
C ILE G 129 17.70 9.80 -13.51
N ALA G 130 17.23 8.71 -12.94
CA ALA G 130 16.09 7.96 -13.46
C ALA G 130 14.81 8.74 -13.18
N ASP G 131 13.74 8.32 -13.82
CA ASP G 131 12.38 8.76 -13.47
C ASP G 131 11.93 8.14 -12.13
N TYR G 132 11.45 8.96 -11.19
CA TYR G 132 11.12 8.47 -9.86
C TYR G 132 10.12 7.29 -9.85
N LYS G 133 9.00 7.46 -10.52
CA LYS G 133 7.96 6.45 -10.45
C LYS G 133 8.43 5.15 -11.11
N MET G 134 9.33 5.25 -12.07
CA MET G 134 9.89 4.05 -12.70
C MET G 134 10.76 3.31 -11.69
N VAL G 135 11.57 4.05 -10.95
CA VAL G 135 12.39 3.48 -9.87
C VAL G 135 11.48 2.78 -8.85
N LYS G 136 10.46 3.51 -8.39
CA LYS G 136 9.53 3.00 -7.39
C LYS G 136 8.85 1.73 -7.91
N ALA G 137 8.33 1.77 -9.13
CA ALA G 137 7.66 0.58 -9.64
C ALA G 137 8.60 -0.64 -9.71
N ALA G 138 9.89 -0.40 -9.99
CA ALA G 138 10.83 -1.52 -10.15
C ALA G 138 11.17 -2.09 -8.78
N GLU G 139 11.39 -1.20 -7.81
CA GLU G 139 11.73 -1.63 -6.47
C GLU G 139 10.56 -2.43 -5.88
N GLU G 140 9.34 -2.00 -6.18
CA GLU G 140 8.17 -2.67 -5.61
C GLU G 140 7.90 -4.00 -6.31
N ALA G 141 8.14 -4.02 -7.62
CA ALA G 141 8.02 -5.24 -8.38
C ALA G 141 8.98 -6.30 -7.86
N ALA G 142 10.20 -5.88 -7.54
CA ALA G 142 11.21 -6.77 -6.97
C ALA G 142 10.75 -7.28 -5.61
N LYS G 143 10.24 -6.38 -4.77
CA LYS G 143 9.83 -6.78 -3.43
C LYS G 143 8.67 -7.77 -3.50
N ALA G 144 7.79 -7.61 -4.49
CA ALA G 144 6.63 -8.48 -4.67
C ALA G 144 7.05 -9.87 -5.10
N ARG G 145 8.21 -9.98 -5.75
CA ARG G 145 8.75 -11.24 -6.23
C ARG G 145 9.72 -11.85 -5.25
N GLY G 146 9.88 -11.20 -4.10
CA GLY G 146 10.82 -11.63 -3.07
C GLY G 146 12.27 -11.49 -3.49
N ILE G 147 12.55 -10.58 -4.43
CA ILE G 147 13.92 -10.40 -4.93
C ILE G 147 14.52 -9.15 -4.30
N ASP G 148 15.69 -9.31 -3.70
CA ASP G 148 16.37 -8.20 -3.05
C ASP G 148 17.02 -7.30 -4.08
N VAL G 149 16.87 -5.98 -3.90
CA VAL G 149 17.50 -5.01 -4.81
C VAL G 149 18.12 -3.89 -4.03
N LYS G 150 19.21 -3.35 -4.55
CA LYS G 150 19.78 -2.15 -3.97
C LYS G 150 19.46 -1.03 -4.94
N VAL G 151 19.04 0.11 -4.39
CA VAL G 151 18.69 1.28 -5.18
C VAL G 151 19.66 2.42 -4.87
N GLY G 152 20.42 2.86 -5.87
CA GLY G 152 21.47 3.83 -5.60
C GLY G 152 22.14 4.34 -6.87
N ASN G 153 23.40 4.73 -6.76
CA ASN G 153 24.13 5.27 -7.90
C ASN G 153 24.87 4.21 -8.70
N LEU G 154 24.63 4.17 -10.01
CA LEU G 154 25.51 3.44 -10.93
C LEU G 154 26.68 4.34 -11.27
N PHE G 155 27.74 3.76 -11.84
CA PHE G 155 28.80 4.56 -12.47
C PHE G 155 28.91 4.13 -13.92
N SER G 156 28.66 5.06 -14.85
CA SER G 156 28.73 4.80 -16.28
C SER G 156 30.13 5.15 -16.79
N ALA G 157 30.94 4.10 -16.99
CA ALA G 157 32.35 4.23 -17.36
C ALA G 157 32.56 4.44 -18.85
N GLU G 158 33.56 5.23 -19.21
CA GLU G 158 33.96 5.38 -20.61
C GLU G 158 34.86 4.23 -21.06
N LEU G 159 35.70 3.74 -20.15
CA LEU G 159 36.75 2.84 -20.53
C LEU G 159 36.61 1.59 -19.69
N PHE G 160 36.10 0.54 -20.32
CA PHE G 160 36.02 -0.76 -19.68
C PHE G 160 37.42 -1.19 -19.19
N TYR G 161 38.40 -1.04 -20.05
CA TYR G 161 39.79 -1.35 -19.66
C TYR G 161 40.37 -0.06 -19.14
N THR G 162 40.01 0.33 -17.93
CA THR G 162 40.38 1.70 -17.48
C THR G 162 41.86 1.81 -17.19
N PRO G 163 42.45 2.92 -17.57
CA PRO G 163 43.81 3.22 -17.14
C PRO G 163 43.87 3.75 -15.70
N ASP G 164 42.72 3.90 -15.03
CA ASP G 164 42.73 4.42 -13.66
C ASP G 164 41.87 3.52 -12.76
N PRO G 165 42.34 2.29 -12.52
CA PRO G 165 41.61 1.40 -11.63
C PRO G 165 41.48 1.96 -10.19
N SER G 166 42.29 2.94 -9.80
CA SER G 166 42.13 3.49 -8.45
C SER G 166 40.74 4.14 -8.29
N MET G 167 40.10 4.48 -9.42
CA MET G 167 38.79 5.12 -9.36
C MET G 167 37.78 4.14 -8.76
N PHE G 168 37.99 2.83 -8.92
CA PHE G 168 37.05 1.88 -8.30
C PHE G 168 36.89 2.04 -6.79
N ASP G 169 37.99 2.28 -6.06
CA ASP G 169 37.95 2.52 -4.61
C ASP G 169 37.16 3.78 -4.26
N VAL G 170 37.30 4.82 -5.10
CA VAL G 170 36.51 6.04 -4.92
C VAL G 170 35.03 5.78 -5.16
N MET G 171 34.71 5.04 -6.21
CA MET G 171 33.33 4.58 -6.42
C MET G 171 32.81 3.84 -5.20
N ASP G 172 33.59 2.90 -4.70
CA ASP G 172 33.11 2.11 -3.59
C ASP G 172 32.88 3.02 -2.37
N LYS G 173 33.80 3.92 -2.13
CA LYS G 173 33.68 4.82 -0.97
C LYS G 173 32.40 5.65 -1.07
N TYR G 174 32.03 6.06 -2.28
CA TYR G 174 30.82 6.88 -2.49
C TYR G 174 29.52 6.07 -2.67
N GLY G 175 29.59 4.76 -2.44
CA GLY G 175 28.39 3.92 -2.43
C GLY G 175 27.88 3.49 -3.78
N ILE G 176 28.73 3.61 -4.82
CA ILE G 176 28.32 3.15 -6.14
C ILE G 176 27.91 1.65 -6.09
N VAL G 177 26.75 1.33 -6.65
CA VAL G 177 26.20 -0.04 -6.54
C VAL G 177 26.61 -0.93 -7.72
N GLY G 178 26.93 -0.32 -8.85
CA GLY G 178 27.40 -1.12 -10.00
C GLY G 178 28.04 -0.20 -11.02
N VAL G 179 29.01 -0.74 -11.77
CA VAL G 179 29.56 -0.02 -12.88
C VAL G 179 29.15 -0.62 -14.18
N GLU G 180 28.64 0.23 -15.04
CA GLU G 180 28.26 -0.18 -16.37
C GLU G 180 28.75 0.93 -17.29
N MET G 181 28.13 1.12 -18.45
CA MET G 181 28.70 2.09 -19.38
C MET G 181 27.64 2.89 -20.09
N GLU G 182 26.44 2.95 -19.53
CA GLU G 182 25.34 3.49 -20.33
C GLU G 182 24.36 4.42 -19.62
N ALA G 183 24.04 4.10 -18.38
CA ALA G 183 22.92 4.73 -17.69
C ALA G 183 23.00 6.26 -17.70
N ALA G 184 24.19 6.83 -17.44
CA ALA G 184 24.27 8.30 -17.33
C ALA G 184 23.95 8.92 -18.68
N GLY G 185 24.34 8.24 -19.74
CA GLY G 185 24.00 8.69 -21.10
C GLY G 185 22.52 8.58 -21.41
N ILE G 186 21.92 7.45 -21.05
CA ILE G 186 20.47 7.23 -21.26
C ILE G 186 19.66 8.28 -20.48
N TYR G 187 20.06 8.51 -19.23
CA TYR G 187 19.40 9.51 -18.37
C TYR G 187 19.52 10.93 -18.92
N GLY G 188 20.71 11.24 -19.46
CA GLY G 188 20.90 12.51 -20.13
C GLY G 188 20.00 12.73 -21.35
N VAL G 189 19.95 11.72 -22.23
CA VAL G 189 19.02 11.75 -23.37
C VAL G 189 17.56 11.90 -22.88
N ALA G 190 17.17 11.11 -21.90
CA ALA G 190 15.77 11.19 -21.42
C ALA G 190 15.42 12.61 -20.96
N ALA G 191 16.34 13.24 -20.26
CA ALA G 191 16.11 14.61 -19.79
C ALA G 191 16.10 15.59 -20.96
N GLU G 192 17.07 15.43 -21.86
CA GLU G 192 17.16 16.33 -23.01
C GLU G 192 15.91 16.28 -23.87
N TYR G 193 15.34 15.08 -24.05
CA TYR G 193 14.20 14.87 -24.98
C TYR G 193 12.86 14.72 -24.26
N GLY G 194 12.88 14.86 -22.94
CA GLY G 194 11.64 14.93 -22.16
C GLY G 194 10.93 13.61 -22.05
N ALA G 195 11.69 12.52 -21.94
CA ALA G 195 11.10 11.23 -21.71
C ALA G 195 11.57 10.68 -20.36
N LYS G 196 11.33 9.40 -20.11
CA LYS G 196 11.59 8.78 -18.81
C LYS G 196 12.45 7.53 -18.98
N ALA G 197 13.42 7.32 -18.09
CA ALA G 197 14.23 6.11 -18.22
C ALA G 197 14.62 5.59 -16.86
N LEU G 198 15.10 4.34 -16.88
CA LEU G 198 15.52 3.64 -15.68
C LEU G 198 16.51 2.60 -16.16
N ALA G 199 17.56 2.36 -15.38
CA ALA G 199 18.51 1.29 -15.60
C ALA G 199 18.47 0.31 -14.44
N ILE G 200 18.15 -0.95 -14.76
CA ILE G 200 18.23 -2.06 -13.82
C ILE G 200 19.33 -2.96 -14.33
N CYS G 201 20.24 -3.40 -13.45
CA CYS G 201 21.35 -4.21 -13.92
C CYS G 201 21.61 -5.45 -13.05
N THR G 202 22.11 -6.51 -13.68
CA THR G 202 22.55 -7.68 -12.96
C THR G 202 24.07 -7.68 -12.87
N VAL G 203 24.60 -7.92 -11.68
CA VAL G 203 26.04 -7.91 -11.48
C VAL G 203 26.62 -9.12 -12.22
N SER G 204 27.47 -8.87 -13.22
CA SER G 204 28.02 -9.96 -14.05
C SER G 204 29.51 -10.19 -13.79
N ASP G 205 30.13 -9.26 -13.09
CA ASP G 205 31.57 -9.25 -12.80
C ASP G 205 31.70 -8.64 -11.42
N HIS G 206 32.60 -9.19 -10.61
CA HIS G 206 33.05 -8.49 -9.42
C HIS G 206 34.44 -7.90 -9.66
N ILE G 207 34.46 -6.58 -9.70
CA ILE G 207 35.68 -5.85 -10.02
C ILE G 207 36.78 -6.04 -8.97
N LYS G 208 36.40 -6.15 -7.69
CA LYS G 208 37.38 -6.35 -6.64
C LYS G 208 37.97 -7.77 -6.57
N THR G 209 37.12 -8.81 -6.59
CA THR G 209 37.61 -10.19 -6.49
C THR G 209 38.03 -10.76 -7.83
N GLY G 210 37.47 -10.21 -8.93
CA GLY G 210 37.87 -10.62 -10.28
C GLY G 210 36.99 -11.69 -10.88
N GLU G 211 35.99 -12.13 -10.14
CA GLU G 211 35.02 -13.09 -10.65
C GLU G 211 34.31 -12.59 -11.92
N GLN G 212 34.15 -13.46 -12.93
CA GLN G 212 33.56 -13.09 -14.23
C GLN G 212 32.61 -14.16 -14.79
N THR G 213 31.36 -13.78 -15.09
CA THR G 213 30.43 -14.68 -15.77
C THR G 213 30.82 -14.87 -17.24
N THR G 214 30.39 -15.96 -17.85
CA THR G 214 30.69 -16.21 -19.26
C THR G 214 29.81 -15.36 -20.16
N SER G 215 30.18 -15.19 -21.42
CA SER G 215 29.33 -14.41 -22.33
C SER G 215 27.96 -15.09 -22.53
N GLU G 216 27.94 -16.41 -22.50
CA GLU G 216 26.67 -17.15 -22.55
C GLU G 216 25.74 -16.82 -21.38
N GLU G 217 26.27 -16.75 -20.17
CA GLU G 217 25.46 -16.42 -19.00
C GLU G 217 24.84 -15.03 -19.13
N ARG G 218 25.65 -14.06 -19.52
CA ARG G 218 25.18 -12.69 -19.72
C ARG G 218 24.05 -12.63 -20.73
N GLN G 219 24.14 -13.46 -21.77
CA GLN G 219 23.19 -13.44 -22.86
C GLN G 219 21.85 -14.07 -22.47
N ASN G 220 21.90 -15.15 -21.68
CA ASN G 220 20.77 -16.09 -21.56
C ASN G 220 20.28 -16.44 -20.16
N THR G 221 20.88 -15.88 -19.11
CA THR G 221 20.55 -16.37 -17.76
C THR G 221 20.24 -15.29 -16.71
N PHE G 222 20.33 -14.02 -17.10
CA PHE G 222 19.99 -12.93 -16.16
C PHE G 222 18.48 -12.69 -16.11
N ASN G 223 17.74 -13.63 -15.50
CA ASN G 223 16.26 -13.67 -15.60
C ASN G 223 15.52 -12.77 -14.62
N GLU G 224 16.00 -12.70 -13.39
CA GLU G 224 15.35 -11.89 -12.37
C GLU G 224 15.17 -10.42 -12.80
N MET G 225 16.22 -9.80 -13.38
CA MET G 225 16.06 -8.41 -13.74
C MET G 225 14.98 -8.21 -14.81
N ILE G 226 14.86 -9.19 -15.70
CA ILE G 226 13.84 -9.11 -16.74
C ILE G 226 12.44 -9.22 -16.13
N GLU G 227 12.28 -10.16 -15.21
CA GLU G 227 10.98 -10.33 -14.56
C GLU G 227 10.60 -9.05 -13.80
N ILE G 228 11.56 -8.48 -13.09
CA ILE G 228 11.34 -7.23 -12.38
C ILE G 228 10.95 -6.14 -13.37
N ALA G 229 11.70 -6.03 -14.46
CA ALA G 229 11.49 -4.94 -15.40
C ALA G 229 10.06 -5.01 -15.93
N LEU G 230 9.69 -6.19 -16.42
CA LEU G 230 8.36 -6.41 -16.99
C LEU G 230 7.23 -6.15 -15.97
N ASP G 231 7.38 -6.71 -14.77
CA ASP G 231 6.36 -6.46 -13.74
C ASP G 231 6.28 -4.96 -13.43
N SER G 232 7.43 -4.27 -13.47
CA SER G 232 7.43 -2.86 -13.10
C SER G 232 6.66 -2.02 -14.11
N VAL G 233 6.60 -2.48 -15.36
CA VAL G 233 5.85 -1.78 -16.41
C VAL G 233 4.37 -1.82 -16.03
N LEU G 234 3.91 -3.00 -15.62
CA LEU G 234 2.51 -3.17 -15.25
C LEU G 234 2.15 -2.35 -14.02
N ILE G 235 3.04 -2.33 -13.03
CA ILE G 235 2.84 -1.52 -11.83
C ILE G 235 2.77 -0.04 -12.18
N GLY G 236 3.71 0.43 -12.99
CA GLY G 236 3.79 1.83 -13.34
C GLY G 236 2.67 2.29 -14.28
N ASP G 237 2.00 1.34 -14.93
CA ASP G 237 0.85 1.64 -15.80
C ASP G 237 -0.43 1.93 -14.99
N GLN G 238 -0.47 1.51 -13.74
CA GLN G 238 -1.72 1.63 -12.95
C GLN G 238 -2.18 3.07 -12.79
N ALA G 239 -3.50 3.26 -12.87
CA ALA G 239 -4.13 4.55 -12.62
C ALA G 239 -3.68 5.16 -11.30
N GLY G 240 -3.18 6.40 -11.35
CA GLY G 240 -2.80 7.11 -10.14
C GLY G 240 -1.55 6.60 -9.43
N TYR G 241 -0.78 5.71 -10.06
CA TYR G 241 0.43 5.19 -9.40
C TYR G 241 1.41 6.33 -9.10
N ALA H 2 13.41 46.62 0.96
CA ALA H 2 13.95 45.34 1.53
C ALA H 2 14.38 44.34 0.45
N THR H 3 15.37 43.52 0.76
CA THR H 3 15.69 42.37 -0.08
C THR H 3 15.26 41.11 0.66
N PRO H 4 15.35 39.94 0.00
CA PRO H 4 14.96 38.74 0.75
C PRO H 4 15.90 38.43 1.93
N HIS H 5 17.07 39.08 2.00
CA HIS H 5 18.10 38.72 2.99
C HIS H 5 18.43 39.83 3.98
N ILE H 6 17.92 41.03 3.72
CA ILE H 6 18.25 42.19 4.55
C ILE H 6 16.99 43.03 4.71
N ASN H 7 16.53 43.17 5.95
CA ASN H 7 15.32 43.94 6.21
C ASN H 7 15.65 45.38 6.64
N ALA H 8 16.19 46.14 5.67
CA ALA H 8 16.65 47.51 5.88
C ALA H 8 16.22 48.36 4.68
N GLN H 9 16.33 49.68 4.82
CA GLN H 9 16.06 50.59 3.70
C GLN H 9 17.36 51.21 3.23
N MET H 10 17.40 51.68 1.99
CA MET H 10 18.52 52.49 1.53
C MET H 10 18.82 53.63 2.55
N GLY H 11 20.09 53.81 2.84
CA GLY H 11 20.56 54.79 3.80
C GLY H 11 20.85 54.22 5.17
N ASP H 12 20.38 53.00 5.43
CA ASP H 12 20.55 52.40 6.75
C ASP H 12 22.00 51.96 6.98
N PHE H 13 22.73 51.68 5.89
CA PHE H 13 24.15 51.31 5.96
C PHE H 13 25.05 52.47 5.59
N ALA H 14 26.21 52.54 6.23
CA ALA H 14 27.25 53.44 5.78
C ALA H 14 27.75 53.00 4.38
N ASP H 15 28.55 53.85 3.73
CA ASP H 15 29.18 53.45 2.48
C ASP H 15 30.35 52.48 2.68
N VAL H 16 30.75 52.26 3.94
CA VAL H 16 31.76 51.26 4.28
C VAL H 16 31.17 50.27 5.29
N VAL H 17 31.32 48.97 5.02
CA VAL H 17 30.79 47.96 5.94
C VAL H 17 31.90 46.95 6.31
N LEU H 18 32.13 46.78 7.62
CA LEU H 18 32.98 45.67 8.12
C LEU H 18 32.14 44.39 8.20
N MET H 19 32.70 43.24 7.79
CA MET H 19 31.89 42.03 7.75
C MET H 19 32.66 40.82 8.26
N PRO H 20 32.34 40.38 9.49
CA PRO H 20 32.81 39.08 9.97
C PRO H 20 31.81 38.03 9.46
N GLY H 21 32.18 36.75 9.46
CA GLY H 21 31.23 35.68 9.07
C GLY H 21 30.17 35.48 10.14
N ASP H 22 30.55 35.76 11.39
CA ASP H 22 29.73 35.52 12.55
C ASP H 22 28.92 36.75 12.95
N PRO H 23 27.58 36.65 12.86
CA PRO H 23 26.78 37.84 13.23
C PRO H 23 26.97 38.25 14.68
N LEU H 24 27.40 37.32 15.54
CA LEU H 24 27.65 37.67 16.93
C LEU H 24 28.96 38.43 17.08
N ARG H 25 29.88 38.24 16.13
CA ARG H 25 31.07 39.06 16.13
C ARG H 25 30.74 40.45 15.61
N ALA H 26 29.76 40.55 14.70
CA ALA H 26 29.30 41.88 14.27
C ALA H 26 28.66 42.62 15.46
N LYS H 27 27.85 41.92 16.24
CA LYS H 27 27.27 42.50 17.46
C LYS H 27 28.35 42.94 18.43
N TYR H 28 29.36 42.09 18.65
CA TYR H 28 30.48 42.47 19.53
C TYR H 28 31.15 43.76 19.05
N ILE H 29 31.39 43.84 17.75
CA ILE H 29 32.01 45.01 17.15
C ILE H 29 31.14 46.26 17.34
N ALA H 30 29.86 46.13 17.01
CA ALA H 30 28.92 47.24 17.15
C ALA H 30 28.92 47.72 18.59
N GLU H 31 28.90 46.79 19.54
CA GLU H 31 28.70 47.17 20.95
C GLU H 31 29.94 47.75 21.59
N ASN H 32 31.11 47.34 21.11
CA ASN H 32 32.35 47.69 21.77
C ASN H 32 33.28 48.66 21.03
N PHE H 33 33.08 48.86 19.73
CA PHE H 33 33.98 49.71 18.94
C PHE H 33 33.30 50.88 18.28
N LEU H 34 31.98 50.80 18.10
CA LEU H 34 31.19 51.87 17.50
C LEU H 34 30.40 52.66 18.53
N ASP H 35 30.28 53.98 18.33
CA ASP H 35 29.37 54.81 19.12
C ASP H 35 27.96 54.83 18.55
N ASN H 36 26.95 54.83 19.44
CA ASN H 36 25.56 54.98 19.06
C ASN H 36 25.13 53.99 17.99
N ALA H 37 25.54 52.72 18.10
CA ALA H 37 25.17 51.71 17.08
C ALA H 37 23.70 51.33 17.19
N VAL H 38 23.04 51.22 16.05
CA VAL H 38 21.67 50.72 15.98
C VAL H 38 21.68 49.47 15.09
N GLN H 39 20.90 48.47 15.48
CA GLN H 39 20.72 47.29 14.62
C GLN H 39 19.88 47.65 13.42
N VAL H 40 20.33 47.29 12.21
CA VAL H 40 19.59 47.66 11.00
C VAL H 40 18.99 46.45 10.26
N CYS H 41 19.40 45.26 10.64
CA CYS H 41 18.83 44.07 10.03
C CYS H 41 19.04 42.84 10.91
N ASP H 42 18.17 41.86 10.72
CA ASP H 42 18.24 40.62 11.47
C ASP H 42 17.60 39.42 10.76
N VAL H 43 17.40 39.51 9.45
CA VAL H 43 16.85 38.37 8.70
C VAL H 43 17.80 37.18 8.81
N ARG H 44 17.23 35.98 9.00
CA ARG H 44 18.02 34.75 9.17
C ARG H 44 19.03 34.88 10.30
N ASN H 45 18.74 35.76 11.26
CA ASN H 45 19.67 36.04 12.34
C ASN H 45 20.97 36.65 11.87
N MET H 46 21.00 37.18 10.65
CA MET H 46 22.26 37.79 10.18
C MET H 46 22.25 39.26 10.56
N PHE H 47 22.76 39.54 11.75
CA PHE H 47 22.73 40.89 12.36
C PHE H 47 23.66 41.87 11.64
N GLY H 48 23.15 43.09 11.41
CA GLY H 48 23.95 44.19 10.90
C GLY H 48 23.60 45.42 11.74
N TYR H 49 24.58 46.32 11.88
CA TYR H 49 24.50 47.52 12.71
C TYR H 49 25.10 48.72 11.99
N THR H 50 24.70 49.92 12.40
CA THR H 50 25.34 51.11 11.89
C THR H 50 25.60 52.04 13.09
N GLY H 51 26.81 52.59 13.15
CA GLY H 51 27.16 53.57 14.20
C GLY H 51 28.23 54.49 13.66
N THR H 52 28.99 55.11 14.55
CA THR H 52 30.09 55.94 14.12
C THR H 52 31.36 55.50 14.83
N TYR H 53 32.49 55.77 14.19
CA TYR H 53 33.82 55.52 14.75
C TYR H 53 34.57 56.84 14.61
N LYS H 54 34.92 57.45 15.73
CA LYS H 54 35.56 58.77 15.73
C LYS H 54 34.81 59.73 14.79
N GLY H 55 33.48 59.71 14.87
CA GLY H 55 32.65 60.61 14.09
C GLY H 55 32.27 60.11 12.69
N ARG H 56 32.98 59.11 12.18
CA ARG H 56 32.72 58.62 10.82
C ARG H 56 31.70 57.45 10.82
N LYS H 57 30.70 57.54 9.96
CA LYS H 57 29.63 56.54 9.91
C LYS H 57 30.21 55.25 9.33
N ILE H 58 29.99 54.14 10.03
CA ILE H 58 30.50 52.84 9.62
C ILE H 58 29.47 51.79 10.01
N SER H 59 29.34 50.75 9.20
CA SER H 59 28.41 49.66 9.49
C SER H 59 29.21 48.37 9.68
N VAL H 60 28.58 47.40 10.35
CA VAL H 60 29.18 46.10 10.57
C VAL H 60 28.08 45.06 10.50
N MET H 61 28.32 44.01 9.71
CA MET H 61 27.27 43.01 9.54
C MET H 61 27.87 41.67 9.19
N GLY H 62 27.29 40.61 9.73
CA GLY H 62 27.76 39.25 9.43
C GLY H 62 27.51 38.86 7.99
N HIS H 63 28.36 37.98 7.46
CA HIS H 63 28.18 37.49 6.09
C HIS H 63 27.93 35.99 5.98
N GLY H 64 27.87 35.29 7.12
CA GLY H 64 27.69 33.83 7.08
C GLY H 64 28.97 33.14 6.65
N MET H 65 28.94 31.82 6.56
CA MET H 65 30.13 31.11 6.17
C MET H 65 30.11 30.67 4.72
N GLY H 66 31.23 30.89 4.05
CA GLY H 66 31.45 30.39 2.69
C GLY H 66 31.10 31.38 1.59
N ILE H 67 31.66 31.14 0.40
CA ILE H 67 31.51 32.01 -0.73
C ILE H 67 30.05 32.27 -1.16
N PRO H 68 29.21 31.22 -1.27
CA PRO H 68 27.86 31.53 -1.75
C PRO H 68 27.08 32.40 -0.76
N SER H 69 27.34 32.21 0.52
CA SER H 69 26.65 33.00 1.55
C SER H 69 27.14 34.47 1.55
N CYS H 70 28.44 34.68 1.67
CA CYS H 70 28.91 36.06 1.71
C CYS H 70 28.62 36.78 0.38
N SER H 71 28.60 36.05 -0.72
CA SER H 71 28.32 36.69 -2.01
C SER H 71 26.93 37.32 -2.03
N ILE H 72 25.93 36.64 -1.45
CA ILE H 72 24.60 37.22 -1.41
C ILE H 72 24.62 38.54 -0.65
N TYR H 73 25.19 38.54 0.55
CA TYR H 73 25.09 39.77 1.37
C TYR H 73 25.89 40.91 0.75
N VAL H 74 27.06 40.58 0.21
CA VAL H 74 27.96 41.60 -0.32
C VAL H 74 27.34 42.19 -1.59
N THR H 75 26.78 41.33 -2.46
CA THR H 75 26.09 41.80 -3.65
C THR H 75 24.94 42.77 -3.31
N GLU H 76 24.09 42.38 -2.36
CA GLU H 76 23.00 43.26 -1.94
C GLU H 76 23.49 44.59 -1.36
N LEU H 77 24.52 44.55 -0.54
CA LEU H 77 25.00 45.80 0.07
C LEU H 77 25.48 46.76 -1.01
N ILE H 78 26.18 46.24 -2.02
CA ILE H 78 26.68 47.10 -3.09
C ILE H 78 25.53 47.55 -4.02
N LYS H 79 24.73 46.61 -4.50
CA LYS H 79 23.77 46.99 -5.53
C LYS H 79 22.48 47.60 -4.99
N ASP H 80 22.11 47.26 -3.75
CA ASP H 80 20.82 47.75 -3.19
C ASP H 80 20.99 48.80 -2.09
N TYR H 81 22.15 48.82 -1.44
CA TYR H 81 22.39 49.74 -0.32
C TYR H 81 23.49 50.77 -0.53
N GLY H 82 24.00 50.87 -1.74
CA GLY H 82 24.99 51.92 -2.06
C GLY H 82 26.36 51.76 -1.44
N VAL H 83 26.64 50.59 -0.88
CA VAL H 83 27.92 50.36 -0.22
C VAL H 83 29.09 50.44 -1.22
N LYS H 84 30.17 51.12 -0.85
CA LYS H 84 31.31 51.31 -1.76
C LYS H 84 32.52 50.43 -1.41
N LYS H 85 32.72 50.20 -0.11
CA LYS H 85 33.89 49.46 0.38
C LYS H 85 33.46 48.40 1.40
N ILE H 86 33.96 47.18 1.26
CA ILE H 86 33.64 46.10 2.19
C ILE H 86 34.95 45.68 2.84
N ILE H 87 35.00 45.60 4.17
CA ILE H 87 36.20 45.07 4.83
C ILE H 87 35.81 43.81 5.59
N ARG H 88 36.16 42.65 5.05
CA ARG H 88 35.94 41.42 5.78
C ARG H 88 36.88 41.43 7.00
N VAL H 89 36.33 41.14 8.18
CA VAL H 89 37.14 40.99 9.38
C VAL H 89 36.95 39.58 9.91
N GLY H 90 37.77 38.67 9.39
CA GLY H 90 37.51 37.26 9.60
C GLY H 90 38.44 36.55 10.54
N SER H 91 38.25 35.23 10.59
CA SER H 91 39.23 34.35 11.21
C SER H 91 39.87 33.53 10.09
N CYS H 92 40.93 32.78 10.39
CA CYS H 92 41.54 31.93 9.37
C CYS H 92 42.43 30.87 10.01
N GLY H 93 42.77 29.83 9.25
CA GLY H 93 43.71 28.82 9.70
C GLY H 93 45.05 29.05 9.01
N ALA H 94 46.14 28.88 9.75
CA ALA H 94 47.46 29.05 9.17
C ALA H 94 48.01 27.71 8.74
N VAL H 95 48.72 27.71 7.61
CA VAL H 95 49.38 26.52 7.16
C VAL H 95 50.90 26.63 7.29
N ASN H 96 51.39 27.85 7.51
CA ASN H 96 52.84 28.07 7.58
C ASN H 96 53.32 28.00 9.02
N GLU H 97 54.40 27.26 9.27
CA GLU H 97 54.88 27.09 10.64
C GLU H 97 55.23 28.42 11.32
N GLY H 98 55.63 29.42 10.53
CA GLY H 98 56.00 30.73 11.05
C GLY H 98 54.85 31.68 11.39
N ILE H 99 53.62 31.26 11.11
CA ILE H 99 52.44 32.09 11.34
C ILE H 99 51.69 31.49 12.52
N LYS H 100 51.39 32.31 13.53
CA LYS H 100 50.85 31.79 14.79
C LYS H 100 49.42 32.23 15.03
N VAL H 101 48.71 31.48 15.88
CA VAL H 101 47.39 31.88 16.34
C VAL H 101 47.46 33.33 16.86
N ARG H 102 46.46 34.11 16.50
CA ARG H 102 46.36 35.53 16.81
C ARG H 102 47.17 36.48 15.89
N ASP H 103 47.97 35.93 14.98
CA ASP H 103 48.63 36.80 13.98
C ASP H 103 47.53 37.42 13.10
N VAL H 104 47.76 38.65 12.68
CA VAL H 104 46.83 39.29 11.76
C VAL H 104 47.42 39.22 10.35
N VAL H 105 46.62 38.78 9.40
CA VAL H 105 47.03 38.72 7.99
C VAL H 105 46.06 39.52 7.11
N ILE H 106 46.59 40.03 6.01
CA ILE H 106 45.80 40.87 5.09
C ILE H 106 45.86 40.21 3.73
N GLY H 107 44.70 39.90 3.15
CA GLY H 107 44.70 39.18 1.88
C GLY H 107 44.75 40.14 0.70
N MET H 108 45.95 40.47 0.20
N MET H 108 45.94 40.47 0.20
CA MET H 108 46.02 41.28 -1.03
CA MET H 108 46.01 41.27 -1.03
C MET H 108 45.43 40.49 -2.21
C MET H 108 45.43 40.48 -2.21
N GLY H 109 45.58 39.16 -2.16
CA GLY H 109 44.87 38.28 -3.09
C GLY H 109 44.19 37.17 -2.32
N ALA H 110 43.33 36.40 -2.99
CA ALA H 110 42.69 35.22 -2.42
C ALA H 110 42.61 34.13 -3.50
N CYS H 111 43.35 33.03 -3.28
CA CYS H 111 43.22 31.82 -4.10
C CYS H 111 41.91 31.13 -3.71
N THR H 112 41.45 30.17 -4.52
CA THR H 112 40.24 29.41 -4.16
C THR H 112 40.11 28.10 -4.92
N ASP H 113 39.42 27.13 -4.33
CA ASP H 113 39.01 25.97 -5.12
C ASP H 113 37.53 26.06 -5.52
N SER H 114 36.93 27.23 -5.33
CA SER H 114 35.57 27.48 -5.81
C SER H 114 35.51 27.68 -7.34
N LYS H 115 34.35 27.42 -7.94
CA LYS H 115 34.13 27.68 -9.35
C LYS H 115 33.57 29.10 -9.64
N VAL H 116 33.37 29.93 -8.62
CA VAL H 116 32.58 31.15 -8.89
C VAL H 116 33.26 32.13 -9.84
N ASN H 117 34.58 32.26 -9.71
CA ASN H 117 35.26 33.23 -10.57
C ASN H 117 35.45 32.69 -12.00
N ARG H 118 35.59 31.38 -12.12
CA ARG H 118 35.56 30.77 -13.45
C ARG H 118 34.21 30.98 -14.14
N ILE H 119 33.14 30.88 -13.35
CA ILE H 119 31.80 31.16 -13.88
C ILE H 119 31.70 32.61 -14.40
N ARG H 120 32.29 33.54 -13.67
CA ARG H 120 32.29 34.96 -14.09
C ARG H 120 33.21 35.28 -15.27
N PHE H 121 34.31 34.55 -15.41
CA PHE H 121 35.48 35.04 -16.17
C PHE H 121 35.85 34.07 -17.30
N LYS H 122 34.81 33.55 -17.97
CA LYS H 122 34.95 32.63 -19.11
C LYS H 122 35.89 31.46 -18.90
N ASP H 123 35.86 30.92 -17.69
CA ASP H 123 36.64 29.76 -17.31
C ASP H 123 38.15 30.00 -17.35
N HIS H 124 38.55 31.27 -17.29
CA HIS H 124 39.98 31.61 -17.16
C HIS H 124 40.32 31.89 -15.70
N ASP H 125 41.57 32.27 -15.41
CA ASP H 125 41.99 32.54 -14.05
C ASP H 125 41.77 34.01 -13.76
N PHE H 126 40.79 34.32 -12.94
CA PHE H 126 40.63 35.68 -12.43
C PHE H 126 41.48 35.75 -11.17
N ALA H 127 42.39 36.71 -11.08
CA ALA H 127 43.18 36.89 -9.86
C ALA H 127 42.32 37.65 -8.86
N ALA H 128 41.74 36.97 -7.86
CA ALA H 128 40.83 37.65 -6.93
C ALA H 128 41.68 38.54 -6.02
N ILE H 129 41.61 39.86 -6.23
CA ILE H 129 42.45 40.78 -5.46
C ILE H 129 41.65 41.81 -4.68
N ALA H 130 42.22 42.25 -3.58
CA ALA H 130 41.66 43.39 -2.85
C ALA H 130 41.91 44.68 -3.63
N ASP H 131 41.26 45.77 -3.21
CA ASP H 131 41.60 47.11 -3.67
C ASP H 131 42.94 47.56 -3.07
N TYR H 132 43.86 48.04 -3.92
CA TYR H 132 45.19 48.42 -3.46
C TYR H 132 45.18 49.47 -2.32
N LYS H 133 44.49 50.59 -2.51
CA LYS H 133 44.51 51.62 -1.44
C LYS H 133 43.91 51.10 -0.14
N MET H 134 42.98 50.15 -0.21
CA MET H 134 42.47 49.56 1.02
C MET H 134 43.52 48.70 1.74
N VAL H 135 44.28 47.92 0.96
CA VAL H 135 45.37 47.11 1.52
C VAL H 135 46.38 48.03 2.19
N LYS H 136 46.78 49.08 1.46
CA LYS H 136 47.78 50.05 1.93
C LYS H 136 47.30 50.74 3.21
N ALA H 137 46.04 51.17 3.22
CA ALA H 137 45.50 51.81 4.41
C ALA H 137 45.47 50.89 5.64
N ALA H 138 45.13 49.61 5.43
CA ALA H 138 45.14 48.63 6.53
C ALA H 138 46.56 48.33 6.99
N GLU H 139 47.48 48.13 6.05
CA GLU H 139 48.88 47.91 6.44
C GLU H 139 49.43 49.13 7.23
N GLU H 140 49.11 50.32 6.76
CA GLU H 140 49.58 51.54 7.47
C GLU H 140 48.90 51.75 8.80
N ALA H 141 47.62 51.39 8.89
CA ALA H 141 46.92 51.45 10.18
C ALA H 141 47.58 50.50 11.17
N ALA H 142 47.89 49.29 10.73
CA ALA H 142 48.55 48.29 11.58
C ALA H 142 49.89 48.85 12.07
N LYS H 143 50.70 49.35 11.16
CA LYS H 143 51.99 49.88 11.58
C LYS H 143 51.84 51.00 12.62
N ALA H 144 50.91 51.93 12.41
CA ALA H 144 50.69 53.03 13.35
C ALA H 144 50.27 52.54 14.74
N ARG H 145 49.63 51.37 14.81
CA ARG H 145 49.28 50.75 16.09
C ARG H 145 50.40 49.89 16.69
N GLY H 146 51.47 49.63 15.93
CA GLY H 146 52.51 48.68 16.38
C GLY H 146 52.13 47.21 16.23
N ILE H 147 51.15 46.92 15.38
CA ILE H 147 50.67 45.56 15.14
C ILE H 147 51.33 44.96 13.89
N ASP H 148 52.04 43.84 14.05
CA ASP H 148 52.65 43.20 12.91
C ASP H 148 51.56 42.59 12.03
N VAL H 149 51.75 42.65 10.71
CA VAL H 149 50.83 42.01 9.78
C VAL H 149 51.60 41.41 8.63
N LYS H 150 51.07 40.35 8.05
CA LYS H 150 51.59 39.82 6.80
C LYS H 150 50.60 40.13 5.67
N VAL H 151 51.09 40.60 4.52
CA VAL H 151 50.23 40.94 3.42
C VAL H 151 50.53 39.92 2.32
N GLY H 152 49.52 39.16 1.91
CA GLY H 152 49.76 38.10 0.91
C GLY H 152 48.47 37.44 0.47
N ASN H 153 48.58 36.18 0.04
CA ASN H 153 47.46 35.43 -0.48
C ASN H 153 46.73 34.66 0.62
N LEU H 154 45.43 34.89 0.69
CA LEU H 154 44.54 33.99 1.42
C LEU H 154 44.24 32.77 0.51
N PHE H 155 43.69 31.73 1.12
CA PHE H 155 43.05 30.68 0.33
C PHE H 155 41.63 30.52 0.83
N SER H 156 40.65 30.77 -0.04
CA SER H 156 39.23 30.59 0.26
C SER H 156 38.76 29.21 -0.14
N ALA H 157 38.58 28.36 0.88
CA ALA H 157 38.22 26.95 0.71
C ALA H 157 36.72 26.77 0.57
N GLU H 158 36.35 25.78 -0.26
CA GLU H 158 34.97 25.33 -0.35
C GLU H 158 34.58 24.40 0.79
N LEU H 159 35.49 23.53 1.18
CA LEU H 159 35.17 22.45 2.13
C LEU H 159 36.05 22.59 3.34
N PHE H 160 35.45 23.05 4.43
CA PHE H 160 36.15 23.16 5.71
C PHE H 160 36.66 21.78 6.10
N TYR H 161 35.79 20.77 5.95
CA TYR H 161 36.22 19.39 6.18
C TYR H 161 36.70 18.82 4.86
N THR H 162 37.92 19.17 4.49
CA THR H 162 38.35 18.86 3.16
C THR H 162 38.70 17.39 2.95
N PRO H 163 38.29 16.84 1.80
CA PRO H 163 38.72 15.49 1.40
C PRO H 163 40.14 15.44 0.87
N ASP H 164 40.77 16.62 0.73
CA ASP H 164 42.13 16.72 0.20
C ASP H 164 43.01 17.58 1.10
N PRO H 165 43.30 17.07 2.31
CA PRO H 165 44.22 17.79 3.18
C PRO H 165 45.63 17.96 2.59
N SER H 166 46.05 17.12 1.61
CA SER H 166 47.36 17.37 0.98
C SER H 166 47.49 18.79 0.35
N MET H 167 46.35 19.41 0.03
CA MET H 167 46.37 20.72 -0.61
C MET H 167 46.95 21.77 0.36
N PHE H 168 46.86 21.52 1.67
CA PHE H 168 47.40 22.51 2.62
C PHE H 168 48.91 22.71 2.41
N ASP H 169 49.62 21.63 2.11
CA ASP H 169 51.08 21.69 1.87
C ASP H 169 51.35 22.51 0.62
N VAL H 170 50.48 22.34 -0.38
CA VAL H 170 50.59 23.14 -1.60
C VAL H 170 50.42 24.64 -1.29
N MET H 171 49.38 24.96 -0.53
CA MET H 171 49.16 26.33 -0.08
C MET H 171 50.41 26.87 0.61
N ASP H 172 50.97 26.07 1.52
CA ASP H 172 52.10 26.55 2.27
C ASP H 172 53.30 26.83 1.34
N LYS H 173 53.59 25.89 0.46
CA LYS H 173 54.65 26.06 -0.53
C LYS H 173 54.44 27.33 -1.34
N TYR H 174 53.19 27.68 -1.66
CA TYR H 174 52.93 28.85 -2.49
C TYR H 174 52.74 30.13 -1.68
N GLY H 175 53.06 30.09 -0.40
CA GLY H 175 53.05 31.28 0.45
C GLY H 175 51.73 31.74 1.01
N ILE H 176 50.70 30.90 0.96
CA ILE H 176 49.36 31.32 1.46
C ILE H 176 49.46 31.70 2.94
N VAL H 177 48.93 32.89 3.30
CA VAL H 177 49.09 33.38 4.68
C VAL H 177 47.99 32.91 5.62
N GLY H 178 46.84 32.58 5.04
CA GLY H 178 45.77 32.00 5.86
C GLY H 178 44.70 31.34 5.00
N VAL H 179 44.00 30.38 5.62
CA VAL H 179 42.91 29.68 4.94
C VAL H 179 41.59 30.16 5.57
N GLU H 180 40.69 30.66 4.76
CA GLU H 180 39.36 31.00 5.20
C GLU H 180 38.40 30.52 4.13
N MET H 181 37.22 31.13 3.96
CA MET H 181 36.26 30.50 3.06
C MET H 181 35.44 31.52 2.29
N GLU H 182 35.99 32.73 2.12
CA GLU H 182 35.14 33.86 1.68
C GLU H 182 35.82 34.90 0.78
N ALA H 183 37.04 35.29 1.12
CA ALA H 183 37.66 36.44 0.40
C ALA H 183 37.60 36.39 -1.13
N ALA H 184 37.96 35.24 -1.71
CA ALA H 184 37.97 35.13 -3.15
C ALA H 184 36.60 35.42 -3.75
N GLY H 185 35.54 35.00 -3.05
CA GLY H 185 34.17 35.32 -3.48
C GLY H 185 33.85 36.80 -3.33
N ILE H 186 34.19 37.37 -2.18
CA ILE H 186 33.98 38.81 -1.94
C ILE H 186 34.72 39.67 -3.00
N TYR H 187 35.97 39.31 -3.28
CA TYR H 187 36.74 40.02 -4.29
C TYR H 187 36.13 39.86 -5.68
N GLY H 188 35.57 38.68 -5.96
CA GLY H 188 34.95 38.47 -7.28
C GLY H 188 33.70 39.33 -7.41
N VAL H 189 32.88 39.37 -6.37
CA VAL H 189 31.69 40.27 -6.36
C VAL H 189 32.10 41.74 -6.52
N ALA H 190 33.10 42.17 -5.74
CA ALA H 190 33.53 43.57 -5.78
C ALA H 190 33.91 43.96 -7.19
N ALA H 191 34.66 43.08 -7.87
CA ALA H 191 35.10 43.35 -9.23
C ALA H 191 33.90 43.34 -10.19
N GLU H 192 33.00 42.37 -10.01
CA GLU H 192 31.84 42.24 -10.90
C GLU H 192 30.98 43.49 -10.84
N TYR H 193 30.82 44.02 -9.64
CA TYR H 193 29.93 45.15 -9.41
C TYR H 193 30.63 46.51 -9.29
N GLY H 194 31.94 46.52 -9.51
CA GLY H 194 32.72 47.76 -9.55
C GLY H 194 32.83 48.43 -8.19
N ALA H 195 32.94 47.64 -7.11
CA ALA H 195 33.14 48.25 -5.80
C ALA H 195 34.53 47.84 -5.32
N LYS H 196 34.81 48.02 -4.03
CA LYS H 196 36.16 47.73 -3.51
C LYS H 196 36.07 46.86 -2.26
N ALA H 197 37.00 45.92 -2.08
CA ALA H 197 36.93 45.08 -0.89
C ALA H 197 38.31 44.72 -0.38
N LEU H 198 38.35 44.26 0.87
CA LEU H 198 39.59 43.87 1.54
C LEU H 198 39.19 42.84 2.57
N ALA H 199 40.04 41.84 2.77
CA ALA H 199 39.83 40.87 3.83
C ALA H 199 41.03 40.92 4.78
N ILE H 200 40.75 41.14 6.06
CA ILE H 200 41.74 41.07 7.10
C ILE H 200 41.26 39.94 7.99
N CYS H 201 42.16 39.05 8.40
CA CYS H 201 41.76 37.93 9.25
C CYS H 201 42.72 37.75 10.43
N THR H 202 42.22 37.22 11.52
CA THR H 202 43.06 36.81 12.62
C THR H 202 43.16 35.29 12.59
N VAL H 203 44.38 34.78 12.70
CA VAL H 203 44.62 33.34 12.74
C VAL H 203 43.95 32.75 14.00
N SER H 204 43.03 31.81 13.80
CA SER H 204 42.25 31.26 14.92
C SER H 204 42.56 29.79 15.14
N ASP H 205 43.30 29.21 14.20
CA ASP H 205 43.56 27.78 14.16
C ASP H 205 44.91 27.61 13.48
N HIS H 206 45.72 26.67 13.95
CA HIS H 206 46.84 26.25 13.15
C HIS H 206 46.57 24.90 12.52
N ILE H 207 46.48 24.89 11.19
CA ILE H 207 46.09 23.68 10.49
C ILE H 207 47.16 22.58 10.63
N LYS H 208 48.43 22.97 10.68
CA LYS H 208 49.50 21.98 10.83
C LYS H 208 49.75 21.48 12.27
N THR H 209 49.88 22.40 13.23
CA THR H 209 50.18 22.04 14.62
C THR H 209 48.95 21.71 15.46
N GLY H 210 47.76 22.06 14.95
CA GLY H 210 46.51 21.76 15.65
C GLY H 210 46.06 22.77 16.69
N GLU H 211 46.87 23.79 16.97
CA GLU H 211 46.48 24.79 17.95
C GLU H 211 45.15 25.51 17.63
N GLN H 212 44.39 25.82 18.69
CA GLN H 212 43.01 26.28 18.57
C GLN H 212 42.68 27.54 19.39
N THR H 213 41.56 28.16 19.06
CA THR H 213 40.93 29.17 19.91
C THR H 213 39.53 28.66 20.23
N THR H 214 38.91 29.22 21.27
CA THR H 214 37.55 28.84 21.64
C THR H 214 36.55 29.65 20.79
N SER H 215 35.29 29.20 20.75
CA SER H 215 34.23 29.96 20.08
C SER H 215 34.10 31.37 20.66
N GLU H 216 34.17 31.48 21.99
CA GLU H 216 34.10 32.79 22.67
C GLU H 216 35.27 33.72 22.27
N GLU H 217 36.48 33.17 22.16
CA GLU H 217 37.64 33.99 21.80
C GLU H 217 37.50 34.55 20.37
N ARG H 218 37.03 33.72 19.45
CA ARG H 218 36.80 34.13 18.06
C ARG H 218 35.74 35.25 17.98
N GLN H 219 34.73 35.12 18.84
CA GLN H 219 33.63 36.06 18.89
C GLN H 219 34.04 37.39 19.56
N ASN H 220 34.81 37.33 20.64
CA ASN H 220 34.93 38.47 21.53
C ASN H 220 36.32 39.04 21.76
N THR H 221 37.35 38.47 21.18
CA THR H 221 38.69 38.90 21.56
C THR H 221 39.64 39.21 20.43
N PHE H 222 39.17 39.20 19.18
CA PHE H 222 40.07 39.50 18.06
C PHE H 222 40.11 41.01 17.80
N ASN H 223 40.64 41.74 18.77
CA ASN H 223 40.49 43.17 18.79
C ASN H 223 41.41 43.89 17.83
N GLU H 224 42.61 43.34 17.63
CA GLU H 224 43.60 44.01 16.81
C GLU H 224 43.11 44.17 15.37
N MET H 225 42.51 43.13 14.81
CA MET H 225 42.07 43.24 13.42
C MET H 225 40.96 44.28 13.31
N ILE H 226 40.13 44.41 14.34
CA ILE H 226 39.04 45.38 14.31
C ILE H 226 39.58 46.83 14.33
N GLU H 227 40.57 47.04 15.19
CA GLU H 227 41.25 48.34 15.29
C GLU H 227 41.88 48.76 13.97
N ILE H 228 42.60 47.82 13.38
CA ILE H 228 43.20 48.04 12.06
C ILE H 228 42.12 48.36 11.02
N ALA H 229 41.04 47.58 10.99
CA ALA H 229 40.00 47.80 10.01
C ALA H 229 39.41 49.21 10.17
N LEU H 230 39.03 49.55 11.39
CA LEU H 230 38.35 50.84 11.62
C LEU H 230 39.29 52.02 11.35
N ASP H 231 40.53 51.90 11.84
CA ASP H 231 41.55 52.90 11.57
C ASP H 231 41.80 53.06 10.08
N SER H 232 41.74 51.96 9.33
CA SER H 232 42.05 52.02 7.92
C SER H 232 40.96 52.76 7.14
N VAL H 233 39.74 52.73 7.65
CA VAL H 233 38.69 53.49 7.03
C VAL H 233 39.04 54.99 7.03
N LEU H 234 39.46 55.50 8.19
CA LEU H 234 39.74 56.91 8.33
C LEU H 234 40.93 57.32 7.47
N ILE H 235 41.96 56.47 7.40
CA ILE H 235 43.11 56.70 6.54
C ILE H 235 42.68 56.79 5.08
N GLY H 236 41.85 55.82 4.66
CA GLY H 236 41.39 55.74 3.28
C GLY H 236 40.48 56.90 2.87
N ASP H 237 39.85 57.54 3.86
CA ASP H 237 38.97 58.68 3.62
C ASP H 237 39.74 59.97 3.27
N GLN H 238 41.03 60.02 3.56
CA GLN H 238 41.79 61.26 3.38
C GLN H 238 41.82 61.70 1.92
N ALA H 239 41.78 63.01 1.70
CA ALA H 239 41.77 63.57 0.37
C ALA H 239 43.06 63.18 -0.37
N GLY H 240 42.90 62.62 -1.56
CA GLY H 240 44.04 62.16 -2.36
C GLY H 240 44.92 61.09 -1.74
N TYR H 241 44.41 60.31 -0.80
CA TYR H 241 45.16 59.13 -0.33
C TYR H 241 45.43 58.20 -1.52
N ALA I 2 38.84 -17.10 -24.11
CA ALA I 2 37.84 -16.14 -24.68
C ALA I 2 37.71 -14.93 -23.78
N THR I 3 37.40 -13.77 -24.34
CA THR I 3 37.07 -12.62 -23.50
C THR I 3 35.56 -12.47 -23.39
N PRO I 4 35.09 -11.50 -22.59
CA PRO I 4 33.66 -11.36 -22.49
C PRO I 4 33.06 -10.86 -23.79
N HIS I 5 33.88 -10.36 -24.71
CA HIS I 5 33.33 -9.72 -25.91
C HIS I 5 33.74 -10.44 -27.18
N ILE I 6 34.68 -11.37 -27.08
CA ILE I 6 35.18 -12.05 -28.28
C ILE I 6 35.34 -13.54 -27.99
N ASN I 7 34.58 -14.38 -28.69
CA ASN I 7 34.63 -15.84 -28.49
C ASN I 7 35.54 -16.53 -29.48
N ALA I 8 36.79 -16.04 -29.54
CA ALA I 8 37.83 -16.60 -30.41
C ALA I 8 39.02 -17.01 -29.55
N GLN I 9 39.99 -17.68 -30.16
CA GLN I 9 41.21 -18.07 -29.45
C GLN I 9 42.39 -17.36 -30.05
N MET I 10 43.47 -17.22 -29.27
CA MET I 10 44.72 -16.64 -29.79
C MET I 10 45.12 -17.37 -31.07
N GLY I 11 45.44 -16.59 -32.11
CA GLY I 11 45.78 -17.14 -33.41
C GLY I 11 44.61 -17.10 -34.39
N ASP I 12 43.40 -16.86 -33.89
CA ASP I 12 42.22 -16.79 -34.77
C ASP I 12 42.24 -15.52 -35.62
N PHE I 13 42.91 -14.48 -35.11
CA PHE I 13 43.04 -13.22 -35.83
C PHE I 13 44.42 -13.06 -36.46
N ALA I 14 44.46 -12.42 -37.62
CA ALA I 14 45.73 -11.98 -38.19
C ALA I 14 46.32 -10.88 -37.32
N ASP I 15 47.55 -10.48 -37.61
CA ASP I 15 48.14 -9.39 -36.86
C ASP I 15 47.69 -8.03 -37.39
N VAL I 16 46.92 -8.04 -38.48
CA VAL I 16 46.27 -6.81 -38.95
C VAL I 16 44.76 -7.01 -39.07
N VAL I 17 43.97 -6.09 -38.52
CA VAL I 17 42.50 -6.23 -38.57
C VAL I 17 41.88 -4.96 -39.18
N LEU I 18 41.05 -5.11 -40.21
CA LEU I 18 40.19 -3.99 -40.67
C LEU I 18 38.96 -3.97 -39.78
N MET I 19 38.52 -2.77 -39.38
CA MET I 19 37.36 -2.70 -38.48
C MET I 19 36.39 -1.62 -38.88
N PRO I 20 35.23 -2.02 -39.44
CA PRO I 20 34.11 -1.10 -39.61
C PRO I 20 33.31 -1.07 -38.31
N GLY I 21 32.52 -0.04 -38.06
CA GLY I 21 31.63 -0.09 -36.86
C GLY I 21 30.52 -1.14 -37.00
N ASP I 22 30.11 -1.39 -38.25
CA ASP I 22 28.97 -2.27 -38.58
C ASP I 22 29.41 -3.73 -38.83
N PRO I 23 28.96 -4.68 -37.96
CA PRO I 23 29.41 -6.09 -38.14
C PRO I 23 28.92 -6.66 -39.47
N LEU I 24 27.89 -6.07 -40.05
CA LEU I 24 27.42 -6.52 -41.38
C LEU I 24 28.32 -6.00 -42.50
N ARG I 25 28.93 -4.82 -42.28
CA ARG I 25 29.92 -4.36 -43.26
C ARG I 25 31.16 -5.26 -43.14
N ALA I 26 31.50 -5.69 -41.91
CA ALA I 26 32.59 -6.66 -41.76
C ALA I 26 32.29 -7.94 -42.58
N LYS I 27 31.07 -8.45 -42.46
CA LYS I 27 30.66 -9.62 -43.21
C LYS I 27 30.76 -9.39 -44.72
N TYR I 28 30.28 -8.25 -45.16
CA TYR I 28 30.38 -7.89 -46.58
C TYR I 28 31.84 -7.90 -47.09
N ILE I 29 32.74 -7.35 -46.28
CA ILE I 29 34.18 -7.29 -46.63
C ILE I 29 34.78 -8.68 -46.66
N ALA I 30 34.45 -9.49 -45.65
CA ALA I 30 35.03 -10.83 -45.55
C ALA I 30 34.58 -11.66 -46.77
N GLU I 31 33.29 -11.56 -47.09
CA GLU I 31 32.71 -12.38 -48.18
C GLU I 31 33.11 -11.96 -49.59
N ASN I 32 33.42 -10.69 -49.78
CA ASN I 32 33.60 -10.17 -51.11
C ASN I 32 35.02 -9.73 -51.48
N PHE I 33 35.89 -9.56 -50.48
CA PHE I 33 37.23 -9.03 -50.73
C PHE I 33 38.32 -9.95 -50.25
N LEU I 34 37.99 -10.88 -49.36
CA LEU I 34 38.97 -11.87 -48.87
C LEU I 34 38.71 -13.24 -49.48
N ASP I 35 39.76 -14.08 -49.52
N ASP I 35 39.76 -14.03 -49.63
CA ASP I 35 39.65 -15.52 -49.86
CA ASP I 35 39.61 -15.37 -50.13
C ASP I 35 39.34 -16.36 -48.64
C ASP I 35 39.50 -16.28 -48.91
N ASN I 36 38.46 -17.36 -48.85
N ASN I 36 38.48 -17.13 -48.90
CA ASN I 36 38.00 -18.28 -47.81
CA ASN I 36 38.32 -18.16 -47.86
C ASN I 36 38.00 -17.72 -46.40
C ASN I 36 38.14 -17.63 -46.42
N ALA I 37 37.34 -16.58 -46.23
CA ALA I 37 37.22 -15.99 -44.88
C ALA I 37 36.37 -16.89 -43.99
N VAL I 38 36.81 -17.13 -42.77
CA VAL I 38 36.10 -17.96 -41.83
C VAL I 38 35.67 -17.06 -40.68
N GLN I 39 34.43 -17.21 -40.23
CA GLN I 39 33.98 -16.43 -39.06
C GLN I 39 34.67 -16.91 -37.77
N VAL I 40 35.24 -16.00 -36.98
CA VAL I 40 35.94 -16.42 -35.78
C VAL I 40 35.28 -15.93 -34.50
N CYS I 41 34.35 -14.97 -34.60
CA CYS I 41 33.61 -14.52 -33.40
C CYS I 41 32.25 -13.96 -33.76
N ASP I 42 31.36 -13.91 -32.76
CA ASP I 42 29.97 -13.45 -32.97
C ASP I 42 29.23 -13.03 -31.70
N VAL I 43 29.98 -12.81 -30.61
CA VAL I 43 29.37 -12.37 -29.36
C VAL I 43 28.72 -11.00 -29.56
N ARG I 44 27.54 -10.83 -28.98
CA ARG I 44 26.75 -9.60 -29.14
C ARG I 44 26.51 -9.27 -30.61
N ASN I 45 26.54 -10.31 -31.48
CA ASN I 45 26.45 -10.13 -32.93
C ASN I 45 27.59 -9.33 -33.55
N MET I 46 28.70 -9.20 -32.84
CA MET I 46 29.81 -8.42 -33.38
C MET I 46 30.70 -9.39 -34.15
N PHE I 47 30.39 -9.56 -35.43
CA PHE I 47 31.02 -10.58 -36.25
C PHE I 47 32.48 -10.22 -36.58
N GLY I 48 33.38 -11.21 -36.49
CA GLY I 48 34.76 -11.06 -36.99
C GLY I 48 35.13 -12.27 -37.84
N TYR I 49 36.04 -12.07 -38.80
CA TYR I 49 36.38 -13.07 -39.83
C TYR I 49 37.87 -13.00 -40.08
N THR I 50 38.44 -14.09 -40.56
CA THR I 50 39.84 -14.16 -40.94
C THR I 50 39.94 -14.90 -42.27
N GLY I 51 40.62 -14.28 -43.24
CA GLY I 51 40.84 -14.93 -44.53
C GLY I 51 42.15 -14.39 -45.05
N THR I 52 42.35 -14.42 -46.37
CA THR I 52 43.59 -13.89 -46.97
C THR I 52 43.29 -12.90 -48.09
N TYR I 53 44.25 -12.03 -48.33
CA TYR I 53 44.18 -11.07 -49.41
C TYR I 53 45.51 -11.24 -50.14
N LYS I 54 45.42 -11.68 -51.40
CA LYS I 54 46.62 -12.05 -52.16
C LYS I 54 47.56 -12.91 -51.32
N GLY I 55 47.01 -13.85 -50.57
CA GLY I 55 47.80 -14.77 -49.75
C GLY I 55 48.14 -14.31 -48.33
N ARG I 56 47.95 -13.02 -48.05
CA ARG I 56 48.33 -12.45 -46.76
C ARG I 56 47.16 -12.58 -45.82
N LYS I 57 47.40 -13.17 -44.64
CA LYS I 57 46.33 -13.33 -43.67
C LYS I 57 45.88 -11.95 -43.16
N ILE I 58 44.56 -11.70 -43.22
CA ILE I 58 43.97 -10.43 -42.79
C ILE I 58 42.63 -10.73 -42.11
N SER I 59 42.31 -10.02 -41.03
CA SER I 59 41.03 -10.19 -40.37
C SER I 59 40.18 -8.94 -40.57
N VAL I 60 38.87 -9.10 -40.38
CA VAL I 60 37.92 -7.96 -40.41
C VAL I 60 36.86 -8.20 -39.32
N MET I 61 36.59 -7.17 -38.52
CA MET I 61 35.69 -7.37 -37.41
C MET I 61 35.05 -6.04 -37.06
N GLY I 62 33.77 -6.07 -36.71
CA GLY I 62 33.07 -4.83 -36.37
C GLY I 62 33.54 -4.34 -35.01
N HIS I 63 33.42 -3.03 -34.80
CA HIS I 63 33.78 -2.45 -33.50
C HIS I 63 32.62 -1.74 -32.80
N GLY I 64 31.41 -1.82 -33.36
CA GLY I 64 30.26 -1.10 -32.75
C GLY I 64 30.38 0.42 -32.94
N MET I 65 29.47 1.19 -32.37
CA MET I 65 29.47 2.63 -32.56
C MET I 65 29.96 3.36 -31.30
N GLY I 66 30.87 4.31 -31.50
CA GLY I 66 31.28 5.22 -30.46
C GLY I 66 32.56 4.77 -29.78
N ILE I 67 33.22 5.73 -29.15
CA ILE I 67 34.55 5.48 -28.56
C ILE I 67 34.53 4.35 -27.54
N PRO I 68 33.56 4.34 -26.60
CA PRO I 68 33.64 3.27 -25.60
C PRO I 68 33.53 1.85 -26.16
N SER I 69 32.69 1.69 -27.17
CA SER I 69 32.50 0.38 -27.83
C SER I 69 33.76 -0.07 -28.55
N CYS I 70 34.29 0.79 -29.44
CA CYS I 70 35.43 0.38 -30.23
C CYS I 70 36.67 0.21 -29.35
N SER I 71 36.74 0.98 -28.26
CA SER I 71 37.86 0.82 -27.33
C SER I 71 37.92 -0.58 -26.75
N ILE I 72 36.77 -1.13 -26.35
CA ILE I 72 36.73 -2.50 -25.86
C ILE I 72 37.29 -3.45 -26.89
N TYR I 73 36.83 -3.37 -28.14
CA TYR I 73 37.24 -4.41 -29.10
C TYR I 73 38.70 -4.24 -29.50
N VAL I 74 39.09 -3.01 -29.74
CA VAL I 74 40.48 -2.73 -30.14
C VAL I 74 41.46 -3.14 -29.02
N THR I 75 41.14 -2.81 -27.77
CA THR I 75 42.01 -3.19 -26.66
C THR I 75 42.15 -4.70 -26.56
N GLU I 76 41.03 -5.43 -26.66
CA GLU I 76 41.12 -6.88 -26.60
C GLU I 76 41.94 -7.45 -27.74
N LEU I 77 41.77 -6.90 -28.94
CA LEU I 77 42.50 -7.45 -30.08
C LEU I 77 44.01 -7.34 -29.84
N ILE I 78 44.43 -6.16 -29.36
CA ILE I 78 45.86 -5.92 -29.10
C ILE I 78 46.39 -6.73 -27.92
N LYS I 79 45.72 -6.66 -26.78
CA LYS I 79 46.33 -7.25 -25.58
C LYS I 79 46.10 -8.74 -25.48
N ASP I 80 45.01 -9.24 -26.07
CA ASP I 80 44.67 -10.68 -25.95
C ASP I 80 44.91 -11.48 -27.22
N TYR I 81 44.87 -10.84 -28.38
CA TYR I 81 44.95 -11.57 -29.65
C TYR I 81 46.18 -11.24 -30.51
N GLY I 82 47.09 -10.45 -29.94
CA GLY I 82 48.39 -10.23 -30.58
C GLY I 82 48.32 -9.31 -31.78
N VAL I 83 47.20 -8.62 -31.96
CA VAL I 83 47.07 -7.73 -33.11
C VAL I 83 48.03 -6.53 -33.07
N LYS I 84 48.67 -6.22 -34.20
CA LYS I 84 49.70 -5.18 -34.27
C LYS I 84 49.21 -3.90 -34.95
N LYS I 85 48.29 -4.06 -35.92
CA LYS I 85 47.81 -2.94 -36.74
C LYS I 85 46.29 -3.00 -36.88
N ILE I 86 45.64 -1.87 -36.69
CA ILE I 86 44.19 -1.79 -36.82
C ILE I 86 43.90 -0.75 -37.89
N ILE I 87 43.08 -1.10 -38.87
CA ILE I 87 42.64 -0.10 -39.84
C ILE I 87 41.12 0.00 -39.73
N ARG I 88 40.64 1.09 -39.14
CA ARG I 88 39.21 1.35 -39.11
C ARG I 88 38.79 1.67 -40.54
N VAL I 89 37.68 1.08 -41.01
CA VAL I 89 37.17 1.37 -42.35
C VAL I 89 35.73 1.80 -42.17
N GLY I 90 35.57 3.10 -41.93
CA GLY I 90 34.34 3.64 -41.36
C GLY I 90 33.57 4.47 -42.36
N SER I 91 32.48 5.04 -41.90
CA SER I 91 31.77 6.10 -42.62
C SER I 91 32.05 7.40 -41.86
N CYS I 92 31.61 8.53 -42.39
CA CYS I 92 31.76 9.79 -41.69
C CYS I 92 30.87 10.85 -42.31
N GLY I 93 30.63 11.94 -41.58
CA GLY I 93 29.86 13.07 -42.10
C GLY I 93 30.78 14.22 -42.50
N ALA I 94 30.48 14.86 -43.62
CA ALA I 94 31.34 15.97 -44.08
C ALA I 94 30.82 17.31 -43.58
N VAL I 95 31.73 18.17 -43.14
CA VAL I 95 31.34 19.51 -42.72
C VAL I 95 31.81 20.57 -43.73
N ASN I 96 32.68 20.19 -44.67
CA ASN I 96 33.20 21.16 -45.63
C ASN I 96 32.45 21.03 -46.93
N GLU I 97 31.98 22.15 -47.48
CA GLU I 97 31.16 22.09 -48.69
C GLU I 97 31.88 21.42 -49.85
N GLY I 98 33.21 21.49 -49.86
CA GLY I 98 34.05 20.91 -50.90
C GLY I 98 34.32 19.42 -50.77
N ILE I 99 33.91 18.82 -49.65
CA ILE I 99 34.07 17.40 -49.42
C ILE I 99 32.71 16.75 -49.63
N LYS I 100 32.63 15.78 -50.53
CA LYS I 100 31.35 15.22 -51.00
C LYS I 100 31.08 13.77 -50.55
N VAL I 101 29.80 13.41 -50.56
CA VAL I 101 29.40 12.04 -50.26
C VAL I 101 30.18 11.09 -51.16
N ARG I 102 30.63 9.98 -50.57
CA ARG I 102 31.48 8.99 -51.20
C ARG I 102 32.96 9.39 -51.39
N ASP I 103 33.36 10.60 -50.97
CA ASP I 103 34.79 10.89 -50.87
C ASP I 103 35.41 10.00 -49.80
N VAL I 104 36.66 9.59 -50.03
CA VAL I 104 37.41 8.83 -49.04
C VAL I 104 38.37 9.77 -48.36
N VAL I 105 38.39 9.73 -47.03
CA VAL I 105 39.32 10.56 -46.25
C VAL I 105 40.14 9.68 -45.32
N ILE I 106 41.30 10.21 -44.90
CA ILE I 106 42.24 9.45 -44.10
C ILE I 106 42.55 10.32 -42.90
N GLY I 107 42.32 9.80 -41.71
CA GLY I 107 42.53 10.58 -40.49
C GLY I 107 43.95 10.45 -39.96
N MET I 108 44.84 11.33 -40.38
N MET I 108 44.84 11.33 -40.39
CA MET I 108 46.18 11.40 -39.80
CA MET I 108 46.17 11.37 -39.78
C MET I 108 46.11 11.82 -38.32
C MET I 108 46.02 11.70 -38.31
N GLY I 109 45.07 12.58 -37.99
CA GLY I 109 44.76 12.87 -36.59
C GLY I 109 43.24 12.71 -36.40
N ALA I 110 42.81 12.72 -35.13
CA ALA I 110 41.36 12.73 -34.79
C ALA I 110 41.16 13.65 -33.57
N CYS I 111 40.45 14.76 -33.77
CA CYS I 111 39.98 15.61 -32.70
C CYS I 111 38.83 14.87 -32.01
N THR I 112 38.42 15.36 -30.85
CA THR I 112 37.29 14.75 -30.14
C THR I 112 36.69 15.62 -29.06
N ASP I 113 35.44 15.34 -28.69
CA ASP I 113 34.86 15.96 -27.50
C ASP I 113 34.69 14.94 -26.38
N SER I 114 35.21 13.75 -26.60
CA SER I 114 35.33 12.73 -25.53
C SER I 114 36.34 13.13 -24.45
N LYS I 115 36.18 12.54 -23.26
CA LYS I 115 37.12 12.76 -22.19
C LYS I 115 38.20 11.65 -22.10
N VAL I 116 38.17 10.63 -22.98
CA VAL I 116 39.00 9.43 -22.73
C VAL I 116 40.48 9.75 -22.79
N ASN I 117 40.89 10.62 -23.70
CA ASN I 117 42.32 10.90 -23.79
C ASN I 117 42.83 11.81 -22.66
N ARG I 118 41.98 12.71 -22.20
CA ARG I 118 42.28 13.48 -20.97
C ARG I 118 42.38 12.58 -19.76
N ILE I 119 41.54 11.56 -19.70
CA ILE I 119 41.63 10.57 -18.63
C ILE I 119 42.98 9.84 -18.67
N ARG I 120 43.46 9.51 -19.86
CA ARG I 120 44.79 8.86 -20.04
C ARG I 120 45.98 9.78 -19.82
N PHE I 121 45.81 11.07 -20.15
CA PHE I 121 46.99 11.94 -20.35
C PHE I 121 47.03 13.14 -19.38
N LYS I 122 46.73 12.86 -18.10
CA LYS I 122 46.74 13.84 -17.01
C LYS I 122 46.00 15.13 -17.33
N ASP I 123 44.86 15.00 -18.03
CA ASP I 123 44.01 16.14 -18.37
C ASP I 123 44.68 17.14 -19.32
N HIS I 124 45.73 16.72 -20.01
CA HIS I 124 46.33 17.60 -21.03
C HIS I 124 45.81 17.22 -22.42
N ASP I 125 46.31 17.88 -23.46
CA ASP I 125 45.84 17.55 -24.80
C ASP I 125 46.73 16.49 -25.43
N PHE I 126 46.23 15.26 -25.54
CA PHE I 126 46.89 14.23 -26.32
C PHE I 126 46.49 14.39 -27.78
N ALA I 127 47.44 14.56 -28.68
CA ALA I 127 47.11 14.62 -30.12
C ALA I 127 46.88 13.19 -30.59
N ALA I 128 45.60 12.78 -30.75
CA ALA I 128 45.30 11.41 -31.12
C ALA I 128 45.65 11.24 -32.59
N ILE I 129 46.75 10.54 -32.89
CA ILE I 129 47.24 10.45 -34.27
C ILE I 129 47.34 9.03 -34.75
N ALA I 130 47.24 8.86 -36.05
CA ALA I 130 47.51 7.58 -36.64
C ALA I 130 48.99 7.25 -36.66
N ASP I 131 49.32 6.01 -37.00
CA ASP I 131 50.70 5.67 -37.28
C ASP I 131 51.11 6.24 -38.65
N TYR I 132 52.22 6.96 -38.70
CA TYR I 132 52.62 7.63 -39.96
C TYR I 132 52.78 6.69 -41.15
N LYS I 133 53.50 5.59 -40.97
CA LYS I 133 53.69 4.67 -42.10
C LYS I 133 52.36 4.09 -42.62
N MET I 134 51.39 3.87 -41.73
CA MET I 134 50.07 3.40 -42.16
C MET I 134 49.34 4.48 -42.96
N VAL I 135 49.44 5.74 -42.51
CA VAL I 135 48.87 6.85 -43.29
C VAL I 135 49.49 6.88 -44.69
N LYS I 136 50.82 6.79 -44.74
CA LYS I 136 51.52 6.90 -46.03
C LYS I 136 51.15 5.74 -46.93
N ALA I 137 51.08 4.53 -46.37
CA ALA I 137 50.73 3.36 -47.18
C ALA I 137 49.33 3.48 -47.75
N ALA I 138 48.40 4.01 -46.95
CA ALA I 138 47.01 4.19 -47.42
C ALA I 138 46.93 5.22 -48.56
N GLU I 139 47.56 6.36 -48.36
CA GLU I 139 47.62 7.44 -49.33
C GLU I 139 48.26 6.95 -50.64
N GLU I 140 49.36 6.19 -50.51
CA GLU I 140 50.01 5.60 -51.68
C GLU I 140 49.16 4.56 -52.40
N ALA I 141 48.44 3.75 -51.63
CA ALA I 141 47.56 2.74 -52.19
C ALA I 141 46.45 3.41 -52.99
N ALA I 142 45.92 4.50 -52.44
CA ALA I 142 44.86 5.26 -53.10
C ALA I 142 45.36 5.86 -54.41
N LYS I 143 46.55 6.46 -54.37
CA LYS I 143 47.08 7.07 -55.59
C LYS I 143 47.30 6.00 -56.68
N ALA I 144 47.84 4.85 -56.29
CA ALA I 144 48.04 3.76 -57.27
C ALA I 144 46.74 3.31 -57.95
N ARG I 145 45.60 3.46 -57.27
CA ARG I 145 44.29 3.09 -57.84
C ARG I 145 43.56 4.25 -58.49
N GLY I 146 44.19 5.42 -58.52
CA GLY I 146 43.56 6.62 -59.04
C GLY I 146 42.40 7.13 -58.17
N ILE I 147 42.39 6.80 -56.88
CA ILE I 147 41.35 7.31 -55.98
C ILE I 147 41.84 8.56 -55.21
N ASP I 148 41.11 9.66 -55.33
CA ASP I 148 41.43 10.87 -54.57
C ASP I 148 41.18 10.64 -53.08
N VAL I 149 42.10 11.13 -52.25
CA VAL I 149 41.90 11.07 -50.81
C VAL I 149 42.33 12.36 -50.15
N LYS I 150 41.61 12.78 -49.12
CA LYS I 150 42.08 13.88 -48.30
C LYS I 150 42.70 13.31 -47.03
N VAL I 151 43.84 13.84 -46.61
CA VAL I 151 44.51 13.34 -45.44
C VAL I 151 44.52 14.50 -44.43
N GLY I 152 43.89 14.30 -43.28
CA GLY I 152 43.74 15.40 -42.34
C GLY I 152 43.13 14.96 -41.02
N ASN I 153 42.53 15.91 -40.31
CA ASN I 153 41.89 15.63 -39.03
C ASN I 153 40.47 15.10 -39.19
N LEU I 154 40.20 13.95 -38.58
CA LEU I 154 38.81 13.56 -38.26
C LEU I 154 38.31 14.28 -37.01
N PHE I 155 36.98 14.30 -36.79
CA PHE I 155 36.50 14.65 -35.45
C PHE I 155 35.64 13.51 -34.94
N SER I 156 36.02 12.94 -33.79
CA SER I 156 35.31 11.82 -33.23
C SER I 156 34.34 12.35 -32.18
N ALA I 157 33.06 12.36 -32.56
CA ALA I 157 32.01 12.93 -31.74
C ALA I 157 31.47 11.93 -30.74
N GLU I 158 31.08 12.45 -29.58
CA GLU I 158 30.39 11.66 -28.56
C GLU I 158 28.88 11.55 -28.86
N LEU I 159 28.30 12.64 -29.36
CA LEU I 159 26.83 12.68 -29.52
C LEU I 159 26.50 12.84 -30.99
N PHE I 160 26.07 11.76 -31.61
CA PHE I 160 25.61 11.82 -32.99
C PHE I 160 24.54 12.90 -33.12
N TYR I 161 23.54 12.86 -32.23
CA TYR I 161 22.47 13.88 -32.22
C TYR I 161 22.95 15.01 -31.30
N THR I 162 23.84 15.85 -31.83
CA THR I 162 24.54 16.77 -30.96
C THR I 162 23.64 17.90 -30.51
N PRO I 163 23.76 18.27 -29.23
CA PRO I 163 23.07 19.44 -28.72
C PRO I 163 23.78 20.72 -29.13
N ASP I 164 24.94 20.58 -29.78
CA ASP I 164 25.73 21.77 -30.17
C ASP I 164 26.13 21.76 -31.64
N PRO I 165 25.15 21.92 -32.53
CA PRO I 165 25.49 21.84 -33.94
C PRO I 165 26.38 23.00 -34.39
N SER I 166 26.47 24.09 -33.62
CA SER I 166 27.40 25.19 -34.01
C SER I 166 28.87 24.72 -34.05
N MET I 167 29.17 23.63 -33.36
CA MET I 167 30.53 23.06 -33.37
C MET I 167 30.94 22.57 -34.77
N PHE I 168 29.96 22.19 -35.62
CA PHE I 168 30.31 21.76 -36.98
C PHE I 168 31.01 22.87 -37.75
N ASP I 169 30.55 24.11 -37.56
N ASP I 169 30.57 24.11 -37.57
CA ASP I 169 31.17 25.29 -38.18
CA ASP I 169 31.24 25.22 -38.25
C ASP I 169 32.63 25.48 -37.72
C ASP I 169 32.68 25.42 -37.75
N VAL I 170 32.90 25.20 -36.45
CA VAL I 170 34.26 25.29 -35.89
C VAL I 170 35.11 24.20 -36.52
N MET I 171 34.57 22.99 -36.59
CA MET I 171 35.28 21.88 -37.22
C MET I 171 35.66 22.27 -38.64
N ASP I 172 34.71 22.85 -39.37
CA ASP I 172 34.99 23.21 -40.75
C ASP I 172 36.13 24.24 -40.85
N LYS I 173 36.07 25.26 -40.00
CA LYS I 173 37.07 26.31 -39.97
C LYS I 173 38.43 25.70 -39.70
N TYR I 174 38.48 24.70 -38.83
CA TYR I 174 39.73 24.06 -38.49
C TYR I 174 40.17 22.91 -39.40
N GLY I 175 39.48 22.77 -40.54
CA GLY I 175 39.87 21.85 -41.59
C GLY I 175 39.54 20.37 -41.38
N ILE I 176 38.63 20.07 -40.46
CA ILE I 176 38.27 18.69 -40.21
C ILE I 176 37.69 18.11 -41.52
N VAL I 177 38.20 16.93 -41.91
CA VAL I 177 37.81 16.30 -43.17
C VAL I 177 36.57 15.41 -43.03
N GLY I 178 36.31 14.92 -41.81
CA GLY I 178 35.10 14.08 -41.62
C GLY I 178 34.76 13.92 -40.15
N VAL I 179 33.47 13.72 -39.87
CA VAL I 179 32.98 13.52 -38.48
C VAL I 179 32.59 12.06 -38.36
N GLU I 180 33.22 11.39 -37.42
CA GLU I 180 32.78 10.04 -37.07
C GLU I 180 32.74 9.91 -35.54
N MET I 181 32.92 8.72 -35.00
CA MET I 181 32.71 8.64 -33.55
C MET I 181 33.69 7.72 -32.87
N GLU I 182 34.85 7.49 -33.47
CA GLU I 182 35.69 6.37 -33.03
C GLU I 182 37.20 6.60 -33.08
N ALA I 183 37.67 7.23 -34.13
CA ALA I 183 39.15 7.27 -34.38
C ALA I 183 39.96 7.78 -33.19
N ALA I 184 39.53 8.86 -32.56
CA ALA I 184 40.31 9.41 -31.44
C ALA I 184 40.47 8.39 -30.36
N GLY I 185 39.41 7.59 -30.14
CA GLY I 185 39.51 6.55 -29.13
C GLY I 185 40.42 5.39 -29.55
N ILE I 186 40.33 4.99 -30.81
CA ILE I 186 41.18 3.91 -31.35
C ILE I 186 42.63 4.40 -31.27
N TYR I 187 42.87 5.65 -31.65
CA TYR I 187 44.27 6.15 -31.64
C TYR I 187 44.80 6.22 -30.18
N GLY I 188 43.91 6.56 -29.24
CA GLY I 188 44.28 6.58 -27.81
C GLY I 188 44.66 5.19 -27.30
N VAL I 189 43.85 4.20 -27.62
CA VAL I 189 44.16 2.79 -27.27
C VAL I 189 45.50 2.34 -27.89
N ALA I 190 45.67 2.63 -29.19
CA ALA I 190 46.88 2.19 -29.90
C ALA I 190 48.09 2.78 -29.19
N ALA I 191 47.99 4.06 -28.83
CA ALA I 191 49.12 4.67 -28.10
C ALA I 191 49.34 4.05 -26.70
N GLU I 192 48.25 3.85 -25.97
CA GLU I 192 48.34 3.33 -24.61
C GLU I 192 48.98 1.94 -24.63
N TYR I 193 48.58 1.12 -25.59
CA TYR I 193 49.01 -0.26 -25.64
C TYR I 193 50.18 -0.52 -26.58
N GLY I 194 50.72 0.54 -27.19
CA GLY I 194 51.93 0.41 -28.02
C GLY I 194 51.70 -0.31 -29.35
N ALA I 195 50.53 -0.13 -29.94
CA ALA I 195 50.26 -0.73 -31.26
C ALA I 195 50.03 0.40 -32.25
N LYS I 196 49.58 0.08 -33.45
CA LYS I 196 49.49 1.08 -34.50
C LYS I 196 48.10 1.09 -35.12
N ALA I 197 47.59 2.28 -35.44
CA ALA I 197 46.23 2.32 -35.96
C ALA I 197 46.06 3.39 -37.01
N LEU I 198 45.01 3.22 -37.83
CA LEU I 198 44.68 4.18 -38.89
C LEU I 198 43.17 4.13 -39.08
N ALA I 199 42.54 5.27 -39.35
CA ALA I 199 41.12 5.31 -39.71
C ALA I 199 40.99 5.89 -41.12
N ILE I 200 40.29 5.16 -41.98
CA ILE I 200 40.00 5.58 -43.34
C ILE I 200 38.48 5.59 -43.39
N CYS I 201 37.88 6.67 -43.87
CA CYS I 201 36.42 6.71 -43.86
C CYS I 201 35.86 7.13 -45.22
N THR I 202 34.65 6.68 -45.51
CA THR I 202 33.93 7.11 -46.69
C THR I 202 32.83 8.06 -46.23
N VAL I 203 32.72 9.22 -46.90
CA VAL I 203 31.73 10.19 -46.49
C VAL I 203 30.36 9.62 -46.82
N SER I 204 29.53 9.50 -45.82
CA SER I 204 28.21 8.90 -45.99
C SER I 204 27.06 9.91 -45.83
N ASP I 205 27.37 11.09 -45.29
CA ASP I 205 26.37 12.09 -44.93
C ASP I 205 27.06 13.40 -45.17
N HIS I 206 26.31 14.38 -45.67
CA HIS I 206 26.81 15.75 -45.67
C HIS I 206 26.07 16.57 -44.61
N ILE I 207 26.79 16.94 -43.56
CA ILE I 207 26.17 17.56 -42.41
C ILE I 207 25.68 18.96 -42.77
N LYS I 208 26.37 19.60 -43.71
CA LYS I 208 26.01 20.94 -44.13
C LYS I 208 24.76 20.90 -45.02
N THR I 209 24.74 20.01 -46.01
CA THR I 209 23.61 20.00 -46.98
C THR I 209 22.47 19.06 -46.60
N GLY I 210 22.68 18.14 -45.65
CA GLY I 210 21.60 17.29 -45.13
C GLY I 210 21.44 15.98 -45.88
N GLU I 211 22.19 15.85 -46.96
CA GLU I 211 22.26 14.65 -47.75
C GLU I 211 22.66 13.44 -46.88
N GLN I 212 21.88 12.35 -47.00
CA GLN I 212 22.10 11.14 -46.22
C GLN I 212 22.03 9.92 -47.13
N THR I 213 23.00 9.03 -47.08
CA THR I 213 22.93 7.74 -47.81
C THR I 213 22.06 6.75 -47.01
N THR I 214 21.60 5.68 -47.66
CA THR I 214 20.76 4.68 -46.98
C THR I 214 21.60 3.71 -46.19
N SER I 215 20.98 3.01 -45.26
CA SER I 215 21.73 2.04 -44.50
C SER I 215 22.29 0.95 -45.46
N GLU I 216 21.58 0.61 -46.54
CA GLU I 216 22.14 -0.37 -47.49
C GLU I 216 23.44 0.08 -48.15
N GLU I 217 23.48 1.33 -48.62
CA GLU I 217 24.67 1.87 -49.24
C GLU I 217 25.88 1.79 -48.29
N ARG I 218 25.69 2.14 -47.02
CA ARG I 218 26.78 2.13 -46.04
C ARG I 218 27.30 0.71 -45.82
N GLN I 219 26.39 -0.24 -45.86
CA GLN I 219 26.71 -1.62 -45.57
C GLN I 219 27.46 -2.31 -46.71
N ASN I 220 27.08 -2.01 -47.96
CA ASN I 220 27.35 -2.86 -49.13
C ASN I 220 28.10 -2.21 -50.29
N THR I 221 28.34 -0.91 -50.24
CA THR I 221 28.79 -0.19 -51.45
C THR I 221 29.97 0.77 -51.29
N PHE I 222 30.59 0.79 -50.11
CA PHE I 222 31.76 1.66 -49.92
C PHE I 222 33.03 0.84 -50.22
N ASN I 223 33.26 0.59 -51.50
CA ASN I 223 34.26 -0.37 -51.94
C ASN I 223 35.67 0.24 -52.05
N GLU I 224 35.74 1.50 -52.47
CA GLU I 224 37.06 2.13 -52.61
C GLU I 224 37.89 2.11 -51.31
N MET I 225 37.27 2.43 -50.17
CA MET I 225 38.03 2.46 -48.91
C MET I 225 38.55 1.08 -48.55
N ILE I 226 37.80 0.05 -48.90
CA ILE I 226 38.21 -1.33 -48.60
C ILE I 226 39.43 -1.70 -49.48
N GLU I 227 39.33 -1.37 -50.77
CA GLU I 227 40.43 -1.58 -51.71
C GLU I 227 41.70 -0.87 -51.23
N ILE I 228 41.54 0.38 -50.85
CA ILE I 228 42.65 1.18 -50.33
C ILE I 228 43.21 0.54 -49.07
N ALA I 229 42.34 0.21 -48.13
CA ALA I 229 42.79 -0.38 -46.89
C ALA I 229 43.58 -1.67 -47.11
N LEU I 230 43.06 -2.56 -47.95
CA LEU I 230 43.70 -3.86 -48.15
C LEU I 230 45.05 -3.68 -48.83
N ASP I 231 45.07 -2.85 -49.87
CA ASP I 231 46.33 -2.63 -50.58
C ASP I 231 47.35 -1.98 -49.62
N SER I 232 46.88 -1.12 -48.72
CA SER I 232 47.82 -0.43 -47.81
C SER I 232 48.44 -1.42 -46.83
N VAL I 233 47.73 -2.50 -46.50
CA VAL I 233 48.33 -3.55 -45.65
C VAL I 233 49.57 -4.15 -46.36
N LEU I 234 49.43 -4.44 -47.64
CA LEU I 234 50.52 -5.10 -48.37
C LEU I 234 51.72 -4.18 -48.54
N ILE I 235 51.44 -2.92 -48.83
CA ILE I 235 52.48 -1.90 -48.95
C ILE I 235 53.22 -1.79 -47.62
N GLY I 236 52.46 -1.69 -46.52
CA GLY I 236 53.05 -1.54 -45.18
C GLY I 236 53.86 -2.74 -44.72
N ASP I 237 53.60 -3.90 -45.31
CA ASP I 237 54.32 -5.12 -44.99
C ASP I 237 55.72 -5.14 -45.56
N GLN I 238 55.95 -4.32 -46.59
CA GLN I 238 57.20 -4.46 -47.32
C GLN I 238 58.42 -4.11 -46.46
N ALA I 239 59.44 -4.97 -46.57
CA ALA I 239 60.68 -4.86 -45.78
C ALA I 239 61.23 -3.42 -45.72
N GLY I 240 61.52 -2.96 -44.50
CA GLY I 240 62.07 -1.63 -44.28
C GLY I 240 61.19 -0.48 -44.73
N TYR I 241 59.93 -0.73 -45.07
CA TYR I 241 59.01 0.35 -45.48
C TYR I 241 58.98 1.53 -44.47
N ALA J 2 77.06 27.75 -16.63
CA ALA J 2 76.06 28.35 -17.56
C ALA J 2 74.79 27.48 -17.64
N THR J 3 73.66 28.09 -18.00
CA THR J 3 72.46 27.29 -18.24
C THR J 3 72.26 27.23 -19.74
N PRO J 4 71.22 26.54 -20.21
CA PRO J 4 71.10 26.49 -21.65
C PRO J 4 70.63 27.81 -22.21
N HIS J 5 70.19 28.74 -21.36
CA HIS J 5 69.61 30.00 -21.86
C HIS J 5 70.37 31.27 -21.47
N ILE J 6 71.32 31.13 -20.56
CA ILE J 6 72.06 32.28 -20.01
C ILE J 6 73.54 31.87 -19.89
N ASN J 7 74.41 32.55 -20.63
CA ASN J 7 75.84 32.29 -20.55
C ASN J 7 76.55 33.22 -19.56
N ALA J 8 76.18 33.12 -18.29
CA ALA J 8 76.76 33.93 -17.23
C ALA J 8 77.18 33.03 -16.07
N GLN J 9 77.90 33.58 -15.09
CA GLN J 9 78.28 32.83 -13.88
C GLN J 9 77.53 33.42 -12.72
N MET J 10 77.35 32.62 -11.66
CA MET J 10 76.82 33.14 -10.40
C MET J 10 77.63 34.35 -9.99
N GLY J 11 76.95 35.41 -9.59
CA GLY J 11 77.62 36.65 -9.20
C GLY J 11 77.49 37.69 -10.29
N ASP J 12 77.28 37.23 -11.52
CA ASP J 12 77.16 38.16 -12.65
C ASP J 12 75.91 39.06 -12.58
N PHE J 13 74.82 38.57 -11.97
CA PHE J 13 73.64 39.38 -11.79
C PHE J 13 73.54 39.94 -10.37
N ALA J 14 72.96 41.14 -10.27
CA ALA J 14 72.54 41.72 -9.02
C ALA J 14 71.41 40.87 -8.45
N ASP J 15 71.02 41.15 -7.22
CA ASP J 15 69.91 40.40 -6.60
C ASP J 15 68.53 40.93 -6.98
N VAL J 16 68.53 42.01 -7.76
CA VAL J 16 67.32 42.58 -8.38
C VAL J 16 67.54 42.74 -9.87
N VAL J 17 66.56 42.29 -10.68
CA VAL J 17 66.70 42.38 -12.12
C VAL J 17 65.46 43.03 -12.68
N LEU J 18 65.63 44.08 -13.49
CA LEU J 18 64.53 44.63 -14.28
C LEU J 18 64.46 43.83 -15.58
N MET J 19 63.25 43.50 -16.02
CA MET J 19 63.10 42.66 -17.20
C MET J 19 61.99 43.17 -18.12
N PRO J 20 62.36 43.78 -19.25
CA PRO J 20 61.41 44.03 -20.32
C PRO J 20 61.37 42.75 -21.20
N GLY J 21 60.34 42.57 -22.01
CA GLY J 21 60.33 41.42 -22.93
C GLY J 21 61.37 41.59 -24.03
N ASP J 22 61.62 42.82 -24.42
CA ASP J 22 62.54 43.12 -25.51
C ASP J 22 64.01 43.27 -25.04
N PRO J 23 64.91 42.40 -25.53
CA PRO J 23 66.29 42.52 -25.10
C PRO J 23 66.92 43.86 -25.53
N LEU J 24 66.40 44.47 -26.60
CA LEU J 24 66.93 45.77 -27.02
C LEU J 24 66.41 46.86 -26.10
N ARG J 25 65.26 46.63 -25.46
CA ARG J 25 64.83 47.62 -24.45
C ARG J 25 65.71 47.45 -23.21
N ALA J 26 66.13 46.22 -22.94
CA ALA J 26 67.12 45.98 -21.88
C ALA J 26 68.44 46.71 -22.14
N LYS J 27 68.93 46.64 -23.37
CA LYS J 27 70.14 47.35 -23.76
C LYS J 27 69.96 48.84 -23.60
N TYR J 28 68.82 49.36 -24.06
CA TYR J 28 68.53 50.80 -23.91
C TYR J 28 68.61 51.23 -22.44
N ILE J 29 67.97 50.46 -21.55
CA ILE J 29 67.96 50.76 -20.12
C ILE J 29 69.37 50.72 -19.53
N ALA J 30 70.13 49.69 -19.88
CA ALA J 30 71.47 49.53 -19.36
C ALA J 30 72.37 50.68 -19.81
N GLU J 31 72.22 51.13 -21.05
CA GLU J 31 73.09 52.17 -21.59
C GLU J 31 72.70 53.57 -21.12
N ASN J 32 71.43 53.79 -20.84
CA ASN J 32 70.94 55.14 -20.57
C ASN J 32 70.58 55.41 -19.13
N PHE J 33 70.35 54.36 -18.34
CA PHE J 33 69.97 54.55 -16.93
C PHE J 33 70.95 54.00 -15.90
N LEU J 34 71.77 53.03 -16.26
CA LEU J 34 72.70 52.45 -15.30
C LEU J 34 74.08 52.99 -15.57
N ASP J 35 74.92 53.08 -14.52
CA ASP J 35 76.33 53.40 -14.68
C ASP J 35 77.17 52.14 -14.82
N ASN J 36 78.25 52.23 -15.60
CA ASN J 36 79.20 51.12 -15.76
C ASN J 36 78.57 49.79 -16.14
N ALA J 37 77.55 49.83 -16.98
CA ALA J 37 76.87 48.60 -17.39
C ALA J 37 77.79 47.67 -18.18
N VAL J 38 77.76 46.38 -17.84
CA VAL J 38 78.51 45.36 -18.54
C VAL J 38 77.49 44.32 -19.05
N GLN J 39 77.61 43.87 -20.31
CA GLN J 39 76.72 42.81 -20.78
C GLN J 39 77.15 41.48 -20.18
N VAL J 40 76.22 40.76 -19.58
CA VAL J 40 76.59 39.50 -18.95
C VAL J 40 76.04 38.27 -19.66
N CYS J 41 75.10 38.44 -20.57
CA CYS J 41 74.61 37.27 -21.34
C CYS J 41 74.03 37.67 -22.67
N ASP J 42 74.03 36.72 -23.62
CA ASP J 42 73.55 37.02 -24.95
C ASP J 42 73.09 35.78 -25.72
N VAL J 43 72.84 34.66 -25.03
CA VAL J 43 72.35 33.44 -25.69
C VAL J 43 70.99 33.74 -26.34
N ARG J 44 70.74 33.19 -27.55
CA ARG J 44 69.49 33.48 -28.30
C ARG J 44 69.21 34.97 -28.45
N ASN J 45 70.26 35.80 -28.42
CA ASN J 45 70.11 37.27 -28.48
C ASN J 45 69.37 37.83 -27.27
N MET J 46 69.24 37.08 -26.19
CA MET J 46 68.48 37.60 -25.06
C MET J 46 69.49 38.31 -24.17
N PHE J 47 69.72 39.59 -24.44
CA PHE J 47 70.73 40.40 -23.74
C PHE J 47 70.40 40.65 -22.27
N GLY J 48 71.41 40.52 -21.41
CA GLY J 48 71.30 40.89 -19.99
C GLY J 48 72.51 41.71 -19.58
N TYR J 49 72.34 42.66 -18.64
CA TYR J 49 73.40 43.60 -18.26
C TYR J 49 73.40 43.79 -16.77
N THR J 50 74.55 44.17 -16.21
CA THR J 50 74.62 44.56 -14.82
C THR J 50 75.42 45.87 -14.70
N GLY J 51 74.91 46.81 -13.90
CA GLY J 51 75.59 48.08 -13.69
C GLY J 51 75.14 48.61 -12.33
N THR J 52 75.21 49.92 -12.12
CA THR J 52 74.75 50.48 -10.83
C THR J 52 73.81 51.64 -11.07
N TYR J 53 72.93 51.84 -10.09
CA TYR J 53 72.05 52.99 -10.06
C TYR J 53 72.19 53.64 -8.69
N LYS J 54 72.75 54.84 -8.67
CA LYS J 54 73.07 55.51 -7.42
C LYS J 54 73.86 54.58 -6.49
N GLY J 55 74.80 53.87 -7.08
CA GLY J 55 75.71 53.02 -6.35
C GLY J 55 75.19 51.61 -6.09
N ARG J 56 73.93 51.38 -6.36
CA ARG J 56 73.29 50.10 -6.05
C ARG J 56 73.41 49.16 -7.27
N LYS J 57 73.90 47.96 -7.05
CA LYS J 57 74.07 46.98 -8.14
C LYS J 57 72.68 46.54 -8.63
N ILE J 58 72.46 46.63 -9.95
CA ILE J 58 71.16 46.31 -10.52
C ILE J 58 71.38 45.69 -11.90
N SER J 59 70.59 44.68 -12.22
CA SER J 59 70.71 44.04 -13.54
C SER J 59 69.45 44.32 -14.39
N VAL J 60 69.58 44.20 -15.72
CA VAL J 60 68.42 44.35 -16.59
C VAL J 60 68.55 43.33 -17.70
N MET J 61 67.49 42.58 -17.97
CA MET J 61 67.60 41.50 -18.94
C MET J 61 66.27 41.23 -19.60
N GLY J 62 66.28 40.98 -20.91
CA GLY J 62 65.04 40.68 -21.62
C GLY J 62 64.50 39.33 -21.18
N HIS J 63 63.19 39.14 -21.30
CA HIS J 63 62.58 37.84 -20.97
C HIS J 63 61.83 37.22 -22.17
N GLY J 64 61.83 37.89 -23.32
CA GLY J 64 61.11 37.35 -24.51
C GLY J 64 59.60 37.52 -24.33
N MET J 65 58.82 37.04 -25.28
CA MET J 65 57.38 37.24 -25.19
C MET J 65 56.66 36.00 -24.69
N GLY J 66 55.74 36.21 -23.74
CA GLY J 66 54.82 35.17 -23.33
C GLY J 66 55.26 34.42 -22.10
N ILE J 67 54.30 33.79 -21.46
CA ILE J 67 54.56 33.10 -20.19
C ILE J 67 55.63 32.01 -20.25
N PRO J 68 55.61 31.14 -21.28
CA PRO J 68 56.59 30.06 -21.26
C PRO J 68 58.00 30.62 -21.41
N SER J 69 58.15 31.68 -22.20
CA SER J 69 59.49 32.28 -22.40
C SER J 69 59.97 32.97 -21.10
N CYS J 70 59.19 33.87 -20.56
CA CYS J 70 59.69 34.58 -19.37
C CYS J 70 59.89 33.61 -18.19
N SER J 71 59.06 32.58 -18.10
CA SER J 71 59.21 31.56 -17.02
C SER J 71 60.58 30.90 -17.02
N ILE J 72 61.10 30.61 -18.21
CA ILE J 72 62.44 30.03 -18.29
C ILE J 72 63.48 30.98 -17.68
N TYR J 73 63.45 32.23 -18.12
CA TYR J 73 64.50 33.16 -17.70
C TYR J 73 64.38 33.53 -16.22
N VAL J 74 63.15 33.73 -15.76
CA VAL J 74 62.93 34.17 -14.37
C VAL J 74 63.30 33.00 -13.47
N THR J 75 62.92 31.77 -13.86
CA THR J 75 63.26 30.59 -13.07
C THR J 75 64.77 30.42 -12.92
N GLU J 76 65.51 30.54 -14.03
CA GLU J 76 66.98 30.44 -13.99
C GLU J 76 67.61 31.55 -13.14
N LEU J 77 67.12 32.77 -13.31
CA LEU J 77 67.64 33.86 -12.47
C LEU J 77 67.52 33.55 -10.99
N ILE J 78 66.32 33.10 -10.57
CA ILE J 78 66.06 32.80 -9.17
C ILE J 78 66.85 31.58 -8.71
N LYS J 79 66.80 30.49 -9.46
CA LYS J 79 67.32 29.28 -8.91
C LYS J 79 68.82 29.06 -9.15
N ASP J 80 69.38 29.69 -10.18
CA ASP J 80 70.77 29.47 -10.53
C ASP J 80 71.63 30.72 -10.29
N TYR J 81 71.03 31.91 -10.24
CA TYR J 81 71.84 33.14 -10.13
C TYR J 81 71.52 33.95 -8.87
N GLY J 82 70.72 33.37 -7.98
CA GLY J 82 70.51 33.97 -6.64
C GLY J 82 69.66 35.22 -6.63
N VAL J 83 68.90 35.42 -7.69
CA VAL J 83 68.07 36.64 -7.81
C VAL J 83 66.89 36.60 -6.84
N LYS J 84 66.63 37.71 -6.14
CA LYS J 84 65.61 37.78 -5.11
C LYS J 84 64.36 38.54 -5.53
N LYS J 85 64.55 39.57 -6.35
CA LYS J 85 63.42 40.40 -6.85
C LYS J 85 63.48 40.55 -8.36
N ILE J 86 62.33 40.45 -9.01
CA ILE J 86 62.21 40.63 -10.44
C ILE J 86 61.22 41.78 -10.67
N ILE J 87 61.59 42.79 -11.45
CA ILE J 87 60.60 43.79 -11.79
C ILE J 87 60.46 43.79 -13.31
N ARG J 88 59.31 43.30 -13.78
CA ARG J 88 59.03 43.34 -15.20
C ARG J 88 58.77 44.80 -15.51
N VAL J 89 59.40 45.32 -16.57
CA VAL J 89 59.16 46.66 -17.06
C VAL J 89 58.68 46.53 -18.51
N GLY J 90 57.35 46.43 -18.67
CA GLY J 90 56.78 45.94 -19.90
C GLY J 90 55.94 46.98 -20.61
N SER J 91 55.36 46.59 -21.74
CA SER J 91 54.28 47.35 -22.38
C SER J 91 52.97 46.62 -22.09
N CYS J 92 51.84 47.26 -22.38
CA CYS J 92 50.56 46.57 -22.30
C CYS J 92 49.50 47.27 -23.16
N GLY J 93 48.42 46.57 -23.47
CA GLY J 93 47.31 47.18 -24.20
C GLY J 93 46.22 47.52 -23.20
N ALA J 94 45.55 48.65 -23.38
CA ALA J 94 44.49 49.02 -22.45
C ALA J 94 43.11 48.60 -22.96
N VAL J 95 42.24 48.21 -22.05
CA VAL J 95 40.85 47.93 -22.41
C VAL J 95 39.85 48.97 -21.84
N ASN J 96 40.26 49.71 -20.81
CA ASN J 96 39.37 50.68 -20.15
C ASN J 96 39.38 52.01 -20.88
N GLU J 97 38.21 52.63 -20.97
CA GLU J 97 38.11 53.92 -21.65
C GLU J 97 38.91 55.03 -20.97
N GLY J 98 39.16 54.93 -19.66
CA GLY J 98 39.88 55.98 -18.93
C GLY J 98 41.39 55.76 -18.86
N ILE J 99 41.87 54.74 -19.56
CA ILE J 99 43.30 54.46 -19.56
C ILE J 99 43.86 54.72 -20.95
N LYS J 100 44.94 55.50 -21.03
CA LYS J 100 45.42 56.00 -22.31
C LYS J 100 46.82 55.52 -22.63
N VAL J 101 47.17 55.54 -23.92
CA VAL J 101 48.55 55.24 -24.34
C VAL J 101 49.54 56.10 -23.53
N ARG J 102 50.64 55.48 -23.11
CA ARG J 102 51.71 56.08 -22.28
C ARG J 102 51.41 56.18 -20.77
N ASP J 103 50.18 55.84 -20.36
CA ASP J 103 49.86 55.68 -18.94
C ASP J 103 50.66 54.52 -18.30
N VAL J 104 51.01 54.67 -17.03
CA VAL J 104 51.77 53.61 -16.34
C VAL J 104 50.85 52.85 -15.40
N VAL J 105 50.91 51.52 -15.45
CA VAL J 105 50.04 50.68 -14.61
C VAL J 105 50.90 49.68 -13.85
N ILE J 106 50.40 49.24 -12.71
CA ILE J 106 51.15 48.35 -11.87
C ILE J 106 50.24 47.17 -11.60
N GLY J 107 50.71 45.95 -11.88
CA GLY J 107 49.87 44.77 -11.65
C GLY J 107 50.05 44.19 -10.25
N MET J 108 49.22 44.59 -9.29
N MET J 108 49.21 44.60 -9.30
CA MET J 108 49.24 43.93 -7.98
CA MET J 108 49.22 43.95 -8.00
C MET J 108 48.79 42.48 -8.12
C MET J 108 48.81 42.49 -8.15
N GLY J 109 47.91 42.24 -9.10
CA GLY J 109 47.54 40.87 -9.52
C GLY J 109 47.65 40.70 -11.04
N ALA J 110 47.65 39.46 -11.51
CA ALA J 110 47.56 39.24 -12.97
C ALA J 110 46.66 38.06 -13.23
N CYS J 111 45.57 38.33 -13.93
CA CYS J 111 44.69 37.25 -14.40
C CYS J 111 45.38 36.60 -15.61
N THR J 112 44.85 35.48 -16.09
CA THR J 112 45.43 34.84 -17.25
C THR J 112 44.52 33.79 -17.83
N ASP J 113 44.71 33.49 -19.11
CA ASP J 113 44.03 32.34 -19.70
C ASP J 113 45.02 31.20 -19.94
N SER J 114 46.22 31.34 -19.37
CA SER J 114 47.21 30.26 -19.38
C SER J 114 46.80 29.15 -18.40
N LYS J 115 47.29 27.93 -18.66
CA LYS J 115 47.14 26.83 -17.74
C LYS J 115 48.27 26.70 -16.70
N VAL J 116 49.30 27.55 -16.74
CA VAL J 116 50.50 27.25 -15.94
C VAL J 116 50.25 27.21 -14.43
N ASN J 117 49.35 28.08 -13.92
CA ASN J 117 49.15 28.09 -12.49
C ASN J 117 48.20 26.98 -12.05
N ARG J 118 47.30 26.59 -12.95
CA ARG J 118 46.52 25.39 -12.67
C ARG J 118 47.39 24.14 -12.60
N ILE J 119 48.42 24.08 -13.46
CA ILE J 119 49.39 22.96 -13.42
C ILE J 119 50.12 22.96 -12.06
N ARG J 120 50.43 24.16 -11.55
CA ARG J 120 51.15 24.25 -10.26
C ARG J 120 50.24 23.97 -9.09
N PHE J 121 48.99 24.36 -9.21
CA PHE J 121 48.13 24.55 -8.01
C PHE J 121 46.93 23.59 -7.97
N LYS J 122 47.17 22.34 -8.38
CA LYS J 122 46.17 21.27 -8.38
C LYS J 122 44.86 21.63 -9.05
N ASP J 123 44.96 22.39 -10.13
CA ASP J 123 43.81 22.78 -10.95
C ASP J 123 42.84 23.70 -10.19
N HIS J 124 43.30 24.31 -9.11
CA HIS J 124 42.50 25.36 -8.49
C HIS J 124 42.89 26.77 -8.97
N ASP J 125 42.30 27.81 -8.37
CA ASP J 125 42.59 29.18 -8.77
C ASP J 125 43.70 29.71 -7.84
N PHE J 126 44.92 29.80 -8.36
CA PHE J 126 46.00 30.54 -7.71
C PHE J 126 45.87 32.00 -8.10
N ALA J 127 45.74 32.90 -7.13
CA ALA J 127 45.70 34.33 -7.42
C ALA J 127 47.14 34.80 -7.63
N ALA J 128 47.53 35.01 -8.88
CA ALA J 128 48.91 35.40 -9.22
C ALA J 128 49.10 36.86 -8.79
N ILE J 129 49.86 37.06 -7.72
CA ILE J 129 50.05 38.39 -7.16
C ILE J 129 51.48 38.82 -7.10
N ALA J 130 51.67 40.15 -7.12
CA ALA J 130 52.96 40.76 -6.89
C ALA J 130 53.33 40.66 -5.40
N ASP J 131 54.59 40.96 -5.07
CA ASP J 131 54.99 41.20 -3.68
C ASP J 131 54.45 42.55 -3.24
N TYR J 132 53.74 42.60 -2.11
CA TYR J 132 53.13 43.86 -1.66
C TYR J 132 54.12 45.03 -1.49
N LYS J 133 55.20 44.81 -0.75
CA LYS J 133 56.12 45.93 -0.53
C LYS J 133 56.71 46.44 -1.86
N MET J 134 56.83 45.58 -2.85
CA MET J 134 57.34 46.02 -4.13
C MET J 134 56.32 46.89 -4.85
N VAL J 135 55.04 46.51 -4.77
CA VAL J 135 53.95 47.32 -5.33
C VAL J 135 53.94 48.70 -4.65
N LYS J 136 53.97 48.69 -3.32
CA LYS J 136 53.95 49.94 -2.56
C LYS J 136 55.13 50.85 -2.94
N ALA J 137 56.33 50.29 -3.03
CA ALA J 137 57.53 51.09 -3.35
C ALA J 137 57.42 51.73 -4.74
N ALA J 138 56.90 50.95 -5.70
CA ALA J 138 56.71 51.45 -7.06
C ALA J 138 55.68 52.59 -7.12
N GLU J 139 54.57 52.40 -6.42
CA GLU J 139 53.50 53.38 -6.42
C GLU J 139 54.00 54.67 -5.75
N GLU J 140 54.78 54.52 -4.69
CA GLU J 140 55.24 55.68 -3.99
C GLU J 140 56.35 56.37 -4.78
N ALA J 141 57.20 55.58 -5.47
CA ALA J 141 58.25 56.13 -6.33
C ALA J 141 57.60 56.95 -7.43
N ALA J 142 56.49 56.45 -7.98
CA ALA J 142 55.74 57.20 -8.99
C ALA J 142 55.22 58.53 -8.42
N LYS J 143 54.55 58.45 -7.28
CA LYS J 143 54.01 59.67 -6.65
C LYS J 143 55.07 60.75 -6.38
N ALA J 144 56.24 60.33 -5.92
CA ALA J 144 57.35 61.24 -5.68
C ALA J 144 57.80 61.97 -6.94
N ARG J 145 57.56 61.37 -8.11
CA ARG J 145 57.98 61.96 -9.37
C ARG J 145 56.81 62.64 -10.05
N GLY J 146 55.67 62.68 -9.37
CA GLY J 146 54.46 63.24 -9.92
C GLY J 146 53.89 62.48 -11.09
N ILE J 147 54.15 61.16 -11.14
CA ILE J 147 53.67 60.32 -12.25
C ILE J 147 52.44 59.55 -11.78
N ASP J 148 51.33 59.74 -12.48
CA ASP J 148 50.09 59.04 -12.19
C ASP J 148 50.22 57.54 -12.49
N VAL J 149 49.82 56.67 -11.56
CA VAL J 149 49.82 55.22 -11.85
C VAL J 149 48.51 54.58 -11.39
N LYS J 150 48.04 53.57 -12.14
CA LYS J 150 46.89 52.76 -11.74
C LYS J 150 47.38 51.42 -11.21
N VAL J 151 46.90 51.02 -10.03
CA VAL J 151 47.32 49.75 -9.45
C VAL J 151 46.14 48.78 -9.47
N GLY J 152 46.29 47.65 -10.17
CA GLY J 152 45.16 46.73 -10.25
C GLY J 152 45.59 45.42 -10.89
N ASN J 153 44.65 44.79 -11.57
CA ASN J 153 44.88 43.51 -12.22
C ASN J 153 45.35 43.72 -13.65
N LEU J 154 46.46 43.09 -13.97
CA LEU J 154 46.78 42.84 -15.38
C LEU J 154 46.07 41.61 -15.87
N PHE J 155 46.09 41.41 -17.19
CA PHE J 155 45.65 40.14 -17.76
C PHE J 155 46.76 39.66 -18.70
N SER J 156 47.34 38.51 -18.35
CA SER J 156 48.41 37.89 -19.14
C SER J 156 47.80 36.93 -20.17
N ALA J 157 47.79 37.38 -21.41
CA ALA J 157 47.20 36.65 -22.52
C ALA J 157 48.15 35.63 -23.11
N GLU J 158 47.57 34.50 -23.50
CA GLU J 158 48.26 33.46 -24.27
C GLU J 158 48.37 33.81 -25.75
N LEU J 159 47.30 34.43 -26.30
CA LEU J 159 47.23 34.66 -27.74
C LEU J 159 47.05 36.14 -28.01
N PHE J 160 48.13 36.78 -28.42
CA PHE J 160 48.10 38.15 -28.85
C PHE J 160 47.04 38.33 -29.94
N TYR J 161 47.04 37.46 -30.95
CA TYR J 161 46.00 37.49 -31.98
C TYR J 161 44.88 36.58 -31.49
N THR J 162 44.10 37.09 -30.55
CA THR J 162 43.13 36.23 -29.87
C THR J 162 41.96 35.83 -30.78
N PRO J 163 41.55 34.55 -30.70
CA PRO J 163 40.35 34.14 -31.41
C PRO J 163 39.08 34.52 -30.66
N ASP J 164 39.24 35.16 -29.48
CA ASP J 164 38.10 35.52 -28.64
C ASP J 164 38.20 36.98 -28.17
N PRO J 165 38.03 37.90 -29.13
CA PRO J 165 38.11 39.31 -28.74
C PRO J 165 36.99 39.76 -27.78
N SER J 166 35.87 39.02 -27.69
CA SER J 166 34.85 39.39 -26.73
C SER J 166 35.41 39.34 -25.29
N MET J 167 36.53 38.63 -25.11
CA MET J 167 37.08 38.51 -23.76
C MET J 167 37.56 39.88 -23.27
N PHE J 168 37.93 40.77 -24.20
CA PHE J 168 38.39 42.10 -23.83
C PHE J 168 37.34 42.86 -23.02
N ASP J 169 36.08 42.69 -23.40
CA ASP J 169 34.98 43.35 -22.69
C ASP J 169 34.81 42.80 -21.27
N VAL J 170 34.97 41.49 -21.12
CA VAL J 170 34.99 40.84 -19.81
C VAL J 170 36.14 41.42 -18.97
N MET J 171 37.34 41.51 -19.54
CA MET J 171 38.48 42.14 -18.80
C MET J 171 38.11 43.54 -18.34
N ASP J 172 37.56 44.33 -19.24
CA ASP J 172 37.20 45.71 -18.89
C ASP J 172 36.19 45.78 -17.75
N LYS J 173 35.12 45.00 -17.86
CA LYS J 173 34.09 44.97 -16.82
C LYS J 173 34.71 44.58 -15.46
N TYR J 174 35.74 43.74 -15.48
CA TYR J 174 36.34 43.26 -14.25
C TYR J 174 37.51 44.13 -13.75
N GLY J 175 37.73 45.25 -14.42
CA GLY J 175 38.65 46.29 -13.97
C GLY J 175 40.11 46.08 -14.33
N ILE J 176 40.38 45.22 -15.32
CA ILE J 176 41.75 44.94 -15.74
C ILE J 176 42.39 46.25 -16.23
N VAL J 177 43.61 46.53 -15.77
CA VAL J 177 44.25 47.78 -16.11
C VAL J 177 45.11 47.72 -17.37
N GLY J 178 45.58 46.51 -17.70
CA GLY J 178 46.37 46.36 -18.90
C GLY J 178 46.49 44.90 -19.28
N VAL J 179 46.63 44.66 -20.58
CA VAL J 179 46.80 43.32 -21.13
C VAL J 179 48.24 43.13 -21.54
N GLU J 180 48.91 42.11 -21.00
CA GLU J 180 50.24 41.81 -21.52
C GLU J 180 50.29 40.30 -21.66
N MET J 181 51.46 39.67 -21.55
CA MET J 181 51.53 38.24 -21.80
C MET J 181 52.48 37.52 -20.87
N GLU J 182 52.76 38.11 -19.69
CA GLU J 182 53.84 37.58 -18.88
C GLU J 182 53.62 37.56 -17.36
N ALA J 183 52.99 38.61 -16.82
CA ALA J 183 53.00 38.81 -15.34
C ALA J 183 52.44 37.62 -14.58
N ALA J 184 51.35 37.02 -15.06
CA ALA J 184 50.81 35.90 -14.27
C ALA J 184 51.81 34.76 -14.16
N GLY J 185 52.60 34.59 -15.22
CA GLY J 185 53.61 33.55 -15.26
C GLY J 185 54.75 33.86 -14.30
N ILE J 186 55.23 35.10 -14.34
CA ILE J 186 56.32 35.57 -13.49
C ILE J 186 55.91 35.45 -12.01
N TYR J 187 54.68 35.86 -11.71
CA TYR J 187 54.15 35.77 -10.34
C TYR J 187 54.04 34.29 -9.89
N GLY J 188 53.64 33.43 -10.82
CA GLY J 188 53.57 31.99 -10.53
C GLY J 188 54.97 31.44 -10.20
N VAL J 189 55.93 31.78 -11.04
CA VAL J 189 57.32 31.38 -10.78
C VAL J 189 57.81 31.92 -9.41
N ALA J 190 57.58 33.20 -9.17
CA ALA J 190 58.05 33.81 -7.91
C ALA J 190 57.51 33.04 -6.72
N ALA J 191 56.21 32.73 -6.74
CA ALA J 191 55.61 32.00 -5.65
C ALA J 191 56.17 30.59 -5.52
N GLU J 192 56.32 29.90 -6.64
CA GLU J 192 56.80 28.53 -6.65
C GLU J 192 58.20 28.47 -6.09
N TYR J 193 59.01 29.47 -6.43
CA TYR J 193 60.43 29.39 -6.04
C TYR J 193 60.75 30.25 -4.81
N GLY J 194 59.73 30.87 -4.21
CA GLY J 194 59.93 31.68 -2.99
C GLY J 194 60.71 32.98 -3.22
N ALA J 195 60.49 33.64 -4.35
CA ALA J 195 61.07 34.95 -4.59
C ALA J 195 59.99 36.04 -4.70
N LYS J 196 60.37 37.23 -5.12
CA LYS J 196 59.43 38.35 -5.13
C LYS J 196 59.39 39.02 -6.48
N ALA J 197 58.19 39.37 -6.96
CA ALA J 197 58.16 39.99 -8.29
C ALA J 197 57.12 41.07 -8.36
N LEU J 198 57.23 41.87 -9.41
CA LEU J 198 56.29 42.94 -9.68
C LEU J 198 56.34 43.18 -11.18
N ALA J 199 55.20 43.51 -11.76
CA ALA J 199 55.16 43.97 -13.15
C ALA J 199 54.60 45.39 -13.21
N ILE J 200 55.38 46.28 -13.82
CA ILE J 200 54.99 47.65 -14.15
C ILE J 200 54.97 47.72 -15.67
N CYS J 201 53.92 48.30 -16.23
CA CYS J 201 53.83 48.37 -17.68
C CYS J 201 53.42 49.75 -18.11
N THR J 202 53.89 50.12 -19.31
CA THR J 202 53.43 51.31 -19.99
C THR J 202 52.43 50.94 -21.08
N VAL J 203 51.31 51.65 -21.13
CA VAL J 203 50.30 51.35 -22.14
C VAL J 203 50.82 51.72 -23.53
N SER J 204 50.98 50.73 -24.42
CA SER J 204 51.61 50.94 -25.73
C SER J 204 50.57 50.94 -26.86
N ASP J 205 49.35 50.48 -26.56
CA ASP J 205 48.23 50.61 -27.48
C ASP J 205 46.90 50.53 -26.77
N HIS J 206 45.85 51.05 -27.38
CA HIS J 206 44.52 50.88 -26.81
C HIS J 206 43.74 49.86 -27.63
N ILE J 207 43.31 48.81 -26.95
CA ILE J 207 42.67 47.70 -27.63
C ILE J 207 41.29 48.07 -28.17
N LYS J 208 40.60 48.96 -27.49
CA LYS J 208 39.30 49.44 -27.99
C LYS J 208 39.46 50.48 -29.10
N THR J 209 40.21 51.55 -28.83
CA THR J 209 40.28 52.69 -29.74
C THR J 209 41.20 52.46 -30.96
N GLY J 210 42.10 51.48 -30.89
CA GLY J 210 43.06 51.22 -31.97
C GLY J 210 44.36 52.02 -31.90
N GLU J 211 44.42 53.01 -31.00
CA GLU J 211 45.63 53.81 -30.89
C GLU J 211 46.88 52.96 -30.65
N GLN J 212 47.95 53.28 -31.37
CA GLN J 212 49.19 52.49 -31.37
C GLN J 212 50.42 53.33 -30.99
N THR J 213 51.53 52.63 -30.74
CA THR J 213 52.87 53.22 -30.72
C THR J 213 53.71 52.46 -31.75
N THR J 214 54.87 53.00 -32.11
CA THR J 214 55.78 52.33 -33.03
C THR J 214 56.70 51.33 -32.30
N SER J 215 57.35 50.42 -33.03
CA SER J 215 58.37 49.55 -32.46
C SER J 215 59.48 50.34 -31.76
N GLU J 216 59.94 51.41 -32.40
CA GLU J 216 60.99 52.26 -31.85
C GLU J 216 60.56 52.91 -30.52
N GLU J 217 59.29 53.31 -30.44
CA GLU J 217 58.81 53.99 -29.23
C GLU J 217 58.80 53.02 -28.05
N ARG J 218 58.34 51.79 -28.28
CA ARG J 218 58.33 50.76 -27.24
C ARG J 218 59.76 50.45 -26.73
N GLN J 219 60.70 50.45 -27.67
CA GLN J 219 62.08 50.10 -27.41
C GLN J 219 62.84 51.19 -26.62
N ASN J 220 62.51 52.46 -26.89
CA ASN J 220 63.40 53.60 -26.58
C ASN J 220 62.81 54.79 -25.83
N THR J 221 61.50 54.78 -25.59
CA THR J 221 60.90 56.01 -25.09
C THR J 221 59.98 55.87 -23.88
N PHE J 222 59.86 54.66 -23.31
CA PHE J 222 59.05 54.44 -22.10
C PHE J 222 59.87 54.69 -20.83
N ASN J 223 60.27 55.94 -20.63
CA ASN J 223 61.24 56.30 -19.62
C ASN J 223 60.66 56.35 -18.22
N GLU J 224 59.40 56.79 -18.11
CA GLU J 224 58.79 56.86 -16.80
C GLU J 224 58.78 55.55 -16.01
N MET J 225 58.35 54.46 -16.64
CA MET J 225 58.27 53.22 -15.90
C MET J 225 59.68 52.82 -15.46
N ILE J 226 60.70 53.16 -16.25
CA ILE J 226 62.09 52.77 -15.89
C ILE J 226 62.52 53.55 -14.66
N GLU J 227 62.24 54.84 -14.68
CA GLU J 227 62.58 55.71 -13.54
C GLU J 227 61.87 55.26 -12.26
N ILE J 228 60.58 54.97 -12.39
CA ILE J 228 59.81 54.46 -11.26
C ILE J 228 60.38 53.13 -10.77
N ALA J 229 60.68 52.22 -11.69
CA ALA J 229 61.22 50.91 -11.29
C ALA J 229 62.53 51.04 -10.51
N LEU J 230 63.48 51.80 -11.07
CA LEU J 230 64.78 51.96 -10.43
C LEU J 230 64.64 52.64 -9.05
N ASP J 231 63.86 53.72 -9.00
CA ASP J 231 63.59 54.41 -7.72
C ASP J 231 62.94 53.43 -6.71
N SER J 232 62.06 52.54 -7.18
CA SER J 232 61.35 51.64 -6.25
C SER J 232 62.33 50.60 -5.67
N VAL J 233 63.39 50.29 -6.41
CA VAL J 233 64.42 49.38 -5.88
C VAL J 233 65.07 50.05 -4.67
N LEU J 234 65.50 51.29 -4.83
CA LEU J 234 66.17 52.01 -3.73
C LEU J 234 65.23 52.18 -2.52
N ILE J 235 63.98 52.54 -2.77
CA ILE J 235 62.99 52.68 -1.67
C ILE J 235 62.88 51.36 -0.90
N GLY J 236 62.81 50.25 -1.62
CA GLY J 236 62.70 48.93 -1.01
C GLY J 236 63.92 48.53 -0.21
N ASP J 237 65.09 49.03 -0.62
CA ASP J 237 66.33 48.73 0.08
C ASP J 237 66.35 49.42 1.47
N GLN J 238 65.64 50.53 1.58
CA GLN J 238 65.76 51.43 2.75
C GLN J 238 65.18 50.89 4.06
N ALA J 239 65.99 50.97 5.11
CA ALA J 239 65.60 50.55 6.47
C ALA J 239 64.29 51.20 6.93
N GLY J 240 63.39 50.39 7.49
CA GLY J 240 62.09 50.86 7.97
C GLY J 240 60.95 50.70 6.98
N TYR J 241 61.26 50.33 5.73
CA TYR J 241 60.22 50.26 4.70
C TYR J 241 59.31 49.00 4.78
N ALA K 2 30.95 21.35 21.49
CA ALA K 2 32.32 20.75 21.48
C ALA K 2 32.98 20.90 20.10
N THR K 3 32.19 20.99 19.02
CA THR K 3 32.78 21.31 17.71
C THR K 3 32.84 22.81 17.49
N PRO K 4 33.57 23.24 16.45
CA PRO K 4 33.72 24.68 16.28
C PRO K 4 32.42 25.42 15.90
N HIS K 5 31.38 24.70 15.47
CA HIS K 5 30.17 25.34 14.91
C HIS K 5 28.86 24.99 15.64
N ILE K 6 28.98 24.06 16.58
CA ILE K 6 27.81 23.50 17.28
C ILE K 6 28.17 23.31 18.76
N ASN K 7 27.54 24.05 19.66
CA ASN K 7 27.87 23.90 21.09
C ASN K 7 26.90 22.97 21.81
N ALA K 8 26.86 21.71 21.36
CA ALA K 8 26.00 20.69 21.94
C ALA K 8 26.83 19.46 22.38
N GLN K 9 26.21 18.57 23.14
CA GLN K 9 26.82 17.28 23.53
C GLN K 9 26.30 16.15 22.65
N MET K 10 27.15 15.15 22.38
CA MET K 10 26.66 13.91 21.78
C MET K 10 25.42 13.47 22.57
N GLY K 11 24.35 13.15 21.87
CA GLY K 11 23.08 12.79 22.51
C GLY K 11 22.04 13.88 22.43
N ASP K 12 22.48 15.11 22.21
CA ASP K 12 21.55 16.27 22.18
C ASP K 12 20.66 16.27 20.94
N PHE K 13 21.14 15.62 19.86
CA PHE K 13 20.38 15.54 18.62
C PHE K 13 19.72 14.18 18.43
N ALA K 14 18.53 14.19 17.85
CA ALA K 14 17.91 12.96 17.40
C ALA K 14 18.74 12.36 16.27
N ASP K 15 18.44 11.14 15.87
CA ASP K 15 19.16 10.53 14.74
C ASP K 15 18.65 11.06 13.38
N VAL K 16 17.57 11.83 13.39
CA VAL K 16 17.06 12.48 12.18
C VAL K 16 16.94 13.97 12.48
N VAL K 17 17.48 14.82 11.59
CA VAL K 17 17.42 16.27 11.75
C VAL K 17 16.83 16.92 10.50
N LEU K 18 15.78 17.73 10.67
CA LEU K 18 15.29 18.63 9.63
C LEU K 18 16.15 19.87 9.64
N MET K 19 16.48 20.37 8.44
CA MET K 19 17.39 21.50 8.36
C MET K 19 16.91 22.48 7.31
N PRO K 20 16.38 23.62 7.75
CA PRO K 20 16.17 24.75 6.85
C PRO K 20 17.50 25.54 6.75
N GLY K 21 17.66 26.38 5.73
CA GLY K 21 18.83 27.29 5.74
C GLY K 21 18.72 28.31 6.86
N ASP K 22 17.50 28.68 7.21
CA ASP K 22 17.23 29.82 8.11
C ASP K 22 17.09 29.35 9.55
N PRO K 23 18.01 29.75 10.44
CA PRO K 23 17.85 29.31 11.84
C PRO K 23 16.54 29.80 12.46
N LEU K 24 15.99 30.92 11.99
CA LEU K 24 14.66 31.37 12.47
C LEU K 24 13.50 30.49 11.98
N ARG K 25 13.68 29.82 10.85
CA ARG K 25 12.68 28.85 10.41
C ARG K 25 12.81 27.59 11.25
N ALA K 26 14.03 27.25 11.65
CA ALA K 26 14.24 26.12 12.54
C ALA K 26 13.52 26.41 13.89
N LYS K 27 13.61 27.63 14.37
CA LYS K 27 12.95 28.01 15.64
C LYS K 27 11.43 27.89 15.46
N TYR K 28 10.95 28.35 14.31
CA TYR K 28 9.53 28.30 14.02
C TYR K 28 9.05 26.85 14.03
N ILE K 29 9.83 25.98 13.39
CA ILE K 29 9.51 24.56 13.34
C ILE K 29 9.46 23.94 14.73
N ALA K 30 10.49 24.20 15.52
CA ALA K 30 10.56 23.64 16.88
C ALA K 30 9.38 24.10 17.74
N GLU K 31 9.01 25.37 17.63
CA GLU K 31 7.97 25.96 18.48
C GLU K 31 6.56 25.56 18.05
N ASN K 32 6.36 25.31 16.76
CA ASN K 32 5.00 25.08 16.25
C ASN K 32 4.67 23.67 15.80
N PHE K 33 5.69 22.84 15.60
CA PHE K 33 5.46 21.48 15.10
C PHE K 33 6.00 20.37 16.00
N LEU K 34 6.89 20.72 16.91
CA LEU K 34 7.41 19.72 17.85
C LEU K 34 6.87 19.98 19.27
N ASP K 35 6.84 18.92 20.07
CA ASP K 35 6.41 19.02 21.46
C ASP K 35 7.64 19.11 22.35
N ASN K 36 7.59 20.02 23.32
CA ASN K 36 8.66 20.12 24.33
C ASN K 36 10.04 20.35 23.73
N ALA K 37 10.09 21.12 22.65
CA ALA K 37 11.37 21.42 22.01
C ALA K 37 12.29 22.17 22.98
N VAL K 38 13.57 21.81 22.95
CA VAL K 38 14.56 22.58 23.70
C VAL K 38 15.67 22.99 22.74
N GLN K 39 16.19 24.20 22.93
CA GLN K 39 17.31 24.66 22.10
C GLN K 39 18.59 23.95 22.51
N VAL K 40 19.31 23.37 21.55
CA VAL K 40 20.53 22.64 21.90
C VAL K 40 21.80 23.29 21.36
N CYS K 41 21.68 24.28 20.47
CA CYS K 41 22.87 25.04 20.04
C CYS K 41 22.54 26.44 19.50
N ASP K 42 23.56 27.31 19.45
CA ASP K 42 23.34 28.70 19.04
C ASP K 42 24.61 29.42 18.58
N VAL K 43 25.69 28.66 18.32
CA VAL K 43 26.95 29.26 17.88
C VAL K 43 26.69 29.97 16.56
N ARG K 44 27.24 31.18 16.42
CA ARG K 44 27.04 31.98 15.22
C ARG K 44 25.56 32.24 14.91
N ASN K 45 24.71 32.18 15.95
CA ASN K 45 23.26 32.31 15.77
C ASN K 45 22.64 31.16 14.96
N MET K 46 23.35 30.05 14.79
CA MET K 46 22.78 28.91 14.06
C MET K 46 22.06 28.01 15.05
N PHE K 47 20.79 28.33 15.28
CA PHE K 47 19.96 27.68 16.29
C PHE K 47 19.59 26.26 15.87
N GLY K 48 19.63 25.33 16.84
CA GLY K 48 19.14 23.98 16.64
C GLY K 48 18.36 23.58 17.88
N TYR K 49 17.39 22.69 17.68
CA TYR K 49 16.43 22.29 18.70
C TYR K 49 16.16 20.79 18.64
N THR K 50 15.78 20.20 19.77
CA THR K 50 15.32 18.79 19.79
C THR K 50 13.99 18.68 20.58
N GLY K 51 13.01 17.95 20.02
CA GLY K 51 11.70 17.78 20.66
C GLY K 51 11.13 16.47 20.17
N THR K 52 9.82 16.28 20.28
CA THR K 52 9.20 15.07 19.75
C THR K 52 8.07 15.39 18.80
N TYR K 53 7.83 14.46 17.90
CA TYR K 53 6.70 14.53 16.99
C TYR K 53 5.96 13.22 17.14
N LYS K 54 4.70 13.30 17.59
CA LYS K 54 3.91 12.12 17.89
C LYS K 54 4.74 11.14 18.70
N GLY K 55 5.48 11.69 19.66
CA GLY K 55 6.32 10.90 20.56
C GLY K 55 7.68 10.47 20.04
N ARG K 56 7.98 10.75 18.76
CA ARG K 56 9.27 10.34 18.19
C ARG K 56 10.27 11.49 18.30
N LYS K 57 11.48 11.19 18.76
CA LYS K 57 12.49 12.23 18.90
C LYS K 57 12.96 12.76 17.54
N ILE K 58 12.87 14.07 17.36
CA ILE K 58 13.32 14.72 16.11
C ILE K 58 14.03 16.03 16.43
N SER K 59 15.08 16.33 15.67
CA SER K 59 15.76 17.62 15.82
C SER K 59 15.52 18.51 14.60
N VAL K 60 15.71 19.81 14.79
CA VAL K 60 15.62 20.75 13.68
C VAL K 60 16.68 21.82 13.86
N MET K 61 17.43 22.08 12.80
CA MET K 61 18.54 23.00 12.94
C MET K 61 18.85 23.71 11.63
N GLY K 62 19.17 25.01 11.73
CA GLY K 62 19.58 25.76 10.55
C GLY K 62 20.90 25.29 9.94
N HIS K 63 21.05 25.43 8.64
CA HIS K 63 22.33 25.08 7.99
C HIS K 63 23.00 26.26 7.27
N GLY K 64 22.37 27.43 7.31
CA GLY K 64 22.91 28.62 6.65
C GLY K 64 22.73 28.56 5.13
N MET K 65 23.25 29.54 4.42
CA MET K 65 23.09 29.56 2.95
C MET K 65 24.31 29.06 2.17
N GLY K 66 24.06 28.14 1.24
CA GLY K 66 25.10 27.76 0.29
C GLY K 66 25.81 26.49 0.68
N ILE K 67 26.38 25.83 -0.32
CA ILE K 67 27.02 24.56 -0.12
C ILE K 67 28.10 24.57 0.97
N PRO K 68 29.04 25.54 0.94
CA PRO K 68 30.10 25.41 1.94
C PRO K 68 29.59 25.55 3.38
N SER K 69 28.56 26.38 3.59
CA SER K 69 27.95 26.50 4.91
C SER K 69 27.24 25.23 5.33
N CYS K 70 26.29 24.77 4.51
CA CYS K 70 25.52 23.61 4.93
C CYS K 70 26.43 22.38 5.07
N SER K 71 27.50 22.32 4.27
CA SER K 71 28.45 21.20 4.35
C SER K 71 29.10 21.10 5.73
N ILE K 72 29.45 22.24 6.30
CA ILE K 72 30.02 22.23 7.63
C ILE K 72 29.04 21.60 8.64
N TYR K 73 27.81 22.12 8.70
CA TYR K 73 26.85 21.66 9.70
C TYR K 73 26.46 20.20 9.51
N VAL K 74 26.23 19.79 8.28
CA VAL K 74 25.81 18.40 8.04
C VAL K 74 26.94 17.45 8.40
N THR K 75 28.16 17.83 8.06
CA THR K 75 29.30 16.96 8.31
C THR K 75 29.46 16.74 9.82
N GLU K 76 29.37 17.82 10.59
CA GLU K 76 29.48 17.71 12.03
C GLU K 76 28.35 16.87 12.61
N LEU K 77 27.12 17.10 12.13
CA LEU K 77 26.00 16.34 12.67
C LEU K 77 26.21 14.84 12.46
N ILE K 78 26.62 14.44 11.26
CA ILE K 78 26.93 13.02 10.97
C ILE K 78 28.16 12.52 11.73
N LYS K 79 29.26 13.24 11.65
CA LYS K 79 30.45 12.60 12.19
C LYS K 79 30.61 12.80 13.69
N ASP K 80 30.05 13.87 14.24
CA ASP K 80 30.24 14.14 15.69
C ASP K 80 29.00 13.87 16.54
N TYR K 81 27.81 13.87 15.93
CA TYR K 81 26.57 13.76 16.72
C TYR K 81 25.71 12.53 16.43
N GLY K 82 26.27 11.61 15.63
CA GLY K 82 25.60 10.34 15.36
C GLY K 82 24.38 10.39 14.44
N VAL K 83 24.17 11.53 13.78
CA VAL K 83 22.97 11.71 12.96
C VAL K 83 23.01 10.76 11.76
N LYS K 84 21.86 10.13 11.48
CA LYS K 84 21.77 9.15 10.39
C LYS K 84 21.04 9.67 9.15
N LYS K 85 20.10 10.59 9.36
CA LYS K 85 19.25 11.07 8.27
C LYS K 85 19.10 12.57 8.39
N ILE K 86 19.25 13.27 7.27
CA ILE K 86 19.10 14.72 7.24
C ILE K 86 18.00 15.01 6.25
N ILE K 87 17.02 15.81 6.64
CA ILE K 87 16.01 16.25 5.69
C ILE K 87 16.10 17.76 5.57
N ARG K 88 16.62 18.23 4.46
CA ARG K 88 16.66 19.66 4.23
C ARG K 88 15.20 20.10 3.94
N VAL K 89 14.75 21.16 4.64
CA VAL K 89 13.42 21.69 4.40
C VAL K 89 13.55 23.15 4.01
N GLY K 90 13.65 23.36 2.70
CA GLY K 90 14.19 24.62 2.20
C GLY K 90 13.16 25.37 1.40
N SER K 91 13.61 26.47 0.82
CA SER K 91 12.85 27.18 -0.19
C SER K 91 13.57 26.95 -1.51
N CYS K 92 12.98 27.33 -2.63
CA CYS K 92 13.64 27.21 -3.94
C CYS K 92 12.97 28.14 -4.95
N GLY K 93 13.69 28.45 -6.03
CA GLY K 93 13.11 29.25 -7.11
C GLY K 93 12.70 28.33 -8.25
N ALA K 94 11.55 28.61 -8.87
CA ALA K 94 11.05 27.77 -9.96
C ALA K 94 11.54 28.32 -11.29
N VAL K 95 11.91 27.44 -12.23
CA VAL K 95 12.31 27.89 -13.57
C VAL K 95 11.30 27.42 -14.64
N ASN K 96 10.35 26.59 -14.23
CA ASN K 96 9.31 26.11 -15.14
C ASN K 96 8.01 26.90 -14.93
N GLU K 97 7.36 27.30 -16.02
CA GLU K 97 6.14 28.10 -15.89
C GLU K 97 5.00 27.28 -15.26
N GLY K 98 5.06 25.95 -15.36
CA GLY K 98 4.11 25.07 -14.68
C GLY K 98 4.30 24.85 -13.17
N ILE K 99 5.45 25.28 -12.63
CA ILE K 99 5.69 25.17 -11.20
C ILE K 99 5.45 26.52 -10.52
N LYS K 100 4.64 26.50 -9.45
CA LYS K 100 4.13 27.75 -8.88
C LYS K 100 4.65 28.05 -7.48
N VAL K 101 4.65 29.32 -7.11
CA VAL K 101 5.03 29.67 -5.74
C VAL K 101 4.19 28.83 -4.75
N ARG K 102 4.83 28.39 -3.67
CA ARG K 102 4.22 27.52 -2.65
C ARG K 102 4.05 26.04 -3.01
N ASP K 103 4.35 25.66 -4.26
CA ASP K 103 4.39 24.24 -4.67
C ASP K 103 5.51 23.55 -3.88
N VAL K 104 5.33 22.27 -3.54
CA VAL K 104 6.38 21.51 -2.84
C VAL K 104 7.09 20.55 -3.81
N VAL K 105 8.43 20.59 -3.82
CA VAL K 105 9.18 19.72 -4.72
C VAL K 105 10.16 18.88 -3.90
N ILE K 106 10.54 17.74 -4.43
CA ILE K 106 11.45 16.84 -3.74
C ILE K 106 12.64 16.54 -4.65
N GLY K 107 13.85 16.73 -4.13
CA GLY K 107 15.06 16.57 -4.93
C GLY K 107 15.59 15.15 -4.85
N MET K 108 15.15 14.28 -5.76
N MET K 108 15.15 14.29 -5.76
CA MET K 108 15.75 12.95 -5.86
CA MET K 108 15.75 12.94 -5.85
C MET K 108 17.23 13.11 -6.20
C MET K 108 17.20 13.04 -6.30
N GLY K 109 17.52 14.08 -7.06
CA GLY K 109 18.92 14.41 -7.37
C GLY K 109 19.11 15.91 -7.26
N ALA K 110 20.36 16.35 -7.32
CA ALA K 110 20.61 17.79 -7.38
C ALA K 110 21.79 18.06 -8.29
N CYS K 111 21.54 18.80 -9.36
CA CYS K 111 22.57 19.36 -10.22
C CYS K 111 23.30 20.48 -9.47
N THR K 112 24.44 20.93 -9.99
CA THR K 112 25.11 22.06 -9.36
C THR K 112 26.16 22.62 -10.28
N ASP K 113 26.51 23.88 -10.04
CA ASP K 113 27.69 24.49 -10.66
C ASP K 113 28.83 24.67 -9.67
N SER K 114 28.70 24.03 -8.50
CA SER K 114 29.78 23.97 -7.52
C SER K 114 30.85 22.99 -7.97
N LYS K 115 32.09 23.20 -7.52
CA LYS K 115 33.17 22.28 -7.73
C LYS K 115 33.28 21.19 -6.66
N VAL K 116 32.46 21.24 -5.60
CA VAL K 116 32.75 20.39 -4.42
C VAL K 116 32.71 18.90 -4.74
N ASN K 117 31.79 18.50 -5.61
CA ASN K 117 31.73 17.05 -5.87
C ASN K 117 32.82 16.60 -6.85
N ARG K 118 33.22 17.49 -7.75
CA ARG K 118 34.41 17.23 -8.60
C ARG K 118 35.66 17.08 -7.75
N ILE K 119 35.73 17.90 -6.71
CA ILE K 119 36.83 17.81 -5.73
C ILE K 119 36.86 16.43 -5.07
N ARG K 120 35.68 15.93 -4.71
CA ARG K 120 35.58 14.61 -4.05
C ARG K 120 35.78 13.47 -5.02
N PHE K 121 35.40 13.68 -6.28
CA PHE K 121 35.17 12.52 -7.19
C PHE K 121 36.10 12.49 -8.38
N LYS K 122 37.38 12.85 -8.15
CA LYS K 122 38.43 12.86 -9.17
C LYS K 122 38.03 13.61 -10.46
N ASP K 123 37.31 14.71 -10.27
CA ASP K 123 36.91 15.60 -11.37
C ASP K 123 35.98 14.92 -12.38
N HIS K 124 35.33 13.83 -11.98
CA HIS K 124 34.26 13.24 -12.80
C HIS K 124 32.90 13.72 -12.33
N ASP K 125 31.85 13.20 -12.93
CA ASP K 125 30.50 13.61 -12.56
C ASP K 125 29.95 12.69 -11.48
N PHE K 126 29.83 13.20 -10.26
CA PHE K 126 29.13 12.49 -9.19
C PHE K 126 27.65 12.85 -9.29
N ALA K 127 26.76 11.88 -9.45
CA ALA K 127 25.31 12.20 -9.47
C ALA K 127 24.86 12.39 -8.01
N ALA K 128 24.63 13.63 -7.59
CA ALA K 128 24.33 13.85 -6.17
C ALA K 128 22.88 13.49 -5.95
N ILE K 129 22.64 12.42 -5.20
CA ILE K 129 21.29 11.87 -5.06
C ILE K 129 20.91 11.74 -3.61
N ALA K 130 19.59 11.78 -3.38
CA ALA K 130 19.02 11.55 -2.07
C ALA K 130 19.05 10.06 -1.78
N ASP K 131 18.75 9.71 -0.53
CA ASP K 131 18.50 8.31 -0.19
C ASP K 131 17.13 7.87 -0.71
N TYR K 132 17.05 6.73 -1.42
CA TYR K 132 15.81 6.32 -2.07
C TYR K 132 14.59 6.20 -1.13
N LYS K 133 14.75 5.48 -0.02
CA LYS K 133 13.61 5.29 0.91
C LYS K 133 13.15 6.61 1.55
N MET K 134 14.07 7.56 1.72
CA MET K 134 13.68 8.88 2.23
C MET K 134 12.83 9.61 1.17
N VAL K 135 13.22 9.53 -0.11
CA VAL K 135 12.41 10.12 -1.18
C VAL K 135 11.00 9.46 -1.17
N LYS K 136 11.00 8.13 -1.10
CA LYS K 136 9.75 7.35 -1.10
C LYS K 136 8.86 7.75 0.10
N ALA K 137 9.44 7.85 1.29
CA ALA K 137 8.64 8.19 2.46
C ALA K 137 8.04 9.61 2.33
N ALA K 138 8.80 10.53 1.72
CA ALA K 138 8.33 11.92 1.59
C ALA K 138 7.19 11.99 0.60
N GLU K 139 7.33 11.29 -0.52
CA GLU K 139 6.35 11.33 -1.57
C GLU K 139 5.06 10.70 -1.02
N GLU K 140 5.21 9.56 -0.33
CA GLU K 140 4.03 8.88 0.20
C GLU K 140 3.38 9.68 1.32
N ALA K 141 4.18 10.35 2.14
CA ALA K 141 3.64 11.26 3.17
C ALA K 141 2.83 12.37 2.54
N ALA K 142 3.35 12.94 1.45
CA ALA K 142 2.62 14.00 0.74
C ALA K 142 1.29 13.49 0.20
N LYS K 143 1.34 12.32 -0.43
CA LYS K 143 0.13 11.75 -0.99
C LYS K 143 -0.94 11.50 0.09
N ALA K 144 -0.52 11.01 1.25
CA ALA K 144 -1.43 10.75 2.36
C ALA K 144 -2.10 12.02 2.88
N ARG K 145 -1.49 13.17 2.62
CA ARG K 145 -2.05 14.45 3.02
C ARG K 145 -2.76 15.16 1.87
N GLY K 146 -2.80 14.53 0.71
CA GLY K 146 -3.36 15.10 -0.50
C GLY K 146 -2.62 16.31 -1.03
N ILE K 147 -1.30 16.33 -0.84
CA ILE K 147 -0.47 17.43 -1.33
C ILE K 147 0.32 16.92 -2.53
N ASP K 148 0.20 17.63 -3.66
CA ASP K 148 0.91 17.24 -4.87
C ASP K 148 2.36 17.61 -4.66
N VAL K 149 3.25 16.71 -5.05
CA VAL K 149 4.68 17.01 -5.06
C VAL K 149 5.27 16.58 -6.39
N LYS K 150 6.29 17.29 -6.84
CA LYS K 150 7.04 16.86 -8.01
C LYS K 150 8.36 16.31 -7.49
N VAL K 151 8.75 15.13 -7.97
CA VAL K 151 10.01 14.51 -7.54
C VAL K 151 10.96 14.55 -8.70
N GLY K 152 12.10 15.24 -8.57
CA GLY K 152 13.02 15.30 -9.71
C GLY K 152 14.34 15.95 -9.30
N ASN K 153 14.91 16.68 -10.24
CA ASN K 153 16.22 17.31 -10.03
C ASN K 153 16.10 18.72 -9.50
N LEU K 154 16.78 19.00 -8.38
CA LEU K 154 17.03 20.38 -8.01
C LEU K 154 18.29 20.86 -8.73
N PHE K 155 18.53 22.17 -8.68
CA PHE K 155 19.82 22.72 -9.09
C PHE K 155 20.35 23.53 -7.91
N SER K 156 21.50 23.13 -7.39
CA SER K 156 22.15 23.84 -6.27
C SER K 156 23.14 24.85 -6.83
N ALA K 157 22.73 26.12 -6.78
CA ALA K 157 23.47 27.23 -7.40
C ALA K 157 24.54 27.80 -6.48
N GLU K 158 25.66 28.21 -7.05
CA GLU K 158 26.71 28.87 -6.29
C GLU K 158 26.40 30.35 -6.10
N LEU K 159 25.76 30.96 -7.11
CA LEU K 159 25.58 32.40 -7.10
C LEU K 159 24.11 32.73 -7.21
N PHE K 160 23.50 33.16 -6.09
CA PHE K 160 22.13 33.60 -6.09
C PHE K 160 21.96 34.72 -7.12
N TYR K 161 22.89 35.67 -7.13
CA TYR K 161 22.84 36.73 -8.14
C TYR K 161 23.69 36.29 -9.31
N THR K 162 23.17 35.36 -10.11
CA THR K 162 24.01 34.73 -11.10
C THR K 162 24.47 35.68 -12.22
N PRO K 163 25.77 35.61 -12.59
CA PRO K 163 26.14 36.36 -13.80
C PRO K 163 25.72 35.63 -15.09
N ASP K 164 25.11 34.46 -14.97
CA ASP K 164 24.66 33.71 -16.15
C ASP K 164 23.18 33.31 -16.10
N PRO K 165 22.28 34.30 -16.23
CA PRO K 165 20.86 33.94 -16.14
C PRO K 165 20.39 33.02 -17.27
N SER K 166 21.16 32.93 -18.36
CA SER K 166 20.76 32.04 -19.45
C SER K 166 20.76 30.58 -19.00
N MET K 167 21.48 30.28 -17.92
CA MET K 167 21.50 28.92 -17.38
C MET K 167 20.12 28.50 -16.91
N PHE K 168 19.28 29.46 -16.52
CA PHE K 168 17.95 29.09 -16.06
C PHE K 168 17.13 28.35 -17.13
N ASP K 169 17.27 28.78 -18.38
CA ASP K 169 16.56 28.13 -19.49
C ASP K 169 17.09 26.72 -19.75
N VAL K 170 18.42 26.54 -19.61
CA VAL K 170 19.03 25.22 -19.69
C VAL K 170 18.42 24.32 -18.57
N MET K 171 18.38 24.84 -17.34
CA MET K 171 17.76 24.09 -16.25
C MET K 171 16.33 23.70 -16.57
N ASP K 172 15.56 24.66 -17.09
CA ASP K 172 14.18 24.36 -17.41
C ASP K 172 14.08 23.25 -18.48
N LYS K 173 14.90 23.37 -19.52
CA LYS K 173 14.92 22.39 -20.60
C LYS K 173 15.20 20.95 -20.09
N TYR K 174 16.01 20.85 -19.04
CA TYR K 174 16.43 19.57 -18.49
C TYR K 174 15.55 19.11 -17.31
N GLY K 175 14.47 19.84 -17.07
CA GLY K 175 13.41 19.40 -16.13
C GLY K 175 13.69 19.69 -14.65
N ILE K 176 14.61 20.62 -14.37
CA ILE K 176 14.91 20.99 -12.99
C ILE K 176 13.65 21.52 -12.32
N VAL K 177 13.35 21.01 -11.13
CA VAL K 177 12.10 21.35 -10.48
C VAL K 177 12.25 22.58 -9.59
N GLY K 178 13.45 22.86 -9.11
CA GLY K 178 13.62 24.02 -8.23
C GLY K 178 15.09 24.38 -8.18
N VAL K 179 15.39 25.67 -8.04
CA VAL K 179 16.75 26.14 -7.82
C VAL K 179 16.93 26.52 -6.36
N GLU K 180 17.90 25.92 -5.71
CA GLU K 180 18.23 26.35 -4.35
C GLU K 180 19.75 26.43 -4.30
N MET K 181 20.36 26.21 -3.14
CA MET K 181 21.79 26.39 -3.08
C MET K 181 22.51 25.38 -2.21
N GLU K 182 21.89 24.23 -1.93
CA GLU K 182 22.44 23.39 -0.88
C GLU K 182 22.46 21.90 -1.15
N ALA K 183 21.38 21.41 -1.76
CA ALA K 183 21.15 19.97 -1.87
C ALA K 183 22.33 19.18 -2.43
N ALA K 184 22.95 19.65 -3.52
CA ALA K 184 24.02 18.86 -4.13
C ALA K 184 25.15 18.69 -3.14
N GLY K 185 25.35 19.72 -2.33
CA GLY K 185 26.37 19.69 -1.28
C GLY K 185 26.02 18.75 -0.14
N ILE K 186 24.79 18.81 0.35
CA ILE K 186 24.32 17.88 1.38
C ILE K 186 24.42 16.43 0.88
N TYR K 187 23.99 16.20 -0.36
CA TYR K 187 24.04 14.83 -0.92
C TYR K 187 25.49 14.34 -1.03
N GLY K 188 26.43 15.20 -1.41
CA GLY K 188 27.83 14.78 -1.46
C GLY K 188 28.39 14.44 -0.08
N VAL K 189 28.07 15.24 0.93
CA VAL K 189 28.50 14.94 2.30
C VAL K 189 27.91 13.61 2.75
N ALA K 190 26.63 13.40 2.46
CA ALA K 190 25.97 12.16 2.91
C ALA K 190 26.66 10.96 2.30
N ALA K 191 27.02 11.08 1.04
CA ALA K 191 27.71 9.97 0.38
C ALA K 191 29.12 9.84 0.94
N GLU K 192 29.82 10.95 1.09
CA GLU K 192 31.18 10.90 1.63
C GLU K 192 31.26 10.25 3.00
N TYR K 193 30.28 10.54 3.85
CA TYR K 193 30.30 10.12 5.23
C TYR K 193 29.40 8.92 5.49
N GLY K 194 28.76 8.39 4.46
CA GLY K 194 27.91 7.20 4.57
C GLY K 194 26.62 7.39 5.37
N ALA K 195 26.00 8.57 5.27
CA ALA K 195 24.68 8.78 5.84
C ALA K 195 23.62 8.95 4.74
N LYS K 196 22.41 9.41 5.12
CA LYS K 196 21.29 9.51 4.19
C LYS K 196 20.74 10.90 4.25
N ALA K 197 20.35 11.45 3.10
CA ALA K 197 19.84 12.83 3.05
C ALA K 197 18.75 12.97 2.01
N LEU K 198 17.93 13.99 2.22
CA LEU K 198 16.83 14.31 1.32
C LEU K 198 16.60 15.81 1.43
N ALA K 199 16.29 16.46 0.32
CA ALA K 199 15.90 17.88 0.36
C ALA K 199 14.48 18.00 -0.19
N ILE K 200 13.62 18.66 0.58
CA ILE K 200 12.27 18.99 0.18
C ILE K 200 12.20 20.49 0.22
N CYS K 201 11.63 21.11 -0.81
CA CYS K 201 11.65 22.56 -0.84
C CYS K 201 10.31 23.11 -1.22
N THR K 202 10.00 24.29 -0.69
CA THR K 202 8.82 25.05 -1.06
C THR K 202 9.27 26.16 -1.99
N VAL K 203 8.60 26.29 -3.14
CA VAL K 203 8.91 27.33 -4.10
C VAL K 203 8.59 28.70 -3.49
N SER K 204 9.61 29.54 -3.33
CA SER K 204 9.47 30.84 -2.68
C SER K 204 9.56 31.99 -3.66
N ASP K 205 10.01 31.68 -4.88
CA ASP K 205 10.35 32.68 -5.88
C ASP K 205 9.99 32.03 -7.22
N HIS K 206 9.46 32.79 -8.16
CA HIS K 206 9.44 32.26 -9.53
C HIS K 206 10.44 33.03 -10.38
N ILE K 207 11.40 32.28 -10.91
CA ILE K 207 12.51 32.93 -11.59
C ILE K 207 12.14 33.54 -12.96
N LYS K 208 11.23 32.92 -13.69
CA LYS K 208 10.79 33.46 -14.98
C LYS K 208 9.91 34.69 -14.79
N THR K 209 8.91 34.60 -13.89
CA THR K 209 7.92 35.67 -13.73
C THR K 209 8.33 36.78 -12.75
N GLY K 210 9.22 36.47 -11.82
CA GLY K 210 9.72 37.45 -10.88
C GLY K 210 8.97 37.55 -9.55
N GLU K 211 7.93 36.75 -9.38
CA GLU K 211 7.21 36.73 -8.12
C GLU K 211 8.09 36.31 -6.94
N GLN K 212 8.16 37.14 -5.91
CA GLN K 212 9.01 36.86 -4.74
C GLN K 212 8.18 36.89 -3.45
N THR K 213 8.29 35.87 -2.60
CA THR K 213 7.62 35.90 -1.29
C THR K 213 8.41 36.77 -0.31
N THR K 214 7.73 37.22 0.74
CA THR K 214 8.40 38.07 1.72
C THR K 214 9.31 37.25 2.60
N SER K 215 10.24 37.93 3.26
CA SER K 215 11.13 37.31 4.23
C SER K 215 10.36 36.60 5.35
N GLU K 216 9.31 37.25 5.85
CA GLU K 216 8.45 36.68 6.89
C GLU K 216 7.77 35.40 6.39
N GLU K 217 7.29 35.43 5.16
CA GLU K 217 6.61 34.27 4.59
C GLU K 217 7.54 33.05 4.55
N ARG K 218 8.78 33.26 4.12
CA ARG K 218 9.77 32.15 4.05
C ARG K 218 10.02 31.58 5.44
N GLN K 219 10.03 32.47 6.42
CA GLN K 219 10.36 32.10 7.79
C GLN K 219 9.24 31.31 8.45
N ASN K 220 8.00 31.76 8.26
CA ASN K 220 6.88 31.36 9.10
C ASN K 220 5.69 30.69 8.45
N THR K 221 5.71 30.46 7.14
CA THR K 221 4.46 30.03 6.50
C THR K 221 4.55 28.80 5.59
N PHE K 222 5.75 28.23 5.43
CA PHE K 222 5.90 27.07 4.55
C PHE K 222 5.59 25.78 5.30
N ASN K 223 4.32 25.62 5.65
CA ASN K 223 3.86 24.58 6.58
C ASN K 223 3.75 23.18 5.99
N GLU K 224 3.25 23.08 4.75
CA GLU K 224 3.14 21.77 4.11
C GLU K 224 4.43 20.98 4.07
N MET K 225 5.53 21.61 3.64
CA MET K 225 6.77 20.85 3.53
C MET K 225 7.14 20.31 4.90
N ILE K 226 6.86 21.08 5.95
CA ILE K 226 7.21 20.65 7.30
C ILE K 226 6.38 19.46 7.73
N GLU K 227 5.09 19.51 7.44
CA GLU K 227 4.19 18.40 7.77
C GLU K 227 4.59 17.15 6.99
N ILE K 228 4.93 17.33 5.72
CA ILE K 228 5.40 16.22 4.87
C ILE K 228 6.69 15.62 5.43
N ALA K 229 7.65 16.49 5.74
CA ALA K 229 8.93 16.07 6.30
C ALA K 229 8.77 15.23 7.56
N LEU K 230 8.00 15.73 8.52
CA LEU K 230 7.85 15.03 9.80
C LEU K 230 7.14 13.72 9.63
N ASP K 231 6.06 13.71 8.83
CA ASP K 231 5.33 12.48 8.57
C ASP K 231 6.25 11.45 7.88
N SER K 232 7.16 11.95 7.03
CA SER K 232 8.00 11.02 6.30
C SER K 232 8.99 10.33 7.23
N VAL K 233 9.34 10.97 8.35
CA VAL K 233 10.22 10.33 9.33
C VAL K 233 9.52 9.13 9.93
N LEU K 234 8.27 9.29 10.35
CA LEU K 234 7.53 8.17 10.93
C LEU K 234 7.32 7.05 9.91
N ILE K 235 6.99 7.39 8.67
CA ILE K 235 6.85 6.37 7.63
C ILE K 235 8.15 5.58 7.45
N GLY K 236 9.27 6.31 7.37
CA GLY K 236 10.57 5.68 7.12
C GLY K 236 11.04 4.83 8.30
N ASP K 237 10.52 5.13 9.49
CA ASP K 237 10.86 4.38 10.69
C ASP K 237 10.25 3.00 10.72
N GLN K 238 9.19 2.76 9.95
CA GLN K 238 8.45 1.49 9.99
C GLN K 238 9.33 0.25 9.71
N ALA K 239 9.16 -0.81 10.50
CA ALA K 239 9.84 -2.07 10.23
C ALA K 239 9.57 -2.48 8.78
N GLY K 240 10.63 -2.81 8.05
CA GLY K 240 10.52 -3.29 6.69
C GLY K 240 10.16 -2.28 5.60
N TYR K 241 10.08 -1.00 5.93
CA TYR K 241 9.74 0.00 4.92
C TYR K 241 10.78 -0.05 3.80
N ALA L 2 -21.22 5.24 -6.82
CA ALA L 2 -20.62 4.17 -5.97
C ALA L 2 -21.62 3.66 -4.90
N THR L 3 -21.34 2.51 -4.31
CA THR L 3 -22.15 2.03 -3.20
C THR L 3 -21.36 2.32 -1.96
N PRO L 4 -21.95 2.09 -0.79
CA PRO L 4 -21.21 2.37 0.43
C PRO L 4 -19.99 1.46 0.59
N HIS L 5 -19.87 0.37 -0.17
CA HIS L 5 -18.82 -0.63 0.11
C HIS L 5 -17.93 -0.90 -1.08
N ILE L 6 -18.30 -0.35 -2.25
CA ILE L 6 -17.54 -0.57 -3.49
C ILE L 6 -17.44 0.76 -4.23
N ASN L 7 -16.20 1.24 -4.43
CA ASN L 7 -15.98 2.52 -5.15
C ASN L 7 -15.68 2.28 -6.64
N ALA L 8 -16.62 1.65 -7.31
CA ALA L 8 -16.48 1.33 -8.73
C ALA L 8 -17.74 1.79 -9.45
N GLN L 9 -17.69 1.76 -10.78
CA GLN L 9 -18.82 2.11 -11.61
C GLN L 9 -19.33 0.89 -12.34
N MET L 10 -20.64 0.89 -12.63
CA MET L 10 -21.25 -0.19 -13.40
C MET L 10 -20.41 -0.36 -14.67
N GLY L 11 -20.19 -1.61 -15.07
CA GLY L 11 -19.29 -1.89 -16.19
C GLY L 11 -17.88 -2.22 -15.70
N ASP L 12 -17.48 -1.74 -14.53
CA ASP L 12 -16.15 -2.05 -13.99
C ASP L 12 -15.91 -3.52 -13.67
N PHE L 13 -16.97 -4.26 -13.36
CA PHE L 13 -16.81 -5.72 -13.11
C PHE L 13 -17.26 -6.56 -14.30
N ALA L 14 -16.64 -7.72 -14.49
CA ALA L 14 -17.17 -8.71 -15.45
C ALA L 14 -18.50 -9.26 -14.96
N ASP L 15 -19.17 -10.06 -15.79
CA ASP L 15 -20.45 -10.61 -15.38
C ASP L 15 -20.28 -11.86 -14.55
N VAL L 16 -19.03 -12.34 -14.45
CA VAL L 16 -18.67 -13.42 -13.53
C VAL L 16 -17.59 -12.93 -12.57
N VAL L 17 -17.71 -13.21 -11.26
CA VAL L 17 -16.74 -12.71 -10.29
C VAL L 17 -16.32 -13.87 -9.39
N LEU L 18 -15.01 -14.11 -9.28
CA LEU L 18 -14.46 -15.02 -8.27
C LEU L 18 -14.32 -14.28 -6.95
N MET L 19 -14.67 -14.92 -5.85
CA MET L 19 -14.63 -14.21 -4.56
C MET L 19 -14.05 -15.05 -3.46
N PRO L 20 -12.80 -14.73 -3.04
CA PRO L 20 -12.25 -15.28 -1.81
C PRO L 20 -12.67 -14.34 -0.67
N GLY L 21 -12.61 -14.81 0.55
CA GLY L 21 -12.92 -13.92 1.72
C GLY L 21 -11.82 -12.88 1.90
N ASP L 22 -10.59 -13.26 1.54
CA ASP L 22 -9.39 -12.48 1.82
C ASP L 22 -9.05 -11.59 0.63
N PRO L 23 -9.11 -10.26 0.83
CA PRO L 23 -8.84 -9.37 -0.29
C PRO L 23 -7.41 -9.55 -0.81
N LEU L 24 -6.50 -10.05 0.02
CA LEU L 24 -5.12 -10.28 -0.42
C LEU L 24 -5.07 -11.53 -1.30
N ARG L 25 -5.99 -12.48 -1.09
CA ARG L 25 -6.09 -13.62 -2.00
C ARG L 25 -6.63 -13.15 -3.35
N ALA L 26 -7.54 -12.16 -3.34
CA ALA L 26 -8.09 -11.64 -4.59
C ALA L 26 -6.97 -10.94 -5.39
N LYS L 27 -6.17 -10.13 -4.68
CA LYS L 27 -4.95 -9.53 -5.25
C LYS L 27 -4.03 -10.58 -5.87
N TYR L 28 -3.69 -11.61 -5.09
CA TYR L 28 -2.90 -12.73 -5.61
C TYR L 28 -3.47 -13.35 -6.90
N ILE L 29 -4.77 -13.65 -6.90
CA ILE L 29 -5.43 -14.23 -8.09
C ILE L 29 -5.32 -13.30 -9.30
N ALA L 30 -5.61 -12.01 -9.10
CA ALA L 30 -5.57 -11.02 -10.16
C ALA L 30 -4.17 -10.90 -10.74
N GLU L 31 -3.17 -10.84 -9.87
CA GLU L 31 -1.82 -10.55 -10.32
C GLU L 31 -1.17 -11.76 -10.98
N ASN L 32 -1.65 -12.96 -10.63
CA ASN L 32 -0.99 -14.18 -11.09
C ASN L 32 -1.73 -15.05 -12.11
N PHE L 33 -3.03 -14.82 -12.29
CA PHE L 33 -3.82 -15.68 -13.16
C PHE L 33 -4.52 -14.89 -14.23
N LEU L 34 -4.61 -13.58 -14.07
CA LEU L 34 -5.31 -12.77 -15.06
C LEU L 34 -4.35 -11.92 -15.87
N ASP L 35 -4.69 -11.70 -17.15
CA ASP L 35 -4.01 -10.70 -17.95
C ASP L 35 -4.76 -9.38 -17.85
N ASN L 36 -4.07 -8.28 -18.15
CA ASN L 36 -4.72 -6.98 -18.29
C ASN L 36 -5.40 -6.57 -16.97
N ALA L 37 -4.87 -6.98 -15.81
CA ALA L 37 -5.58 -6.76 -14.54
C ALA L 37 -5.56 -5.30 -14.11
N VAL L 38 -6.69 -4.84 -13.62
CA VAL L 38 -6.75 -3.52 -13.03
C VAL L 38 -7.55 -3.58 -11.75
N GLN L 39 -7.11 -2.84 -10.74
CA GLN L 39 -7.87 -2.76 -9.47
C GLN L 39 -9.07 -1.85 -9.68
N VAL L 40 -10.25 -2.31 -9.29
CA VAL L 40 -11.46 -1.51 -9.50
C VAL L 40 -12.08 -0.99 -8.20
N CYS L 41 -11.64 -1.50 -7.05
CA CYS L 41 -12.19 -1.02 -5.77
C CYS L 41 -11.27 -1.34 -4.60
N ASP L 42 -11.45 -0.61 -3.49
CA ASP L 42 -10.56 -0.76 -2.35
C ASP L 42 -11.13 -0.18 -1.05
N VAL L 43 -12.44 0.04 -1.00
CA VAL L 43 -13.05 0.58 0.23
C VAL L 43 -12.91 -0.45 1.34
N ARG L 44 -12.58 0.02 2.55
CA ARG L 44 -12.38 -0.86 3.70
C ARG L 44 -11.32 -1.90 3.41
N ASN L 45 -10.41 -1.57 2.50
CA ASN L 45 -9.37 -2.52 2.09
C ASN L 45 -9.89 -3.77 1.37
N MET L 46 -11.12 -3.73 0.90
CA MET L 46 -11.70 -4.93 0.25
C MET L 46 -11.46 -4.82 -1.24
N PHE L 47 -10.31 -5.33 -1.66
CA PHE L 47 -9.78 -5.16 -3.02
C PHE L 47 -10.55 -5.98 -4.04
N GLY L 48 -10.84 -5.37 -5.19
CA GLY L 48 -11.46 -6.08 -6.32
C GLY L 48 -10.79 -5.67 -7.62
N TYR L 49 -10.75 -6.59 -8.59
CA TYR L 49 -9.93 -6.46 -9.80
C TYR L 49 -10.69 -6.98 -10.99
N THR L 50 -10.38 -6.46 -12.18
CA THR L 50 -10.95 -7.01 -13.40
C THR L 50 -9.83 -7.24 -14.41
N GLY L 51 -9.87 -8.38 -15.12
CA GLY L 51 -8.83 -8.68 -16.12
C GLY L 51 -9.41 -9.68 -17.08
N THR L 52 -8.56 -10.41 -17.78
CA THR L 52 -9.03 -11.44 -18.68
C THR L 52 -8.32 -12.76 -18.39
N TYR L 53 -9.01 -13.85 -18.65
CA TYR L 53 -8.44 -15.17 -18.51
C TYR L 53 -8.63 -15.88 -19.85
N LYS L 54 -7.54 -16.14 -20.57
CA LYS L 54 -7.62 -16.69 -21.90
C LYS L 54 -8.58 -15.90 -22.77
N GLY L 55 -8.61 -14.59 -22.58
CA GLY L 55 -9.43 -13.67 -23.39
C GLY L 55 -10.80 -13.36 -22.82
N ARG L 56 -11.21 -14.10 -21.80
CA ARG L 56 -12.55 -13.93 -21.22
C ARG L 56 -12.44 -12.97 -20.05
N LYS L 57 -13.27 -11.93 -20.05
CA LYS L 57 -13.26 -10.94 -18.97
C LYS L 57 -13.76 -11.57 -17.67
N ILE L 58 -12.98 -11.43 -16.60
CA ILE L 58 -13.30 -12.07 -15.32
C ILE L 58 -12.92 -11.10 -14.20
N SER L 59 -13.72 -11.03 -13.15
CA SER L 59 -13.34 -10.18 -12.01
C SER L 59 -13.06 -11.07 -10.79
N VAL L 60 -12.32 -10.51 -9.84
CA VAL L 60 -12.05 -11.18 -8.58
C VAL L 60 -12.13 -10.15 -7.45
N MET L 61 -12.83 -10.48 -6.37
CA MET L 61 -13.02 -9.51 -5.29
C MET L 61 -13.23 -10.17 -3.96
N GLY L 62 -12.63 -9.61 -2.92
CA GLY L 62 -12.78 -10.15 -1.58
C GLY L 62 -14.19 -9.97 -1.08
N HIS L 63 -14.64 -10.89 -0.23
CA HIS L 63 -15.97 -10.73 0.38
C HIS L 63 -15.96 -10.61 1.91
N GLY L 64 -14.77 -10.61 2.51
CA GLY L 64 -14.68 -10.59 3.98
C GLY L 64 -15.10 -11.92 4.62
N MET L 65 -15.15 -11.96 5.94
CA MET L 65 -15.48 -13.19 6.60
C MET L 65 -16.89 -13.18 7.15
N GLY L 66 -17.60 -14.27 6.87
CA GLY L 66 -18.91 -14.55 7.46
C GLY L 66 -20.09 -14.12 6.61
N ILE L 67 -21.25 -14.70 6.88
CA ILE L 67 -22.43 -14.44 6.02
C ILE L 67 -22.84 -12.96 5.93
N PRO L 68 -22.84 -12.21 7.05
CA PRO L 68 -23.30 -10.81 6.85
C PRO L 68 -22.33 -9.99 6.00
N SER L 69 -21.07 -10.27 6.10
CA SER L 69 -20.11 -9.56 5.25
C SER L 69 -20.23 -9.90 3.75
N CYS L 70 -20.16 -11.18 3.42
CA CYS L 70 -20.20 -11.59 2.01
C CYS L 70 -21.56 -11.27 1.41
N SER L 71 -22.64 -11.34 2.21
CA SER L 71 -23.96 -10.91 1.69
C SER L 71 -23.96 -9.46 1.20
N ILE L 72 -23.27 -8.57 1.91
CA ILE L 72 -23.19 -7.19 1.44
C ILE L 72 -22.56 -7.13 0.05
N TYR L 73 -21.38 -7.73 -0.08
CA TYR L 73 -20.65 -7.56 -1.32
C TYR L 73 -21.34 -8.28 -2.50
N VAL L 74 -21.84 -9.48 -2.25
CA VAL L 74 -22.50 -10.27 -3.31
C VAL L 74 -23.79 -9.57 -3.75
N THR L 75 -24.53 -9.06 -2.79
CA THR L 75 -25.76 -8.31 -3.14
C THR L 75 -25.46 -7.11 -4.04
N GLU L 76 -24.48 -6.32 -3.63
CA GLU L 76 -24.09 -5.16 -4.43
C GLU L 76 -23.66 -5.55 -5.83
N LEU L 77 -22.84 -6.60 -5.94
CA LEU L 77 -22.39 -7.00 -7.27
C LEU L 77 -23.56 -7.37 -8.16
N ILE L 78 -24.52 -8.13 -7.62
CA ILE L 78 -25.68 -8.51 -8.44
C ILE L 78 -26.58 -7.34 -8.75
N LYS L 79 -26.96 -6.57 -7.73
CA LYS L 79 -28.01 -5.57 -7.95
C LYS L 79 -27.47 -4.25 -8.51
N ASP L 80 -26.21 -3.95 -8.27
CA ASP L 80 -25.63 -2.67 -8.70
C ASP L 80 -24.64 -2.79 -9.85
N TYR L 81 -23.99 -3.95 -10.01
CA TYR L 81 -22.91 -4.10 -11.00
C TYR L 81 -23.19 -5.13 -12.08
N GLY L 82 -24.44 -5.61 -12.14
CA GLY L 82 -24.90 -6.47 -13.22
C GLY L 82 -24.29 -7.85 -13.23
N VAL L 83 -23.68 -8.23 -12.11
CA VAL L 83 -23.03 -9.55 -12.04
C VAL L 83 -24.03 -10.73 -12.11
N LYS L 84 -23.71 -11.76 -12.91
CA LYS L 84 -24.63 -12.86 -13.16
C LYS L 84 -24.26 -14.11 -12.39
N LYS L 85 -22.95 -14.31 -12.21
CA LYS L 85 -22.42 -15.54 -11.60
C LYS L 85 -21.33 -15.18 -10.60
N ILE L 86 -21.38 -15.84 -9.44
CA ILE L 86 -20.40 -15.67 -8.36
C ILE L 86 -19.77 -17.01 -8.08
N ILE L 87 -18.44 -17.06 -8.10
CA ILE L 87 -17.74 -18.27 -7.67
C ILE L 87 -16.89 -17.95 -6.45
N ARG L 88 -17.36 -18.38 -5.29
CA ARG L 88 -16.58 -18.22 -4.07
C ARG L 88 -15.42 -19.20 -4.17
N VAL L 89 -14.21 -18.68 -3.93
CA VAL L 89 -12.99 -19.49 -3.94
C VAL L 89 -12.34 -19.37 -2.55
N GLY L 90 -12.73 -20.28 -1.68
CA GLY L 90 -12.55 -20.04 -0.24
C GLY L 90 -11.67 -21.09 0.38
N SER L 91 -11.45 -20.99 1.68
CA SER L 91 -10.86 -22.08 2.45
C SER L 91 -11.99 -22.77 3.23
N CYS L 92 -11.70 -23.88 3.91
CA CYS L 92 -12.69 -24.54 4.76
C CYS L 92 -11.98 -25.47 5.72
N GLY L 93 -12.66 -25.88 6.79
CA GLY L 93 -12.11 -26.88 7.72
C GLY L 93 -12.78 -28.22 7.51
N ALA L 94 -12.02 -29.31 7.58
CA ALA L 94 -12.59 -30.63 7.36
C ALA L 94 -13.06 -31.24 8.68
N VAL L 95 -14.17 -31.98 8.66
CA VAL L 95 -14.65 -32.66 9.85
C VAL L 95 -14.59 -34.16 9.68
N ASN L 96 -14.33 -34.61 8.46
CA ASN L 96 -14.29 -36.04 8.17
C ASN L 96 -12.83 -36.48 8.14
N GLU L 97 -12.55 -37.60 8.80
CA GLU L 97 -11.16 -38.05 8.90
C GLU L 97 -10.54 -38.30 7.55
N GLY L 98 -11.35 -38.63 6.55
CA GLY L 98 -10.83 -38.99 5.22
C GLY L 98 -10.62 -37.79 4.28
N ILE L 99 -10.92 -36.59 4.77
CA ILE L 99 -10.77 -35.36 3.95
C ILE L 99 -9.56 -34.61 4.49
N LYS L 100 -8.61 -34.32 3.62
CA LYS L 100 -7.29 -33.83 4.04
C LYS L 100 -7.10 -32.35 3.73
N VAL L 101 -6.25 -31.71 4.53
CA VAL L 101 -5.78 -30.36 4.22
C VAL L 101 -5.28 -30.30 2.76
N ARG L 102 -5.69 -29.25 2.04
CA ARG L 102 -5.39 -29.05 0.61
C ARG L 102 -6.32 -29.83 -0.36
N ASP L 103 -7.18 -30.72 0.16
CA ASP L 103 -8.31 -31.21 -0.68
C ASP L 103 -9.20 -30.07 -1.17
N VAL L 104 -9.70 -30.21 -2.38
CA VAL L 104 -10.65 -29.27 -2.93
C VAL L 104 -12.07 -29.87 -2.87
N VAL L 105 -13.01 -29.06 -2.39
CA VAL L 105 -14.39 -29.52 -2.28
C VAL L 105 -15.30 -28.49 -2.91
N ILE L 106 -16.48 -28.95 -3.34
CA ILE L 106 -17.43 -28.09 -4.03
C ILE L 106 -18.77 -28.19 -3.31
N GLY L 107 -19.34 -27.05 -2.95
CA GLY L 107 -20.60 -27.06 -2.19
C GLY L 107 -21.81 -27.03 -3.10
N MET L 108 -22.34 -28.19 -3.49
N MET L 108 -22.34 -28.19 -3.48
CA MET L 108 -23.61 -28.17 -4.21
CA MET L 108 -23.60 -28.23 -4.21
C MET L 108 -24.69 -27.57 -3.30
C MET L 108 -24.74 -27.70 -3.31
N GLY L 109 -24.56 -27.85 -2.00
CA GLY L 109 -25.46 -27.28 -1.03
C GLY L 109 -24.64 -26.71 0.12
N ALA L 110 -25.29 -25.93 0.98
CA ALA L 110 -24.62 -25.42 2.18
C ALA L 110 -25.61 -25.36 3.34
N CYS L 111 -25.31 -26.14 4.39
CA CYS L 111 -26.04 -26.10 5.63
C CYS L 111 -25.61 -24.84 6.37
N THR L 112 -26.35 -24.44 7.42
CA THR L 112 -25.91 -23.29 8.21
C THR L 112 -26.59 -23.23 9.56
N ASP L 113 -25.95 -22.54 10.51
CA ASP L 113 -26.65 -22.20 11.76
C ASP L 113 -27.01 -20.71 11.82
N SER L 114 -26.86 -20.02 10.69
CA SER L 114 -27.34 -18.68 10.58
C SER L 114 -28.87 -18.64 10.48
N LYS L 115 -29.44 -17.49 10.82
CA LYS L 115 -30.88 -17.26 10.69
C LYS L 115 -31.24 -16.63 9.34
N VAL L 116 -30.24 -16.27 8.52
CA VAL L 116 -30.55 -15.42 7.33
C VAL L 116 -31.56 -16.02 6.37
N ASN L 117 -31.49 -17.32 6.13
CA ASN L 117 -32.44 -17.91 5.18
C ASN L 117 -33.80 -18.15 5.81
N ARG L 118 -33.84 -18.38 7.12
CA ARG L 118 -35.16 -18.39 7.79
C ARG L 118 -35.79 -17.01 7.72
N ILE L 119 -34.98 -15.96 7.80
CA ILE L 119 -35.51 -14.61 7.68
C ILE L 119 -36.11 -14.43 6.27
N ARG L 120 -35.44 -14.97 5.25
CA ARG L 120 -35.93 -14.83 3.86
C ARG L 120 -37.16 -15.70 3.58
N PHE L 121 -37.24 -16.84 4.25
CA PHE L 121 -38.08 -17.95 3.72
C PHE L 121 -39.16 -18.32 4.70
N LYS L 122 -39.75 -17.32 5.36
CA LYS L 122 -40.88 -17.52 6.28
C LYS L 122 -40.61 -18.53 7.37
N ASP L 123 -39.37 -18.55 7.87
CA ASP L 123 -38.97 -19.42 8.98
C ASP L 123 -39.02 -20.89 8.64
N HIS L 124 -39.06 -21.23 7.35
CA HIS L 124 -38.96 -22.63 6.91
C HIS L 124 -37.52 -23.01 6.53
N ASP L 125 -37.29 -24.26 6.13
CA ASP L 125 -35.96 -24.69 5.69
C ASP L 125 -35.77 -24.37 4.21
N PHE L 126 -34.95 -23.38 3.90
CA PHE L 126 -34.54 -23.12 2.54
C PHE L 126 -33.29 -23.97 2.27
N ALA L 127 -33.30 -24.84 1.27
CA ALA L 127 -32.07 -25.61 0.97
C ALA L 127 -31.12 -24.71 0.17
N ALA L 128 -30.06 -24.24 0.81
CA ALA L 128 -29.16 -23.29 0.14
C ALA L 128 -28.30 -24.09 -0.83
N ILE L 129 -28.55 -23.89 -2.11
CA ILE L 129 -27.88 -24.65 -3.19
C ILE L 129 -27.16 -23.78 -4.21
N ALA L 130 -26.12 -24.37 -4.80
CA ALA L 130 -25.41 -23.78 -5.93
C ALA L 130 -26.28 -23.88 -7.21
N ASP L 131 -25.87 -23.16 -8.23
CA ASP L 131 -26.40 -23.36 -9.57
C ASP L 131 -25.86 -24.68 -10.13
N TYR L 132 -26.74 -25.54 -10.63
CA TYR L 132 -26.31 -26.86 -11.09
C TYR L 132 -25.27 -26.79 -12.21
N LYS L 133 -25.49 -26.03 -13.28
CA LYS L 133 -24.49 -26.06 -14.33
C LYS L 133 -23.12 -25.52 -13.89
N MET L 134 -23.11 -24.59 -12.91
CA MET L 134 -21.85 -24.09 -12.39
C MET L 134 -21.15 -25.22 -11.65
N VAL L 135 -21.91 -26.02 -10.90
CA VAL L 135 -21.30 -27.14 -10.18
C VAL L 135 -20.69 -28.14 -11.17
N LYS L 136 -21.46 -28.45 -12.20
CA LYS L 136 -21.06 -29.43 -13.21
C LYS L 136 -19.80 -28.94 -13.92
N ALA L 137 -19.80 -27.66 -14.31
CA ALA L 137 -18.63 -27.07 -15.00
C ALA L 137 -17.36 -27.10 -14.12
N ALA L 138 -17.53 -26.82 -12.81
CA ALA L 138 -16.41 -26.89 -11.88
C ALA L 138 -15.88 -28.33 -11.76
N GLU L 139 -16.79 -29.29 -11.65
CA GLU L 139 -16.37 -30.69 -11.54
C GLU L 139 -15.63 -31.15 -12.80
N GLU L 140 -16.11 -30.72 -13.96
N GLU L 140 -16.17 -30.74 -13.96
CA GLU L 140 -15.50 -31.15 -15.20
CA GLU L 140 -15.58 -31.04 -15.27
C GLU L 140 -14.20 -30.41 -15.51
C GLU L 140 -14.17 -30.47 -15.35
N ALA L 141 -14.04 -29.22 -14.94
CA ALA L 141 -12.77 -28.51 -15.03
C ALA L 141 -11.74 -29.24 -14.17
N ALA L 142 -12.17 -29.71 -13.00
CA ALA L 142 -11.32 -30.43 -12.06
C ALA L 142 -10.88 -31.77 -12.70
N LYS L 143 -11.84 -32.49 -13.25
CA LYS L 143 -11.53 -33.75 -13.91
C LYS L 143 -10.48 -33.57 -14.99
N ALA L 144 -10.66 -32.55 -15.86
CA ALA L 144 -9.69 -32.33 -16.94
C ALA L 144 -8.28 -32.09 -16.43
N ARG L 145 -8.17 -31.47 -15.24
CA ARG L 145 -6.86 -31.15 -14.69
C ARG L 145 -6.35 -32.28 -13.80
N GLY L 146 -7.17 -33.32 -13.64
CA GLY L 146 -6.79 -34.47 -12.81
C GLY L 146 -6.73 -34.13 -11.33
N ILE L 147 -7.54 -33.15 -10.91
CA ILE L 147 -7.64 -32.75 -9.51
C ILE L 147 -8.88 -33.42 -8.93
N ASP L 148 -8.71 -34.21 -7.88
CA ASP L 148 -9.86 -34.87 -7.25
C ASP L 148 -10.70 -33.87 -6.46
N VAL L 149 -12.02 -33.96 -6.57
CA VAL L 149 -12.90 -33.05 -5.82
C VAL L 149 -14.05 -33.83 -5.23
N LYS L 150 -14.54 -33.40 -4.07
CA LYS L 150 -15.75 -33.95 -3.52
C LYS L 150 -16.83 -32.94 -3.74
N VAL L 151 -17.99 -33.38 -4.21
CA VAL L 151 -19.12 -32.47 -4.37
C VAL L 151 -20.18 -32.84 -3.34
N GLY L 152 -20.55 -31.92 -2.45
CA GLY L 152 -21.50 -32.25 -1.41
C GLY L 152 -21.91 -30.99 -0.64
N ASN L 153 -22.16 -31.18 0.65
CA ASN L 153 -22.70 -30.12 1.50
C ASN L 153 -21.58 -29.45 2.24
N LEU L 154 -21.53 -28.13 2.14
CA LEU L 154 -20.72 -27.35 3.06
C LEU L 154 -21.53 -27.09 4.32
N PHE L 155 -20.87 -26.66 5.39
CA PHE L 155 -21.59 -26.04 6.52
C PHE L 155 -21.08 -24.61 6.76
N SER L 156 -21.96 -23.62 6.64
CA SER L 156 -21.59 -22.21 6.80
C SER L 156 -21.83 -21.82 8.27
N ALA L 157 -20.76 -21.76 9.06
CA ALA L 157 -20.87 -21.52 10.48
C ALA L 157 -20.95 -20.04 10.77
N GLU L 158 -21.68 -19.72 11.83
CA GLU L 158 -21.70 -18.38 12.37
C GLU L 158 -20.52 -18.11 13.27
N LEU L 159 -20.09 -19.13 14.03
CA LEU L 159 -19.09 -18.93 15.06
C LEU L 159 -17.89 -19.82 14.84
N PHE L 160 -16.84 -19.22 14.30
CA PHE L 160 -15.58 -19.92 14.09
C PHE L 160 -15.16 -20.55 15.40
N TYR L 161 -15.16 -19.76 16.48
CA TYR L 161 -14.87 -20.31 17.80
C TYR L 161 -16.14 -20.77 18.43
N THR L 162 -16.67 -21.89 17.94
CA THR L 162 -18.01 -22.32 18.37
C THR L 162 -18.09 -22.73 19.84
N PRO L 163 -19.20 -22.36 20.52
CA PRO L 163 -19.40 -22.85 21.88
C PRO L 163 -20.01 -24.24 21.85
N ASP L 164 -20.25 -24.74 20.64
CA ASP L 164 -20.80 -26.07 20.49
C ASP L 164 -19.97 -27.00 19.58
N PRO L 165 -18.76 -27.41 20.03
CA PRO L 165 -17.97 -28.25 19.15
C PRO L 165 -18.56 -29.62 18.87
N SER L 166 -19.51 -30.10 19.68
CA SER L 166 -20.18 -31.38 19.39
C SER L 166 -20.92 -31.35 18.05
N MET L 167 -21.26 -30.16 17.57
CA MET L 167 -21.92 -30.08 16.29
C MET L 167 -21.02 -30.63 15.15
N PHE L 168 -19.70 -30.54 15.31
CA PHE L 168 -18.81 -30.99 14.23
C PHE L 168 -19.03 -32.48 13.92
N ASP L 169 -19.28 -33.29 14.94
N ASP L 169 -19.24 -33.27 14.96
CA ASP L 169 -19.50 -34.71 14.70
CA ASP L 169 -19.54 -34.70 14.82
C ASP L 169 -20.88 -34.96 14.06
C ASP L 169 -20.83 -34.89 14.03
N VAL L 170 -21.85 -34.10 14.36
CA VAL L 170 -23.14 -34.14 13.67
C VAL L 170 -22.93 -33.82 12.18
N MET L 171 -22.15 -32.77 11.87
CA MET L 171 -21.83 -32.43 10.49
C MET L 171 -21.19 -33.62 9.79
N ASP L 172 -20.22 -34.26 10.46
CA ASP L 172 -19.51 -35.36 9.86
C ASP L 172 -20.44 -36.55 9.60
N LYS L 173 -21.27 -36.88 10.59
CA LYS L 173 -22.25 -37.96 10.40
C LYS L 173 -23.12 -37.68 9.17
N TYR L 174 -23.46 -36.42 8.93
CA TYR L 174 -24.35 -36.03 7.82
C TYR L 174 -23.62 -35.77 6.48
N GLY L 175 -22.32 -36.07 6.43
CA GLY L 175 -21.56 -36.07 5.18
C GLY L 175 -21.03 -34.70 4.78
N ILE L 176 -21.01 -33.74 5.72
CA ILE L 176 -20.53 -32.42 5.38
C ILE L 176 -19.07 -32.50 4.90
N VAL L 177 -18.79 -31.87 3.75
CA VAL L 177 -17.43 -31.97 3.20
C VAL L 177 -16.45 -30.90 3.65
N GLY L 178 -16.99 -29.77 4.09
CA GLY L 178 -16.14 -28.71 4.64
C GLY L 178 -16.95 -27.71 5.44
N VAL L 179 -16.30 -27.08 6.41
CA VAL L 179 -16.90 -26.00 7.21
C VAL L 179 -16.31 -24.67 6.78
N GLU L 180 -17.17 -23.75 6.36
CA GLU L 180 -16.72 -22.38 6.08
C GLU L 180 -17.73 -21.45 6.71
N MET L 181 -17.89 -20.21 6.23
CA MET L 181 -18.74 -19.27 6.95
C MET L 181 -19.51 -18.37 6.01
N GLU L 182 -19.73 -18.84 4.78
CA GLU L 182 -20.25 -17.95 3.76
C GLU L 182 -21.25 -18.53 2.77
N ALA L 183 -20.98 -19.74 2.29
CA ALA L 183 -21.74 -20.26 1.12
C ALA L 183 -23.27 -20.20 1.28
N ALA L 184 -23.77 -20.57 2.46
CA ALA L 184 -25.22 -20.60 2.63
C ALA L 184 -25.80 -19.22 2.48
N GLY L 185 -25.04 -18.22 2.94
CA GLY L 185 -25.46 -16.80 2.75
C GLY L 185 -25.38 -16.39 1.28
N ILE L 186 -24.28 -16.77 0.61
CA ILE L 186 -24.12 -16.43 -0.82
C ILE L 186 -25.26 -17.06 -1.65
N TYR L 187 -25.57 -18.32 -1.38
CA TYR L 187 -26.63 -19.04 -2.13
C TYR L 187 -28.00 -18.44 -1.83
N GLY L 188 -28.19 -17.98 -0.59
CA GLY L 188 -29.42 -17.27 -0.22
C GLY L 188 -29.59 -15.98 -1.02
N VAL L 189 -28.53 -15.18 -1.14
CA VAL L 189 -28.59 -13.93 -1.89
C VAL L 189 -28.85 -14.26 -3.35
N ALA L 190 -28.14 -15.26 -3.87
CA ALA L 190 -28.28 -15.61 -5.29
C ALA L 190 -29.73 -15.93 -5.60
N ALA L 191 -30.36 -16.77 -4.76
CA ALA L 191 -31.77 -17.08 -4.96
C ALA L 191 -32.67 -15.87 -4.81
N GLU L 192 -32.42 -15.06 -3.78
CA GLU L 192 -33.27 -13.89 -3.52
C GLU L 192 -33.24 -12.94 -4.69
N TYR L 193 -32.05 -12.75 -5.28
CA TYR L 193 -31.85 -11.74 -6.32
C TYR L 193 -31.81 -12.34 -7.74
N GLY L 194 -32.09 -13.64 -7.87
CA GLY L 194 -32.19 -14.26 -9.22
C GLY L 194 -30.90 -14.42 -10.00
N ALA L 195 -29.79 -14.60 -9.29
CA ALA L 195 -28.48 -14.85 -9.91
C ALA L 195 -28.01 -16.28 -9.62
N LYS L 196 -26.76 -16.59 -9.95
CA LYS L 196 -26.23 -17.94 -9.81
C LYS L 196 -24.95 -17.91 -9.04
N ALA L 197 -24.73 -18.91 -8.20
CA ALA L 197 -23.48 -18.92 -7.40
C ALA L 197 -22.98 -20.32 -7.18
N LEU L 198 -21.71 -20.41 -6.79
CA LEU L 198 -21.08 -21.68 -6.51
C LEU L 198 -19.99 -21.37 -5.51
N ALA L 199 -19.76 -22.26 -4.55
CA ALA L 199 -18.62 -22.15 -3.65
C ALA L 199 -17.70 -23.35 -3.84
N ILE L 200 -16.42 -23.06 -4.11
CA ILE L 200 -15.37 -24.05 -4.20
C ILE L 200 -14.37 -23.72 -3.11
N CYS L 201 -13.96 -24.70 -2.31
CA CYS L 201 -13.09 -24.36 -1.17
C CYS L 201 -11.92 -25.31 -1.08
N THR L 202 -10.80 -24.78 -0.60
CA THR L 202 -9.63 -25.61 -0.29
C THR L 202 -9.55 -25.87 1.22
N VAL L 203 -9.38 -27.14 1.61
CA VAL L 203 -9.33 -27.44 3.03
C VAL L 203 -8.07 -26.80 3.64
N SER L 204 -8.24 -25.85 4.55
CA SER L 204 -7.11 -25.15 5.16
C SER L 204 -6.85 -25.59 6.59
N ASP L 205 -7.82 -26.28 7.19
CA ASP L 205 -7.71 -26.69 8.60
C ASP L 205 -8.33 -28.05 8.68
N HIS L 206 -7.81 -28.92 9.53
CA HIS L 206 -8.59 -30.07 9.91
C HIS L 206 -9.16 -29.88 11.30
N ILE L 207 -10.47 -29.80 11.38
CA ILE L 207 -11.13 -29.50 12.63
C ILE L 207 -11.02 -30.65 13.66
N LYS L 208 -10.96 -31.89 13.18
CA LYS L 208 -10.80 -33.05 14.06
C LYS L 208 -9.37 -33.17 14.55
N THR L 209 -8.39 -33.17 13.64
CA THR L 209 -7.00 -33.34 14.09
C THR L 209 -6.36 -32.09 14.71
N GLY L 210 -6.79 -30.90 14.29
CA GLY L 210 -6.21 -29.65 14.82
C GLY L 210 -5.19 -29.01 13.88
N GLU L 211 -4.88 -29.72 12.80
CA GLU L 211 -3.96 -29.19 11.79
C GLU L 211 -4.44 -27.85 11.17
N GLN L 212 -3.54 -26.88 11.08
CA GLN L 212 -3.89 -25.57 10.53
C GLN L 212 -2.78 -25.06 9.60
N THR L 213 -3.13 -24.69 8.36
CA THR L 213 -2.18 -24.01 7.48
C THR L 213 -1.89 -22.58 7.99
N THR L 214 -0.81 -22.00 7.50
CA THR L 214 -0.45 -20.67 7.95
C THR L 214 -1.28 -19.63 7.20
N SER L 215 -1.29 -18.40 7.73
CA SER L 215 -1.90 -17.26 7.03
C SER L 215 -1.42 -17.12 5.60
N GLU L 216 -0.11 -17.29 5.42
CA GLU L 216 0.52 -17.08 4.12
C GLU L 216 0.09 -18.15 3.11
N GLU L 217 -0.01 -19.39 3.56
CA GLU L 217 -0.48 -20.49 2.72
C GLU L 217 -1.91 -20.21 2.21
N ARG L 218 -2.77 -19.75 3.12
CA ARG L 218 -4.16 -19.47 2.80
C ARG L 218 -4.22 -18.40 1.72
N GLN L 219 -3.33 -17.41 1.83
CA GLN L 219 -3.31 -16.25 0.96
C GLN L 219 -2.82 -16.51 -0.50
N ASN L 220 -1.78 -17.32 -0.65
N ASN L 220 -1.79 -17.32 -0.67
CA ASN L 220 -1.02 -17.37 -1.92
CA ASN L 220 -1.19 -17.41 -2.00
C ASN L 220 -0.74 -18.76 -2.53
C ASN L 220 -0.61 -18.75 -2.40
N THR L 221 -1.20 -19.84 -1.91
CA THR L 221 -0.78 -21.20 -2.33
C THR L 221 -1.92 -22.16 -2.66
N PHE L 222 -3.18 -21.69 -2.60
CA PHE L 222 -4.32 -22.53 -2.97
C PHE L 222 -4.64 -22.40 -4.46
N ASN L 223 -3.73 -22.89 -5.31
CA ASN L 223 -3.80 -22.67 -6.75
C ASN L 223 -4.79 -23.56 -7.50
N GLU L 224 -4.92 -24.80 -7.02
CA GLU L 224 -5.83 -25.75 -7.67
C GLU L 224 -7.28 -25.24 -7.77
N MET L 225 -7.82 -24.68 -6.70
CA MET L 225 -9.21 -24.24 -6.72
C MET L 225 -9.34 -23.08 -7.68
N ILE L 226 -8.27 -22.27 -7.79
CA ILE L 226 -8.32 -21.08 -8.64
C ILE L 226 -8.32 -21.54 -10.09
N GLU L 227 -7.46 -22.51 -10.42
CA GLU L 227 -7.47 -23.08 -11.76
C GLU L 227 -8.81 -23.68 -12.14
N ILE L 228 -9.37 -24.46 -11.22
CA ILE L 228 -10.68 -25.05 -11.44
C ILE L 228 -11.73 -23.97 -11.70
N ALA L 229 -11.81 -23.01 -10.80
CA ALA L 229 -12.77 -21.92 -10.90
C ALA L 229 -12.66 -21.22 -12.26
N LEU L 230 -11.45 -20.86 -12.68
CA LEU L 230 -11.31 -20.09 -13.89
C LEU L 230 -11.66 -20.94 -15.13
N ASP L 231 -11.20 -22.19 -15.15
CA ASP L 231 -11.51 -23.07 -16.27
C ASP L 231 -13.02 -23.31 -16.30
N SER L 232 -13.66 -23.31 -15.13
CA SER L 232 -15.10 -23.63 -15.07
C SER L 232 -15.89 -22.52 -15.73
N VAL L 233 -15.37 -21.30 -15.71
CA VAL L 233 -16.03 -20.17 -16.33
C VAL L 233 -16.07 -20.39 -17.83
N LEU L 234 -14.92 -20.76 -18.40
CA LEU L 234 -14.87 -21.01 -19.85
C LEU L 234 -15.80 -22.15 -20.26
N ILE L 235 -15.79 -23.24 -19.50
CA ILE L 235 -16.65 -24.40 -19.75
C ILE L 235 -18.14 -24.00 -19.74
N GLY L 236 -18.52 -23.23 -18.72
CA GLY L 236 -19.89 -22.78 -18.52
C GLY L 236 -20.36 -21.77 -19.55
N ASP L 237 -19.43 -21.15 -20.27
CA ASP L 237 -19.78 -20.17 -21.30
C ASP L 237 -20.23 -20.86 -22.57
N GLN L 238 -19.89 -22.13 -22.74
CA GLN L 238 -20.16 -22.78 -24.03
C GLN L 238 -21.64 -22.79 -24.38
N ALA L 239 -21.95 -22.52 -25.65
CA ALA L 239 -23.33 -22.60 -26.13
C ALA L 239 -23.94 -23.96 -25.77
N GLY L 240 -25.12 -23.92 -25.17
CA GLY L 240 -25.86 -25.15 -24.83
C GLY L 240 -25.23 -26.03 -23.75
N TYR L 241 -24.29 -25.49 -22.96
CA TYR L 241 -23.68 -26.30 -21.89
C TYR L 241 -24.74 -26.81 -20.90
#